data_6TH8
#
_entry.id   6TH8
#
_entity_poly.entity_id   1
_entity_poly.type   'polypeptide(L)'
_entity_poly.pdbx_seq_one_letter_code
;MDPKVLIMRGEGGREFLAERLRGQGVQVDYLPLDYPAGELLARVRAERLNGLVVSSGQGLQNLYQLAAADWPEIGRLPLF
VPSPRVAEMARELGAQRVIDCRGASAPALLAALTSAALEHHHHHH
;
_entity_poly.pdbx_strand_id   A
#
# COMPACT_ATOMS: atom_id res chain seq x y z
N MET A 1 -17.52 5.87 -2.60
CA MET A 1 -16.25 5.13 -2.74
C MET A 1 -15.28 5.54 -1.64
N ASP A 2 -15.10 4.66 -0.66
CA ASP A 2 -14.21 4.93 0.47
C ASP A 2 -13.17 3.80 0.62
N PRO A 3 -12.18 3.74 -0.25
CA PRO A 3 -11.17 2.64 -0.21
C PRO A 3 -10.39 2.63 1.10
N LYS A 4 -9.87 1.47 1.47
CA LYS A 4 -9.09 1.34 2.70
C LYS A 4 -7.59 1.22 2.38
N VAL A 5 -6.75 1.92 3.13
CA VAL A 5 -5.30 1.82 2.93
C VAL A 5 -4.57 1.67 4.27
N LEU A 6 -3.49 0.89 4.23
CA LEU A 6 -2.65 0.67 5.40
C LEU A 6 -1.34 1.45 5.27
N ILE A 7 -0.95 2.11 6.35
CA ILE A 7 0.28 2.91 6.34
C ILE A 7 1.40 2.18 7.05
N MET A 8 2.58 2.18 6.45
CA MET A 8 3.76 1.63 7.10
C MET A 8 4.57 2.75 7.75
N ARG A 9 5.00 2.53 9.00
CA ARG A 9 5.72 3.55 9.73
C ARG A 9 7.01 3.93 8.99
N GLY A 10 7.37 5.20 9.07
CA GLY A 10 8.56 5.70 8.39
C GLY A 10 9.05 7.00 9.01
N GLU A 11 10.19 7.49 8.53
CA GLU A 11 10.76 8.73 9.05
C GLU A 11 9.75 9.88 8.99
N GLY A 12 8.88 9.87 7.99
CA GLY A 12 7.87 10.92 7.84
C GLY A 12 6.82 10.82 8.93
N GLY A 13 5.90 11.79 8.96
CA GLY A 13 4.87 11.81 9.99
C GLY A 13 3.65 10.99 9.58
N ARG A 14 3.36 9.95 10.35
CA ARG A 14 2.19 9.11 10.08
C ARG A 14 0.92 9.96 10.07
N GLU A 15 0.82 10.89 11.01
CA GLU A 15 -0.37 11.72 11.14
C GLU A 15 -0.58 12.55 9.87
N PHE A 16 0.51 13.10 9.32
CA PHE A 16 0.39 13.97 8.15
C PHE A 16 -0.18 13.22 6.96
N LEU A 17 0.46 12.11 6.59
CA LEU A 17 0.02 11.36 5.41
C LEU A 17 -1.41 10.87 5.57
N ALA A 18 -1.72 10.37 6.77
CA ALA A 18 -3.05 9.83 7.02
C ALA A 18 -4.11 10.91 6.88
N GLU A 19 -3.81 12.12 7.36
CA GLU A 19 -4.77 13.21 7.30
C GLU A 19 -5.14 13.52 5.85
N ARG A 20 -4.15 13.51 4.97
CA ARG A 20 -4.40 13.81 3.56
C ARG A 20 -5.37 12.82 2.95
N LEU A 21 -5.10 11.53 3.12
CA LEU A 21 -5.96 10.50 2.54
C LEU A 21 -7.37 10.56 3.13
N ARG A 22 -7.45 10.85 4.42
CA ARG A 22 -8.75 10.94 5.09
C ARG A 22 -9.58 12.08 4.50
N GLY A 23 -8.95 13.22 4.26
CA GLY A 23 -9.66 14.38 3.71
C GLY A 23 -10.30 14.06 2.35
N GLN A 24 -9.68 13.17 1.59
CA GLN A 24 -10.22 12.79 0.29
C GLN A 24 -11.22 11.62 0.36
N GLY A 25 -11.65 11.24 1.56
CA GLY A 25 -12.68 10.22 1.71
C GLY A 25 -12.12 8.79 1.78
N VAL A 26 -10.84 8.66 2.10
CA VAL A 26 -10.23 7.33 2.24
C VAL A 26 -10.13 6.95 3.71
N GLN A 27 -10.40 5.68 4.01
CA GLN A 27 -10.28 5.18 5.37
C GLN A 27 -8.82 4.84 5.66
N VAL A 28 -8.30 5.35 6.76
CA VAL A 28 -6.87 5.20 7.06
C VAL A 28 -6.63 4.42 8.35
N ASP A 29 -5.73 3.45 8.27
CA ASP A 29 -5.24 2.76 9.45
C ASP A 29 -3.73 2.57 9.33
N TYR A 30 -3.00 2.87 10.41
CA TYR A 30 -1.53 2.76 10.37
C TYR A 30 -1.04 1.68 11.34
N LEU A 31 -0.07 0.89 10.90
CA LEU A 31 0.48 -0.21 11.69
C LEU A 31 1.97 0.03 11.94
N PRO A 32 2.47 -0.09 13.16
CA PRO A 32 3.94 0.02 13.41
C PRO A 32 4.69 -1.20 12.90
N LEU A 33 5.85 -0.97 12.28
CA LEU A 33 6.64 -2.04 11.69
C LEU A 33 7.08 -3.10 12.71
N ASP A 34 6.88 -2.86 14.00
CA ASP A 34 7.32 -3.80 15.02
C ASP A 34 6.39 -5.03 15.16
N TYR A 35 5.25 -5.04 14.47
CA TYR A 35 4.34 -6.18 14.55
C TYR A 35 5.01 -7.44 13.99
N PRO A 36 4.70 -8.62 14.49
CA PRO A 36 5.36 -9.87 14.01
C PRO A 36 4.78 -10.40 12.70
N ALA A 37 5.58 -11.21 12.00
CA ALA A 37 5.17 -11.75 10.71
C ALA A 37 3.82 -12.45 10.81
N GLY A 38 3.08 -12.46 9.70
CA GLY A 38 1.75 -13.06 9.68
C GLY A 38 0.67 -12.00 9.87
N GLU A 39 0.93 -11.02 10.74
CA GLU A 39 -0.08 -9.99 11.03
C GLU A 39 -0.42 -9.20 9.76
N LEU A 40 0.59 -8.93 8.94
CA LEU A 40 0.38 -8.15 7.73
C LEU A 40 -0.66 -8.82 6.84
N LEU A 41 -0.50 -10.12 6.62
CA LEU A 41 -1.38 -10.84 5.71
C LEU A 41 -2.82 -10.86 6.23
N ALA A 42 -2.98 -11.14 7.52
CA ALA A 42 -4.31 -11.25 8.10
C ALA A 42 -5.07 -9.94 7.98
N ARG A 43 -4.39 -8.83 8.28
CA ARG A 43 -5.03 -7.52 8.21
C ARG A 43 -5.49 -7.22 6.80
N VAL A 44 -4.65 -7.54 5.81
CA VAL A 44 -4.98 -7.24 4.42
C VAL A 44 -6.26 -7.97 4.01
N ARG A 45 -6.35 -9.25 4.36
CA ARG A 45 -7.49 -10.06 3.96
C ARG A 45 -8.79 -9.62 4.63
N ALA A 46 -8.74 -9.48 5.96
CA ALA A 46 -9.95 -9.18 6.71
C ALA A 46 -10.47 -7.78 6.40
N GLU A 47 -9.57 -6.80 6.34
CA GLU A 47 -9.96 -5.43 6.05
C GLU A 47 -10.21 -5.19 4.55
N ARG A 48 -9.86 -6.15 3.69
CA ARG A 48 -10.06 -5.99 2.24
C ARG A 48 -9.39 -4.70 1.75
N LEU A 49 -8.09 -4.58 2.03
CA LEU A 49 -7.38 -3.35 1.71
C LEU A 49 -7.28 -3.14 0.20
N ASN A 50 -7.41 -1.88 -0.20
CA ASN A 50 -7.28 -1.50 -1.60
C ASN A 50 -5.82 -1.16 -1.92
N GLY A 51 -5.15 -0.47 -1.00
CA GLY A 51 -3.79 -0.02 -1.28
C GLY A 51 -2.90 0.01 -0.04
N LEU A 52 -1.59 0.00 -0.29
CA LEU A 52 -0.60 0.08 0.77
C LEU A 52 0.37 1.23 0.49
N VAL A 53 0.76 1.97 1.52
CA VAL A 53 1.67 3.10 1.34
C VAL A 53 2.96 2.89 2.13
N VAL A 54 4.10 3.09 1.47
CA VAL A 54 5.41 3.02 2.15
C VAL A 54 6.14 4.35 2.06
N SER A 55 6.63 4.81 3.21
CA SER A 55 7.40 6.05 3.27
C SER A 55 8.78 5.90 2.64
N SER A 56 9.37 4.71 2.75
CA SER A 56 10.75 4.53 2.31
C SER A 56 11.07 3.07 2.00
N GLY A 57 12.23 2.84 1.40
CA GLY A 57 12.66 1.48 1.09
C GLY A 57 12.68 0.61 2.34
N GLN A 58 13.05 1.19 3.47
CA GLN A 58 13.14 0.43 4.72
C GLN A 58 11.78 -0.18 5.06
N GLY A 59 10.72 0.63 4.97
CA GLY A 59 9.38 0.13 5.23
C GLY A 59 9.03 -0.99 4.27
N LEU A 60 9.36 -0.81 3.00
CA LEU A 60 9.04 -1.80 1.98
C LEU A 60 9.63 -3.15 2.34
N GLN A 61 10.88 -3.15 2.78
CA GLN A 61 11.56 -4.39 3.15
C GLN A 61 10.82 -5.08 4.30
N ASN A 62 10.41 -4.29 5.29
CA ASN A 62 9.66 -4.84 6.41
C ASN A 62 8.38 -5.50 5.93
N LEU A 63 7.73 -4.89 4.95
CA LEU A 63 6.50 -5.43 4.39
C LEU A 63 6.74 -6.85 3.87
N TYR A 64 7.84 -7.02 3.16
CA TYR A 64 8.17 -8.31 2.57
C TYR A 64 8.32 -9.37 3.66
N GLN A 65 9.07 -9.03 4.70
CA GLN A 65 9.34 -9.99 5.78
C GLN A 65 8.04 -10.42 6.46
N LEU A 66 7.17 -9.46 6.73
CA LEU A 66 5.89 -9.76 7.36
C LEU A 66 4.99 -10.60 6.45
N ALA A 67 5.06 -10.35 5.15
CA ALA A 67 4.28 -11.11 4.19
C ALA A 67 4.63 -12.59 4.27
N ALA A 68 5.90 -12.90 4.47
CA ALA A 68 6.32 -14.27 4.68
C ALA A 68 5.91 -15.13 3.46
N ALA A 69 5.50 -16.39 3.66
CA ALA A 69 5.22 -17.28 2.53
C ALA A 69 4.10 -16.74 1.63
N ASP A 70 3.29 -15.79 2.13
CA ASP A 70 2.14 -15.32 1.36
C ASP A 70 2.46 -14.08 0.51
N TRP A 71 3.73 -13.72 0.37
CA TRP A 71 4.11 -12.57 -0.46
C TRP A 71 3.45 -12.62 -1.86
N PRO A 72 3.44 -13.74 -2.56
CA PRO A 72 2.75 -13.82 -3.88
C PRO A 72 1.37 -13.17 -3.88
N GLU A 73 0.59 -13.38 -2.83
CA GLU A 73 -0.76 -12.84 -2.77
C GLU A 73 -0.73 -11.35 -2.45
N ILE A 74 0.02 -10.99 -1.42
CA ILE A 74 0.08 -9.60 -0.96
C ILE A 74 0.56 -8.68 -2.09
N GLY A 75 1.55 -9.14 -2.84
CA GLY A 75 2.15 -8.34 -3.91
C GLY A 75 1.15 -7.90 -4.98
N ARG A 76 -0.01 -8.55 -5.02
CA ARG A 76 -1.04 -8.22 -6.00
C ARG A 76 -1.60 -6.80 -5.80
N LEU A 77 -1.60 -6.33 -4.56
CA LEU A 77 -2.24 -5.06 -4.24
C LEU A 77 -1.41 -3.87 -4.73
N PRO A 78 -2.01 -2.75 -5.07
CA PRO A 78 -1.25 -1.53 -5.50
C PRO A 78 -0.38 -0.98 -4.39
N LEU A 79 0.91 -0.81 -4.68
CA LEU A 79 1.83 -0.21 -3.71
C LEU A 79 2.16 1.23 -4.12
N PHE A 80 1.98 2.17 -3.20
CA PHE A 80 2.33 3.56 -3.44
C PHE A 80 3.75 3.83 -2.97
N VAL A 81 4.59 4.35 -3.87
CA VAL A 81 5.98 4.71 -3.50
C VAL A 81 6.19 6.22 -3.66
N PRO A 82 6.98 6.85 -2.83
CA PRO A 82 7.16 8.32 -2.87
C PRO A 82 8.11 8.79 -3.99
N SER A 83 8.99 7.90 -4.43
CA SER A 83 10.06 8.30 -5.35
C SER A 83 10.34 7.20 -6.37
N PRO A 84 10.93 7.54 -7.51
CA PRO A 84 11.32 6.50 -8.52
C PRO A 84 12.16 5.40 -7.90
N ARG A 85 13.14 5.78 -7.08
CA ARG A 85 14.04 4.81 -6.46
C ARG A 85 13.26 3.78 -5.65
N VAL A 86 12.34 4.26 -4.82
CA VAL A 86 11.52 3.35 -4.02
C VAL A 86 10.71 2.43 -4.93
N ALA A 87 10.20 2.98 -6.03
CA ALA A 87 9.43 2.19 -6.98
C ALA A 87 10.26 1.01 -7.49
N GLU A 88 11.53 1.27 -7.78
CA GLU A 88 12.43 0.22 -8.26
C GLU A 88 12.55 -0.89 -7.23
N MET A 89 12.64 -0.52 -5.96
CA MET A 89 12.73 -1.51 -4.88
C MET A 89 11.54 -2.46 -4.92
N ALA A 90 10.35 -1.87 -5.09
CA ALA A 90 9.12 -2.66 -5.13
C ALA A 90 9.15 -3.63 -6.30
N ARG A 91 9.62 -3.17 -7.45
CA ARG A 91 9.67 -4.00 -8.65
C ARG A 91 10.56 -5.21 -8.43
N GLU A 92 11.73 -5.00 -7.83
CA GLU A 92 12.68 -6.09 -7.63
C GLU A 92 12.08 -7.19 -6.76
N LEU A 93 11.28 -6.80 -5.77
CA LEU A 93 10.61 -7.79 -4.92
C LEU A 93 9.60 -8.64 -5.69
N GLY A 94 9.08 -8.11 -6.81
CA GLY A 94 8.05 -8.83 -7.56
C GLY A 94 6.67 -8.17 -7.46
N ALA A 95 6.59 -6.92 -6.98
CA ALA A 95 5.30 -6.26 -6.83
C ALA A 95 4.58 -6.19 -8.17
N GLN A 96 3.39 -6.77 -8.21
CA GLN A 96 2.67 -6.93 -9.47
C GLN A 96 2.20 -5.58 -10.01
N ARG A 97 1.81 -4.68 -9.13
CA ARG A 97 1.38 -3.35 -9.53
C ARG A 97 2.07 -2.28 -8.69
N VAL A 98 2.92 -1.48 -9.35
CA VAL A 98 3.65 -0.43 -8.64
C VAL A 98 3.18 0.94 -9.12
N ILE A 99 2.87 1.82 -8.16
CA ILE A 99 2.34 3.14 -8.46
C ILE A 99 3.29 4.22 -7.94
N ASP A 100 3.73 5.10 -8.83
CA ASP A 100 4.59 6.21 -8.43
C ASP A 100 3.74 7.45 -8.19
N CYS A 101 3.76 7.96 -6.96
CA CYS A 101 2.96 9.14 -6.61
C CYS A 101 3.77 10.45 -6.68
N ARG A 102 5.08 10.37 -6.91
CA ARG A 102 5.90 11.58 -6.99
C ARG A 102 5.37 12.54 -8.05
N GLY A 103 4.91 11.98 -9.17
CA GLY A 103 4.34 12.81 -10.23
C GLY A 103 2.82 12.91 -10.11
N ALA A 104 2.18 11.85 -9.66
CA ALA A 104 0.72 11.84 -9.50
C ALA A 104 0.33 12.59 -8.23
N SER A 105 -0.65 13.49 -8.36
CA SER A 105 -1.12 14.25 -7.22
C SER A 105 -1.99 13.39 -6.31
N ALA A 106 -2.19 13.84 -5.08
CA ALA A 106 -3.02 13.12 -4.11
C ALA A 106 -4.36 12.67 -4.71
N PRO A 107 -5.16 13.56 -5.28
CA PRO A 107 -6.48 13.14 -5.86
C PRO A 107 -6.30 12.08 -6.95
N ALA A 108 -5.21 12.19 -7.70
CA ALA A 108 -4.93 11.19 -8.74
C ALA A 108 -4.79 9.81 -8.11
N LEU A 109 -4.10 9.74 -6.97
CA LEU A 109 -3.92 8.48 -6.27
C LEU A 109 -5.29 7.90 -5.88
N LEU A 110 -6.19 8.77 -5.45
CA LEU A 110 -7.54 8.33 -5.08
C LEU A 110 -8.20 7.62 -6.27
N ALA A 111 -8.04 8.20 -7.45
CA ALA A 111 -8.60 7.62 -8.65
C ALA A 111 -8.02 6.23 -8.90
N ALA A 112 -6.71 6.09 -8.66
CA ALA A 112 -6.04 4.81 -8.88
C ALA A 112 -6.66 3.73 -7.98
N LEU A 113 -6.95 4.08 -6.74
CA LEU A 113 -7.52 3.13 -5.80
C LEU A 113 -8.83 2.58 -6.35
N THR A 114 -9.71 3.49 -6.77
CA THR A 114 -11.04 3.10 -7.22
C THR A 114 -10.96 2.20 -8.45
N SER A 115 -10.06 2.53 -9.37
CA SER A 115 -9.90 1.74 -10.58
C SER A 115 -9.46 0.31 -10.27
N ALA A 116 -8.48 0.18 -9.39
CA ALA A 116 -7.96 -1.14 -9.03
C ALA A 116 -9.05 -2.02 -8.41
N ALA A 117 -9.90 -1.42 -7.60
CA ALA A 117 -10.98 -2.16 -6.96
C ALA A 117 -11.91 -2.79 -7.99
N LEU A 118 -12.11 -2.11 -9.11
CA LEU A 118 -12.99 -2.64 -10.16
C LEU A 118 -12.51 -4.00 -10.63
N GLU A 119 -11.20 -4.18 -10.72
CA GLU A 119 -10.64 -5.45 -11.17
C GLU A 119 -11.01 -6.59 -10.22
N HIS A 120 -11.10 -6.30 -8.93
CA HIS A 120 -11.42 -7.33 -7.94
C HIS A 120 -12.75 -8.00 -8.28
N HIS A 121 -13.75 -7.18 -8.61
CA HIS A 121 -15.08 -7.71 -8.93
C HIS A 121 -15.00 -8.70 -10.09
N HIS A 122 -14.16 -8.40 -11.08
CA HIS A 122 -14.05 -9.24 -12.27
C HIS A 122 -13.68 -10.68 -11.89
N HIS A 123 -12.73 -10.82 -10.97
CA HIS A 123 -12.27 -12.13 -10.56
C HIS A 123 -13.42 -13.01 -10.10
N HIS A 124 -14.40 -12.41 -9.43
CA HIS A 124 -15.54 -13.16 -8.92
C HIS A 124 -16.78 -12.94 -9.79
N HIS A 125 -17.53 -14.02 -10.04
CA HIS A 125 -18.73 -13.94 -10.85
C HIS A 125 -19.91 -14.57 -10.13
N MET A 1 -17.89 5.16 -2.69
CA MET A 1 -16.87 4.13 -2.36
C MET A 1 -15.91 4.67 -1.31
N ASP A 2 -15.54 3.82 -0.37
CA ASP A 2 -14.62 4.21 0.71
C ASP A 2 -13.44 3.25 0.80
N PRO A 3 -12.50 3.32 -0.12
CA PRO A 3 -11.35 2.36 -0.15
C PRO A 3 -10.56 2.38 1.16
N LYS A 4 -9.88 1.27 1.46
CA LYS A 4 -9.08 1.17 2.67
C LYS A 4 -7.59 1.08 2.33
N VAL A 5 -6.76 1.80 3.08
CA VAL A 5 -5.30 1.71 2.87
C VAL A 5 -4.55 1.59 4.20
N LEU A 6 -3.46 0.84 4.16
CA LEU A 6 -2.61 0.67 5.34
C LEU A 6 -1.33 1.47 5.19
N ILE A 7 -0.93 2.14 6.27
CA ILE A 7 0.26 2.99 6.24
C ILE A 7 1.43 2.32 6.95
N MET A 8 2.59 2.36 6.29
CA MET A 8 3.82 1.85 6.86
C MET A 8 4.69 2.99 7.40
N ARG A 9 5.22 2.81 8.62
CA ARG A 9 5.97 3.86 9.27
C ARG A 9 7.15 4.31 8.41
N GLY A 10 7.42 5.61 8.45
CA GLY A 10 8.50 6.19 7.66
C GLY A 10 9.10 7.40 8.35
N GLU A 11 10.16 7.96 7.77
CA GLU A 11 10.84 9.12 8.35
C GLU A 11 9.87 10.30 8.53
N GLY A 12 8.90 10.43 7.63
CA GLY A 12 7.95 11.53 7.70
C GLY A 12 6.98 11.35 8.87
N GLY A 13 5.99 12.24 8.95
CA GLY A 13 5.02 12.18 10.04
C GLY A 13 3.89 11.21 9.71
N ARG A 14 3.81 10.14 10.49
CA ARG A 14 2.80 9.10 10.23
C ARG A 14 1.41 9.71 10.26
N GLU A 15 1.15 10.55 11.26
CA GLU A 15 -0.17 11.14 11.43
C GLU A 15 -0.53 12.03 10.24
N PHE A 16 0.43 12.80 9.74
CA PHE A 16 0.17 13.73 8.64
C PHE A 16 -0.31 12.97 7.40
N LEU A 17 0.42 11.93 7.02
CA LEU A 17 0.05 11.16 5.84
C LEU A 17 -1.36 10.60 5.98
N ALA A 18 -1.67 10.07 7.16
CA ALA A 18 -2.99 9.52 7.40
C ALA A 18 -4.06 10.60 7.22
N GLU A 19 -3.79 11.79 7.72
CA GLU A 19 -4.78 12.87 7.68
C GLU A 19 -5.17 13.15 6.23
N ARG A 20 -4.19 13.16 5.33
CA ARG A 20 -4.47 13.44 3.93
C ARG A 20 -5.46 12.43 3.35
N LEU A 21 -5.17 11.15 3.54
CA LEU A 21 -6.03 10.11 2.97
C LEU A 21 -7.45 10.20 3.53
N ARG A 22 -7.56 10.53 4.81
CA ARG A 22 -8.88 10.66 5.44
C ARG A 22 -9.66 11.81 4.82
N GLY A 23 -9.00 12.93 4.58
CA GLY A 23 -9.66 14.10 4.01
C GLY A 23 -10.30 13.79 2.66
N GLN A 24 -9.69 12.87 1.91
CA GLN A 24 -10.23 12.50 0.60
C GLN A 24 -11.27 11.38 0.66
N GLY A 25 -11.72 10.99 1.85
CA GLY A 25 -12.77 9.99 1.97
C GLY A 25 -12.24 8.55 2.01
N VAL A 26 -10.94 8.37 2.27
CA VAL A 26 -10.37 7.04 2.37
C VAL A 26 -10.20 6.65 3.83
N GLN A 27 -10.50 5.40 4.16
CA GLN A 27 -10.34 4.91 5.51
C GLN A 27 -8.87 4.59 5.77
N VAL A 28 -8.36 5.02 6.91
CA VAL A 28 -6.92 4.90 7.20
C VAL A 28 -6.66 4.03 8.42
N ASP A 29 -5.74 3.08 8.27
CA ASP A 29 -5.24 2.30 9.39
C ASP A 29 -3.71 2.29 9.34
N TYR A 30 -3.07 2.74 10.41
CA TYR A 30 -1.61 2.82 10.44
C TYR A 30 -1.03 1.75 11.36
N LEU A 31 -0.04 1.00 10.84
CA LEU A 31 0.54 -0.12 11.56
C LEU A 31 2.05 0.09 11.77
N PRO A 32 2.53 0.27 12.99
CA PRO A 32 4.01 0.32 13.23
C PRO A 32 4.72 -0.93 12.72
N LEU A 33 5.85 -0.71 12.05
CA LEU A 33 6.62 -1.81 11.47
C LEU A 33 7.07 -2.85 12.51
N ASP A 34 6.95 -2.55 13.79
CA ASP A 34 7.46 -3.44 14.83
C ASP A 34 6.54 -4.64 15.08
N TYR A 35 5.36 -4.70 14.45
CA TYR A 35 4.44 -5.81 14.68
C TYR A 35 4.99 -7.10 14.07
N PRO A 36 4.66 -8.26 14.62
CA PRO A 36 5.25 -9.55 14.14
C PRO A 36 4.64 -10.05 12.84
N ALA A 37 5.45 -10.79 12.07
CA ALA A 37 5.01 -11.32 10.78
C ALA A 37 3.71 -12.09 10.90
N GLY A 38 2.95 -12.13 9.81
CA GLY A 38 1.66 -12.81 9.80
C GLY A 38 0.50 -11.84 10.02
N GLU A 39 0.68 -10.85 10.90
CA GLU A 39 -0.39 -9.90 11.19
C GLU A 39 -0.76 -9.10 9.95
N LEU A 40 0.24 -8.73 9.15
CA LEU A 40 -0.01 -7.93 7.96
C LEU A 40 -0.98 -8.64 7.03
N LEU A 41 -0.72 -9.92 6.79
CA LEU A 41 -1.54 -10.68 5.85
C LEU A 41 -2.98 -10.78 6.33
N ALA A 42 -3.17 -11.08 7.60
CA ALA A 42 -4.51 -11.27 8.14
C ALA A 42 -5.34 -10.01 8.00
N ARG A 43 -4.75 -8.87 8.35
CA ARG A 43 -5.47 -7.60 8.27
C ARG A 43 -5.86 -7.28 6.83
N VAL A 44 -4.96 -7.56 5.89
CA VAL A 44 -5.24 -7.25 4.50
C VAL A 44 -6.46 -8.03 4.00
N ARG A 45 -6.51 -9.32 4.33
CA ARG A 45 -7.60 -10.16 3.85
C ARG A 45 -8.95 -9.81 4.49
N ALA A 46 -8.95 -9.66 5.82
CA ALA A 46 -10.20 -9.42 6.54
C ALA A 46 -10.79 -8.06 6.21
N GLU A 47 -9.94 -7.03 6.18
CA GLU A 47 -10.40 -5.68 5.88
C GLU A 47 -10.61 -5.43 4.38
N ARG A 48 -10.15 -6.35 3.53
CA ARG A 48 -10.28 -6.17 2.08
C ARG A 48 -9.63 -4.86 1.66
N LEU A 49 -8.35 -4.71 2.00
CA LEU A 49 -7.64 -3.48 1.72
C LEU A 49 -7.41 -3.28 0.22
N ASN A 50 -7.47 -2.03 -0.21
CA ASN A 50 -7.29 -1.69 -1.61
C ASN A 50 -5.83 -1.38 -1.92
N GLY A 51 -5.16 -0.66 -1.02
CA GLY A 51 -3.80 -0.20 -1.31
C GLY A 51 -2.91 -0.12 -0.07
N LEU A 52 -1.61 -0.08 -0.34
CA LEU A 52 -0.60 0.05 0.72
C LEU A 52 0.31 1.25 0.42
N VAL A 53 0.75 1.95 1.46
CA VAL A 53 1.61 3.13 1.27
C VAL A 53 2.94 2.95 2.00
N VAL A 54 4.05 3.18 1.29
CA VAL A 54 5.37 3.18 1.92
C VAL A 54 6.08 4.49 1.64
N SER A 55 6.80 4.99 2.65
CA SER A 55 7.55 6.23 2.50
C SER A 55 9.03 6.00 2.15
N SER A 56 9.53 4.78 2.31
CA SER A 56 10.96 4.53 2.11
C SER A 56 11.24 3.07 1.79
N GLY A 57 12.44 2.82 1.26
CA GLY A 57 12.87 1.45 0.97
C GLY A 57 12.80 0.59 2.24
N GLN A 58 13.14 1.18 3.38
CA GLN A 58 13.12 0.42 4.64
C GLN A 58 11.74 -0.12 4.93
N GLY A 59 10.71 0.72 4.74
CA GLY A 59 9.33 0.28 4.94
C GLY A 59 9.00 -0.88 4.00
N LEU A 60 9.42 -0.75 2.75
CA LEU A 60 9.15 -1.79 1.76
C LEU A 60 9.70 -3.13 2.23
N GLN A 61 10.92 -3.12 2.73
CA GLN A 61 11.56 -4.36 3.19
C GLN A 61 10.76 -4.99 4.32
N ASN A 62 10.33 -4.16 5.26
CA ASN A 62 9.52 -4.65 6.37
C ASN A 62 8.25 -5.31 5.87
N LEU A 63 7.64 -4.73 4.84
CA LEU A 63 6.42 -5.28 4.25
C LEU A 63 6.66 -6.71 3.80
N TYR A 64 7.79 -6.93 3.13
CA TYR A 64 8.11 -8.24 2.60
C TYR A 64 8.22 -9.26 3.73
N GLN A 65 8.95 -8.89 4.79
CA GLN A 65 9.17 -9.81 5.90
C GLN A 65 7.86 -10.19 6.57
N LEU A 66 6.99 -9.20 6.77
CA LEU A 66 5.70 -9.46 7.41
C LEU A 66 4.80 -10.32 6.54
N ALA A 67 4.89 -10.13 5.22
CA ALA A 67 4.11 -10.92 4.28
C ALA A 67 4.45 -12.41 4.42
N ALA A 68 5.72 -12.70 4.65
CA ALA A 68 6.14 -14.08 4.90
C ALA A 68 5.77 -14.96 3.70
N ALA A 69 5.37 -16.22 3.91
CA ALA A 69 5.11 -17.13 2.80
C ALA A 69 4.02 -16.62 1.86
N ASP A 70 3.18 -15.69 2.31
CA ASP A 70 2.05 -15.23 1.52
C ASP A 70 2.37 -14.01 0.65
N TRP A 71 3.64 -13.65 0.52
CA TRP A 71 4.04 -12.53 -0.34
C TRP A 71 3.38 -12.60 -1.74
N PRO A 72 3.36 -13.72 -2.42
CA PRO A 72 2.68 -13.83 -3.74
C PRO A 72 1.30 -13.17 -3.76
N GLU A 73 0.52 -13.35 -2.70
CA GLU A 73 -0.84 -12.80 -2.66
C GLU A 73 -0.80 -11.31 -2.36
N ILE A 74 -0.04 -10.92 -1.34
CA ILE A 74 0.02 -9.52 -0.92
C ILE A 74 0.53 -8.63 -2.06
N GLY A 75 1.53 -9.13 -2.79
CA GLY A 75 2.15 -8.35 -3.86
C GLY A 75 1.16 -7.93 -4.96
N ARG A 76 0.00 -8.57 -5.00
CA ARG A 76 -1.02 -8.25 -6.00
C ARG A 76 -1.56 -6.83 -5.83
N LEU A 77 -1.58 -6.33 -4.60
CA LEU A 77 -2.22 -5.05 -4.32
C LEU A 77 -1.36 -3.87 -4.79
N PRO A 78 -1.95 -2.75 -5.17
CA PRO A 78 -1.16 -1.54 -5.57
C PRO A 78 -0.32 -0.99 -4.41
N LEU A 79 0.97 -0.79 -4.66
CA LEU A 79 1.83 -0.14 -3.68
C LEU A 79 2.21 1.27 -4.13
N PHE A 80 1.99 2.24 -3.25
CA PHE A 80 2.37 3.62 -3.53
C PHE A 80 3.81 3.86 -3.06
N VAL A 81 4.66 4.36 -3.95
CA VAL A 81 6.04 4.72 -3.56
C VAL A 81 6.27 6.21 -3.78
N PRO A 82 7.09 6.86 -2.96
CA PRO A 82 7.26 8.34 -3.05
C PRO A 82 8.21 8.77 -4.17
N SER A 83 9.09 7.86 -4.60
CA SER A 83 10.15 8.25 -5.54
C SER A 83 10.41 7.13 -6.55
N PRO A 84 10.99 7.43 -7.69
CA PRO A 84 11.36 6.38 -8.68
C PRO A 84 12.22 5.29 -8.04
N ARG A 85 13.21 5.69 -7.24
CA ARG A 85 14.12 4.72 -6.62
C ARG A 85 13.35 3.71 -5.78
N VAL A 86 12.44 4.21 -4.94
CA VAL A 86 11.62 3.32 -4.12
C VAL A 86 10.81 2.38 -5.00
N ALA A 87 10.29 2.90 -6.10
CA ALA A 87 9.50 2.09 -7.03
C ALA A 87 10.33 0.90 -7.53
N GLU A 88 11.58 1.17 -7.85
CA GLU A 88 12.46 0.11 -8.34
C GLU A 88 12.61 -0.99 -7.30
N MET A 89 12.73 -0.60 -6.03
CA MET A 89 12.84 -1.58 -4.95
C MET A 89 11.64 -2.51 -4.95
N ALA A 90 10.46 -1.93 -5.12
CA ALA A 90 9.22 -2.71 -5.12
C ALA A 90 9.23 -3.71 -6.26
N ARG A 91 9.71 -3.28 -7.42
CA ARG A 91 9.75 -4.15 -8.59
C ARG A 91 10.65 -5.36 -8.35
N GLU A 92 11.81 -5.13 -7.74
CA GLU A 92 12.77 -6.21 -7.49
C GLU A 92 12.15 -7.30 -6.60
N LEU A 93 11.32 -6.89 -5.65
CA LEU A 93 10.64 -7.87 -4.79
C LEU A 93 9.62 -8.70 -5.56
N GLY A 94 9.13 -8.21 -6.70
CA GLY A 94 8.09 -8.92 -7.45
C GLY A 94 6.72 -8.24 -7.36
N ALA A 95 6.65 -7.00 -6.88
CA ALA A 95 5.36 -6.32 -6.74
C ALA A 95 4.66 -6.25 -8.10
N GLN A 96 3.46 -6.82 -8.15
CA GLN A 96 2.75 -6.99 -9.41
C GLN A 96 2.31 -5.64 -9.98
N ARG A 97 1.91 -4.72 -9.09
CA ARG A 97 1.50 -3.39 -9.53
C ARG A 97 2.18 -2.32 -8.68
N VAL A 98 3.06 -1.55 -9.32
CA VAL A 98 3.78 -0.48 -8.62
C VAL A 98 3.33 0.88 -9.13
N ILE A 99 3.01 1.78 -8.20
CA ILE A 99 2.49 3.09 -8.54
C ILE A 99 3.43 4.17 -8.03
N ASP A 100 3.92 5.02 -8.94
CA ASP A 100 4.79 6.12 -8.55
C ASP A 100 3.98 7.40 -8.34
N CYS A 101 3.97 7.90 -7.12
CA CYS A 101 3.22 9.12 -6.81
C CYS A 101 4.07 10.39 -6.84
N ARG A 102 5.35 10.28 -7.21
CA ARG A 102 6.23 11.45 -7.24
C ARG A 102 5.63 12.54 -8.13
N GLY A 103 5.04 12.14 -9.25
CA GLY A 103 4.42 13.09 -10.17
C GLY A 103 2.91 13.18 -9.93
N ALA A 104 2.29 12.06 -9.58
CA ALA A 104 0.85 12.03 -9.32
C ALA A 104 0.54 12.70 -7.98
N SER A 105 -0.52 13.49 -7.95
CA SER A 105 -0.93 14.16 -6.73
C SER A 105 -1.85 13.26 -5.90
N ALA A 106 -2.04 13.63 -4.63
CA ALA A 106 -2.91 12.87 -3.74
C ALA A 106 -4.26 12.52 -4.39
N PRO A 107 -5.03 13.48 -4.89
CA PRO A 107 -6.35 13.14 -5.51
C PRO A 107 -6.20 12.12 -6.64
N ALA A 108 -5.11 12.23 -7.39
CA ALA A 108 -4.84 11.28 -8.46
C ALA A 108 -4.75 9.87 -7.90
N LEU A 109 -4.06 9.73 -6.76
CA LEU A 109 -3.93 8.43 -6.12
C LEU A 109 -5.30 7.86 -5.77
N LEU A 110 -6.20 8.72 -5.30
CA LEU A 110 -7.55 8.29 -4.97
C LEU A 110 -8.21 7.65 -6.18
N ALA A 111 -8.06 8.28 -7.33
CA ALA A 111 -8.62 7.77 -8.57
C ALA A 111 -8.05 6.39 -8.88
N ALA A 112 -6.75 6.23 -8.66
CA ALA A 112 -6.09 4.96 -8.94
C ALA A 112 -6.70 3.84 -8.10
N LEU A 113 -6.98 4.13 -6.84
CA LEU A 113 -7.55 3.13 -5.94
C LEU A 113 -8.86 2.60 -6.50
N THR A 114 -9.75 3.52 -6.87
CA THR A 114 -11.07 3.13 -7.34
C THR A 114 -11.00 2.32 -8.62
N SER A 115 -10.12 2.71 -9.53
CA SER A 115 -9.97 2.00 -10.80
C SER A 115 -9.44 0.58 -10.59
N ALA A 116 -8.51 0.43 -9.66
CA ALA A 116 -7.91 -0.88 -9.39
C ALA A 116 -8.96 -1.85 -8.84
N ALA A 117 -9.84 -1.36 -7.98
CA ALA A 117 -10.88 -2.20 -7.40
C ALA A 117 -11.77 -2.78 -8.50
N LEU A 118 -12.07 -1.96 -9.51
CA LEU A 118 -12.90 -2.41 -10.62
C LEU A 118 -12.22 -3.56 -11.37
N GLU A 119 -10.90 -3.47 -11.53
CA GLU A 119 -10.14 -4.51 -12.23
C GLU A 119 -10.22 -5.85 -11.49
N HIS A 120 -10.25 -5.80 -10.16
CA HIS A 120 -10.29 -7.01 -9.36
C HIS A 120 -11.48 -7.89 -9.76
N HIS A 121 -12.62 -7.26 -10.00
CA HIS A 121 -13.83 -8.00 -10.39
C HIS A 121 -14.20 -7.69 -11.84
N HIS A 122 -14.40 -8.74 -12.63
CA HIS A 122 -14.78 -8.57 -14.03
C HIS A 122 -16.09 -7.79 -14.13
N HIS A 123 -17.03 -8.08 -13.24
CA HIS A 123 -18.32 -7.41 -13.23
C HIS A 123 -18.50 -6.59 -11.96
N HIS A 124 -18.91 -5.33 -12.12
CA HIS A 124 -19.14 -4.46 -10.98
C HIS A 124 -20.23 -5.04 -10.08
N HIS A 125 -21.29 -5.54 -10.71
CA HIS A 125 -22.42 -6.11 -9.97
C HIS A 125 -22.41 -7.63 -10.09
N MET A 1 -18.51 4.27 -1.07
CA MET A 1 -17.20 3.61 -1.36
C MET A 1 -16.10 4.37 -0.61
N ASP A 2 -15.53 3.72 0.41
CA ASP A 2 -14.47 4.33 1.20
C ASP A 2 -13.25 3.41 1.24
N PRO A 3 -12.44 3.37 0.20
CA PRO A 3 -11.28 2.43 0.14
C PRO A 3 -10.42 2.51 1.40
N LYS A 4 -9.73 1.42 1.72
CA LYS A 4 -8.89 1.36 2.91
C LYS A 4 -7.41 1.18 2.52
N VAL A 5 -6.52 1.88 3.20
CA VAL A 5 -5.09 1.70 2.97
C VAL A 5 -4.31 1.58 4.28
N LEU A 6 -3.26 0.76 4.24
CA LEU A 6 -2.40 0.56 5.40
C LEU A 6 -1.07 1.30 5.22
N ILE A 7 -0.62 1.96 6.27
CA ILE A 7 0.62 2.73 6.21
C ILE A 7 1.75 2.00 6.91
N MET A 8 2.91 1.97 6.26
CA MET A 8 4.11 1.41 6.85
C MET A 8 4.87 2.49 7.61
N ARG A 9 5.31 2.16 8.83
CA ARG A 9 6.04 3.11 9.64
C ARG A 9 7.29 3.61 8.91
N GLY A 10 7.59 4.90 9.07
CA GLY A 10 8.74 5.49 8.41
C GLY A 10 9.05 6.86 8.99
N GLU A 11 10.15 7.45 8.54
CA GLU A 11 10.55 8.78 9.02
C GLU A 11 9.43 9.80 8.84
N GLY A 12 8.67 9.67 7.77
CA GLY A 12 7.56 10.59 7.52
C GLY A 12 6.58 10.60 8.68
N GLY A 13 5.74 11.62 8.73
CA GLY A 13 4.77 11.74 9.82
C GLY A 13 3.50 10.95 9.52
N ARG A 14 3.15 10.04 10.41
CA ARG A 14 1.97 9.20 10.24
C ARG A 14 0.73 10.07 10.05
N GLU A 15 0.59 11.08 10.91
CA GLU A 15 -0.58 11.94 10.89
C GLU A 15 -0.66 12.72 9.58
N PHE A 16 0.47 13.18 9.08
CA PHE A 16 0.48 14.02 7.89
C PHE A 16 -0.11 13.28 6.69
N LEU A 17 0.47 12.11 6.38
CA LEU A 17 0.00 11.34 5.22
C LEU A 17 -1.46 10.93 5.40
N ALA A 18 -1.80 10.51 6.62
CA ALA A 18 -3.17 10.09 6.90
C ALA A 18 -4.16 11.23 6.68
N GLU A 19 -3.75 12.45 7.00
CA GLU A 19 -4.63 13.60 6.88
C GLU A 19 -5.04 13.80 5.42
N ARG A 20 -4.07 13.71 4.51
CA ARG A 20 -4.38 13.90 3.10
C ARG A 20 -5.39 12.86 2.61
N LEU A 21 -5.11 11.59 2.89
CA LEU A 21 -5.97 10.52 2.41
C LEU A 21 -7.36 10.61 3.05
N ARG A 22 -7.41 10.98 4.32
CA ARG A 22 -8.69 11.08 5.03
C ARG A 22 -9.57 12.16 4.42
N GLY A 23 -8.98 13.31 4.10
CA GLY A 23 -9.74 14.41 3.51
C GLY A 23 -10.40 14.00 2.20
N GLN A 24 -9.77 13.09 1.46
CA GLN A 24 -10.32 12.64 0.18
C GLN A 24 -11.28 11.45 0.33
N GLY A 25 -11.67 11.10 1.55
CA GLY A 25 -12.67 10.06 1.77
C GLY A 25 -12.07 8.65 1.90
N VAL A 26 -10.77 8.56 2.14
CA VAL A 26 -10.12 7.25 2.32
C VAL A 26 -9.90 6.99 3.81
N GLN A 27 -10.13 5.74 4.22
CA GLN A 27 -9.90 5.36 5.61
C GLN A 27 -8.44 5.00 5.81
N VAL A 28 -7.85 5.51 6.88
CA VAL A 28 -6.42 5.33 7.12
C VAL A 28 -6.17 4.50 8.38
N ASP A 29 -5.32 3.48 8.24
CA ASP A 29 -4.84 2.73 9.40
C ASP A 29 -3.34 2.56 9.30
N TYR A 30 -2.62 2.90 10.36
CA TYR A 30 -1.16 2.79 10.35
C TYR A 30 -0.69 1.69 11.30
N LEU A 31 0.25 0.86 10.83
CA LEU A 31 0.74 -0.27 11.60
C LEU A 31 2.21 -0.04 11.99
N PRO A 32 2.60 -0.19 13.24
CA PRO A 32 4.05 -0.07 13.61
C PRO A 32 4.85 -1.27 13.12
N LEU A 33 6.06 -1.00 12.63
CA LEU A 33 6.90 -2.05 12.06
C LEU A 33 7.24 -3.17 13.05
N ASP A 34 6.92 -3.00 14.34
CA ASP A 34 7.26 -4.00 15.35
C ASP A 34 6.33 -5.22 15.32
N TYR A 35 5.26 -5.20 14.53
CA TYR A 35 4.34 -6.33 14.48
C TYR A 35 5.03 -7.58 13.91
N PRO A 36 4.70 -8.78 14.37
CA PRO A 36 5.34 -10.02 13.86
C PRO A 36 4.75 -10.50 12.53
N ALA A 37 5.51 -11.32 11.81
CA ALA A 37 5.08 -11.83 10.52
C ALA A 37 3.72 -12.51 10.62
N GLY A 38 2.97 -12.48 9.53
CA GLY A 38 1.63 -13.06 9.50
C GLY A 38 0.55 -12.01 9.73
N GLU A 39 0.82 -11.04 10.61
CA GLU A 39 -0.18 -10.04 10.94
C GLU A 39 -0.58 -9.24 9.70
N LEU A 40 0.38 -8.96 8.82
CA LEU A 40 0.10 -8.17 7.64
C LEU A 40 -0.97 -8.84 6.79
N LEU A 41 -0.81 -10.14 6.56
CA LEU A 41 -1.75 -10.87 5.71
C LEU A 41 -3.15 -10.85 6.30
N ALA A 42 -3.25 -11.10 7.59
CA ALA A 42 -4.57 -11.19 8.23
C ALA A 42 -5.31 -9.85 8.12
N ARG A 43 -4.60 -8.75 8.36
CA ARG A 43 -5.21 -7.44 8.29
C ARG A 43 -5.75 -7.16 6.90
N VAL A 44 -4.97 -7.54 5.88
CA VAL A 44 -5.36 -7.26 4.50
C VAL A 44 -6.70 -7.95 4.19
N ARG A 45 -6.81 -9.21 4.56
CA ARG A 45 -8.02 -9.98 4.25
C ARG A 45 -9.24 -9.50 5.03
N ALA A 46 -9.08 -9.32 6.34
CA ALA A 46 -10.22 -8.98 7.19
C ALA A 46 -10.75 -7.58 6.87
N GLU A 47 -9.85 -6.62 6.71
CA GLU A 47 -10.26 -5.25 6.42
C GLU A 47 -10.60 -5.02 4.94
N ARG A 48 -10.31 -5.99 4.07
CA ARG A 48 -10.56 -5.83 2.64
C ARG A 48 -9.85 -4.58 2.12
N LEU A 49 -8.53 -4.54 2.35
CA LEU A 49 -7.74 -3.36 1.99
C LEU A 49 -7.56 -3.23 0.48
N ASN A 50 -7.51 -2.00 0.01
CA ASN A 50 -7.34 -1.72 -1.41
C ASN A 50 -5.88 -1.50 -1.75
N GLY A 51 -5.16 -0.79 -0.88
CA GLY A 51 -3.79 -0.39 -1.21
C GLY A 51 -2.87 -0.29 0.00
N LEU A 52 -1.57 -0.24 -0.30
CA LEU A 52 -0.55 -0.12 0.74
C LEU A 52 0.38 1.05 0.41
N VAL A 53 0.83 1.78 1.44
CA VAL A 53 1.73 2.91 1.24
C VAL A 53 3.01 2.72 2.05
N VAL A 54 4.17 2.95 1.42
CA VAL A 54 5.45 2.90 2.13
C VAL A 54 6.15 4.25 2.07
N SER A 55 6.52 4.76 3.24
CA SER A 55 7.25 6.01 3.33
C SER A 55 8.66 5.89 2.79
N SER A 56 9.28 4.71 2.93
CA SER A 56 10.68 4.56 2.56
C SER A 56 11.03 3.11 2.23
N GLY A 57 12.19 2.92 1.62
CA GLY A 57 12.64 1.58 1.25
C GLY A 57 12.67 0.66 2.46
N GLN A 58 13.07 1.20 3.61
CA GLN A 58 13.17 0.38 4.81
C GLN A 58 11.83 -0.26 5.15
N GLY A 59 10.77 0.53 5.11
CA GLY A 59 9.43 0.02 5.37
C GLY A 59 9.06 -1.06 4.35
N LEU A 60 9.37 -0.82 3.09
CA LEU A 60 9.04 -1.76 2.03
C LEU A 60 9.63 -3.13 2.32
N GLN A 61 10.91 -3.16 2.69
CA GLN A 61 11.60 -4.42 2.94
C GLN A 61 10.95 -5.16 4.10
N ASN A 62 10.63 -4.43 5.16
CA ASN A 62 9.97 -5.03 6.31
C ASN A 62 8.63 -5.63 5.91
N LEU A 63 7.90 -4.93 5.04
CA LEU A 63 6.61 -5.41 4.56
C LEU A 63 6.77 -6.79 3.92
N TYR A 64 7.82 -6.95 3.13
CA TYR A 64 8.10 -8.23 2.49
C TYR A 64 8.25 -9.33 3.53
N GLN A 65 9.02 -9.04 4.57
CA GLN A 65 9.28 -10.03 5.61
C GLN A 65 7.98 -10.45 6.30
N LEU A 66 7.12 -9.48 6.59
CA LEU A 66 5.85 -9.77 7.24
C LEU A 66 4.92 -10.57 6.33
N ALA A 67 4.98 -10.30 5.03
CA ALA A 67 4.17 -11.05 4.06
C ALA A 67 4.52 -12.53 4.12
N ALA A 68 5.79 -12.84 4.30
CA ALA A 68 6.21 -14.23 4.50
C ALA A 68 5.81 -15.06 3.27
N ALA A 69 5.42 -16.33 3.45
CA ALA A 69 5.14 -17.21 2.31
C ALA A 69 4.03 -16.66 1.41
N ASP A 70 3.19 -15.75 1.92
CA ASP A 70 2.05 -15.26 1.16
C ASP A 70 2.35 -14.01 0.33
N TRP A 71 3.62 -13.62 0.21
CA TRP A 71 3.99 -12.47 -0.61
C TRP A 71 3.33 -12.48 -2.00
N PRO A 72 3.33 -13.59 -2.73
CA PRO A 72 2.64 -13.64 -4.06
C PRO A 72 1.25 -13.02 -4.05
N GLU A 73 0.49 -13.26 -2.98
CA GLU A 73 -0.87 -12.75 -2.90
C GLU A 73 -0.87 -11.26 -2.56
N ILE A 74 -0.11 -10.89 -1.54
CA ILE A 74 -0.06 -9.50 -1.08
C ILE A 74 0.41 -8.57 -2.20
N GLY A 75 1.40 -9.03 -2.97
CA GLY A 75 2.01 -8.21 -4.01
C GLY A 75 1.01 -7.77 -5.09
N ARG A 76 -0.16 -8.40 -5.14
CA ARG A 76 -1.17 -8.06 -6.13
C ARG A 76 -1.72 -6.65 -5.92
N LEU A 77 -1.73 -6.17 -4.68
CA LEU A 77 -2.35 -4.89 -4.37
C LEU A 77 -1.48 -3.72 -4.84
N PRO A 78 -2.07 -2.59 -5.20
CA PRO A 78 -1.27 -1.39 -5.59
C PRO A 78 -0.36 -0.90 -4.47
N LEU A 79 0.92 -0.72 -4.77
CA LEU A 79 1.86 -0.17 -3.80
C LEU A 79 2.20 1.27 -4.17
N PHE A 80 2.00 2.18 -3.22
CA PHE A 80 2.33 3.59 -3.42
C PHE A 80 3.76 3.85 -2.93
N VAL A 81 4.60 4.43 -3.79
CA VAL A 81 5.96 4.79 -3.40
C VAL A 81 6.16 6.31 -3.54
N PRO A 82 6.95 6.93 -2.69
CA PRO A 82 7.12 8.41 -2.72
C PRO A 82 8.07 8.90 -3.81
N SER A 83 8.96 8.03 -4.26
CA SER A 83 10.02 8.46 -5.18
C SER A 83 10.33 7.39 -6.23
N PRO A 84 11.00 7.73 -7.31
CA PRO A 84 11.39 6.72 -8.33
C PRO A 84 12.23 5.60 -7.72
N ARG A 85 13.20 5.97 -6.89
CA ARG A 85 14.09 4.99 -6.28
C ARG A 85 13.29 3.94 -5.50
N VAL A 86 12.36 4.41 -4.67
CA VAL A 86 11.52 3.49 -3.89
C VAL A 86 10.72 2.59 -4.84
N ALA A 87 10.23 3.16 -5.94
CA ALA A 87 9.46 2.39 -6.92
C ALA A 87 10.30 1.22 -7.43
N GLU A 88 11.58 1.46 -7.67
CA GLU A 88 12.47 0.42 -8.15
C GLU A 88 12.56 -0.71 -7.13
N MET A 89 12.62 -0.35 -5.85
CA MET A 89 12.69 -1.36 -4.79
C MET A 89 11.47 -2.27 -4.87
N ALA A 90 10.30 -1.68 -5.05
CA ALA A 90 9.06 -2.43 -5.11
C ALA A 90 9.08 -3.43 -6.28
N ARG A 91 9.57 -2.96 -7.43
CA ARG A 91 9.63 -3.81 -8.61
C ARG A 91 10.53 -5.02 -8.36
N GLU A 92 11.69 -4.78 -7.74
CA GLU A 92 12.65 -5.85 -7.51
C GLU A 92 12.04 -6.97 -6.67
N LEU A 93 11.19 -6.60 -5.71
CA LEU A 93 10.51 -7.60 -4.89
C LEU A 93 9.51 -8.44 -5.69
N GLY A 94 9.01 -7.92 -6.81
CA GLY A 94 7.99 -8.61 -7.58
C GLY A 94 6.61 -7.95 -7.50
N ALA A 95 6.52 -6.71 -7.00
CA ALA A 95 5.23 -6.05 -6.85
C ALA A 95 4.54 -5.97 -8.21
N GLN A 96 3.35 -6.55 -8.28
CA GLN A 96 2.65 -6.70 -9.56
C GLN A 96 2.21 -5.35 -10.11
N ARG A 97 1.80 -4.45 -9.22
CA ARG A 97 1.40 -3.10 -9.64
C ARG A 97 2.12 -2.06 -8.79
N VAL A 98 2.98 -1.27 -9.43
CA VAL A 98 3.73 -0.24 -8.73
C VAL A 98 3.26 1.15 -9.17
N ILE A 99 2.96 2.00 -8.19
CA ILE A 99 2.43 3.33 -8.46
C ILE A 99 3.37 4.40 -7.90
N ASP A 100 3.86 5.27 -8.77
CA ASP A 100 4.73 6.36 -8.35
C ASP A 100 3.92 7.63 -8.14
N CYS A 101 3.89 8.13 -6.91
CA CYS A 101 3.11 9.34 -6.60
C CYS A 101 3.96 10.61 -6.63
N ARG A 102 5.26 10.51 -6.89
CA ARG A 102 6.12 11.69 -6.95
C ARG A 102 5.59 12.70 -7.96
N GLY A 103 5.10 12.20 -9.10
CA GLY A 103 4.53 13.06 -10.13
C GLY A 103 3.00 13.09 -10.03
N ALA A 104 2.40 11.97 -9.67
CA ALA A 104 0.95 11.90 -9.53
C ALA A 104 0.48 12.71 -8.33
N SER A 105 -0.68 13.33 -8.46
CA SER A 105 -1.24 14.13 -7.39
C SER A 105 -2.11 13.28 -6.47
N ALA A 106 -2.32 13.75 -5.25
CA ALA A 106 -3.14 13.01 -4.28
C ALA A 106 -4.48 12.53 -4.86
N PRO A 107 -5.30 13.39 -5.44
CA PRO A 107 -6.59 12.94 -6.03
C PRO A 107 -6.39 11.86 -7.09
N ALA A 108 -5.30 11.96 -7.85
CA ALA A 108 -4.99 10.96 -8.86
C ALA A 108 -4.82 9.59 -8.19
N LEU A 109 -4.12 9.57 -7.06
CA LEU A 109 -3.92 8.33 -6.32
C LEU A 109 -5.27 7.73 -5.93
N LEU A 110 -6.20 8.58 -5.50
CA LEU A 110 -7.53 8.12 -5.13
C LEU A 110 -8.18 7.37 -6.30
N ALA A 111 -8.03 7.93 -7.49
CA ALA A 111 -8.58 7.30 -8.68
C ALA A 111 -7.97 5.92 -8.88
N ALA A 112 -6.66 5.81 -8.65
CA ALA A 112 -5.97 4.55 -8.83
C ALA A 112 -6.56 3.48 -7.91
N LEU A 113 -6.86 3.85 -6.68
CA LEU A 113 -7.42 2.91 -5.72
C LEU A 113 -8.72 2.31 -6.25
N THR A 114 -9.61 3.19 -6.70
CA THR A 114 -10.93 2.75 -7.13
C THR A 114 -10.84 1.85 -8.36
N SER A 115 -9.95 2.18 -9.29
CA SER A 115 -9.79 1.38 -10.49
C SER A 115 -9.24 -0.01 -10.18
N ALA A 116 -8.30 -0.08 -9.25
CA ALA A 116 -7.70 -1.36 -8.87
C ALA A 116 -8.73 -2.30 -8.27
N ALA A 117 -9.65 -1.75 -7.47
CA ALA A 117 -10.69 -2.55 -6.84
C ALA A 117 -11.56 -3.25 -7.90
N LEU A 118 -11.77 -2.58 -9.03
CA LEU A 118 -12.59 -3.15 -10.09
C LEU A 118 -12.06 -4.51 -10.53
N GLU A 119 -10.75 -4.65 -10.58
CA GLU A 119 -10.13 -5.90 -11.00
C GLU A 119 -10.49 -7.04 -10.05
N HIS A 120 -10.56 -6.74 -8.76
CA HIS A 120 -10.87 -7.75 -7.75
C HIS A 120 -12.24 -8.37 -8.01
N HIS A 121 -13.21 -7.53 -8.37
CA HIS A 121 -14.57 -8.01 -8.59
C HIS A 121 -14.61 -9.14 -9.62
N HIS A 122 -13.77 -9.03 -10.66
CA HIS A 122 -13.75 -10.04 -11.72
C HIS A 122 -12.46 -10.84 -11.68
N HIS A 123 -12.59 -12.16 -11.66
CA HIS A 123 -11.43 -13.05 -11.64
C HIS A 123 -10.54 -12.79 -12.86
N HIS A 124 -11.17 -12.56 -14.01
CA HIS A 124 -10.42 -12.32 -15.24
C HIS A 124 -10.65 -10.89 -15.74
N HIS A 125 -9.60 -10.30 -16.31
CA HIS A 125 -9.68 -8.94 -16.82
C HIS A 125 -10.82 -8.81 -17.83
N MET A 1 -17.57 4.18 -2.88
CA MET A 1 -17.09 3.33 -1.76
C MET A 1 -16.03 4.08 -0.96
N ASP A 2 -15.50 3.42 0.06
CA ASP A 2 -14.47 4.02 0.90
C ASP A 2 -13.25 3.11 0.99
N PRO A 3 -12.35 3.16 0.02
CA PRO A 3 -11.18 2.22 -0.01
C PRO A 3 -10.36 2.30 1.27
N LYS A 4 -9.67 1.21 1.60
CA LYS A 4 -8.85 1.15 2.81
C LYS A 4 -7.37 1.07 2.45
N VAL A 5 -6.52 1.81 3.18
CA VAL A 5 -5.08 1.72 2.97
C VAL A 5 -4.33 1.60 4.30
N LEU A 6 -3.26 0.81 4.27
CA LEU A 6 -2.42 0.61 5.46
C LEU A 6 -1.14 1.42 5.34
N ILE A 7 -0.78 2.10 6.42
CA ILE A 7 0.42 2.94 6.41
C ILE A 7 1.60 2.20 7.05
N MET A 8 2.75 2.29 6.39
CA MET A 8 3.99 1.79 6.96
C MET A 8 4.83 2.97 7.47
N ARG A 9 5.38 2.84 8.66
CA ARG A 9 6.06 3.97 9.30
C ARG A 9 7.19 4.48 8.42
N GLY A 10 7.40 5.79 8.44
CA GLY A 10 8.41 6.43 7.62
C GLY A 10 8.88 7.74 8.24
N GLU A 11 9.87 8.37 7.63
CA GLU A 11 10.42 9.61 8.15
C GLU A 11 9.33 10.67 8.33
N GLY A 12 8.32 10.65 7.46
CA GLY A 12 7.22 11.62 7.56
C GLY A 12 6.39 11.37 8.81
N GLY A 13 5.48 12.30 9.09
CA GLY A 13 4.64 12.19 10.29
C GLY A 13 3.41 11.33 10.02
N ARG A 14 3.13 10.41 10.95
CA ARG A 14 1.98 9.52 10.80
C ARG A 14 0.69 10.33 10.64
N GLU A 15 0.55 11.34 11.48
CA GLU A 15 -0.68 12.14 11.49
C GLU A 15 -0.87 12.87 10.17
N PHE A 16 0.22 13.41 9.62
CA PHE A 16 0.13 14.22 8.41
C PHE A 16 -0.42 13.39 7.24
N LEU A 17 0.25 12.28 6.94
CA LEU A 17 -0.13 11.47 5.79
C LEU A 17 -1.55 10.92 5.96
N ALA A 18 -1.85 10.44 7.16
CA ALA A 18 -3.18 9.88 7.42
C ALA A 18 -4.26 10.91 7.20
N GLU A 19 -4.04 12.13 7.68
CA GLU A 19 -5.04 13.18 7.57
C GLU A 19 -5.39 13.43 6.10
N ARG A 20 -4.37 13.44 5.25
CA ARG A 20 -4.60 13.69 3.83
C ARG A 20 -5.55 12.66 3.23
N LEU A 21 -5.24 11.37 3.44
CA LEU A 21 -6.06 10.31 2.86
C LEU A 21 -7.49 10.34 3.40
N ARG A 22 -7.64 10.66 4.69
CA ARG A 22 -8.97 10.75 5.28
C ARG A 22 -9.80 11.86 4.63
N GLY A 23 -9.17 13.00 4.39
CA GLY A 23 -9.88 14.14 3.81
C GLY A 23 -10.46 13.80 2.42
N GLN A 24 -9.79 12.90 1.70
CA GLN A 24 -10.27 12.49 0.38
C GLN A 24 -11.25 11.31 0.43
N GLY A 25 -11.72 10.93 1.62
CA GLY A 25 -12.74 9.89 1.74
C GLY A 25 -12.16 8.48 1.84
N VAL A 26 -10.86 8.36 2.15
CA VAL A 26 -10.25 7.05 2.32
C VAL A 26 -10.11 6.71 3.80
N GLN A 27 -10.36 5.46 4.15
CA GLN A 27 -10.19 5.01 5.52
C GLN A 27 -8.72 4.66 5.77
N VAL A 28 -8.16 5.19 6.85
CA VAL A 28 -6.72 5.06 7.09
C VAL A 28 -6.44 4.32 8.39
N ASP A 29 -5.53 3.37 8.32
CA ASP A 29 -5.02 2.69 9.51
C ASP A 29 -3.52 2.49 9.38
N TYR A 30 -2.77 2.73 10.45
CA TYR A 30 -1.31 2.60 10.41
C TYR A 30 -0.83 1.47 11.33
N LEU A 31 0.13 0.69 10.84
CA LEU A 31 0.63 -0.48 11.57
C LEU A 31 2.13 -0.32 11.86
N PRO A 32 2.57 -0.17 13.09
CA PRO A 32 4.04 -0.14 13.40
C PRO A 32 4.78 -1.33 12.79
N LEU A 33 5.93 -1.04 12.18
CA LEU A 33 6.72 -2.08 11.53
C LEU A 33 7.20 -3.17 12.50
N ASP A 34 7.17 -2.91 13.80
CA ASP A 34 7.69 -3.85 14.79
C ASP A 34 6.74 -5.03 15.06
N TYR A 35 5.54 -5.03 14.47
CA TYR A 35 4.59 -6.11 14.73
C TYR A 35 5.06 -7.42 14.08
N PRO A 36 4.73 -8.57 14.64
CA PRO A 36 5.25 -9.87 14.13
C PRO A 36 4.66 -10.29 12.79
N ALA A 37 5.48 -10.98 11.99
CA ALA A 37 5.06 -11.44 10.68
C ALA A 37 3.77 -12.24 10.76
N GLY A 38 3.00 -12.24 9.67
CA GLY A 38 1.72 -12.93 9.64
C GLY A 38 0.55 -11.97 9.92
N GLU A 39 0.75 -11.03 10.84
CA GLU A 39 -0.33 -10.11 11.20
C GLU A 39 -0.74 -9.27 10.00
N LEU A 40 0.22 -8.87 9.18
CA LEU A 40 -0.06 -8.03 8.02
C LEU A 40 -1.06 -8.73 7.10
N LEU A 41 -0.82 -9.99 6.82
CA LEU A 41 -1.68 -10.74 5.90
C LEU A 41 -3.10 -10.84 6.44
N ALA A 42 -3.23 -11.12 7.74
CA ALA A 42 -4.54 -11.32 8.33
C ALA A 42 -5.38 -10.05 8.21
N ARG A 43 -4.78 -8.91 8.55
CA ARG A 43 -5.51 -7.64 8.48
C ARG A 43 -5.93 -7.32 7.06
N VAL A 44 -5.06 -7.60 6.09
CA VAL A 44 -5.39 -7.31 4.70
C VAL A 44 -6.64 -8.09 4.27
N ARG A 45 -6.69 -9.37 4.65
CA ARG A 45 -7.80 -10.23 4.26
C ARG A 45 -9.12 -9.78 4.89
N ALA A 46 -9.12 -9.61 6.20
CA ALA A 46 -10.35 -9.30 6.92
C ALA A 46 -10.90 -7.92 6.56
N GLU A 47 -10.01 -6.93 6.50
CA GLU A 47 -10.42 -5.57 6.15
C GLU A 47 -10.61 -5.36 4.65
N ARG A 48 -10.18 -6.32 3.83
CA ARG A 48 -10.29 -6.17 2.37
C ARG A 48 -9.58 -4.88 1.91
N LEU A 49 -8.30 -4.76 2.28
CA LEU A 49 -7.54 -3.57 1.95
C LEU A 49 -7.32 -3.44 0.45
N ASN A 50 -7.30 -2.20 -0.02
CA ASN A 50 -7.11 -1.94 -1.44
C ASN A 50 -5.64 -1.64 -1.75
N GLY A 51 -4.99 -0.87 -0.87
CA GLY A 51 -3.64 -0.41 -1.18
C GLY A 51 -2.75 -0.25 0.05
N LEU A 52 -1.45 -0.15 -0.22
CA LEU A 52 -0.45 0.02 0.83
C LEU A 52 0.41 1.24 0.54
N VAL A 53 0.84 1.96 1.58
CA VAL A 53 1.66 3.16 1.39
C VAL A 53 3.00 2.99 2.12
N VAL A 54 4.10 3.25 1.41
CA VAL A 54 5.42 3.27 2.04
C VAL A 54 6.14 4.58 1.71
N SER A 55 6.82 5.14 2.71
CA SER A 55 7.58 6.37 2.52
C SER A 55 9.09 6.13 2.36
N SER A 56 9.55 4.87 2.50
CA SER A 56 11.00 4.62 2.45
C SER A 56 11.30 3.18 2.09
N GLY A 57 12.51 2.97 1.58
CA GLY A 57 12.96 1.61 1.25
C GLY A 57 12.88 0.69 2.45
N GLN A 58 13.19 1.22 3.63
CA GLN A 58 13.15 0.42 4.85
C GLN A 58 11.77 -0.18 5.06
N GLY A 59 10.73 0.65 4.89
CA GLY A 59 9.37 0.17 5.04
C GLY A 59 9.07 -0.95 4.04
N LEU A 60 9.50 -0.75 2.80
CA LEU A 60 9.25 -1.73 1.75
C LEU A 60 9.78 -3.10 2.14
N GLN A 61 11.01 -3.13 2.64
CA GLN A 61 11.63 -4.39 3.06
C GLN A 61 10.83 -5.04 4.18
N ASN A 62 10.40 -4.24 5.15
CA ASN A 62 9.60 -4.76 6.25
C ASN A 62 8.33 -5.40 5.74
N LEU A 63 7.73 -4.80 4.71
CA LEU A 63 6.49 -5.33 4.13
C LEU A 63 6.70 -6.75 3.66
N TYR A 64 7.83 -6.97 2.97
CA TYR A 64 8.13 -8.28 2.44
C TYR A 64 8.25 -9.31 3.55
N GLN A 65 9.00 -8.96 4.59
CA GLN A 65 9.25 -9.88 5.70
C GLN A 65 7.95 -10.26 6.39
N LEU A 66 7.09 -9.28 6.63
CA LEU A 66 5.82 -9.52 7.30
C LEU A 66 4.89 -10.38 6.43
N ALA A 67 4.95 -10.17 5.12
CA ALA A 67 4.14 -10.96 4.19
C ALA A 67 4.48 -12.44 4.30
N ALA A 68 5.76 -12.74 4.50
CA ALA A 68 6.17 -14.13 4.73
C ALA A 68 5.76 -14.99 3.53
N ALA A 69 5.35 -16.25 3.73
CA ALA A 69 5.06 -17.15 2.62
C ALA A 69 3.94 -16.62 1.72
N ASP A 70 3.14 -15.67 2.20
CA ASP A 70 1.99 -15.19 1.44
C ASP A 70 2.30 -13.98 0.56
N TRP A 71 3.58 -13.63 0.40
CA TRP A 71 3.96 -12.50 -0.45
C TRP A 71 3.27 -12.54 -1.83
N PRO A 72 3.24 -13.65 -2.53
CA PRO A 72 2.51 -13.73 -3.83
C PRO A 72 1.14 -13.07 -3.81
N GLU A 73 0.38 -13.29 -2.73
CA GLU A 73 -0.96 -12.73 -2.65
C GLU A 73 -0.93 -11.23 -2.32
N ILE A 74 -0.14 -10.87 -1.31
CA ILE A 74 -0.06 -9.49 -0.86
C ILE A 74 0.42 -8.57 -1.99
N GLY A 75 1.39 -9.05 -2.76
CA GLY A 75 1.98 -8.25 -3.83
C GLY A 75 0.96 -7.80 -4.87
N ARG A 76 -0.22 -8.41 -4.89
CA ARG A 76 -1.27 -8.05 -5.83
C ARG A 76 -1.78 -6.63 -5.60
N LEU A 77 -1.76 -6.17 -4.34
CA LEU A 77 -2.30 -4.86 -4.00
C LEU A 77 -1.36 -3.75 -4.50
N PRO A 78 -1.86 -2.69 -5.11
CA PRO A 78 -0.97 -1.57 -5.54
C PRO A 78 -0.20 -0.95 -4.38
N LEU A 79 1.10 -0.72 -4.60
CA LEU A 79 1.93 -0.05 -3.61
C LEU A 79 2.27 1.36 -4.05
N PHE A 80 2.06 2.32 -3.17
CA PHE A 80 2.45 3.71 -3.44
C PHE A 80 3.89 3.92 -2.96
N VAL A 81 4.77 4.37 -3.86
CA VAL A 81 6.15 4.66 -3.50
C VAL A 81 6.44 6.16 -3.64
N PRO A 82 7.29 6.73 -2.82
CA PRO A 82 7.51 8.21 -2.83
C PRO A 82 8.45 8.67 -3.95
N SER A 83 9.30 7.77 -4.44
CA SER A 83 10.34 8.17 -5.38
C SER A 83 10.58 7.09 -6.44
N PRO A 84 11.22 7.43 -7.55
CA PRO A 84 11.55 6.41 -8.59
C PRO A 84 12.38 5.27 -8.01
N ARG A 85 13.38 5.60 -7.19
CA ARG A 85 14.25 4.57 -6.62
C ARG A 85 13.45 3.55 -5.83
N VAL A 86 12.54 4.02 -4.97
CA VAL A 86 11.71 3.12 -4.19
C VAL A 86 10.87 2.24 -5.11
N ALA A 87 10.34 2.83 -6.17
CA ALA A 87 9.51 2.08 -7.12
C ALA A 87 10.29 0.91 -7.70
N GLU A 88 11.55 1.15 -8.03
CA GLU A 88 12.39 0.09 -8.60
C GLU A 88 12.54 -1.07 -7.63
N MET A 89 12.75 -0.74 -6.36
CA MET A 89 12.90 -1.78 -5.34
C MET A 89 11.66 -2.67 -5.28
N ALA A 90 10.50 -2.03 -5.33
CA ALA A 90 9.24 -2.77 -5.27
C ALA A 90 9.11 -3.73 -6.44
N ARG A 91 9.52 -3.26 -7.62
CA ARG A 91 9.45 -4.09 -8.82
C ARG A 91 10.32 -5.34 -8.66
N GLU A 92 11.53 -5.17 -8.14
CA GLU A 92 12.45 -6.28 -8.00
C GLU A 92 11.87 -7.36 -7.09
N LEU A 93 11.14 -6.94 -6.05
CA LEU A 93 10.49 -7.90 -5.16
C LEU A 93 9.41 -8.72 -5.88
N GLY A 94 8.85 -8.20 -6.97
CA GLY A 94 7.77 -8.88 -7.67
C GLY A 94 6.42 -8.19 -7.51
N ALA A 95 6.39 -6.94 -7.02
CA ALA A 95 5.12 -6.24 -6.82
C ALA A 95 4.36 -6.16 -8.15
N GLN A 96 3.16 -6.70 -8.15
CA GLN A 96 2.40 -6.84 -9.39
C GLN A 96 1.95 -5.49 -9.92
N ARG A 97 1.62 -4.56 -9.02
CA ARG A 97 1.22 -3.21 -9.43
C ARG A 97 1.99 -2.18 -8.63
N VAL A 98 2.82 -1.40 -9.31
CA VAL A 98 3.62 -0.36 -8.65
C VAL A 98 3.17 1.03 -9.12
N ILE A 99 2.92 1.92 -8.16
CA ILE A 99 2.45 3.27 -8.46
C ILE A 99 3.46 4.29 -7.93
N ASP A 100 3.92 5.17 -8.83
CA ASP A 100 4.82 6.24 -8.42
C ASP A 100 4.03 7.51 -8.15
N CYS A 101 4.08 8.01 -6.91
CA CYS A 101 3.33 9.22 -6.54
C CYS A 101 4.19 10.49 -6.60
N ARG A 102 5.48 10.38 -6.94
CA ARG A 102 6.34 11.55 -7.00
C ARG A 102 5.75 12.60 -7.94
N GLY A 103 5.20 12.15 -9.07
CA GLY A 103 4.58 13.06 -10.02
C GLY A 103 3.06 13.13 -9.83
N ALA A 104 2.46 12.00 -9.47
CA ALA A 104 1.02 11.94 -9.25
C ALA A 104 0.64 12.68 -7.97
N SER A 105 -0.49 13.37 -8.01
CA SER A 105 -0.96 14.10 -6.83
C SER A 105 -1.85 13.21 -5.97
N ALA A 106 -2.07 13.62 -4.73
CA ALA A 106 -2.92 12.87 -3.81
C ALA A 106 -4.26 12.46 -4.44
N PRO A 107 -5.05 13.36 -4.98
CA PRO A 107 -6.35 12.98 -5.61
C PRO A 107 -6.16 11.96 -6.73
N ALA A 108 -5.05 12.08 -7.45
CA ALA A 108 -4.74 11.12 -8.51
C ALA A 108 -4.62 9.71 -7.93
N LEU A 109 -3.95 9.61 -6.79
CA LEU A 109 -3.79 8.32 -6.13
C LEU A 109 -5.16 7.72 -5.78
N LEU A 110 -6.07 8.57 -5.33
CA LEU A 110 -7.42 8.12 -5.00
C LEU A 110 -8.06 7.45 -6.21
N ALA A 111 -7.91 8.09 -7.36
CA ALA A 111 -8.46 7.55 -8.60
C ALA A 111 -7.85 6.19 -8.92
N ALA A 112 -6.55 6.06 -8.68
CA ALA A 112 -5.86 4.80 -8.96
C ALA A 112 -6.45 3.66 -8.15
N LEU A 113 -6.74 3.92 -6.88
CA LEU A 113 -7.31 2.89 -6.01
C LEU A 113 -8.62 2.36 -6.60
N THR A 114 -9.51 3.29 -6.93
CA THR A 114 -10.84 2.91 -7.41
C THR A 114 -10.75 2.14 -8.72
N SER A 115 -9.87 2.57 -9.61
CA SER A 115 -9.70 1.91 -10.90
C SER A 115 -9.22 0.47 -10.73
N ALA A 116 -8.23 0.28 -9.85
CA ALA A 116 -7.67 -1.05 -9.62
C ALA A 116 -8.74 -2.02 -9.12
N ALA A 117 -9.63 -1.53 -8.26
CA ALA A 117 -10.71 -2.35 -7.73
C ALA A 117 -11.60 -2.88 -8.87
N LEU A 118 -11.78 -2.08 -9.90
CA LEU A 118 -12.62 -2.47 -11.03
C LEU A 118 -12.10 -3.75 -11.69
N GLU A 119 -10.78 -3.88 -11.76
CA GLU A 119 -10.18 -5.06 -12.38
C GLU A 119 -10.57 -6.34 -11.64
N HIS A 120 -10.67 -6.26 -10.32
CA HIS A 120 -11.05 -7.41 -9.51
C HIS A 120 -12.38 -7.99 -9.97
N HIS A 121 -13.31 -7.12 -10.36
CA HIS A 121 -14.63 -7.55 -10.79
C HIS A 121 -14.76 -7.46 -12.30
N HIS A 122 -15.32 -8.51 -12.91
CA HIS A 122 -15.51 -8.55 -14.36
C HIS A 122 -16.99 -8.73 -14.70
N HIS A 123 -17.51 -7.85 -15.55
CA HIS A 123 -18.89 -7.93 -15.99
C HIS A 123 -19.18 -9.29 -16.65
N HIS A 124 -18.22 -9.77 -17.44
CA HIS A 124 -18.39 -11.03 -18.14
C HIS A 124 -18.70 -12.16 -17.15
N HIS A 125 -18.02 -12.16 -16.02
CA HIS A 125 -18.24 -13.18 -15.00
C HIS A 125 -19.15 -12.66 -13.90
N MET A 1 -16.35 2.88 -2.57
CA MET A 1 -16.79 4.22 -2.09
C MET A 1 -15.78 4.75 -1.08
N ASP A 2 -15.42 3.91 -0.11
CA ASP A 2 -14.47 4.29 0.92
C ASP A 2 -13.32 3.28 0.99
N PRO A 3 -12.40 3.30 0.04
CA PRO A 3 -11.29 2.31 0.00
C PRO A 3 -10.45 2.34 1.28
N LYS A 4 -9.79 1.24 1.60
CA LYS A 4 -8.94 1.15 2.79
C LYS A 4 -7.47 1.06 2.40
N VAL A 5 -6.61 1.75 3.14
CA VAL A 5 -5.17 1.66 2.90
C VAL A 5 -4.38 1.53 4.20
N LEU A 6 -3.34 0.71 4.14
CA LEU A 6 -2.47 0.49 5.30
C LEU A 6 -1.15 1.24 5.12
N ILE A 7 -0.73 1.93 6.17
CA ILE A 7 0.49 2.73 6.11
C ILE A 7 1.62 2.04 6.89
N MET A 8 2.80 1.99 6.29
CA MET A 8 3.96 1.46 6.98
C MET A 8 4.75 2.56 7.65
N ARG A 9 5.14 2.33 8.91
CA ARG A 9 5.81 3.36 9.70
C ARG A 9 7.15 3.77 9.08
N GLY A 10 7.49 5.04 9.23
CA GLY A 10 8.74 5.57 8.70
C GLY A 10 9.02 6.96 9.27
N GLU A 11 10.18 7.51 8.92
CA GLU A 11 10.58 8.82 9.43
C GLU A 11 9.57 9.90 9.05
N GLY A 12 8.94 9.76 7.88
CA GLY A 12 7.98 10.75 7.42
C GLY A 12 6.87 10.96 8.45
N GLY A 13 6.12 12.05 8.31
CA GLY A 13 5.06 12.36 9.26
C GLY A 13 3.78 11.63 8.90
N ARG A 14 3.48 10.58 9.66
CA ARG A 14 2.28 9.77 9.41
C ARG A 14 1.01 10.54 9.72
N GLU A 15 1.05 11.42 10.72
CA GLU A 15 -0.13 12.22 11.05
C GLU A 15 -0.59 13.03 9.84
N PHE A 16 0.36 13.67 9.17
CA PHE A 16 0.03 14.52 8.02
C PHE A 16 -0.53 13.69 6.87
N LEU A 17 0.21 12.68 6.44
CA LEU A 17 -0.21 11.86 5.30
C LEU A 17 -1.58 11.25 5.55
N ALA A 18 -1.80 10.75 6.76
CA ALA A 18 -3.06 10.11 7.08
C ALA A 18 -4.22 11.10 6.95
N GLU A 19 -4.01 12.33 7.44
CA GLU A 19 -5.07 13.32 7.40
C GLU A 19 -5.51 13.58 5.97
N ARG A 20 -4.55 13.63 5.05
CA ARG A 20 -4.89 13.89 3.65
C ARG A 20 -5.81 12.81 3.09
N LEU A 21 -5.42 11.54 3.26
CA LEU A 21 -6.22 10.45 2.71
C LEU A 21 -7.62 10.43 3.32
N ARG A 22 -7.72 10.74 4.61
CA ARG A 22 -9.02 10.77 5.28
C ARG A 22 -9.91 11.87 4.71
N GLY A 23 -9.33 13.04 4.46
CA GLY A 23 -10.09 14.16 3.91
C GLY A 23 -10.74 13.81 2.57
N GLN A 24 -10.10 12.93 1.80
CA GLN A 24 -10.65 12.52 0.51
C GLN A 24 -11.60 11.32 0.60
N GLY A 25 -11.99 10.92 1.81
CA GLY A 25 -12.96 9.84 1.97
C GLY A 25 -12.33 8.46 2.03
N VAL A 26 -11.01 8.37 2.27
CA VAL A 26 -10.34 7.09 2.38
C VAL A 26 -10.11 6.73 3.84
N GLN A 27 -10.31 5.46 4.17
CA GLN A 27 -10.07 4.99 5.53
C GLN A 27 -8.59 4.71 5.73
N VAL A 28 -8.00 5.32 6.76
CA VAL A 28 -6.56 5.22 6.97
C VAL A 28 -6.24 4.51 8.28
N ASP A 29 -5.37 3.51 8.19
CA ASP A 29 -4.86 2.85 9.38
C ASP A 29 -3.35 2.63 9.24
N TYR A 30 -2.59 2.97 10.28
CA TYR A 30 -1.14 2.84 10.24
C TYR A 30 -0.67 1.75 11.21
N LEU A 31 0.21 0.88 10.73
CA LEU A 31 0.70 -0.26 11.51
C LEU A 31 2.21 -0.14 11.77
N PRO A 32 2.66 0.07 12.99
CA PRO A 32 4.13 0.08 13.29
C PRO A 32 4.83 -1.19 12.82
N LEU A 33 5.99 -1.00 12.20
CA LEU A 33 6.76 -2.13 11.66
C LEU A 33 7.17 -3.16 12.72
N ASP A 34 6.98 -2.84 14.01
CA ASP A 34 7.40 -3.74 15.08
C ASP A 34 6.45 -4.92 15.28
N TYR A 35 5.31 -4.96 14.59
CA TYR A 35 4.35 -6.04 14.77
C TYR A 35 4.89 -7.34 14.15
N PRO A 36 4.56 -8.49 14.68
CA PRO A 36 5.13 -9.79 14.20
C PRO A 36 4.56 -10.26 12.86
N ALA A 37 5.37 -11.00 12.12
CA ALA A 37 4.98 -11.52 10.81
C ALA A 37 3.65 -12.26 10.89
N GLY A 38 2.92 -12.28 9.79
CA GLY A 38 1.62 -12.93 9.74
C GLY A 38 0.48 -11.93 9.93
N GLU A 39 0.67 -10.96 10.82
CA GLU A 39 -0.40 -10.00 11.09
C GLU A 39 -0.72 -9.16 9.86
N LEU A 40 0.30 -8.83 9.07
CA LEU A 40 0.09 -8.02 7.88
C LEU A 40 -0.90 -8.72 6.94
N LEU A 41 -0.68 -10.01 6.71
CA LEU A 41 -1.51 -10.75 5.78
C LEU A 41 -2.96 -10.80 6.27
N ALA A 42 -3.14 -11.06 7.56
CA ALA A 42 -4.49 -11.21 8.11
C ALA A 42 -5.28 -9.91 7.94
N ARG A 43 -4.65 -8.79 8.25
CA ARG A 43 -5.31 -7.50 8.14
C ARG A 43 -5.74 -7.23 6.70
N VAL A 44 -4.87 -7.55 5.75
CA VAL A 44 -5.16 -7.29 4.34
C VAL A 44 -6.41 -8.05 3.92
N ARG A 45 -6.48 -9.32 4.31
CA ARG A 45 -7.60 -10.17 3.89
C ARG A 45 -8.93 -9.72 4.52
N ALA A 46 -8.93 -9.56 5.84
CA ALA A 46 -10.17 -9.26 6.55
C ALA A 46 -10.71 -7.88 6.17
N GLU A 47 -9.82 -6.89 6.13
CA GLU A 47 -10.25 -5.53 5.77
C GLU A 47 -10.42 -5.33 4.27
N ARG A 48 -9.98 -6.29 3.45
CA ARG A 48 -10.10 -6.16 1.99
C ARG A 48 -9.43 -4.87 1.53
N LEU A 49 -8.16 -4.71 1.88
CA LEU A 49 -7.45 -3.47 1.59
C LEU A 49 -7.29 -3.25 0.09
N ASN A 50 -7.36 -1.98 -0.30
CA ASN A 50 -7.22 -1.60 -1.69
C ASN A 50 -5.77 -1.26 -2.03
N GLY A 51 -5.09 -0.60 -1.10
CA GLY A 51 -3.72 -0.14 -1.36
C GLY A 51 -2.83 -0.12 -0.13
N LEU A 52 -1.52 -0.10 -0.39
CA LEU A 52 -0.52 -0.03 0.66
C LEU A 52 0.42 1.15 0.39
N VAL A 53 0.88 1.82 1.45
CA VAL A 53 1.74 2.99 1.28
C VAL A 53 3.08 2.80 2.02
N VAL A 54 4.18 3.07 1.33
CA VAL A 54 5.50 3.10 1.98
C VAL A 54 6.21 4.41 1.66
N SER A 55 7.05 4.84 2.60
CA SER A 55 7.82 6.07 2.42
C SER A 55 9.31 5.81 2.16
N SER A 56 9.79 4.60 2.43
CA SER A 56 11.22 4.33 2.32
C SER A 56 11.52 2.87 2.01
N GLY A 57 12.73 2.62 1.51
CA GLY A 57 13.14 1.25 1.22
C GLY A 57 13.04 0.37 2.46
N GLN A 58 13.37 0.94 3.63
CA GLN A 58 13.32 0.17 4.87
C GLN A 58 11.92 -0.40 5.10
N GLY A 59 10.89 0.44 4.91
CA GLY A 59 9.52 -0.02 5.08
C GLY A 59 9.21 -1.15 4.11
N LEU A 60 9.60 -0.98 2.85
CA LEU A 60 9.31 -1.99 1.84
C LEU A 60 9.87 -3.35 2.25
N GLN A 61 11.10 -3.35 2.74
CA GLN A 61 11.74 -4.60 3.15
C GLN A 61 10.96 -5.25 4.29
N ASN A 62 10.53 -4.44 5.24
CA ASN A 62 9.72 -4.94 6.35
C ASN A 62 8.43 -5.57 5.84
N LEU A 63 7.85 -4.99 4.80
CA LEU A 63 6.63 -5.52 4.22
C LEU A 63 6.84 -6.96 3.78
N TYR A 64 7.96 -7.20 3.12
CA TYR A 64 8.27 -8.53 2.63
C TYR A 64 8.35 -9.54 3.76
N GLN A 65 9.06 -9.15 4.83
CA GLN A 65 9.27 -10.06 5.96
C GLN A 65 7.94 -10.41 6.63
N LEU A 66 7.09 -9.41 6.82
CA LEU A 66 5.79 -9.64 7.45
C LEU A 66 4.88 -10.48 6.55
N ALA A 67 4.99 -10.29 5.24
CA ALA A 67 4.21 -11.06 4.28
C ALA A 67 4.51 -12.56 4.42
N ALA A 68 5.78 -12.88 4.67
CA ALA A 68 6.15 -14.27 4.91
C ALA A 68 5.77 -15.13 3.69
N ALA A 69 5.36 -16.38 3.89
CA ALA A 69 5.08 -17.28 2.77
C ALA A 69 4.00 -16.74 1.82
N ASP A 70 3.19 -15.79 2.29
CA ASP A 70 2.07 -15.31 1.49
C ASP A 70 2.41 -14.10 0.63
N TRP A 71 3.69 -13.75 0.49
CA TRP A 71 4.09 -12.63 -0.36
C TRP A 71 3.43 -12.67 -1.75
N PRO A 72 3.41 -13.79 -2.44
CA PRO A 72 2.72 -13.88 -3.77
C PRO A 72 1.34 -13.21 -3.78
N GLU A 73 0.57 -13.40 -2.72
CA GLU A 73 -0.78 -12.84 -2.68
C GLU A 73 -0.73 -11.34 -2.38
N ILE A 74 0.02 -10.97 -1.36
CA ILE A 74 0.11 -9.57 -0.93
C ILE A 74 0.62 -8.69 -2.08
N GLY A 75 1.59 -9.19 -2.83
CA GLY A 75 2.23 -8.43 -3.90
C GLY A 75 1.24 -7.98 -4.98
N ARG A 76 0.06 -8.61 -5.03
CA ARG A 76 -0.95 -8.27 -6.03
C ARG A 76 -1.50 -6.85 -5.84
N LEU A 77 -1.51 -6.36 -4.61
CA LEU A 77 -2.16 -5.09 -4.32
C LEU A 77 -1.32 -3.90 -4.81
N PRO A 78 -1.93 -2.79 -5.17
CA PRO A 78 -1.17 -1.57 -5.59
C PRO A 78 -0.31 -1.01 -4.46
N LEU A 79 0.97 -0.82 -4.73
CA LEU A 79 1.86 -0.20 -3.75
C LEU A 79 2.20 1.23 -4.18
N PHE A 80 2.00 2.18 -3.27
CA PHE A 80 2.37 3.57 -3.52
C PHE A 80 3.81 3.81 -3.05
N VAL A 81 4.66 4.35 -3.93
CA VAL A 81 6.02 4.69 -3.55
C VAL A 81 6.25 6.20 -3.72
N PRO A 82 7.06 6.82 -2.89
CA PRO A 82 7.25 8.30 -2.95
C PRO A 82 8.19 8.75 -4.07
N SER A 83 9.07 7.86 -4.51
CA SER A 83 10.12 8.26 -5.45
C SER A 83 10.41 7.13 -6.45
N PRO A 84 10.99 7.44 -7.60
CA PRO A 84 11.38 6.39 -8.58
C PRO A 84 12.25 5.31 -7.94
N ARG A 85 13.22 5.72 -7.12
CA ARG A 85 14.13 4.78 -6.50
C ARG A 85 13.37 3.75 -5.67
N VAL A 86 12.44 4.22 -4.85
CA VAL A 86 11.62 3.32 -4.03
C VAL A 86 10.84 2.37 -4.94
N ALA A 87 10.31 2.90 -6.04
CA ALA A 87 9.54 2.09 -6.97
C ALA A 87 10.37 0.92 -7.48
N GLU A 88 11.64 1.18 -7.78
CA GLU A 88 12.52 0.13 -8.28
C GLU A 88 12.67 -0.98 -7.25
N MET A 89 12.77 -0.60 -5.97
CA MET A 89 12.89 -1.60 -4.91
C MET A 89 11.67 -2.52 -4.93
N ALA A 90 10.50 -1.93 -5.08
CA ALA A 90 9.26 -2.70 -5.10
C ALA A 90 9.26 -3.70 -6.26
N ARG A 91 9.75 -3.27 -7.41
CA ARG A 91 9.80 -4.12 -8.58
C ARG A 91 10.69 -5.34 -8.34
N GLU A 92 11.85 -5.12 -7.72
CA GLU A 92 12.80 -6.19 -7.48
C GLU A 92 12.19 -7.30 -6.62
N LEU A 93 11.36 -6.92 -5.66
CA LEU A 93 10.68 -7.92 -4.82
C LEU A 93 9.66 -8.73 -5.60
N GLY A 94 9.16 -8.21 -6.73
CA GLY A 94 8.12 -8.91 -7.49
C GLY A 94 6.76 -8.23 -7.41
N ALA A 95 6.69 -6.98 -6.92
CA ALA A 95 5.40 -6.30 -6.78
C ALA A 95 4.72 -6.23 -8.14
N GLN A 96 3.52 -6.80 -8.22
CA GLN A 96 2.82 -6.97 -9.49
C GLN A 96 2.36 -5.62 -10.05
N ARG A 97 1.95 -4.71 -9.16
CA ARG A 97 1.52 -3.38 -9.58
C ARG A 97 2.21 -2.31 -8.73
N VAL A 98 3.08 -1.53 -9.36
CA VAL A 98 3.81 -0.48 -8.65
C VAL A 98 3.35 0.89 -9.14
N ILE A 99 3.02 1.77 -8.21
CA ILE A 99 2.49 3.09 -8.54
C ILE A 99 3.42 4.18 -8.01
N ASP A 100 3.88 5.05 -8.91
CA ASP A 100 4.74 6.16 -8.51
C ASP A 100 3.90 7.42 -8.29
N CYS A 101 3.89 7.92 -7.06
CA CYS A 101 3.10 9.12 -6.75
C CYS A 101 3.93 10.41 -6.77
N ARG A 102 5.19 10.35 -7.19
CA ARG A 102 6.04 11.53 -7.23
C ARG A 102 5.40 12.63 -8.07
N GLY A 103 4.78 12.24 -9.18
CA GLY A 103 4.13 13.20 -10.05
C GLY A 103 2.63 13.29 -9.78
N ALA A 104 2.02 12.17 -9.44
CA ALA A 104 0.58 12.14 -9.18
C ALA A 104 0.25 12.89 -7.89
N SER A 105 -0.84 13.65 -7.93
CA SER A 105 -1.28 14.40 -6.75
C SER A 105 -2.23 13.55 -5.91
N ALA A 106 -2.51 14.01 -4.69
CA ALA A 106 -3.42 13.30 -3.80
C ALA A 106 -4.72 12.86 -4.49
N PRO A 107 -5.48 13.76 -5.10
CA PRO A 107 -6.75 13.34 -5.77
C PRO A 107 -6.52 12.25 -6.81
N ALA A 108 -5.39 12.34 -7.50
CA ALA A 108 -5.05 11.34 -8.52
C ALA A 108 -4.93 9.96 -7.87
N LEU A 109 -4.29 9.90 -6.71
CA LEU A 109 -4.13 8.65 -5.99
C LEU A 109 -5.49 8.04 -5.67
N LEU A 110 -6.43 8.89 -5.26
CA LEU A 110 -7.78 8.43 -4.93
C LEU A 110 -8.40 7.71 -6.14
N ALA A 111 -8.24 8.33 -7.30
CA ALA A 111 -8.78 7.74 -8.53
C ALA A 111 -8.16 6.37 -8.80
N ALA A 112 -6.87 6.26 -8.57
CA ALA A 112 -6.17 5.00 -8.80
C ALA A 112 -6.74 3.89 -7.93
N LEU A 113 -7.03 4.21 -6.68
CA LEU A 113 -7.58 3.22 -5.75
C LEU A 113 -8.89 2.64 -6.30
N THR A 114 -9.78 3.54 -6.69
CA THR A 114 -11.11 3.10 -7.14
C THR A 114 -11.02 2.28 -8.42
N SER A 115 -10.16 2.69 -9.35
CA SER A 115 -10.02 1.98 -10.61
C SER A 115 -9.48 0.57 -10.40
N ALA A 116 -8.54 0.42 -9.48
CA ALA A 116 -7.95 -0.89 -9.20
C ALA A 116 -8.98 -1.85 -8.63
N ALA A 117 -9.80 -1.36 -7.71
CA ALA A 117 -10.84 -2.19 -7.10
C ALA A 117 -11.85 -2.66 -8.16
N LEU A 118 -12.21 -1.77 -9.06
CA LEU A 118 -13.19 -2.10 -10.09
C LEU A 118 -12.65 -3.14 -11.06
N GLU A 119 -11.36 -3.05 -11.39
CA GLU A 119 -10.76 -3.97 -12.35
C GLU A 119 -9.59 -4.73 -11.73
N HIS A 120 -9.67 -6.06 -11.77
CA HIS A 120 -8.60 -6.91 -11.25
C HIS A 120 -7.88 -7.68 -12.37
N HIS A 121 -8.60 -7.96 -13.46
CA HIS A 121 -8.03 -8.75 -14.55
C HIS A 121 -6.72 -8.15 -15.05
N HIS A 122 -6.68 -6.82 -15.15
CA HIS A 122 -5.48 -6.14 -15.65
C HIS A 122 -4.89 -5.24 -14.57
N HIS A 123 -3.58 -5.39 -14.35
CA HIS A 123 -2.88 -4.57 -13.37
C HIS A 123 -3.00 -3.10 -13.71
N HIS A 124 -2.94 -2.77 -15.00
CA HIS A 124 -3.02 -1.39 -15.45
C HIS A 124 -4.33 -1.13 -16.19
N HIS A 125 -4.92 0.04 -15.94
CA HIS A 125 -6.16 0.41 -16.59
C HIS A 125 -6.03 0.34 -18.11
N MET A 1 -17.08 4.71 -3.42
CA MET A 1 -16.69 3.78 -2.32
C MET A 1 -15.68 4.47 -1.41
N ASP A 2 -15.25 3.77 -0.37
CA ASP A 2 -14.28 4.30 0.58
C ASP A 2 -13.07 3.36 0.70
N PRO A 3 -12.15 3.37 -0.23
CA PRO A 3 -11.00 2.41 -0.22
C PRO A 3 -10.24 2.45 1.11
N LYS A 4 -9.62 1.34 1.47
CA LYS A 4 -8.86 1.25 2.72
C LYS A 4 -7.38 1.10 2.42
N VAL A 5 -6.54 1.85 3.16
CA VAL A 5 -5.08 1.73 2.98
C VAL A 5 -4.37 1.62 4.33
N LEU A 6 -3.28 0.85 4.32
CA LEU A 6 -2.46 0.66 5.52
C LEU A 6 -1.18 1.48 5.42
N ILE A 7 -0.81 2.14 6.52
CA ILE A 7 0.39 2.97 6.54
C ILE A 7 1.54 2.23 7.21
N MET A 8 2.70 2.30 6.55
CA MET A 8 3.94 1.77 7.11
C MET A 8 4.80 2.91 7.66
N ARG A 9 5.35 2.73 8.86
CA ARG A 9 6.08 3.81 9.51
C ARG A 9 7.23 4.29 8.64
N GLY A 10 7.42 5.61 8.65
CA GLY A 10 8.45 6.23 7.82
C GLY A 10 8.92 7.53 8.46
N GLU A 11 9.93 8.15 7.84
CA GLU A 11 10.49 9.40 8.37
C GLU A 11 9.41 10.49 8.49
N GLY A 12 8.42 10.46 7.58
CA GLY A 12 7.36 11.46 7.61
C GLY A 12 6.47 11.27 8.83
N GLY A 13 5.55 12.21 9.03
CA GLY A 13 4.67 12.16 10.19
C GLY A 13 3.42 11.32 9.91
N ARG A 14 3.10 10.42 10.85
CA ARG A 14 1.93 9.57 10.70
C ARG A 14 0.68 10.42 10.52
N GLU A 15 0.57 11.46 11.34
CA GLU A 15 -0.63 12.30 11.33
C GLU A 15 -0.80 13.00 9.99
N PHE A 16 0.29 13.52 9.44
CA PHE A 16 0.21 14.28 8.19
C PHE A 16 -0.39 13.42 7.07
N LEU A 17 0.22 12.27 6.81
CA LEU A 17 -0.22 11.43 5.71
C LEU A 17 -1.66 10.97 5.92
N ALA A 18 -2.00 10.58 7.14
CA ALA A 18 -3.33 10.07 7.42
C ALA A 18 -4.39 11.13 7.14
N GLU A 19 -4.16 12.36 7.57
CA GLU A 19 -5.15 13.41 7.38
C GLU A 19 -5.45 13.63 5.90
N ARG A 20 -4.41 13.56 5.06
CA ARG A 20 -4.62 13.76 3.63
C ARG A 20 -5.58 12.71 3.07
N LEU A 21 -5.30 11.43 3.34
CA LEU A 21 -6.13 10.37 2.78
C LEU A 21 -7.55 10.44 3.29
N ARG A 22 -7.72 10.79 4.56
CA ARG A 22 -9.06 10.90 5.14
C ARG A 22 -9.87 12.00 4.47
N GLY A 23 -9.23 13.14 4.21
CA GLY A 23 -9.92 14.26 3.60
C GLY A 23 -10.49 13.91 2.22
N GLN A 24 -9.84 12.99 1.52
CA GLN A 24 -10.33 12.57 0.21
C GLN A 24 -11.30 11.39 0.26
N GLY A 25 -11.77 11.01 1.45
CA GLY A 25 -12.77 9.96 1.58
C GLY A 25 -12.16 8.56 1.70
N VAL A 26 -10.87 8.46 2.03
CA VAL A 26 -10.23 7.17 2.21
C VAL A 26 -10.10 6.85 3.69
N GLN A 27 -10.31 5.58 4.04
CA GLN A 27 -10.17 5.14 5.42
C GLN A 27 -8.71 4.81 5.70
N VAL A 28 -8.19 5.34 6.81
CA VAL A 28 -6.77 5.21 7.10
C VAL A 28 -6.53 4.42 8.39
N ASP A 29 -5.63 3.45 8.30
CA ASP A 29 -5.17 2.74 9.48
C ASP A 29 -3.66 2.54 9.40
N TYR A 30 -2.94 2.82 10.49
CA TYR A 30 -1.47 2.71 10.49
C TYR A 30 -1.01 1.62 11.46
N LEU A 31 -0.02 0.84 11.02
CA LEU A 31 0.52 -0.26 11.82
C LEU A 31 2.00 -0.01 12.10
N PRO A 32 2.50 -0.21 13.30
CA PRO A 32 3.97 -0.12 13.56
C PRO A 32 4.72 -1.31 12.98
N LEU A 33 5.85 -1.04 12.33
CA LEU A 33 6.63 -2.07 11.67
C LEU A 33 7.12 -3.17 12.64
N ASP A 34 6.96 -2.98 13.94
CA ASP A 34 7.45 -3.94 14.92
C ASP A 34 6.56 -5.18 15.06
N TYR A 35 5.39 -5.21 14.41
CA TYR A 35 4.51 -6.37 14.51
C TYR A 35 5.18 -7.59 13.86
N PRO A 36 4.94 -8.79 14.37
CA PRO A 36 5.60 -10.02 13.82
C PRO A 36 4.96 -10.53 12.53
N ALA A 37 5.72 -11.31 11.77
CA ALA A 37 5.25 -11.84 10.50
C ALA A 37 3.91 -12.55 10.66
N GLY A 38 3.12 -12.53 9.58
CA GLY A 38 1.78 -13.12 9.62
C GLY A 38 0.71 -12.06 9.89
N GLU A 39 1.02 -11.09 10.74
CA GLU A 39 0.05 -10.05 11.08
C GLU A 39 -0.36 -9.27 9.84
N LEU A 40 0.59 -9.00 8.96
CA LEU A 40 0.30 -8.21 7.76
C LEU A 40 -0.79 -8.89 6.94
N LEU A 41 -0.64 -10.18 6.73
CA LEU A 41 -1.60 -10.92 5.91
C LEU A 41 -3.00 -10.89 6.52
N ALA A 42 -3.06 -11.08 7.83
CA ALA A 42 -4.36 -11.16 8.50
C ALA A 42 -5.12 -9.84 8.36
N ARG A 43 -4.43 -8.73 8.59
CA ARG A 43 -5.07 -7.42 8.49
C ARG A 43 -5.58 -7.18 7.07
N VAL A 44 -4.79 -7.57 6.07
CA VAL A 44 -5.17 -7.33 4.69
C VAL A 44 -6.46 -8.06 4.36
N ARG A 45 -6.56 -9.33 4.78
CA ARG A 45 -7.72 -10.15 4.44
C ARG A 45 -8.99 -9.69 5.16
N ALA A 46 -8.89 -9.47 6.47
CA ALA A 46 -10.06 -9.14 7.26
C ALA A 46 -10.60 -7.75 6.93
N GLU A 47 -9.71 -6.79 6.80
CA GLU A 47 -10.13 -5.42 6.49
C GLU A 47 -10.44 -5.21 4.99
N ARG A 48 -10.12 -6.19 4.14
CA ARG A 48 -10.34 -6.03 2.70
C ARG A 48 -9.64 -4.78 2.19
N LEU A 49 -8.34 -4.71 2.43
CA LEU A 49 -7.56 -3.52 2.06
C LEU A 49 -7.33 -3.46 0.56
N ASN A 50 -7.28 -2.24 0.04
CA ASN A 50 -7.07 -2.03 -1.39
C ASN A 50 -5.60 -1.74 -1.67
N GLY A 51 -4.96 -0.94 -0.81
CA GLY A 51 -3.61 -0.47 -1.12
C GLY A 51 -2.73 -0.27 0.11
N LEU A 52 -1.43 -0.14 -0.15
CA LEU A 52 -0.44 0.05 0.90
C LEU A 52 0.42 1.28 0.61
N VAL A 53 0.81 2.01 1.65
CA VAL A 53 1.63 3.21 1.48
C VAL A 53 2.96 3.05 2.23
N VAL A 54 4.06 3.31 1.54
CA VAL A 54 5.38 3.33 2.18
C VAL A 54 6.11 4.62 1.90
N SER A 55 6.87 5.09 2.88
CA SER A 55 7.63 6.32 2.75
C SER A 55 9.13 6.06 2.51
N SER A 56 9.60 4.83 2.72
CA SER A 56 11.03 4.56 2.64
C SER A 56 11.33 3.12 2.26
N GLY A 57 12.53 2.89 1.75
CA GLY A 57 12.96 1.55 1.39
C GLY A 57 12.86 0.61 2.59
N GLN A 58 13.20 1.10 3.78
CA GLN A 58 13.16 0.28 4.98
C GLN A 58 11.77 -0.28 5.20
N GLY A 59 10.75 0.56 5.04
CA GLY A 59 9.37 0.11 5.21
C GLY A 59 9.04 -0.98 4.20
N LEU A 60 9.44 -0.78 2.95
CA LEU A 60 9.14 -1.73 1.89
C LEU A 60 9.67 -3.11 2.25
N GLN A 61 10.91 -3.16 2.72
CA GLN A 61 11.53 -4.43 3.07
C GLN A 61 10.77 -5.13 4.19
N ASN A 62 10.36 -4.35 5.18
CA ASN A 62 9.59 -4.91 6.30
C ASN A 62 8.30 -5.54 5.80
N LEU A 63 7.66 -4.89 4.83
CA LEU A 63 6.41 -5.41 4.27
C LEU A 63 6.63 -6.82 3.71
N TYR A 64 7.72 -6.97 2.97
CA TYR A 64 8.01 -8.25 2.35
C TYR A 64 8.17 -9.35 3.40
N GLN A 65 8.95 -9.05 4.44
CA GLN A 65 9.23 -10.04 5.47
C GLN A 65 7.94 -10.47 6.19
N LEU A 66 7.09 -9.50 6.49
CA LEU A 66 5.84 -9.79 7.18
C LEU A 66 4.88 -10.59 6.29
N ALA A 67 4.91 -10.32 4.99
CA ALA A 67 4.08 -11.06 4.05
C ALA A 67 4.42 -12.54 4.08
N ALA A 68 5.71 -12.85 4.22
CA ALA A 68 6.12 -14.24 4.39
C ALA A 68 5.65 -15.08 3.19
N ALA A 69 5.23 -16.34 3.39
CA ALA A 69 4.87 -17.22 2.28
C ALA A 69 3.74 -16.65 1.41
N ASP A 70 2.97 -15.69 1.94
CA ASP A 70 1.82 -15.17 1.21
C ASP A 70 2.14 -13.94 0.35
N TRP A 71 3.43 -13.59 0.20
CA TRP A 71 3.82 -12.46 -0.63
C TRP A 71 3.13 -12.47 -2.01
N PRO A 72 3.08 -13.57 -2.73
CA PRO A 72 2.37 -13.62 -4.04
C PRO A 72 1.00 -12.94 -4.01
N GLU A 73 0.22 -13.16 -2.95
CA GLU A 73 -1.12 -12.59 -2.86
C GLU A 73 -1.04 -11.11 -2.49
N ILE A 74 -0.27 -10.81 -1.45
CA ILE A 74 -0.19 -9.44 -0.95
C ILE A 74 0.31 -8.48 -2.03
N GLY A 75 1.27 -8.94 -2.83
CA GLY A 75 1.90 -8.09 -3.84
C GLY A 75 0.93 -7.57 -4.90
N ARG A 76 -0.27 -8.14 -4.96
CA ARG A 76 -1.28 -7.69 -5.91
C ARG A 76 -1.84 -6.32 -5.57
N LEU A 77 -1.86 -5.96 -4.28
CA LEU A 77 -2.40 -4.69 -3.85
C LEU A 77 -1.47 -3.56 -4.32
N PRO A 78 -1.95 -2.54 -5.02
CA PRO A 78 -1.06 -1.44 -5.48
C PRO A 78 -0.26 -0.81 -4.34
N LEU A 79 1.03 -0.63 -4.56
CA LEU A 79 1.89 0.01 -3.57
C LEU A 79 2.24 1.43 -4.00
N PHE A 80 2.04 2.38 -3.09
CA PHE A 80 2.42 3.77 -3.34
C PHE A 80 3.86 3.99 -2.85
N VAL A 81 4.74 4.42 -3.74
CA VAL A 81 6.13 4.70 -3.37
C VAL A 81 6.43 6.19 -3.53
N PRO A 82 7.29 6.77 -2.72
CA PRO A 82 7.53 8.24 -2.74
C PRO A 82 8.45 8.69 -3.87
N SER A 83 9.30 7.80 -4.36
CA SER A 83 10.33 8.19 -5.33
C SER A 83 10.54 7.11 -6.39
N PRO A 84 11.13 7.45 -7.52
CA PRO A 84 11.46 6.42 -8.56
C PRO A 84 12.29 5.28 -8.00
N ARG A 85 13.30 5.62 -7.20
CA ARG A 85 14.19 4.60 -6.64
C ARG A 85 13.39 3.57 -5.85
N VAL A 86 12.51 4.04 -4.98
CA VAL A 86 11.69 3.13 -4.18
C VAL A 86 10.85 2.25 -5.10
N ALA A 87 10.30 2.86 -6.15
CA ALA A 87 9.45 2.12 -7.09
C ALA A 87 10.22 0.95 -7.69
N GLU A 88 11.47 1.19 -8.04
CA GLU A 88 12.30 0.14 -8.63
C GLU A 88 12.45 -1.03 -7.66
N MET A 89 12.67 -0.71 -6.38
CA MET A 89 12.80 -1.75 -5.37
C MET A 89 11.55 -2.62 -5.33
N ALA A 90 10.39 -1.98 -5.42
CA ALA A 90 9.12 -2.70 -5.39
C ALA A 90 9.04 -3.69 -6.55
N ARG A 91 9.49 -3.25 -7.72
CA ARG A 91 9.49 -4.12 -8.90
C ARG A 91 10.37 -5.34 -8.66
N GLU A 92 11.55 -5.13 -8.08
CA GLU A 92 12.49 -6.23 -7.87
C GLU A 92 11.88 -7.32 -6.98
N LEU A 93 11.08 -6.90 -6.00
CA LEU A 93 10.39 -7.86 -5.13
C LEU A 93 9.37 -8.69 -5.89
N GLY A 94 8.85 -8.18 -7.00
CA GLY A 94 7.79 -8.86 -7.74
C GLY A 94 6.42 -8.17 -7.60
N ALA A 95 6.39 -6.93 -7.08
CA ALA A 95 5.11 -6.24 -6.89
C ALA A 95 4.36 -6.14 -8.21
N GLN A 96 3.13 -6.66 -8.23
CA GLN A 96 2.38 -6.78 -9.47
C GLN A 96 1.91 -5.41 -9.97
N ARG A 97 1.59 -4.51 -9.04
CA ARG A 97 1.20 -3.14 -9.41
C ARG A 97 1.96 -2.12 -8.58
N VAL A 98 2.80 -1.33 -9.24
CA VAL A 98 3.58 -0.30 -8.55
C VAL A 98 3.15 1.09 -9.02
N ILE A 99 2.91 1.97 -8.06
CA ILE A 99 2.47 3.34 -8.37
C ILE A 99 3.48 4.35 -7.84
N ASP A 100 3.94 5.23 -8.71
CA ASP A 100 4.83 6.32 -8.29
C ASP A 100 4.01 7.57 -8.00
N CYS A 101 4.06 8.04 -6.76
CA CYS A 101 3.29 9.24 -6.37
C CYS A 101 4.10 10.53 -6.47
N ARG A 102 5.41 10.45 -6.72
CA ARG A 102 6.24 11.64 -6.82
C ARG A 102 5.68 12.61 -7.87
N GLY A 103 5.19 12.07 -8.98
CA GLY A 103 4.62 12.89 -10.03
C GLY A 103 3.10 12.97 -9.91
N ALA A 104 2.48 11.88 -9.48
CA ALA A 104 1.03 11.85 -9.31
C ALA A 104 0.62 12.61 -8.04
N SER A 105 -0.50 13.30 -8.11
CA SER A 105 -0.99 14.04 -6.95
C SER A 105 -1.90 13.16 -6.09
N ALA A 106 -2.14 13.59 -4.85
CA ALA A 106 -3.00 12.84 -3.94
C ALA A 106 -4.32 12.40 -4.58
N PRO A 107 -5.11 13.30 -5.15
CA PRO A 107 -6.41 12.90 -5.78
C PRO A 107 -6.20 11.86 -6.89
N ALA A 108 -5.08 11.98 -7.60
CA ALA A 108 -4.76 11.01 -8.64
C ALA A 108 -4.63 9.62 -8.03
N LEU A 109 -3.97 9.54 -6.89
CA LEU A 109 -3.81 8.25 -6.19
C LEU A 109 -5.18 7.66 -5.86
N LEU A 110 -6.11 8.50 -5.44
CA LEU A 110 -7.46 8.05 -5.12
C LEU A 110 -8.08 7.35 -6.33
N ALA A 111 -7.91 7.97 -7.49
CA ALA A 111 -8.44 7.39 -8.72
C ALA A 111 -7.81 6.02 -8.98
N ALA A 112 -6.51 5.90 -8.73
CA ALA A 112 -5.80 4.66 -8.96
C ALA A 112 -6.40 3.52 -8.14
N LEU A 113 -6.70 3.80 -6.88
CA LEU A 113 -7.28 2.78 -6.00
C LEU A 113 -8.58 2.24 -6.59
N THR A 114 -9.46 3.14 -6.97
CA THR A 114 -10.77 2.75 -7.46
C THR A 114 -10.66 1.93 -8.75
N SER A 115 -9.77 2.35 -9.64
CA SER A 115 -9.57 1.63 -10.90
C SER A 115 -9.06 0.22 -10.68
N ALA A 116 -8.11 0.07 -9.75
CA ALA A 116 -7.52 -1.23 -9.47
C ALA A 116 -8.57 -2.21 -8.96
N ALA A 117 -9.49 -1.71 -8.13
CA ALA A 117 -10.57 -2.55 -7.61
C ALA A 117 -11.41 -3.14 -8.74
N LEU A 118 -11.60 -2.37 -9.80
CA LEU A 118 -12.39 -2.84 -10.94
C LEU A 118 -11.80 -4.12 -11.53
N GLU A 119 -10.47 -4.19 -11.57
CA GLU A 119 -9.79 -5.36 -12.11
C GLU A 119 -9.32 -6.27 -10.98
N HIS A 120 -9.66 -7.55 -11.07
CA HIS A 120 -9.30 -8.50 -10.02
C HIS A 120 -7.98 -9.20 -10.31
N HIS A 121 -7.71 -9.47 -11.60
CA HIS A 121 -6.49 -10.16 -11.99
C HIS A 121 -5.69 -9.33 -12.99
N HIS A 122 -4.40 -9.19 -12.70
CA HIS A 122 -3.50 -8.45 -13.58
C HIS A 122 -3.42 -9.08 -14.98
N HIS A 123 -3.54 -10.40 -15.04
CA HIS A 123 -3.39 -11.12 -16.30
C HIS A 123 -4.28 -10.53 -17.40
N HIS A 124 -5.50 -10.13 -17.03
CA HIS A 124 -6.43 -9.56 -18.00
C HIS A 124 -5.81 -8.37 -18.70
N HIS A 125 -5.10 -7.54 -17.95
CA HIS A 125 -4.45 -6.36 -18.51
C HIS A 125 -3.00 -6.26 -18.02
N MET A 1 -16.48 3.03 -2.18
CA MET A 1 -16.87 4.35 -1.62
C MET A 1 -15.71 4.94 -0.83
N ASP A 2 -15.26 4.20 0.18
CA ASP A 2 -14.16 4.65 1.03
C ASP A 2 -13.06 3.58 1.08
N PRO A 3 -12.18 3.53 0.09
CA PRO A 3 -11.12 2.48 0.06
C PRO A 3 -10.25 2.51 1.33
N LYS A 4 -9.64 1.37 1.66
CA LYS A 4 -8.81 1.27 2.85
C LYS A 4 -7.33 1.14 2.48
N VAL A 5 -6.46 1.84 3.20
CA VAL A 5 -5.02 1.71 2.98
C VAL A 5 -4.26 1.56 4.30
N LEU A 6 -3.21 0.76 4.24
CA LEU A 6 -2.35 0.54 5.42
C LEU A 6 -1.04 1.31 5.26
N ILE A 7 -0.61 1.95 6.35
CA ILE A 7 0.59 2.77 6.31
C ILE A 7 1.78 2.03 6.92
N MET A 8 2.91 2.07 6.22
CA MET A 8 4.18 1.60 6.76
C MET A 8 4.94 2.77 7.36
N ARG A 9 5.49 2.58 8.56
CA ARG A 9 6.15 3.66 9.26
C ARG A 9 7.27 4.25 8.41
N GLY A 10 7.42 5.57 8.44
CA GLY A 10 8.43 6.24 7.64
C GLY A 10 8.95 7.50 8.35
N GLU A 11 9.94 8.14 7.75
CA GLU A 11 10.52 9.34 8.33
C GLU A 11 9.47 10.44 8.53
N GLY A 12 8.49 10.50 7.64
CA GLY A 12 7.45 11.52 7.73
C GLY A 12 6.55 11.28 8.94
N GLY A 13 5.66 12.22 9.19
CA GLY A 13 4.77 12.12 10.35
C GLY A 13 3.53 11.28 10.02
N ARG A 14 3.22 10.34 10.89
CA ARG A 14 2.07 9.47 10.67
C ARG A 14 0.79 10.30 10.54
N GLU A 15 0.66 11.29 11.42
CA GLU A 15 -0.55 12.10 11.45
C GLU A 15 -0.75 12.86 10.13
N PHE A 16 0.33 13.42 9.59
CA PHE A 16 0.23 14.21 8.38
C PHE A 16 -0.29 13.39 7.21
N LEU A 17 0.39 12.29 6.91
CA LEU A 17 0.01 11.47 5.76
C LEU A 17 -1.42 10.96 5.89
N ALA A 18 -1.77 10.49 7.08
CA ALA A 18 -3.10 9.94 7.31
C ALA A 18 -4.17 11.00 7.10
N GLU A 19 -3.92 12.22 7.58
CA GLU A 19 -4.90 13.29 7.45
C GLU A 19 -5.20 13.56 5.97
N ARG A 20 -4.17 13.54 5.14
CA ARG A 20 -4.35 13.84 3.72
C ARG A 20 -5.29 12.82 3.07
N LEU A 21 -5.00 11.53 3.26
CA LEU A 21 -5.83 10.49 2.65
C LEU A 21 -7.26 10.54 3.22
N ARG A 22 -7.38 10.83 4.52
CA ARG A 22 -8.69 10.91 5.16
C ARG A 22 -9.52 12.02 4.53
N GLY A 23 -8.90 13.17 4.26
CA GLY A 23 -9.62 14.30 3.69
C GLY A 23 -10.24 13.95 2.33
N GLN A 24 -9.60 13.05 1.59
CA GLN A 24 -10.14 12.62 0.30
C GLN A 24 -11.11 11.44 0.41
N GLY A 25 -11.54 11.09 1.62
CA GLY A 25 -12.57 10.06 1.79
C GLY A 25 -11.98 8.64 1.90
N VAL A 26 -10.68 8.52 2.17
CA VAL A 26 -10.06 7.20 2.34
C VAL A 26 -9.90 6.87 3.82
N GLN A 27 -10.17 5.63 4.17
CA GLN A 27 -9.99 5.17 5.55
C GLN A 27 -8.53 4.81 5.77
N VAL A 28 -7.95 5.31 6.85
CA VAL A 28 -6.51 5.16 7.07
C VAL A 28 -6.23 4.41 8.37
N ASP A 29 -5.31 3.44 8.29
CA ASP A 29 -4.80 2.77 9.47
C ASP A 29 -3.30 2.52 9.32
N TYR A 30 -2.53 2.74 10.38
CA TYR A 30 -1.09 2.56 10.32
C TYR A 30 -0.64 1.44 11.26
N LEU A 31 0.34 0.66 10.81
CA LEU A 31 0.79 -0.52 11.56
C LEU A 31 2.26 -0.36 11.97
N PRO A 32 2.59 -0.25 13.24
CA PRO A 32 4.02 -0.25 13.67
C PRO A 32 4.80 -1.41 13.07
N LEU A 33 6.00 -1.13 12.57
CA LEU A 33 6.80 -2.16 11.91
C LEU A 33 7.19 -3.32 12.84
N ASP A 34 7.02 -3.14 14.15
CA ASP A 34 7.43 -4.18 15.10
C ASP A 34 6.45 -5.35 15.17
N TYR A 35 5.31 -5.27 14.48
CA TYR A 35 4.33 -6.36 14.52
C TYR A 35 4.95 -7.67 13.99
N PRO A 36 4.52 -8.82 14.46
CA PRO A 36 5.11 -10.12 14.00
C PRO A 36 4.54 -10.57 12.66
N ALA A 37 5.34 -11.33 11.92
CA ALA A 37 4.94 -11.81 10.60
C ALA A 37 3.59 -12.53 10.67
N GLY A 38 2.84 -12.49 9.57
CA GLY A 38 1.52 -13.10 9.54
C GLY A 38 0.43 -12.06 9.80
N GLU A 39 0.67 -11.13 10.71
CA GLU A 39 -0.34 -10.14 11.06
C GLU A 39 -0.71 -9.28 9.85
N LEU A 40 0.28 -8.95 9.03
CA LEU A 40 0.03 -8.12 7.87
C LEU A 40 -0.99 -8.78 6.94
N LEU A 41 -0.79 -10.07 6.67
CA LEU A 41 -1.66 -10.78 5.74
C LEU A 41 -3.09 -10.83 6.27
N ALA A 42 -3.24 -11.14 7.56
CA ALA A 42 -4.58 -11.29 8.12
C ALA A 42 -5.36 -10.00 8.02
N ARG A 43 -4.73 -8.89 8.37
CA ARG A 43 -5.40 -7.60 8.31
C ARG A 43 -5.85 -7.28 6.88
N VAL A 44 -4.98 -7.56 5.92
CA VAL A 44 -5.30 -7.25 4.53
C VAL A 44 -6.56 -7.99 4.08
N ARG A 45 -6.64 -9.27 4.41
CA ARG A 45 -7.75 -10.10 3.97
C ARG A 45 -9.07 -9.69 4.63
N ALA A 46 -9.05 -9.54 5.95
CA ALA A 46 -10.28 -9.26 6.70
C ALA A 46 -10.81 -7.87 6.39
N GLU A 47 -9.91 -6.88 6.38
CA GLU A 47 -10.33 -5.50 6.10
C GLU A 47 -10.57 -5.23 4.61
N ARG A 48 -10.19 -6.17 3.73
CA ARG A 48 -10.35 -5.96 2.29
C ARG A 48 -9.65 -4.68 1.86
N LEU A 49 -8.36 -4.60 2.15
CA LEU A 49 -7.59 -3.40 1.86
C LEU A 49 -7.39 -3.24 0.36
N ASN A 50 -7.41 -1.98 -0.09
CA ASN A 50 -7.24 -1.67 -1.50
C ASN A 50 -5.77 -1.45 -1.83
N GLY A 51 -5.05 -0.76 -0.95
CA GLY A 51 -3.68 -0.38 -1.26
C GLY A 51 -2.78 -0.26 -0.04
N LEU A 52 -1.48 -0.19 -0.31
CA LEU A 52 -0.47 -0.04 0.73
C LEU A 52 0.42 1.18 0.42
N VAL A 53 0.82 1.91 1.46
CA VAL A 53 1.65 3.09 1.27
C VAL A 53 2.97 2.94 2.03
N VAL A 54 4.09 3.21 1.37
CA VAL A 54 5.39 3.25 2.04
C VAL A 54 6.11 4.55 1.74
N SER A 55 6.77 5.10 2.75
CA SER A 55 7.52 6.34 2.59
C SER A 55 9.03 6.10 2.49
N SER A 56 9.51 4.90 2.86
CA SER A 56 10.94 4.65 2.90
C SER A 56 11.29 3.22 2.50
N GLY A 57 12.52 3.02 2.06
CA GLY A 57 12.98 1.68 1.68
C GLY A 57 12.83 0.71 2.85
N GLN A 58 13.15 1.19 4.05
CA GLN A 58 13.06 0.34 5.23
C GLN A 58 11.65 -0.18 5.42
N GLY A 59 10.66 0.70 5.24
CA GLY A 59 9.26 0.30 5.38
C GLY A 59 8.92 -0.80 4.38
N LEU A 60 9.34 -0.62 3.13
CA LEU A 60 9.03 -1.59 2.09
C LEU A 60 9.54 -2.97 2.46
N GLN A 61 10.77 -3.02 2.97
CA GLN A 61 11.38 -4.31 3.33
C GLN A 61 10.57 -4.97 4.44
N ASN A 62 10.14 -4.19 5.43
CA ASN A 62 9.36 -4.73 6.53
C ASN A 62 8.07 -5.36 6.02
N LEU A 63 7.44 -4.69 5.05
CA LEU A 63 6.19 -5.19 4.48
C LEU A 63 6.40 -6.59 3.91
N TYR A 64 7.51 -6.76 3.18
CA TYR A 64 7.81 -8.04 2.56
C TYR A 64 7.96 -9.13 3.61
N GLN A 65 8.72 -8.83 4.66
CA GLN A 65 8.98 -9.83 5.70
C GLN A 65 7.69 -10.27 6.37
N LEU A 66 6.81 -9.33 6.65
CA LEU A 66 5.53 -9.65 7.28
C LEU A 66 4.65 -10.50 6.37
N ALA A 67 4.71 -10.23 5.07
CA ALA A 67 3.95 -11.02 4.09
C ALA A 67 4.34 -12.49 4.15
N ALA A 68 5.64 -12.74 4.35
CA ALA A 68 6.10 -14.11 4.54
C ALA A 68 5.74 -14.96 3.31
N ALA A 69 5.39 -16.25 3.49
CA ALA A 69 5.16 -17.13 2.35
C ALA A 69 4.06 -16.63 1.42
N ASP A 70 3.17 -15.77 1.92
CA ASP A 70 2.03 -15.33 1.12
C ASP A 70 2.29 -14.05 0.33
N TRP A 71 3.55 -13.63 0.21
CA TRP A 71 3.90 -12.46 -0.58
C TRP A 71 3.25 -12.47 -1.98
N PRO A 72 3.29 -13.56 -2.71
CA PRO A 72 2.60 -13.62 -4.05
C PRO A 72 1.19 -13.02 -4.04
N GLU A 73 0.43 -13.27 -2.98
CA GLU A 73 -0.93 -12.77 -2.90
C GLU A 73 -0.95 -11.29 -2.56
N ILE A 74 -0.20 -10.92 -1.52
CA ILE A 74 -0.17 -9.53 -1.05
C ILE A 74 0.33 -8.59 -2.15
N GLY A 75 1.31 -9.04 -2.91
CA GLY A 75 1.92 -8.22 -3.96
C GLY A 75 0.91 -7.78 -5.03
N ARG A 76 -0.26 -8.40 -5.06
CA ARG A 76 -1.29 -8.04 -6.03
C ARG A 76 -1.82 -6.62 -5.81
N LEU A 77 -1.81 -6.17 -4.55
CA LEU A 77 -2.37 -4.86 -4.23
C LEU A 77 -1.44 -3.74 -4.71
N PRO A 78 -1.95 -2.66 -5.26
CA PRO A 78 -1.09 -1.51 -5.69
C PRO A 78 -0.27 -0.94 -4.53
N LEU A 79 1.02 -0.70 -4.77
CA LEU A 79 1.88 -0.08 -3.77
C LEU A 79 2.24 1.35 -4.19
N PHE A 80 2.05 2.30 -3.27
CA PHE A 80 2.44 3.68 -3.51
C PHE A 80 3.87 3.90 -3.01
N VAL A 81 4.74 4.41 -3.88
CA VAL A 81 6.12 4.72 -3.49
C VAL A 81 6.39 6.22 -3.62
N PRO A 82 7.23 6.80 -2.81
CA PRO A 82 7.45 8.28 -2.82
C PRO A 82 8.36 8.75 -3.95
N SER A 83 9.24 7.87 -4.43
CA SER A 83 10.26 8.29 -5.40
C SER A 83 10.51 7.20 -6.45
N PRO A 84 11.11 7.54 -7.58
CA PRO A 84 11.46 6.53 -8.61
C PRO A 84 12.31 5.41 -8.04
N ARG A 85 13.31 5.76 -7.24
CA ARG A 85 14.22 4.76 -6.68
C ARG A 85 13.46 3.73 -5.85
N VAL A 86 12.56 4.20 -4.99
CA VAL A 86 11.74 3.30 -4.18
C VAL A 86 10.91 2.39 -5.09
N ALA A 87 10.36 2.97 -6.16
CA ALA A 87 9.54 2.20 -7.09
C ALA A 87 10.34 1.03 -7.66
N GLU A 88 11.60 1.27 -7.99
CA GLU A 88 12.45 0.23 -8.55
C GLU A 88 12.61 -0.92 -7.55
N MET A 89 12.79 -0.57 -6.27
CA MET A 89 12.94 -1.58 -5.24
C MET A 89 11.69 -2.48 -5.19
N ALA A 90 10.53 -1.86 -5.26
CA ALA A 90 9.27 -2.59 -5.20
C ALA A 90 9.17 -3.58 -6.37
N ARG A 91 9.59 -3.13 -7.54
CA ARG A 91 9.57 -3.99 -8.73
C ARG A 91 10.45 -5.21 -8.50
N GLU A 92 11.64 -4.99 -7.96
CA GLU A 92 12.58 -6.09 -7.74
C GLU A 92 11.97 -7.17 -6.84
N LEU A 93 11.18 -6.74 -5.85
CA LEU A 93 10.49 -7.69 -4.98
C LEU A 93 9.46 -8.54 -5.73
N GLY A 94 8.93 -8.02 -6.83
CA GLY A 94 7.88 -8.72 -7.56
C GLY A 94 6.51 -8.05 -7.45
N ALA A 95 6.45 -6.80 -6.96
CA ALA A 95 5.16 -6.11 -6.83
C ALA A 95 4.47 -6.04 -8.18
N GLN A 96 3.26 -6.59 -8.24
CA GLN A 96 2.56 -6.75 -9.51
C GLN A 96 2.15 -5.40 -10.09
N ARG A 97 1.79 -4.46 -9.22
CA ARG A 97 1.42 -3.12 -9.66
C ARG A 97 2.14 -2.08 -8.81
N VAL A 98 2.99 -1.28 -9.46
CA VAL A 98 3.76 -0.24 -8.75
C VAL A 98 3.31 1.14 -9.22
N ILE A 99 3.02 2.01 -8.25
CA ILE A 99 2.54 3.35 -8.53
C ILE A 99 3.52 4.40 -7.98
N ASP A 100 3.97 5.29 -8.84
CA ASP A 100 4.84 6.39 -8.39
C ASP A 100 4.00 7.64 -8.12
N CYS A 101 4.01 8.10 -6.87
CA CYS A 101 3.22 9.26 -6.50
C CYS A 101 4.01 10.58 -6.60
N ARG A 102 5.32 10.51 -6.83
CA ARG A 102 6.14 11.72 -6.94
C ARG A 102 5.58 12.68 -7.99
N GLY A 103 5.11 12.11 -9.10
CA GLY A 103 4.53 12.92 -10.16
C GLY A 103 3.00 12.94 -10.08
N ALA A 104 2.42 11.82 -9.67
CA ALA A 104 0.96 11.73 -9.55
C ALA A 104 0.46 12.60 -8.40
N SER A 105 -0.71 13.18 -8.58
CA SER A 105 -1.31 14.02 -7.54
C SER A 105 -2.17 13.18 -6.60
N ALA A 106 -2.30 13.63 -5.36
CA ALA A 106 -3.07 12.90 -4.36
C ALA A 106 -4.46 12.47 -4.88
N PRO A 107 -5.28 13.37 -5.38
CA PRO A 107 -6.62 12.96 -5.94
C PRO A 107 -6.46 11.89 -7.02
N ALA A 108 -5.41 12.00 -7.82
CA ALA A 108 -5.15 10.99 -8.85
C ALA A 108 -4.96 9.62 -8.19
N LEU A 109 -4.24 9.58 -7.08
CA LEU A 109 -4.02 8.34 -6.36
C LEU A 109 -5.36 7.72 -5.94
N LEU A 110 -6.29 8.57 -5.50
CA LEU A 110 -7.61 8.10 -5.10
C LEU A 110 -8.28 7.36 -6.25
N ALA A 111 -8.16 7.93 -7.45
CA ALA A 111 -8.71 7.30 -8.65
C ALA A 111 -8.07 5.93 -8.86
N ALA A 112 -6.77 5.85 -8.64
CA ALA A 112 -6.04 4.59 -8.80
C ALA A 112 -6.61 3.52 -7.89
N LEU A 113 -6.93 3.91 -6.66
CA LEU A 113 -7.48 2.96 -5.69
C LEU A 113 -8.75 2.32 -6.22
N THR A 114 -9.66 3.16 -6.67
CA THR A 114 -10.96 2.68 -7.11
C THR A 114 -10.83 1.76 -8.33
N SER A 115 -9.95 2.11 -9.26
CA SER A 115 -9.76 1.31 -10.46
C SER A 115 -9.16 -0.06 -10.11
N ALA A 116 -8.23 -0.09 -9.16
CA ALA A 116 -7.58 -1.33 -8.76
C ALA A 116 -8.59 -2.30 -8.16
N ALA A 117 -9.52 -1.78 -7.37
CA ALA A 117 -10.55 -2.62 -6.75
C ALA A 117 -11.36 -3.36 -7.81
N LEU A 118 -11.61 -2.69 -8.94
CA LEU A 118 -12.38 -3.31 -10.02
C LEU A 118 -11.70 -4.59 -10.53
N GLU A 119 -10.37 -4.61 -10.52
CA GLU A 119 -9.63 -5.76 -11.02
C GLU A 119 -10.01 -7.04 -10.26
N HIS A 120 -10.31 -6.91 -8.97
CA HIS A 120 -10.69 -8.07 -8.17
C HIS A 120 -11.85 -8.83 -8.81
N HIS A 121 -12.78 -8.11 -9.43
CA HIS A 121 -13.94 -8.73 -10.05
C HIS A 121 -13.76 -8.83 -11.56
N HIS A 122 -14.19 -9.95 -12.13
CA HIS A 122 -14.06 -10.18 -13.57
C HIS A 122 -15.44 -10.22 -14.22
N HIS A 123 -15.54 -9.65 -15.42
CA HIS A 123 -16.80 -9.62 -16.16
C HIS A 123 -16.71 -10.44 -17.43
N HIS A 124 -17.61 -11.41 -17.57
CA HIS A 124 -17.59 -12.30 -18.73
C HIS A 124 -17.67 -11.49 -20.02
N HIS A 125 -18.50 -10.44 -20.03
CA HIS A 125 -18.66 -9.61 -21.21
C HIS A 125 -17.79 -8.38 -21.12
N MET A 1 -17.99 3.61 -2.39
CA MET A 1 -17.26 2.79 -1.38
C MET A 1 -16.22 3.66 -0.68
N ASP A 2 -15.59 3.10 0.34
CA ASP A 2 -14.57 3.81 1.11
C ASP A 2 -13.27 3.02 1.14
N PRO A 3 -12.47 3.06 0.10
CA PRO A 3 -11.23 2.22 0.02
C PRO A 3 -10.38 2.35 1.28
N LYS A 4 -9.63 1.30 1.60
CA LYS A 4 -8.80 1.29 2.79
C LYS A 4 -7.32 1.10 2.43
N VAL A 5 -6.43 1.80 3.15
CA VAL A 5 -4.99 1.61 2.94
C VAL A 5 -4.24 1.48 4.26
N LEU A 6 -3.20 0.67 4.23
CA LEU A 6 -2.35 0.46 5.40
C LEU A 6 -1.02 1.19 5.22
N ILE A 7 -0.58 1.88 6.27
CA ILE A 7 0.65 2.67 6.20
C ILE A 7 1.79 1.94 6.91
N MET A 8 2.95 1.92 6.25
CA MET A 8 4.15 1.36 6.84
C MET A 8 4.89 2.44 7.63
N ARG A 9 5.33 2.09 8.84
CA ARG A 9 6.02 3.04 9.69
C ARG A 9 7.27 3.58 8.99
N GLY A 10 7.52 4.87 9.17
CA GLY A 10 8.68 5.50 8.54
C GLY A 10 8.93 6.89 9.13
N GLU A 11 10.01 7.52 8.70
CA GLU A 11 10.37 8.85 9.20
C GLU A 11 9.22 9.84 8.98
N GLY A 12 8.48 9.68 7.89
CA GLY A 12 7.38 10.57 7.58
C GLY A 12 6.39 10.66 8.74
N GLY A 13 5.56 11.70 8.73
CA GLY A 13 4.61 11.90 9.81
C GLY A 13 3.32 11.11 9.57
N ARG A 14 3.01 10.20 10.49
CA ARG A 14 1.82 9.38 10.36
C ARG A 14 0.58 10.25 10.24
N GLU A 15 0.51 11.28 11.08
CA GLU A 15 -0.66 12.15 11.10
C GLU A 15 -0.84 12.88 9.77
N PHE A 16 0.26 13.36 9.19
CA PHE A 16 0.17 14.13 7.96
C PHE A 16 -0.49 13.33 6.85
N LEU A 17 0.07 12.15 6.55
CA LEU A 17 -0.44 11.34 5.47
C LEU A 17 -1.89 10.92 5.72
N ALA A 18 -2.20 10.57 6.97
CA ALA A 18 -3.54 10.12 7.31
C ALA A 18 -4.58 11.20 7.01
N GLU A 19 -4.31 12.43 7.42
CA GLU A 19 -5.28 13.50 7.22
C GLU A 19 -5.58 13.69 5.74
N ARG A 20 -4.55 13.60 4.90
CA ARG A 20 -4.76 13.79 3.46
C ARG A 20 -5.72 12.73 2.91
N LEU A 21 -5.46 11.46 3.20
CA LEU A 21 -6.28 10.38 2.64
C LEU A 21 -7.70 10.44 3.20
N ARG A 22 -7.84 10.80 4.48
CA ARG A 22 -9.16 10.91 5.09
C ARG A 22 -10.00 11.96 4.38
N GLY A 23 -9.39 13.10 4.07
CA GLY A 23 -10.12 14.19 3.40
C GLY A 23 -10.68 13.75 2.05
N GLN A 24 -9.99 12.83 1.38
CA GLN A 24 -10.46 12.32 0.09
C GLN A 24 -11.41 11.14 0.20
N GLY A 25 -11.85 10.79 1.41
CA GLY A 25 -12.83 9.71 1.59
C GLY A 25 -12.18 8.33 1.76
N VAL A 26 -10.87 8.28 1.97
CA VAL A 26 -10.18 7.01 2.19
C VAL A 26 -9.92 6.79 3.67
N GLN A 27 -10.10 5.55 4.13
CA GLN A 27 -9.86 5.22 5.53
C GLN A 27 -8.40 4.89 5.74
N VAL A 28 -7.82 5.38 6.83
CA VAL A 28 -6.39 5.22 7.08
C VAL A 28 -6.14 4.40 8.34
N ASP A 29 -5.28 3.40 8.22
CA ASP A 29 -4.80 2.66 9.38
C ASP A 29 -3.29 2.49 9.28
N TYR A 30 -2.57 2.81 10.35
CA TYR A 30 -1.11 2.71 10.35
C TYR A 30 -0.64 1.60 11.28
N LEU A 31 0.32 0.81 10.80
CA LEU A 31 0.83 -0.34 11.56
C LEU A 31 2.31 -0.15 11.91
N PRO A 32 2.67 -0.01 13.17
CA PRO A 32 4.12 0.08 13.55
C PRO A 32 4.93 -1.10 13.01
N LEU A 33 6.11 -0.81 12.49
CA LEU A 33 6.98 -1.84 11.92
C LEU A 33 7.36 -2.94 12.93
N ASP A 34 7.07 -2.73 14.21
CA ASP A 34 7.45 -3.72 15.23
C ASP A 34 6.53 -4.94 15.26
N TYR A 35 5.45 -4.95 14.49
CA TYR A 35 4.51 -6.07 14.51
C TYR A 35 5.19 -7.35 13.98
N PRO A 36 4.85 -8.51 14.49
CA PRO A 36 5.50 -9.78 14.03
C PRO A 36 4.89 -10.32 12.74
N ALA A 37 5.68 -11.13 12.03
CA ALA A 37 5.24 -11.70 10.75
C ALA A 37 3.89 -12.41 10.89
N GLY A 38 3.13 -12.44 9.81
CA GLY A 38 1.81 -13.04 9.83
C GLY A 38 0.71 -12.00 10.05
N GLU A 39 0.99 -11.02 10.91
CA GLU A 39 -0.03 -10.01 11.23
C GLU A 39 -0.41 -9.21 9.98
N LEU A 40 0.56 -8.94 9.11
CA LEU A 40 0.29 -8.16 7.91
C LEU A 40 -0.78 -8.85 7.06
N LEU A 41 -0.61 -10.15 6.86
CA LEU A 41 -1.53 -10.90 6.01
C LEU A 41 -2.94 -10.88 6.58
N ALA A 42 -3.05 -11.12 7.88
CA ALA A 42 -4.36 -11.20 8.51
C ALA A 42 -5.11 -9.87 8.38
N ARG A 43 -4.41 -8.77 8.62
CA ARG A 43 -5.02 -7.45 8.53
C ARG A 43 -5.55 -7.19 7.12
N VAL A 44 -4.76 -7.57 6.12
CA VAL A 44 -5.15 -7.31 4.73
C VAL A 44 -6.45 -8.03 4.42
N ARG A 45 -6.56 -9.28 4.81
CA ARG A 45 -7.73 -10.09 4.49
C ARG A 45 -8.99 -9.59 5.20
N ALA A 46 -8.90 -9.41 6.52
CA ALA A 46 -10.07 -9.07 7.31
C ALA A 46 -10.57 -7.66 6.98
N GLU A 47 -9.65 -6.70 6.88
CA GLU A 47 -10.03 -5.33 6.56
C GLU A 47 -10.33 -5.11 5.07
N ARG A 48 -10.02 -6.09 4.22
CA ARG A 48 -10.25 -5.94 2.77
C ARG A 48 -9.56 -4.68 2.25
N LEU A 49 -8.26 -4.59 2.48
CA LEU A 49 -7.50 -3.40 2.10
C LEU A 49 -7.29 -3.35 0.59
N ASN A 50 -7.33 -2.15 0.04
CA ASN A 50 -7.13 -1.95 -1.38
C ASN A 50 -5.67 -1.73 -1.71
N GLY A 51 -4.98 -0.95 -0.86
CA GLY A 51 -3.62 -0.53 -1.19
C GLY A 51 -2.71 -0.37 0.02
N LEU A 52 -1.41 -0.28 -0.26
CA LEU A 52 -0.41 -0.12 0.78
C LEU A 52 0.48 1.08 0.48
N VAL A 53 0.93 1.78 1.52
CA VAL A 53 1.80 2.95 1.34
C VAL A 53 3.11 2.76 2.09
N VAL A 54 4.23 3.06 1.43
CA VAL A 54 5.53 3.04 2.09
C VAL A 54 6.24 4.38 1.92
N SER A 55 6.86 4.84 3.00
CA SER A 55 7.61 6.10 2.95
C SER A 55 9.08 5.89 2.57
N SER A 56 9.60 4.65 2.67
CA SER A 56 11.01 4.41 2.40
C SER A 56 11.28 2.96 2.02
N GLY A 57 12.42 2.73 1.39
CA GLY A 57 12.81 1.37 1.01
C GLY A 57 12.82 0.44 2.21
N GLN A 58 13.25 0.96 3.37
CA GLN A 58 13.33 0.13 4.56
C GLN A 58 11.95 -0.43 4.93
N GLY A 59 10.93 0.42 4.89
CA GLY A 59 9.57 -0.02 5.18
C GLY A 59 9.13 -1.10 4.21
N LEU A 60 9.45 -0.90 2.93
CA LEU A 60 9.05 -1.87 1.90
C LEU A 60 9.61 -3.25 2.21
N GLN A 61 10.89 -3.30 2.54
CA GLN A 61 11.55 -4.58 2.83
C GLN A 61 10.90 -5.27 4.02
N ASN A 62 10.61 -4.50 5.05
CA ASN A 62 9.96 -5.04 6.24
C ASN A 62 8.61 -5.64 5.88
N LEU A 63 7.88 -4.96 4.99
CA LEU A 63 6.58 -5.44 4.54
C LEU A 63 6.71 -6.83 3.94
N TYR A 64 7.75 -7.01 3.15
CA TYR A 64 7.99 -8.31 2.52
C TYR A 64 8.15 -9.39 3.58
N GLN A 65 8.95 -9.10 4.59
CA GLN A 65 9.22 -10.08 5.64
C GLN A 65 7.93 -10.47 6.36
N LEU A 66 7.11 -9.48 6.67
CA LEU A 66 5.84 -9.73 7.36
C LEU A 66 4.88 -10.55 6.48
N ALA A 67 4.91 -10.29 5.18
CA ALA A 67 4.07 -11.02 4.24
C ALA A 67 4.36 -12.51 4.28
N ALA A 68 5.64 -12.85 4.43
CA ALA A 68 6.03 -14.24 4.59
C ALA A 68 5.57 -15.05 3.36
N ALA A 69 5.14 -16.31 3.53
CA ALA A 69 4.79 -17.15 2.39
C ALA A 69 3.68 -16.56 1.53
N ASP A 70 2.90 -15.62 2.06
CA ASP A 70 1.75 -15.08 1.33
C ASP A 70 2.09 -13.83 0.51
N TRP A 71 3.37 -13.50 0.35
CA TRP A 71 3.77 -12.34 -0.46
C TRP A 71 3.07 -12.33 -1.83
N PRO A 72 3.03 -13.41 -2.57
CA PRO A 72 2.33 -13.42 -3.90
C PRO A 72 0.96 -12.76 -3.86
N GLU A 73 0.20 -12.99 -2.78
CA GLU A 73 -1.14 -12.42 -2.68
C GLU A 73 -1.08 -10.94 -2.31
N ILE A 74 -0.29 -10.62 -1.29
CA ILE A 74 -0.20 -9.24 -0.80
C ILE A 74 0.28 -8.30 -1.91
N GLY A 75 1.22 -8.76 -2.71
CA GLY A 75 1.83 -7.95 -3.75
C GLY A 75 0.87 -7.60 -4.89
N ARG A 76 -0.38 -8.08 -4.82
CA ARG A 76 -1.36 -7.76 -5.86
C ARG A 76 -2.16 -6.49 -5.56
N LEU A 77 -1.91 -5.84 -4.41
CA LEU A 77 -2.52 -4.55 -4.13
C LEU A 77 -1.62 -3.43 -4.65
N PRO A 78 -2.14 -2.37 -5.25
CA PRO A 78 -1.29 -1.23 -5.70
C PRO A 78 -0.41 -0.70 -4.56
N LEU A 79 0.88 -0.52 -4.83
CA LEU A 79 1.79 0.03 -3.83
C LEU A 79 2.15 1.47 -4.16
N PHE A 80 1.98 2.36 -3.18
CA PHE A 80 2.35 3.76 -3.34
C PHE A 80 3.77 3.98 -2.84
N VAL A 81 4.62 4.58 -3.67
CA VAL A 81 6.00 4.87 -3.26
C VAL A 81 6.30 6.36 -3.41
N PRO A 82 7.19 6.92 -2.62
CA PRO A 82 7.46 8.39 -2.65
C PRO A 82 8.34 8.84 -3.80
N SER A 83 9.10 7.91 -4.40
CA SER A 83 10.11 8.28 -5.38
C SER A 83 10.31 7.20 -6.44
N PRO A 84 10.90 7.52 -7.56
CA PRO A 84 11.19 6.49 -8.62
C PRO A 84 12.04 5.35 -8.07
N ARG A 85 13.08 5.69 -7.31
CA ARG A 85 13.98 4.68 -6.78
C ARG A 85 13.22 3.66 -5.93
N VAL A 86 12.36 4.15 -5.05
CA VAL A 86 11.54 3.27 -4.22
C VAL A 86 10.64 2.41 -5.10
N ALA A 87 10.11 2.98 -6.17
CA ALA A 87 9.28 2.22 -7.11
C ALA A 87 10.05 1.03 -7.66
N GLU A 88 11.32 1.24 -7.96
CA GLU A 88 12.16 0.16 -8.48
C GLU A 88 12.27 -0.97 -7.46
N MET A 89 12.40 -0.61 -6.19
CA MET A 89 12.48 -1.61 -5.12
C MET A 89 11.25 -2.50 -5.13
N ALA A 90 10.08 -1.88 -5.24
CA ALA A 90 8.82 -2.61 -5.23
C ALA A 90 8.73 -3.58 -6.40
N ARG A 91 9.16 -3.13 -7.57
CA ARG A 91 9.13 -3.97 -8.76
C ARG A 91 10.02 -5.20 -8.58
N GLU A 92 11.21 -4.99 -8.04
CA GLU A 92 12.17 -6.09 -7.87
C GLU A 92 11.60 -7.19 -6.99
N LEU A 93 10.82 -6.80 -5.98
CA LEU A 93 10.17 -7.78 -5.12
C LEU A 93 9.13 -8.61 -5.87
N GLY A 94 8.57 -8.08 -6.95
CA GLY A 94 7.54 -8.78 -7.71
C GLY A 94 6.15 -8.14 -7.61
N ALA A 95 6.06 -6.90 -7.10
CA ALA A 95 4.76 -6.23 -6.99
C ALA A 95 4.14 -6.11 -8.37
N GLN A 96 2.88 -6.49 -8.50
CA GLN A 96 2.22 -6.47 -9.80
C GLN A 96 2.15 -5.03 -10.31
N ARG A 97 1.80 -4.12 -9.42
CA ARG A 97 1.56 -2.73 -9.78
C ARG A 97 2.29 -1.78 -8.83
N VAL A 98 3.20 -0.99 -9.38
CA VAL A 98 3.93 0.00 -8.59
C VAL A 98 3.56 1.41 -9.05
N ILE A 99 3.18 2.26 -8.11
CA ILE A 99 2.70 3.60 -8.40
C ILE A 99 3.64 4.64 -7.79
N ASP A 100 4.16 5.54 -8.61
CA ASP A 100 5.00 6.63 -8.12
C ASP A 100 4.15 7.88 -7.89
N CYS A 101 4.10 8.33 -6.63
CA CYS A 101 3.31 9.51 -6.30
C CYS A 101 4.11 10.82 -6.38
N ARG A 102 5.42 10.74 -6.60
CA ARG A 102 6.25 11.95 -6.68
C ARG A 102 5.71 12.91 -7.74
N GLY A 103 5.26 12.35 -8.87
CA GLY A 103 4.70 13.16 -9.94
C GLY A 103 3.17 13.20 -9.87
N ALA A 104 2.56 12.09 -9.47
CA ALA A 104 1.12 12.02 -9.35
C ALA A 104 0.65 12.77 -8.10
N SER A 105 -0.51 13.42 -8.21
CA SER A 105 -1.06 14.18 -7.09
C SER A 105 -1.95 13.28 -6.23
N ALA A 106 -2.22 13.71 -5.00
CA ALA A 106 -3.07 12.96 -4.08
C ALA A 106 -4.37 12.49 -4.74
N PRO A 107 -5.17 13.36 -5.32
CA PRO A 107 -6.45 12.92 -5.96
C PRO A 107 -6.22 11.87 -7.04
N ALA A 108 -5.10 12.00 -7.76
CA ALA A 108 -4.75 11.01 -8.77
C ALA A 108 -4.60 9.63 -8.14
N LEU A 109 -3.94 9.60 -6.97
CA LEU A 109 -3.76 8.34 -6.27
C LEU A 109 -5.11 7.71 -5.93
N LEU A 110 -6.07 8.54 -5.53
CA LEU A 110 -7.41 8.05 -5.21
C LEU A 110 -8.01 7.33 -6.42
N ALA A 111 -7.84 7.93 -7.59
CA ALA A 111 -8.35 7.34 -8.81
C ALA A 111 -7.72 5.98 -9.07
N ALA A 112 -6.41 5.88 -8.78
CA ALA A 112 -5.70 4.62 -9.00
C ALA A 112 -6.29 3.50 -8.16
N LEU A 113 -6.62 3.80 -6.90
CA LEU A 113 -7.19 2.80 -6.02
C LEU A 113 -8.47 2.23 -6.61
N THR A 114 -9.37 3.11 -7.01
CA THR A 114 -10.67 2.68 -7.51
C THR A 114 -10.55 1.88 -8.80
N SER A 115 -9.66 2.30 -9.69
CA SER A 115 -9.47 1.59 -10.95
C SER A 115 -8.89 0.19 -10.73
N ALA A 116 -7.97 0.08 -9.78
CA ALA A 116 -7.33 -1.18 -9.48
C ALA A 116 -8.34 -2.21 -8.96
N ALA A 117 -9.22 -1.76 -8.07
CA ALA A 117 -10.23 -2.65 -7.51
C ALA A 117 -11.15 -3.19 -8.60
N LEU A 118 -11.52 -2.33 -9.54
CA LEU A 118 -12.37 -2.73 -10.65
C LEU A 118 -11.67 -3.76 -11.53
N GLU A 119 -10.36 -3.58 -11.72
CA GLU A 119 -9.58 -4.48 -12.56
C GLU A 119 -9.66 -5.93 -12.06
N HIS A 120 -9.73 -6.10 -10.74
CA HIS A 120 -9.75 -7.43 -10.15
C HIS A 120 -10.92 -8.25 -10.70
N HIS A 121 -12.07 -7.61 -10.83
CA HIS A 121 -13.26 -8.30 -11.34
C HIS A 121 -13.66 -7.77 -12.71
N HIS A 122 -13.96 -8.68 -13.63
CA HIS A 122 -14.37 -8.30 -14.99
C HIS A 122 -15.77 -8.80 -15.28
N HIS A 123 -16.63 -7.90 -15.77
CA HIS A 123 -18.00 -8.27 -16.10
C HIS A 123 -18.02 -9.34 -17.18
N HIS A 124 -17.14 -9.21 -18.17
CA HIS A 124 -17.05 -10.19 -19.26
C HIS A 124 -15.73 -10.95 -19.18
N HIS A 125 -15.81 -12.26 -19.42
CA HIS A 125 -14.62 -13.10 -19.38
C HIS A 125 -14.67 -14.14 -20.48
N MET A 1 -18.04 4.24 -2.34
CA MET A 1 -17.28 3.28 -1.48
C MET A 1 -16.23 4.03 -0.68
N ASP A 2 -15.67 3.36 0.32
CA ASP A 2 -14.66 3.97 1.19
C ASP A 2 -13.40 3.10 1.21
N PRO A 3 -12.57 3.15 0.19
CA PRO A 3 -11.36 2.26 0.11
C PRO A 3 -10.52 2.33 1.39
N LYS A 4 -9.78 1.26 1.67
CA LYS A 4 -8.94 1.22 2.86
C LYS A 4 -7.46 1.13 2.50
N VAL A 5 -6.60 1.83 3.23
CA VAL A 5 -5.16 1.74 3.01
C VAL A 5 -4.39 1.62 4.32
N LEU A 6 -3.32 0.83 4.27
CA LEU A 6 -2.46 0.61 5.43
C LEU A 6 -1.17 1.39 5.28
N ILE A 7 -0.76 2.07 6.34
CA ILE A 7 0.44 2.90 6.30
C ILE A 7 1.60 2.20 7.01
N MET A 8 2.76 2.24 6.38
CA MET A 8 3.98 1.76 7.00
C MET A 8 4.80 2.94 7.52
N ARG A 9 5.29 2.83 8.74
CA ARG A 9 5.99 3.95 9.38
C ARG A 9 7.17 4.41 8.52
N GLY A 10 7.43 5.70 8.55
CA GLY A 10 8.50 6.28 7.74
C GLY A 10 9.00 7.59 8.34
N GLU A 11 10.04 8.16 7.75
CA GLU A 11 10.60 9.42 8.24
C GLU A 11 9.56 10.53 8.26
N GLY A 12 8.63 10.50 7.31
CA GLY A 12 7.60 11.53 7.23
C GLY A 12 6.68 11.47 8.44
N GLY A 13 5.73 12.41 8.51
CA GLY A 13 4.82 12.47 9.64
C GLY A 13 3.62 11.55 9.45
N ARG A 14 3.44 10.63 10.40
CA ARG A 14 2.32 9.68 10.33
C ARG A 14 1.00 10.44 10.25
N GLU A 15 0.87 11.46 11.09
CA GLU A 15 -0.37 12.23 11.15
C GLU A 15 -0.63 12.95 9.84
N PHE A 16 0.42 13.51 9.24
CA PHE A 16 0.26 14.28 8.01
C PHE A 16 -0.40 13.43 6.92
N LEU A 17 0.22 12.29 6.61
CA LEU A 17 -0.27 11.44 5.53
C LEU A 17 -1.69 10.96 5.82
N ALA A 18 -1.94 10.59 7.06
CA ALA A 18 -3.26 10.06 7.42
C ALA A 18 -4.36 11.08 7.18
N GLU A 19 -4.13 12.33 7.56
CA GLU A 19 -5.14 13.36 7.39
C GLU A 19 -5.48 13.55 5.92
N ARG A 20 -4.46 13.50 5.06
CA ARG A 20 -4.70 13.68 3.62
C ARG A 20 -5.64 12.61 3.08
N LEU A 21 -5.33 11.34 3.34
CA LEU A 21 -6.13 10.25 2.81
C LEU A 21 -7.55 10.28 3.38
N ARG A 22 -7.68 10.63 4.66
CA ARG A 22 -8.98 10.71 5.30
C ARG A 22 -9.84 11.79 4.65
N GLY A 23 -9.25 12.96 4.39
CA GLY A 23 -9.99 14.06 3.80
C GLY A 23 -10.60 13.69 2.44
N GLN A 24 -9.93 12.79 1.72
CA GLN A 24 -10.45 12.36 0.41
C GLN A 24 -11.41 11.18 0.49
N GLY A 25 -11.84 10.79 1.69
CA GLY A 25 -12.86 9.75 1.84
C GLY A 25 -12.26 8.34 1.98
N VAL A 26 -10.96 8.23 2.23
CA VAL A 26 -10.33 6.93 2.41
C VAL A 26 -10.11 6.64 3.89
N GLN A 27 -10.38 5.41 4.31
CA GLN A 27 -10.18 5.01 5.69
C GLN A 27 -8.69 4.73 5.91
N VAL A 28 -8.14 5.27 6.99
CA VAL A 28 -6.70 5.18 7.22
C VAL A 28 -6.39 4.39 8.48
N ASP A 29 -5.48 3.44 8.36
CA ASP A 29 -4.95 2.73 9.52
C ASP A 29 -3.44 2.56 9.36
N TYR A 30 -2.67 2.92 10.39
CA TYR A 30 -1.21 2.80 10.32
C TYR A 30 -0.71 1.75 11.31
N LEU A 31 0.22 0.90 10.85
CA LEU A 31 0.71 -0.21 11.64
C LEU A 31 2.20 0.02 11.99
N PRO A 32 2.64 -0.22 13.21
CA PRO A 32 4.10 -0.17 13.53
C PRO A 32 4.85 -1.37 12.96
N LEU A 33 6.00 -1.11 12.35
CA LEU A 33 6.81 -2.18 11.76
C LEU A 33 7.22 -3.26 12.77
N ASP A 34 7.03 -3.01 14.07
CA ASP A 34 7.48 -3.95 15.09
C ASP A 34 6.55 -5.17 15.24
N TYR A 35 5.40 -5.18 14.56
CA TYR A 35 4.48 -6.31 14.68
C TYR A 35 5.07 -7.57 14.05
N PRO A 36 4.72 -8.75 14.53
CA PRO A 36 5.31 -10.02 14.00
C PRO A 36 4.69 -10.46 12.67
N ALA A 37 5.44 -11.24 11.91
CA ALA A 37 4.99 -11.72 10.61
C ALA A 37 3.63 -12.40 10.72
N GLY A 38 2.87 -12.36 9.63
CA GLY A 38 1.53 -12.93 9.62
C GLY A 38 0.46 -11.88 9.89
N GLU A 39 0.75 -10.93 10.79
CA GLU A 39 -0.24 -9.92 11.14
C GLU A 39 -0.65 -9.10 9.93
N LEU A 40 0.32 -8.79 9.07
CA LEU A 40 0.05 -7.99 7.89
C LEU A 40 -0.97 -8.69 7.00
N LEU A 41 -0.74 -9.97 6.74
CA LEU A 41 -1.60 -10.71 5.82
C LEU A 41 -3.04 -10.73 6.33
N ALA A 42 -3.20 -10.94 7.62
CA ALA A 42 -4.54 -11.07 8.20
C ALA A 42 -5.34 -9.79 8.00
N ARG A 43 -4.72 -8.65 8.29
CA ARG A 43 -5.41 -7.37 8.14
C ARG A 43 -5.82 -7.14 6.69
N VAL A 44 -4.94 -7.50 5.76
CA VAL A 44 -5.21 -7.26 4.35
C VAL A 44 -6.47 -8.02 3.92
N ARG A 45 -6.56 -9.29 4.31
CA ARG A 45 -7.67 -10.13 3.90
C ARG A 45 -8.99 -9.69 4.51
N ALA A 46 -9.02 -9.53 5.84
CA ALA A 46 -10.25 -9.24 6.54
C ALA A 46 -10.81 -7.86 6.19
N GLU A 47 -9.93 -6.86 6.14
CA GLU A 47 -10.36 -5.50 5.83
C GLU A 47 -10.56 -5.26 4.33
N ARG A 48 -10.14 -6.20 3.48
CA ARG A 48 -10.26 -6.02 2.04
C ARG A 48 -9.55 -4.72 1.61
N LEU A 49 -8.28 -4.62 1.97
CA LEU A 49 -7.54 -3.38 1.72
C LEU A 49 -7.32 -3.15 0.22
N ASN A 50 -7.38 -1.88 -0.17
CA ASN A 50 -7.21 -1.50 -1.56
C ASN A 50 -5.75 -1.20 -1.86
N GLY A 51 -5.06 -0.54 -0.94
CA GLY A 51 -3.69 -0.10 -1.21
C GLY A 51 -2.79 -0.08 0.02
N LEU A 52 -1.49 -0.08 -0.25
CA LEU A 52 -0.48 0.01 0.80
C LEU A 52 0.47 1.18 0.51
N VAL A 53 0.91 1.88 1.54
CA VAL A 53 1.79 3.04 1.34
C VAL A 53 3.11 2.85 2.10
N VAL A 54 4.24 3.09 1.42
CA VAL A 54 5.54 3.11 2.07
C VAL A 54 6.25 4.44 1.83
N SER A 55 7.01 4.88 2.83
CA SER A 55 7.76 6.11 2.72
C SER A 55 9.22 5.88 2.35
N SER A 56 9.75 4.67 2.59
CA SER A 56 11.17 4.41 2.37
C SER A 56 11.44 2.95 2.05
N GLY A 57 12.61 2.69 1.49
CA GLY A 57 13.01 1.32 1.17
C GLY A 57 12.95 0.42 2.39
N GLN A 58 13.32 0.97 3.56
CA GLN A 58 13.34 0.17 4.78
C GLN A 58 11.96 -0.40 5.08
N GLY A 59 10.93 0.45 4.97
CA GLY A 59 9.57 -0.01 5.20
C GLY A 59 9.19 -1.10 4.22
N LEU A 60 9.54 -0.90 2.95
CA LEU A 60 9.20 -1.87 1.92
C LEU A 60 9.76 -3.25 2.26
N GLN A 61 11.01 -3.28 2.69
CA GLN A 61 11.65 -4.55 3.04
C GLN A 61 10.90 -5.23 4.18
N ASN A 62 10.55 -4.45 5.19
CA ASN A 62 9.80 -4.98 6.33
C ASN A 62 8.47 -5.58 5.86
N LEU A 63 7.84 -4.93 4.89
CA LEU A 63 6.57 -5.42 4.34
C LEU A 63 6.74 -6.84 3.82
N TYR A 64 7.83 -7.06 3.10
CA TYR A 64 8.11 -8.37 2.52
C TYR A 64 8.22 -9.42 3.61
N GLN A 65 8.98 -9.10 4.66
CA GLN A 65 9.22 -10.05 5.74
C GLN A 65 7.91 -10.44 6.42
N LEU A 66 7.06 -9.46 6.68
CA LEU A 66 5.78 -9.72 7.32
C LEU A 66 4.85 -10.54 6.42
N ALA A 67 4.92 -10.31 5.12
CA ALA A 67 4.12 -11.07 4.17
C ALA A 67 4.43 -12.56 4.26
N ALA A 68 5.71 -12.87 4.47
CA ALA A 68 6.10 -14.25 4.71
C ALA A 68 5.68 -15.12 3.50
N ALA A 69 5.26 -16.38 3.71
CA ALA A 69 4.96 -17.27 2.59
C ALA A 69 3.86 -16.73 1.68
N ASP A 70 3.07 -15.77 2.16
CA ASP A 70 1.92 -15.28 1.38
C ASP A 70 2.26 -14.07 0.52
N TRP A 71 3.55 -13.73 0.37
CA TRP A 71 3.95 -12.61 -0.47
C TRP A 71 3.28 -12.64 -1.85
N PRO A 72 3.24 -13.76 -2.55
CA PRO A 72 2.55 -13.83 -3.87
C PRO A 72 1.17 -13.16 -3.87
N GLU A 73 0.40 -13.35 -2.80
CA GLU A 73 -0.94 -12.78 -2.75
C GLU A 73 -0.89 -11.29 -2.43
N ILE A 74 -0.12 -10.94 -1.41
CA ILE A 74 -0.03 -9.54 -0.96
C ILE A 74 0.48 -8.65 -2.08
N GLY A 75 1.46 -9.13 -2.84
CA GLY A 75 2.09 -8.35 -3.90
C GLY A 75 1.10 -7.92 -4.98
N ARG A 76 -0.08 -8.53 -5.02
CA ARG A 76 -1.10 -8.19 -6.01
C ARG A 76 -1.63 -6.76 -5.81
N LEU A 77 -1.61 -6.28 -4.58
CA LEU A 77 -2.23 -4.98 -4.27
C LEU A 77 -1.36 -3.82 -4.74
N PRO A 78 -1.95 -2.69 -5.09
CA PRO A 78 -1.15 -1.49 -5.49
C PRO A 78 -0.26 -0.96 -4.37
N LEU A 79 1.02 -0.78 -4.67
CA LEU A 79 1.94 -0.19 -3.70
C LEU A 79 2.29 1.25 -4.11
N PHE A 80 2.08 2.19 -3.19
CA PHE A 80 2.44 3.58 -3.43
C PHE A 80 3.88 3.82 -2.96
N VAL A 81 4.72 4.35 -3.84
CA VAL A 81 6.10 4.69 -3.46
C VAL A 81 6.33 6.20 -3.64
N PRO A 82 7.15 6.83 -2.82
CA PRO A 82 7.35 8.31 -2.88
C PRO A 82 8.28 8.75 -4.01
N SER A 83 9.16 7.86 -4.45
CA SER A 83 10.20 8.26 -5.39
C SER A 83 10.49 7.15 -6.42
N PRO A 84 11.13 7.45 -7.52
CA PRO A 84 11.50 6.41 -8.52
C PRO A 84 12.33 5.30 -7.89
N ARG A 85 13.31 5.68 -7.07
CA ARG A 85 14.21 4.70 -6.46
C ARG A 85 13.41 3.68 -5.65
N VAL A 86 12.50 4.17 -4.81
CA VAL A 86 11.65 3.28 -4.01
C VAL A 86 10.85 2.37 -4.92
N ALA A 87 10.34 2.92 -6.02
CA ALA A 87 9.55 2.15 -6.97
C ALA A 87 10.35 0.96 -7.48
N GLU A 88 11.64 1.20 -7.77
CA GLU A 88 12.50 0.14 -8.27
C GLU A 88 12.61 -0.99 -7.24
N MET A 89 12.70 -0.63 -5.98
CA MET A 89 12.77 -1.62 -4.91
C MET A 89 11.55 -2.53 -4.95
N ALA A 90 10.38 -1.92 -5.13
CA ALA A 90 9.13 -2.66 -5.16
C ALA A 90 9.13 -3.67 -6.31
N ARG A 91 9.62 -3.24 -7.47
CA ARG A 91 9.67 -4.12 -8.64
C ARG A 91 10.59 -5.32 -8.37
N GLU A 92 11.73 -5.07 -7.73
CA GLU A 92 12.70 -6.13 -7.48
C GLU A 92 12.09 -7.24 -6.65
N LEU A 93 11.23 -6.87 -5.70
CA LEU A 93 10.56 -7.88 -4.87
C LEU A 93 9.54 -8.71 -5.66
N GLY A 94 9.06 -8.20 -6.80
CA GLY A 94 8.03 -8.89 -7.56
C GLY A 94 6.65 -8.21 -7.45
N ALA A 95 6.58 -6.98 -6.94
CA ALA A 95 5.30 -6.31 -6.79
C ALA A 95 4.59 -6.21 -8.13
N GLN A 96 3.39 -6.78 -8.19
CA GLN A 96 2.67 -6.91 -9.45
C GLN A 96 2.24 -5.56 -9.99
N ARG A 97 1.88 -4.64 -9.10
CA ARG A 97 1.48 -3.30 -9.52
C ARG A 97 2.19 -2.24 -8.67
N VAL A 98 3.06 -1.47 -9.31
CA VAL A 98 3.81 -0.42 -8.62
C VAL A 98 3.35 0.95 -9.10
N ILE A 99 3.06 1.83 -8.15
CA ILE A 99 2.53 3.16 -8.45
C ILE A 99 3.47 4.23 -7.93
N ASP A 100 3.92 5.12 -8.82
CA ASP A 100 4.76 6.23 -8.40
C ASP A 100 3.91 7.48 -8.15
N CYS A 101 3.93 7.97 -6.92
CA CYS A 101 3.13 9.14 -6.56
C CYS A 101 3.91 10.46 -6.64
N ARG A 102 5.21 10.41 -6.92
CA ARG A 102 6.01 11.62 -6.98
C ARG A 102 5.42 12.60 -8.00
N GLY A 103 4.94 12.08 -9.12
CA GLY A 103 4.34 12.92 -10.15
C GLY A 103 2.83 13.04 -9.95
N ALA A 104 2.19 11.96 -9.48
CA ALA A 104 0.77 11.97 -9.26
C ALA A 104 0.42 12.72 -7.98
N SER A 105 -0.69 13.46 -8.01
CA SER A 105 -1.13 14.21 -6.85
C SER A 105 -2.06 13.34 -5.99
N ALA A 106 -2.27 13.77 -4.74
CA ALA A 106 -3.14 13.01 -3.83
C ALA A 106 -4.48 12.61 -4.47
N PRO A 107 -5.26 13.53 -5.03
CA PRO A 107 -6.56 13.14 -5.66
C PRO A 107 -6.36 12.09 -6.75
N ALA A 108 -5.26 12.19 -7.48
CA ALA A 108 -4.95 11.22 -8.51
C ALA A 108 -4.82 9.83 -7.90
N LEU A 109 -4.15 9.74 -6.75
CA LEU A 109 -3.99 8.48 -6.06
C LEU A 109 -5.34 7.87 -5.72
N LEU A 110 -6.28 8.71 -5.29
CA LEU A 110 -7.62 8.25 -4.95
C LEU A 110 -8.26 7.55 -6.15
N ALA A 111 -8.10 8.17 -7.32
CA ALA A 111 -8.65 7.60 -8.55
C ALA A 111 -8.03 6.23 -8.82
N ALA A 112 -6.72 6.11 -8.58
CA ALA A 112 -6.04 4.85 -8.81
C ALA A 112 -6.62 3.74 -7.95
N LEU A 113 -6.93 4.07 -6.70
CA LEU A 113 -7.48 3.09 -5.77
C LEU A 113 -8.77 2.50 -6.33
N THR A 114 -9.68 3.37 -6.72
CA THR A 114 -10.99 2.94 -7.18
C THR A 114 -10.88 2.12 -8.47
N SER A 115 -10.01 2.54 -9.37
CA SER A 115 -9.85 1.83 -10.64
C SER A 115 -9.30 0.42 -10.43
N ALA A 116 -8.37 0.28 -9.48
CA ALA A 116 -7.77 -1.02 -9.19
C ALA A 116 -8.82 -2.01 -8.68
N ALA A 117 -9.71 -1.53 -7.81
CA ALA A 117 -10.76 -2.38 -7.28
C ALA A 117 -11.67 -2.87 -8.42
N LEU A 118 -11.95 -1.99 -9.37
CA LEU A 118 -12.79 -2.35 -10.52
C LEU A 118 -12.12 -3.43 -11.37
N GLU A 119 -10.79 -3.37 -11.48
CA GLU A 119 -10.06 -4.31 -12.33
C GLU A 119 -9.58 -5.51 -11.52
N HIS A 120 -9.72 -6.69 -12.11
CA HIS A 120 -9.26 -7.92 -11.47
C HIS A 120 -9.08 -9.03 -12.51
N HIS A 121 -10.17 -9.39 -13.16
CA HIS A 121 -10.13 -10.43 -14.19
C HIS A 121 -9.09 -10.11 -15.26
N HIS A 122 -8.99 -8.84 -15.63
CA HIS A 122 -8.05 -8.41 -16.65
C HIS A 122 -6.63 -8.82 -16.29
N HIS A 123 -6.28 -8.67 -15.01
CA HIS A 123 -4.94 -8.98 -14.55
C HIS A 123 -4.58 -10.43 -14.87
N HIS A 124 -5.51 -11.35 -14.59
CA HIS A 124 -5.28 -12.76 -14.87
C HIS A 124 -4.95 -12.97 -16.35
N HIS A 125 -5.63 -12.24 -17.22
CA HIS A 125 -5.39 -12.37 -18.66
C HIS A 125 -4.35 -11.36 -19.12
N MET A 1 -18.19 5.28 -1.79
CA MET A 1 -17.06 4.30 -1.75
C MET A 1 -15.88 4.93 -1.02
N ASP A 2 -15.39 4.23 0.01
CA ASP A 2 -14.26 4.73 0.79
C ASP A 2 -13.15 3.67 0.85
N PRO A 3 -12.29 3.60 -0.14
CA PRO A 3 -11.19 2.59 -0.16
C PRO A 3 -10.40 2.58 1.15
N LYS A 4 -9.79 1.44 1.47
CA LYS A 4 -9.02 1.32 2.71
C LYS A 4 -7.53 1.20 2.40
N VAL A 5 -6.69 1.89 3.19
CA VAL A 5 -5.24 1.78 3.00
C VAL A 5 -4.51 1.63 4.33
N LEU A 6 -3.44 0.84 4.30
CA LEU A 6 -2.61 0.64 5.47
C LEU A 6 -1.30 1.42 5.34
N ILE A 7 -0.90 2.09 6.42
CA ILE A 7 0.31 2.90 6.41
C ILE A 7 1.45 2.17 7.10
N MET A 8 2.62 2.19 6.48
CA MET A 8 3.82 1.65 7.10
C MET A 8 4.65 2.78 7.71
N ARG A 9 5.11 2.57 8.95
CA ARG A 9 5.87 3.60 9.65
C ARG A 9 7.10 4.01 8.85
N GLY A 10 7.39 5.31 8.86
CA GLY A 10 8.53 5.83 8.10
C GLY A 10 9.07 7.09 8.75
N GLU A 11 10.17 7.62 8.20
CA GLU A 11 10.78 8.82 8.74
C GLU A 11 9.79 9.99 8.77
N GLY A 12 8.87 10.02 7.80
CA GLY A 12 7.88 11.09 7.73
C GLY A 12 6.87 10.95 8.87
N GLY A 13 5.96 11.91 8.97
CA GLY A 13 4.97 11.91 10.04
C GLY A 13 3.75 11.08 9.68
N ARG A 14 3.47 10.05 10.47
CA ARG A 14 2.30 9.22 10.24
C ARG A 14 1.03 10.05 10.23
N GLU A 15 0.94 11.01 11.15
CA GLU A 15 -0.26 11.82 11.28
C GLU A 15 -0.52 12.63 10.01
N PHE A 16 0.54 13.19 9.44
CA PHE A 16 0.38 14.05 8.26
C PHE A 16 -0.17 13.26 7.07
N LEU A 17 0.52 12.18 6.71
CA LEU A 17 0.11 11.41 5.54
C LEU A 17 -1.32 10.87 5.71
N ALA A 18 -1.61 10.36 6.89
CA ALA A 18 -2.93 9.78 7.15
C ALA A 18 -4.02 10.84 7.02
N GLU A 19 -3.74 12.05 7.50
CA GLU A 19 -4.72 13.12 7.45
C GLU A 19 -5.10 13.42 6.02
N ARG A 20 -4.11 13.44 5.12
CA ARG A 20 -4.38 13.74 3.72
C ARG A 20 -5.35 12.73 3.11
N LEU A 21 -5.05 11.45 3.27
CA LEU A 21 -5.90 10.42 2.69
C LEU A 21 -7.30 10.45 3.29
N ARG A 22 -7.39 10.74 4.59
CA ARG A 22 -8.69 10.80 5.26
C ARG A 22 -9.54 11.93 4.68
N GLY A 23 -8.93 13.10 4.47
CA GLY A 23 -9.67 14.24 3.95
C GLY A 23 -10.29 13.94 2.58
N GLN A 24 -9.64 13.07 1.80
CA GLN A 24 -10.16 12.71 0.48
C GLN A 24 -11.14 11.54 0.51
N GLY A 25 -11.57 11.10 1.69
CA GLY A 25 -12.61 10.07 1.79
C GLY A 25 -12.05 8.66 1.89
N VAL A 26 -10.77 8.52 2.25
CA VAL A 26 -10.17 7.20 2.41
C VAL A 26 -10.10 6.83 3.89
N GLN A 27 -10.38 5.57 4.20
CA GLN A 27 -10.26 5.08 5.56
C GLN A 27 -8.81 4.73 5.85
N VAL A 28 -8.25 5.30 6.91
CA VAL A 28 -6.82 5.18 7.17
C VAL A 28 -6.55 4.41 8.46
N ASP A 29 -5.67 3.43 8.36
CA ASP A 29 -5.16 2.73 9.54
C ASP A 29 -3.66 2.54 9.41
N TYR A 30 -2.89 2.84 10.47
CA TYR A 30 -1.43 2.71 10.41
C TYR A 30 -0.95 1.62 11.37
N LEU A 31 -0.03 0.79 10.88
CA LEU A 31 0.47 -0.35 11.65
C LEU A 31 1.96 -0.17 11.94
N PRO A 32 2.38 0.02 13.19
CA PRO A 32 3.84 0.05 13.51
C PRO A 32 4.59 -1.14 12.96
N LEU A 33 5.74 -0.89 12.35
CA LEU A 33 6.55 -1.96 11.76
C LEU A 33 7.00 -3.03 12.77
N ASP A 34 6.80 -2.78 14.06
CA ASP A 34 7.23 -3.73 15.08
C ASP A 34 6.30 -4.95 15.20
N TYR A 35 5.17 -4.96 14.50
CA TYR A 35 4.24 -6.10 14.58
C TYR A 35 4.90 -7.37 14.03
N PRO A 36 4.53 -8.54 14.53
CA PRO A 36 5.17 -9.80 14.07
C PRO A 36 4.63 -10.32 12.75
N ALA A 37 5.44 -11.09 12.04
CA ALA A 37 5.06 -11.63 10.73
C ALA A 37 3.71 -12.35 10.80
N GLY A 38 3.01 -12.37 9.68
CA GLY A 38 1.69 -12.98 9.62
C GLY A 38 0.58 -11.96 9.84
N GLU A 39 0.80 -10.99 10.73
CA GLU A 39 -0.23 -10.01 11.03
C GLU A 39 -0.61 -9.19 9.80
N LEU A 40 0.39 -8.90 8.96
CA LEU A 40 0.13 -8.09 7.76
C LEU A 40 -0.91 -8.77 6.88
N LEU A 41 -0.71 -10.06 6.62
CA LEU A 41 -1.60 -10.79 5.72
C LEU A 41 -3.02 -10.82 6.26
N ALA A 42 -3.16 -11.10 7.54
CA ALA A 42 -4.48 -11.24 8.15
C ALA A 42 -5.26 -9.93 8.04
N ARG A 43 -4.60 -8.82 8.34
CA ARG A 43 -5.25 -7.51 8.29
C ARG A 43 -5.73 -7.22 6.87
N VAL A 44 -4.91 -7.54 5.88
CA VAL A 44 -5.26 -7.24 4.50
C VAL A 44 -6.55 -7.96 4.11
N ARG A 45 -6.65 -9.24 4.46
CA ARG A 45 -7.80 -10.03 4.07
C ARG A 45 -9.07 -9.63 4.82
N ALA A 46 -8.96 -9.47 6.14
CA ALA A 46 -10.14 -9.18 6.95
C ALA A 46 -10.72 -7.80 6.63
N GLU A 47 -9.85 -6.80 6.50
CA GLU A 47 -10.30 -5.45 6.17
C GLU A 47 -10.57 -5.25 4.68
N ARG A 48 -10.17 -6.20 3.83
CA ARG A 48 -10.35 -6.07 2.38
C ARG A 48 -9.73 -4.77 1.89
N LEU A 49 -8.43 -4.61 2.18
CA LEU A 49 -7.73 -3.38 1.85
C LEU A 49 -7.55 -3.23 0.34
N ASN A 50 -7.50 -1.97 -0.10
CA ASN A 50 -7.31 -1.66 -1.51
C ASN A 50 -5.85 -1.41 -1.82
N GLY A 51 -5.15 -0.70 -0.91
CA GLY A 51 -3.77 -0.30 -1.20
C GLY A 51 -2.90 -0.19 0.05
N LEU A 52 -1.59 -0.13 -0.20
CA LEU A 52 -0.60 0.02 0.87
C LEU A 52 0.30 1.21 0.56
N VAL A 53 0.69 1.96 1.59
CA VAL A 53 1.51 3.16 1.39
C VAL A 53 2.84 3.04 2.16
N VAL A 54 3.95 3.29 1.48
CA VAL A 54 5.24 3.39 2.14
C VAL A 54 5.94 4.70 1.76
N SER A 55 6.84 5.15 2.63
CA SER A 55 7.64 6.34 2.35
C SER A 55 9.13 6.11 2.61
N SER A 56 9.57 4.86 2.76
CA SER A 56 10.99 4.59 3.01
C SER A 56 11.38 3.19 2.54
N GLY A 57 12.63 3.05 2.13
CA GLY A 57 13.14 1.74 1.74
C GLY A 57 13.01 0.74 2.88
N GLN A 58 13.29 1.20 4.10
CA GLN A 58 13.19 0.33 5.26
C GLN A 58 11.78 -0.24 5.40
N GLY A 59 10.78 0.60 5.15
CA GLY A 59 9.39 0.17 5.26
C GLY A 59 9.11 -0.96 4.27
N LEU A 60 9.53 -0.78 3.03
CA LEU A 60 9.27 -1.77 2.00
C LEU A 60 9.83 -3.13 2.40
N GLN A 61 11.05 -3.12 2.92
CA GLN A 61 11.71 -4.36 3.34
C GLN A 61 10.91 -5.05 4.45
N ASN A 62 10.46 -4.25 5.42
CA ASN A 62 9.66 -4.79 6.51
C ASN A 62 8.39 -5.45 5.97
N LEU A 63 7.78 -4.84 4.96
CA LEU A 63 6.57 -5.39 4.36
C LEU A 63 6.82 -6.80 3.86
N TYR A 64 7.95 -6.98 3.19
CA TYR A 64 8.30 -8.29 2.64
C TYR A 64 8.40 -9.33 3.75
N GLN A 65 9.11 -8.98 4.82
CA GLN A 65 9.33 -9.92 5.91
C GLN A 65 8.02 -10.34 6.56
N LEU A 66 7.15 -9.37 6.79
CA LEU A 66 5.85 -9.66 7.40
C LEU A 66 4.97 -10.51 6.48
N ALA A 67 5.07 -10.27 5.18
CA ALA A 67 4.31 -11.04 4.20
C ALA A 67 4.66 -12.52 4.31
N ALA A 68 5.94 -12.82 4.53
CA ALA A 68 6.36 -14.19 4.76
C ALA A 68 5.98 -15.06 3.55
N ALA A 69 5.57 -16.33 3.74
CA ALA A 69 5.31 -17.22 2.61
C ALA A 69 4.21 -16.69 1.68
N ASP A 70 3.39 -15.74 2.16
CA ASP A 70 2.27 -15.26 1.37
C ASP A 70 2.61 -14.04 0.50
N TRP A 71 3.88 -13.67 0.39
CA TRP A 71 4.28 -12.55 -0.45
C TRP A 71 3.64 -12.59 -1.84
N PRO A 72 3.65 -13.70 -2.55
CA PRO A 72 2.99 -13.78 -3.90
C PRO A 72 1.60 -13.15 -3.92
N GLU A 73 0.82 -13.37 -2.86
CA GLU A 73 -0.54 -12.85 -2.82
C GLU A 73 -0.54 -11.35 -2.51
N ILE A 74 0.20 -10.97 -1.49
CA ILE A 74 0.23 -9.58 -1.03
C ILE A 74 0.72 -8.66 -2.14
N GLY A 75 1.71 -9.11 -2.89
CA GLY A 75 2.32 -8.30 -3.95
C GLY A 75 1.32 -7.86 -5.03
N ARG A 76 0.15 -8.51 -5.08
CA ARG A 76 -0.87 -8.18 -6.07
C ARG A 76 -1.44 -6.79 -5.86
N LEU A 77 -1.47 -6.32 -4.62
CA LEU A 77 -2.13 -5.07 -4.29
C LEU A 77 -1.32 -3.85 -4.76
N PRO A 78 -1.96 -2.74 -5.09
CA PRO A 78 -1.22 -1.51 -5.50
C PRO A 78 -0.32 -0.98 -4.38
N LEU A 79 0.97 -0.85 -4.68
CA LEU A 79 1.90 -0.26 -3.73
C LEU A 79 2.22 1.19 -4.12
N PHE A 80 1.98 2.13 -3.21
CA PHE A 80 2.34 3.52 -3.46
C PHE A 80 3.76 3.75 -2.97
N VAL A 81 4.64 4.23 -3.84
CA VAL A 81 6.02 4.53 -3.46
C VAL A 81 6.27 6.04 -3.53
N PRO A 82 7.18 6.56 -2.73
CA PRO A 82 7.41 8.04 -2.68
C PRO A 82 8.24 8.57 -3.83
N SER A 83 9.12 7.73 -4.38
CA SER A 83 10.06 8.18 -5.40
C SER A 83 10.31 7.10 -6.45
N PRO A 84 10.94 7.43 -7.56
CA PRO A 84 11.27 6.41 -8.61
C PRO A 84 12.20 5.33 -8.04
N ARG A 85 13.21 5.74 -7.29
CA ARG A 85 14.17 4.78 -6.75
C ARG A 85 13.46 3.73 -5.90
N VAL A 86 12.58 4.17 -5.02
CA VAL A 86 11.82 3.23 -4.17
C VAL A 86 10.98 2.30 -5.06
N ALA A 87 10.39 2.86 -6.11
CA ALA A 87 9.57 2.07 -7.03
C ALA A 87 10.37 0.90 -7.60
N GLU A 88 11.62 1.19 -7.96
CA GLU A 88 12.49 0.16 -8.53
C GLU A 88 12.69 -0.98 -7.52
N MET A 89 12.88 -0.62 -6.26
CA MET A 89 13.07 -1.62 -5.21
C MET A 89 11.85 -2.55 -5.14
N ALA A 90 10.67 -1.94 -5.20
CA ALA A 90 9.43 -2.71 -5.12
C ALA A 90 9.33 -3.70 -6.28
N ARG A 91 9.73 -3.24 -7.47
CA ARG A 91 9.69 -4.10 -8.65
C ARG A 91 10.60 -5.31 -8.46
N GLU A 92 11.80 -5.08 -7.94
CA GLU A 92 12.76 -6.17 -7.77
C GLU A 92 12.20 -7.26 -6.85
N LEU A 93 11.45 -6.86 -5.83
CA LEU A 93 10.82 -7.82 -4.93
C LEU A 93 9.79 -8.68 -5.64
N GLY A 94 9.19 -8.18 -6.72
CA GLY A 94 8.14 -8.91 -7.42
C GLY A 94 6.76 -8.23 -7.34
N ALA A 95 6.71 -6.96 -6.90
CA ALA A 95 5.44 -6.26 -6.83
C ALA A 95 4.78 -6.23 -8.21
N GLN A 96 3.58 -6.77 -8.27
CA GLN A 96 2.93 -6.98 -9.56
C GLN A 96 2.47 -5.65 -10.15
N ARG A 97 1.97 -4.76 -9.30
CA ARG A 97 1.54 -3.44 -9.75
C ARG A 97 2.10 -2.35 -8.84
N VAL A 98 2.99 -1.53 -9.39
CA VAL A 98 3.66 -0.49 -8.61
C VAL A 98 3.25 0.90 -9.11
N ILE A 99 2.91 1.77 -8.16
CA ILE A 99 2.41 3.11 -8.46
C ILE A 99 3.37 4.17 -7.93
N ASP A 100 3.80 5.08 -8.81
CA ASP A 100 4.66 6.18 -8.39
C ASP A 100 3.83 7.44 -8.12
N CYS A 101 3.86 7.91 -6.88
CA CYS A 101 3.09 9.09 -6.52
C CYS A 101 3.65 10.37 -7.14
N ARG A 102 4.91 10.37 -7.56
CA ARG A 102 5.53 11.58 -8.12
C ARG A 102 4.69 12.14 -9.26
N GLY A 103 4.09 11.27 -10.06
CA GLY A 103 3.27 11.72 -11.18
C GLY A 103 1.81 11.93 -10.76
N ALA A 104 1.32 11.09 -9.85
CA ALA A 104 -0.05 11.20 -9.40
C ALA A 104 -0.15 12.07 -8.15
N SER A 105 -0.93 13.15 -8.24
CA SER A 105 -1.18 13.99 -7.09
C SER A 105 -2.06 13.25 -6.09
N ALA A 106 -2.16 13.75 -4.86
CA ALA A 106 -2.98 13.09 -3.84
C ALA A 106 -4.37 12.70 -4.34
N PRO A 107 -5.16 13.61 -4.88
CA PRO A 107 -6.49 13.24 -5.46
C PRO A 107 -6.34 12.19 -6.56
N ALA A 108 -5.26 12.27 -7.32
CA ALA A 108 -5.00 11.28 -8.37
C ALA A 108 -4.87 9.89 -7.77
N LEU A 109 -4.20 9.79 -6.63
CA LEU A 109 -4.04 8.51 -5.95
C LEU A 109 -5.40 7.93 -5.61
N LEU A 110 -6.32 8.78 -5.14
CA LEU A 110 -7.67 8.33 -4.81
C LEU A 110 -8.32 7.69 -6.02
N ALA A 111 -8.17 8.35 -7.17
CA ALA A 111 -8.75 7.84 -8.40
C ALA A 111 -8.15 6.48 -8.76
N ALA A 112 -6.85 6.33 -8.54
CA ALA A 112 -6.17 5.08 -8.87
C ALA A 112 -6.76 3.92 -8.07
N LEU A 113 -7.03 4.15 -6.79
CA LEU A 113 -7.58 3.11 -5.94
C LEU A 113 -8.90 2.61 -6.50
N THR A 114 -9.80 3.55 -6.78
CA THR A 114 -11.14 3.19 -7.22
C THR A 114 -11.13 2.51 -8.59
N SER A 115 -10.27 2.98 -9.49
CA SER A 115 -10.19 2.39 -10.82
C SER A 115 -9.63 0.97 -10.77
N ALA A 116 -8.66 0.74 -9.90
CA ALA A 116 -8.04 -0.57 -9.78
C ALA A 116 -9.07 -1.60 -9.32
N ALA A 117 -9.94 -1.22 -8.39
CA ALA A 117 -10.97 -2.12 -7.91
C ALA A 117 -11.88 -2.56 -9.06
N LEU A 118 -12.18 -1.64 -9.97
CA LEU A 118 -13.01 -1.96 -11.12
C LEU A 118 -12.34 -3.02 -12.00
N GLU A 119 -11.02 -2.94 -12.13
CA GLU A 119 -10.29 -3.90 -12.95
C GLU A 119 -10.43 -5.31 -12.36
N HIS A 120 -10.51 -6.31 -13.24
CA HIS A 120 -10.62 -7.69 -12.81
C HIS A 120 -9.83 -8.61 -13.74
N HIS A 121 -10.17 -8.59 -15.01
CA HIS A 121 -9.51 -9.45 -15.99
C HIS A 121 -8.00 -9.26 -15.97
N HIS A 122 -7.56 -8.00 -15.86
CA HIS A 122 -6.14 -7.70 -15.86
C HIS A 122 -5.41 -8.48 -14.76
N HIS A 123 -6.04 -8.62 -13.61
CA HIS A 123 -5.42 -9.31 -12.48
C HIS A 123 -4.97 -10.71 -12.86
N HIS A 124 -5.76 -11.38 -13.70
CA HIS A 124 -5.45 -12.75 -14.10
C HIS A 124 -5.08 -12.82 -15.58
N HIS A 125 -4.05 -13.60 -15.89
CA HIS A 125 -3.61 -13.75 -17.27
C HIS A 125 -4.41 -14.83 -17.97
N MET A 1 -16.56 2.65 -2.11
CA MET A 1 -17.03 3.97 -1.59
C MET A 1 -15.93 4.59 -0.75
N ASP A 2 -15.45 3.85 0.24
CA ASP A 2 -14.39 4.32 1.13
C ASP A 2 -13.22 3.32 1.15
N PRO A 3 -12.36 3.33 0.16
CA PRO A 3 -11.24 2.34 0.09
C PRO A 3 -10.38 2.36 1.35
N LYS A 4 -9.72 1.25 1.64
CA LYS A 4 -8.88 1.14 2.83
C LYS A 4 -7.40 1.04 2.45
N VAL A 5 -6.53 1.71 3.20
CA VAL A 5 -5.09 1.61 2.96
C VAL A 5 -4.31 1.45 4.26
N LEU A 6 -3.25 0.65 4.19
CA LEU A 6 -2.38 0.42 5.34
C LEU A 6 -1.06 1.19 5.17
N ILE A 7 -0.60 1.83 6.23
CA ILE A 7 0.60 2.64 6.18
C ILE A 7 1.78 1.93 6.83
N MET A 8 2.92 1.97 6.14
CA MET A 8 4.18 1.49 6.70
C MET A 8 4.94 2.66 7.32
N ARG A 9 5.47 2.47 8.52
CA ARG A 9 6.18 3.54 9.21
C ARG A 9 7.46 3.89 8.47
N GLY A 10 7.81 5.17 8.49
CA GLY A 10 9.00 5.64 7.80
C GLY A 10 9.44 7.00 8.33
N GLU A 11 10.59 7.48 7.83
CA GLU A 11 11.11 8.78 8.26
C GLU A 11 10.05 9.88 8.15
N GLY A 12 9.15 9.75 7.19
CA GLY A 12 8.09 10.75 7.00
C GLY A 12 7.19 10.82 8.23
N GLY A 13 6.13 11.61 8.12
CA GLY A 13 5.21 11.81 9.25
C GLY A 13 3.88 11.11 9.02
N ARG A 14 3.65 10.04 9.78
CA ARG A 14 2.41 9.27 9.66
C ARG A 14 1.18 10.16 9.82
N GLU A 15 1.27 11.12 10.75
CA GLU A 15 0.10 11.92 11.09
C GLU A 15 -0.45 12.69 9.89
N PHE A 16 0.39 13.47 9.23
CA PHE A 16 -0.10 14.34 8.16
C PHE A 16 -0.52 13.52 6.93
N LEU A 17 0.30 12.55 6.54
CA LEU A 17 -0.01 11.75 5.35
C LEU A 17 -1.36 11.06 5.52
N ALA A 18 -1.58 10.48 6.69
CA ALA A 18 -2.84 9.79 6.94
C ALA A 18 -4.01 10.75 6.87
N GLU A 19 -3.84 11.94 7.44
CA GLU A 19 -4.92 12.92 7.45
C GLU A 19 -5.36 13.26 6.04
N ARG A 20 -4.39 13.37 5.12
CA ARG A 20 -4.70 13.70 3.74
C ARG A 20 -5.64 12.67 3.12
N LEU A 21 -5.26 11.40 3.24
CA LEU A 21 -6.08 10.32 2.67
C LEU A 21 -7.48 10.33 3.29
N ARG A 22 -7.57 10.62 4.58
CA ARG A 22 -8.86 10.68 5.26
C ARG A 22 -9.73 11.79 4.68
N GLY A 23 -9.12 12.94 4.40
CA GLY A 23 -9.87 14.06 3.84
C GLY A 23 -10.52 13.72 2.50
N GLN A 24 -9.89 12.82 1.75
CA GLN A 24 -10.45 12.40 0.46
C GLN A 24 -11.42 11.21 0.56
N GLY A 25 -11.81 10.84 1.77
CA GLY A 25 -12.81 9.77 1.95
C GLY A 25 -12.20 8.38 2.04
N VAL A 26 -10.89 8.27 2.26
CA VAL A 26 -10.24 6.98 2.38
C VAL A 26 -10.00 6.64 3.85
N GLN A 27 -10.26 5.39 4.23
CA GLN A 27 -10.02 4.96 5.60
C GLN A 27 -8.54 4.64 5.79
N VAL A 28 -7.94 5.19 6.83
CA VAL A 28 -6.49 5.06 7.03
C VAL A 28 -6.18 4.36 8.35
N ASP A 29 -5.28 3.37 8.26
CA ASP A 29 -4.74 2.73 9.46
C ASP A 29 -3.24 2.49 9.28
N TYR A 30 -2.44 2.80 10.31
CA TYR A 30 -1.00 2.61 10.23
C TYR A 30 -0.54 1.54 11.22
N LEU A 31 0.38 0.68 10.78
CA LEU A 31 0.81 -0.46 11.58
C LEU A 31 2.29 -0.32 11.99
N PRO A 32 2.62 -0.16 13.25
CA PRO A 32 4.05 -0.18 13.69
C PRO A 32 4.80 -1.40 13.15
N LEU A 33 6.01 -1.17 12.65
CA LEU A 33 6.77 -2.23 11.98
C LEU A 33 7.20 -3.35 12.94
N ASP A 34 7.06 -3.14 14.25
CA ASP A 34 7.49 -4.14 15.22
C ASP A 34 6.52 -5.31 15.35
N TYR A 35 5.33 -5.23 14.75
CA TYR A 35 4.33 -6.30 14.89
C TYR A 35 4.84 -7.59 14.25
N PRO A 36 4.47 -8.75 14.77
CA PRO A 36 5.02 -10.04 14.26
C PRO A 36 4.46 -10.45 12.90
N ALA A 37 5.28 -11.15 12.13
CA ALA A 37 4.90 -11.61 10.80
C ALA A 37 3.58 -12.38 10.84
N GLY A 38 2.85 -12.36 9.73
CA GLY A 38 1.55 -13.02 9.66
C GLY A 38 0.41 -12.04 9.89
N GLU A 39 0.60 -11.09 10.80
CA GLU A 39 -0.47 -10.12 11.09
C GLU A 39 -0.77 -9.25 9.88
N LEU A 40 0.26 -8.91 9.10
CA LEU A 40 0.07 -8.06 7.93
C LEU A 40 -0.91 -8.72 6.97
N LEU A 41 -0.71 -10.01 6.72
CA LEU A 41 -1.55 -10.72 5.76
C LEU A 41 -3.00 -10.75 6.22
N ALA A 42 -3.21 -11.07 7.51
CA ALA A 42 -4.56 -11.19 8.03
C ALA A 42 -5.31 -9.86 7.91
N ARG A 43 -4.62 -8.77 8.23
CA ARG A 43 -5.23 -7.44 8.17
C ARG A 43 -5.68 -7.12 6.75
N VAL A 44 -4.83 -7.43 5.77
CA VAL A 44 -5.14 -7.12 4.38
C VAL A 44 -6.40 -7.86 3.94
N ARG A 45 -6.47 -9.14 4.27
CA ARG A 45 -7.59 -9.97 3.84
C ARG A 45 -8.90 -9.58 4.54
N ALA A 46 -8.85 -9.42 5.85
CA ALA A 46 -10.06 -9.17 6.63
C ALA A 46 -10.67 -7.82 6.29
N GLU A 47 -9.84 -6.79 6.19
CA GLU A 47 -10.34 -5.46 5.81
C GLU A 47 -10.48 -5.30 4.28
N ARG A 48 -9.98 -6.24 3.50
CA ARG A 48 -10.07 -6.15 2.04
C ARG A 48 -9.46 -4.83 1.55
N LEU A 49 -8.21 -4.62 1.92
CA LEU A 49 -7.53 -3.36 1.62
C LEU A 49 -7.40 -3.14 0.12
N ASN A 50 -7.49 -1.88 -0.27
CA ASN A 50 -7.35 -1.49 -1.67
C ASN A 50 -5.88 -1.26 -2.02
N GLY A 51 -5.14 -0.63 -1.09
CA GLY A 51 -3.76 -0.27 -1.39
C GLY A 51 -2.86 -0.21 -0.16
N LEU A 52 -1.56 -0.16 -0.43
CA LEU A 52 -0.55 -0.05 0.62
C LEU A 52 0.35 1.14 0.35
N VAL A 53 0.75 1.86 1.39
CA VAL A 53 1.61 3.05 1.22
C VAL A 53 2.91 2.88 2.00
N VAL A 54 4.04 3.15 1.35
CA VAL A 54 5.33 3.18 2.04
C VAL A 54 6.03 4.50 1.79
N SER A 55 6.49 5.12 2.87
CA SER A 55 7.21 6.39 2.76
C SER A 55 8.73 6.21 2.66
N SER A 56 9.24 5.00 2.91
CA SER A 56 10.68 4.78 2.91
C SER A 56 11.04 3.34 2.53
N GLY A 57 12.27 3.15 2.05
CA GLY A 57 12.73 1.83 1.70
C GLY A 57 12.64 0.87 2.89
N GLN A 58 12.95 1.38 4.08
CA GLN A 58 12.90 0.54 5.29
C GLN A 58 11.50 -0.02 5.49
N GLY A 59 10.48 0.83 5.31
CA GLY A 59 9.10 0.39 5.45
C GLY A 59 8.78 -0.73 4.47
N LEU A 60 9.20 -0.55 3.21
CA LEU A 60 8.90 -1.54 2.19
C LEU A 60 9.46 -2.91 2.58
N GLN A 61 10.69 -2.92 3.08
CA GLN A 61 11.31 -4.18 3.47
C GLN A 61 10.51 -4.85 4.58
N ASN A 62 10.06 -4.05 5.54
CA ASN A 62 9.25 -4.59 6.64
C ASN A 62 7.99 -5.25 6.09
N LEU A 63 7.38 -4.63 5.08
CA LEU A 63 6.17 -5.18 4.48
C LEU A 63 6.42 -6.59 3.96
N TYR A 64 7.55 -6.76 3.28
CA TYR A 64 7.89 -8.04 2.69
C TYR A 64 8.04 -9.11 3.78
N GLN A 65 8.77 -8.78 4.84
CA GLN A 65 9.04 -9.74 5.89
C GLN A 65 7.74 -10.19 6.57
N LEU A 66 6.86 -9.24 6.84
CA LEU A 66 5.58 -9.56 7.47
C LEU A 66 4.70 -10.40 6.55
N ALA A 67 4.77 -10.14 5.25
CA ALA A 67 4.01 -10.92 4.28
C ALA A 67 4.38 -12.39 4.36
N ALA A 68 5.67 -12.66 4.56
CA ALA A 68 6.12 -14.03 4.77
C ALA A 68 5.74 -14.89 3.55
N ALA A 69 5.36 -16.17 3.75
CA ALA A 69 5.10 -17.06 2.61
C ALA A 69 3.98 -16.53 1.69
N ASP A 70 3.15 -15.61 2.19
CA ASP A 70 2.00 -15.14 1.40
C ASP A 70 2.31 -13.90 0.56
N TRP A 71 3.58 -13.51 0.45
CA TRP A 71 3.96 -12.37 -0.38
C TRP A 71 3.32 -12.42 -1.78
N PRO A 72 3.35 -13.53 -2.48
CA PRO A 72 2.68 -13.63 -3.82
C PRO A 72 1.28 -13.00 -3.84
N GLU A 73 0.51 -13.22 -2.78
CA GLU A 73 -0.86 -12.69 -2.74
C GLU A 73 -0.85 -11.20 -2.44
N ILE A 74 -0.11 -10.81 -1.41
CA ILE A 74 -0.07 -9.40 -0.98
C ILE A 74 0.43 -8.51 -2.12
N GLY A 75 1.43 -8.99 -2.86
CA GLY A 75 2.03 -8.22 -3.94
C GLY A 75 1.03 -7.81 -5.03
N ARG A 76 -0.13 -8.46 -5.06
CA ARG A 76 -1.16 -8.16 -6.05
C ARG A 76 -1.70 -6.74 -5.89
N LEU A 77 -1.72 -6.23 -4.66
CA LEU A 77 -2.34 -4.94 -4.38
C LEU A 77 -1.46 -3.78 -4.87
N PRO A 78 -2.04 -2.66 -5.25
CA PRO A 78 -1.23 -1.46 -5.65
C PRO A 78 -0.34 -0.94 -4.51
N LEU A 79 0.94 -0.75 -4.81
CA LEU A 79 1.86 -0.16 -3.83
C LEU A 79 2.23 1.27 -4.23
N PHE A 80 2.03 2.21 -3.31
CA PHE A 80 2.42 3.60 -3.55
C PHE A 80 3.85 3.83 -3.06
N VAL A 81 4.71 4.34 -3.93
CA VAL A 81 6.08 4.67 -3.53
C VAL A 81 6.31 6.18 -3.70
N PRO A 82 7.13 6.80 -2.86
CA PRO A 82 7.31 8.27 -2.89
C PRO A 82 8.25 8.75 -4.01
N SER A 83 9.12 7.87 -4.48
CA SER A 83 10.16 8.28 -5.41
C SER A 83 10.44 7.20 -6.46
N PRO A 84 10.99 7.54 -7.61
CA PRO A 84 11.36 6.52 -8.63
C PRO A 84 12.23 5.42 -8.04
N ARG A 85 13.23 5.80 -7.23
CA ARG A 85 14.14 4.82 -6.66
C ARG A 85 13.38 3.78 -5.83
N VAL A 86 12.48 4.24 -4.97
CA VAL A 86 11.67 3.32 -4.17
C VAL A 86 10.85 2.41 -5.08
N ALA A 87 10.32 2.97 -6.15
CA ALA A 87 9.52 2.18 -7.09
C ALA A 87 10.33 1.01 -7.63
N GLU A 88 11.58 1.26 -7.96
CA GLU A 88 12.45 0.22 -8.49
C GLU A 88 12.61 -0.90 -7.48
N MET A 89 12.78 -0.55 -6.20
CA MET A 89 12.93 -1.54 -5.16
C MET A 89 11.70 -2.45 -5.11
N ALA A 90 10.52 -1.84 -5.20
CA ALA A 90 9.28 -2.60 -5.15
C ALA A 90 9.21 -3.60 -6.31
N ARG A 91 9.64 -3.16 -7.48
CA ARG A 91 9.63 -4.02 -8.66
C ARG A 91 10.50 -5.25 -8.44
N GLU A 92 11.69 -5.04 -7.89
CA GLU A 92 12.63 -6.14 -7.67
C GLU A 92 12.02 -7.20 -6.75
N LEU A 93 11.25 -6.76 -5.76
CA LEU A 93 10.57 -7.70 -4.86
C LEU A 93 9.55 -8.56 -5.60
N GLY A 94 9.01 -8.06 -6.72
CA GLY A 94 7.97 -8.79 -7.45
C GLY A 94 6.60 -8.10 -7.37
N ALA A 95 6.53 -6.85 -6.91
CA ALA A 95 5.25 -6.15 -6.79
C ALA A 95 4.56 -6.11 -8.16
N GLN A 96 3.36 -6.67 -8.21
CA GLN A 96 2.67 -6.85 -9.48
C GLN A 96 2.23 -5.51 -10.07
N ARG A 97 1.84 -4.57 -9.22
CA ARG A 97 1.46 -3.23 -9.66
C ARG A 97 2.17 -2.17 -8.82
N VAL A 98 3.05 -1.41 -9.47
CA VAL A 98 3.80 -0.37 -8.78
C VAL A 98 3.33 1.01 -9.23
N ILE A 99 3.03 1.87 -8.27
CA ILE A 99 2.51 3.21 -8.57
C ILE A 99 3.46 4.27 -8.02
N ASP A 100 3.90 5.19 -8.89
CA ASP A 100 4.74 6.29 -8.46
C ASP A 100 3.89 7.53 -8.18
N CYS A 101 3.91 7.99 -6.93
CA CYS A 101 3.12 9.16 -6.55
C CYS A 101 3.94 10.46 -6.54
N ARG A 102 5.24 10.39 -6.84
CA ARG A 102 6.09 11.58 -6.83
C ARG A 102 5.52 12.64 -7.76
N GLY A 103 5.00 12.22 -8.90
CA GLY A 103 4.42 13.16 -9.87
C GLY A 103 2.90 13.23 -9.72
N ALA A 104 2.28 12.10 -9.39
CA ALA A 104 0.83 12.05 -9.23
C ALA A 104 0.41 12.80 -7.97
N SER A 105 -0.70 13.55 -8.07
CA SER A 105 -1.21 14.29 -6.93
C SER A 105 -2.11 13.42 -6.07
N ALA A 106 -2.37 13.85 -4.83
CA ALA A 106 -3.22 13.10 -3.93
C ALA A 106 -4.54 12.64 -4.57
N PRO A 107 -5.33 13.51 -5.16
CA PRO A 107 -6.61 13.07 -5.80
C PRO A 107 -6.37 12.02 -6.88
N ALA A 108 -5.27 12.15 -7.60
CA ALA A 108 -4.93 11.17 -8.63
C ALA A 108 -4.79 9.79 -8.01
N LEU A 109 -4.11 9.72 -6.86
CA LEU A 109 -3.93 8.45 -6.17
C LEU A 109 -5.29 7.84 -5.82
N LEU A 110 -6.23 8.69 -5.38
CA LEU A 110 -7.56 8.22 -5.04
C LEU A 110 -8.19 7.51 -6.24
N ALA A 111 -8.04 8.11 -7.41
CA ALA A 111 -8.60 7.53 -8.63
C ALA A 111 -8.00 6.15 -8.88
N ALA A 112 -6.69 6.04 -8.68
CA ALA A 112 -6.01 4.76 -8.90
C ALA A 112 -6.58 3.68 -8.00
N LEU A 113 -6.89 4.03 -6.75
CA LEU A 113 -7.44 3.07 -5.80
C LEU A 113 -8.73 2.48 -6.34
N THR A 114 -9.65 3.35 -6.74
CA THR A 114 -10.97 2.90 -7.19
C THR A 114 -10.86 2.04 -8.44
N SER A 115 -9.98 2.42 -9.37
CA SER A 115 -9.82 1.67 -10.61
C SER A 115 -9.32 0.24 -10.32
N ALA A 116 -8.34 0.13 -9.43
CA ALA A 116 -7.78 -1.18 -9.10
C ALA A 116 -8.82 -2.09 -8.48
N ALA A 117 -9.69 -1.52 -7.65
CA ALA A 117 -10.76 -2.29 -7.00
C ALA A 117 -11.66 -2.96 -8.04
N LEU A 118 -11.88 -2.29 -9.17
CA LEU A 118 -12.72 -2.84 -10.22
C LEU A 118 -12.21 -4.20 -10.67
N GLU A 119 -10.89 -4.34 -10.77
CA GLU A 119 -10.29 -5.60 -11.16
C GLU A 119 -10.58 -6.67 -10.12
N HIS A 120 -10.84 -7.90 -10.58
CA HIS A 120 -11.12 -9.00 -9.68
C HIS A 120 -10.10 -10.12 -9.87
N HIS A 121 -9.50 -10.55 -8.76
CA HIS A 121 -8.50 -11.62 -8.81
C HIS A 121 -9.11 -12.89 -9.42
N HIS A 122 -10.34 -13.19 -9.02
CA HIS A 122 -11.02 -14.38 -9.51
C HIS A 122 -11.15 -14.35 -11.04
N HIS A 123 -11.42 -13.17 -11.59
CA HIS A 123 -11.61 -13.03 -13.03
C HIS A 123 -10.42 -13.57 -13.81
N HIS A 124 -9.21 -13.32 -13.29
CA HIS A 124 -8.00 -13.76 -13.97
C HIS A 124 -7.34 -14.90 -13.21
N HIS A 125 -6.89 -15.92 -13.93
CA HIS A 125 -6.23 -17.06 -13.31
C HIS A 125 -4.72 -16.90 -13.34
N MET A 1 -16.62 2.35 -2.75
CA MET A 1 -17.27 3.49 -2.03
C MET A 1 -16.20 4.25 -1.25
N ASP A 2 -15.64 3.61 -0.23
CA ASP A 2 -14.62 4.22 0.60
C ASP A 2 -13.37 3.34 0.68
N PRO A 3 -12.50 3.37 -0.32
CA PRO A 3 -11.30 2.49 -0.34
C PRO A 3 -10.54 2.53 0.97
N LYS A 4 -9.85 1.44 1.30
CA LYS A 4 -9.09 1.34 2.55
C LYS A 4 -7.60 1.16 2.25
N VAL A 5 -6.74 1.86 2.99
CA VAL A 5 -5.30 1.71 2.81
C VAL A 5 -4.57 1.57 4.14
N LEU A 6 -3.50 0.78 4.14
CA LEU A 6 -2.67 0.59 5.32
C LEU A 6 -1.38 1.36 5.19
N ILE A 7 -0.98 2.04 6.27
CA ILE A 7 0.22 2.85 6.25
C ILE A 7 1.36 2.15 6.99
N MET A 8 2.54 2.17 6.39
CA MET A 8 3.73 1.64 7.02
C MET A 8 4.57 2.78 7.61
N ARG A 9 5.02 2.60 8.85
CA ARG A 9 5.79 3.65 9.52
C ARG A 9 7.04 3.99 8.72
N GLY A 10 7.38 5.29 8.69
CA GLY A 10 8.53 5.74 7.93
C GLY A 10 9.05 7.07 8.47
N GLU A 11 10.17 7.54 7.92
CA GLU A 11 10.76 8.80 8.36
C GLU A 11 9.76 9.95 8.28
N GLY A 12 8.87 9.90 7.29
CA GLY A 12 7.89 10.96 7.12
C GLY A 12 6.95 11.04 8.31
N GLY A 13 6.00 11.97 8.26
CA GLY A 13 5.08 12.16 9.37
C GLY A 13 3.89 11.21 9.27
N ARG A 14 3.80 10.30 10.23
CA ARG A 14 2.71 9.32 10.26
C ARG A 14 1.36 10.03 10.24
N GLU A 15 1.23 11.04 11.09
CA GLU A 15 -0.02 11.78 11.18
C GLU A 15 -0.32 12.51 9.87
N PHE A 16 0.71 13.10 9.27
CA PHE A 16 0.52 13.89 8.06
C PHE A 16 -0.18 13.09 6.97
N LEU A 17 0.42 11.95 6.61
CA LEU A 17 -0.11 11.14 5.52
C LEU A 17 -1.54 10.69 5.83
N ALA A 18 -1.78 10.28 7.06
CA ALA A 18 -3.10 9.78 7.44
C ALA A 18 -4.18 10.84 7.23
N GLU A 19 -3.91 12.07 7.67
CA GLU A 19 -4.90 13.14 7.54
C GLU A 19 -5.25 13.37 6.07
N ARG A 20 -4.24 13.34 5.21
CA ARG A 20 -4.48 13.57 3.79
C ARG A 20 -5.47 12.55 3.22
N LEU A 21 -5.22 11.27 3.46
CA LEU A 21 -6.07 10.22 2.89
C LEU A 21 -7.50 10.31 3.44
N ARG A 22 -7.64 10.63 4.71
CA ARG A 22 -8.98 10.74 5.31
C ARG A 22 -9.76 11.90 4.69
N GLY A 23 -9.08 13.02 4.46
CA GLY A 23 -9.75 14.20 3.91
C GLY A 23 -10.36 13.91 2.53
N GLN A 24 -9.76 13.00 1.77
CA GLN A 24 -10.30 12.64 0.46
C GLN A 24 -11.32 11.50 0.51
N GLY A 25 -11.77 11.10 1.70
CA GLY A 25 -12.81 10.09 1.84
C GLY A 25 -12.26 8.66 1.86
N VAL A 26 -10.96 8.50 2.10
CA VAL A 26 -10.37 7.16 2.20
C VAL A 26 -10.18 6.79 3.68
N GLN A 27 -10.47 5.54 4.00
CA GLN A 27 -10.31 5.07 5.37
C GLN A 27 -8.85 4.77 5.64
N VAL A 28 -8.33 5.24 6.77
CA VAL A 28 -6.90 5.12 7.06
C VAL A 28 -6.65 4.28 8.31
N ASP A 29 -5.76 3.31 8.18
CA ASP A 29 -5.28 2.56 9.35
C ASP A 29 -3.76 2.41 9.25
N TYR A 30 -3.04 2.85 10.29
CA TYR A 30 -1.58 2.80 10.27
C TYR A 30 -1.05 1.79 11.29
N LEU A 31 -0.10 0.97 10.86
CA LEU A 31 0.45 -0.09 11.71
C LEU A 31 1.93 0.19 12.01
N PRO A 32 2.41 -0.03 13.22
CA PRO A 32 3.87 0.05 13.52
C PRO A 32 4.63 -1.12 12.90
N LEU A 33 5.78 -0.83 12.29
CA LEU A 33 6.60 -1.86 11.68
C LEU A 33 7.03 -2.96 12.66
N ASP A 34 6.86 -2.75 13.96
CA ASP A 34 7.35 -3.70 14.95
C ASP A 34 6.46 -4.94 15.09
N TYR A 35 5.32 -4.99 14.40
CA TYR A 35 4.43 -6.15 14.51
C TYR A 35 5.07 -7.39 13.89
N PRO A 36 4.85 -8.58 14.42
CA PRO A 36 5.51 -9.81 13.91
C PRO A 36 4.89 -10.35 12.62
N ALA A 37 5.66 -11.15 11.90
CA ALA A 37 5.21 -11.72 10.63
C ALA A 37 3.85 -12.40 10.76
N GLY A 38 3.09 -12.42 9.67
CA GLY A 38 1.76 -12.99 9.69
C GLY A 38 0.70 -11.90 9.89
N GLU A 39 1.02 -10.90 10.72
CA GLU A 39 0.04 -9.84 11.01
C GLU A 39 -0.35 -9.12 9.73
N LEU A 40 0.59 -8.92 8.82
CA LEU A 40 0.32 -8.19 7.59
C LEU A 40 -0.81 -8.86 6.81
N LEU A 41 -0.71 -10.17 6.67
CA LEU A 41 -1.71 -10.91 5.90
C LEU A 41 -3.09 -10.78 6.53
N ALA A 42 -3.15 -10.93 7.85
CA ALA A 42 -4.43 -10.90 8.55
C ALA A 42 -5.12 -9.56 8.37
N ARG A 43 -4.37 -8.48 8.50
CA ARG A 43 -4.94 -7.15 8.35
C ARG A 43 -5.52 -6.96 6.96
N VAL A 44 -4.80 -7.45 5.94
CA VAL A 44 -5.23 -7.25 4.57
C VAL A 44 -6.60 -7.90 4.35
N ARG A 45 -6.75 -9.15 4.81
CA ARG A 45 -7.98 -9.89 4.56
C ARG A 45 -9.16 -9.36 5.38
N ALA A 46 -8.95 -9.15 6.67
CA ALA A 46 -10.04 -8.77 7.57
C ALA A 46 -10.57 -7.38 7.23
N GLU A 47 -9.66 -6.44 6.99
CA GLU A 47 -10.05 -5.07 6.68
C GLU A 47 -10.43 -4.87 5.21
N ARG A 48 -10.18 -5.87 4.36
CA ARG A 48 -10.48 -5.74 2.93
C ARG A 48 -9.78 -4.51 2.35
N LEU A 49 -8.46 -4.48 2.51
CA LEU A 49 -7.67 -3.32 2.08
C LEU A 49 -7.46 -3.34 0.57
N ASN A 50 -7.50 -2.15 -0.03
CA ASN A 50 -7.29 -2.02 -1.46
C ASN A 50 -5.81 -1.79 -1.77
N GLY A 51 -5.16 -0.98 -0.95
CA GLY A 51 -3.78 -0.57 -1.28
C GLY A 51 -2.91 -0.35 -0.05
N LEU A 52 -1.60 -0.24 -0.30
CA LEU A 52 -0.61 -0.06 0.76
C LEU A 52 0.27 1.16 0.46
N VAL A 53 0.70 1.86 1.50
CA VAL A 53 1.55 3.03 1.34
C VAL A 53 2.87 2.85 2.11
N VAL A 54 4.00 3.12 1.44
CA VAL A 54 5.30 3.13 2.11
C VAL A 54 6.01 4.45 1.90
N SER A 55 6.78 4.87 2.90
CA SER A 55 7.52 6.12 2.83
C SER A 55 9.01 5.91 2.49
N SER A 56 9.52 4.68 2.63
CA SER A 56 10.95 4.46 2.41
C SER A 56 11.24 3.01 2.03
N GLY A 57 12.41 2.79 1.45
CA GLY A 57 12.84 1.45 1.08
C GLY A 57 12.82 0.51 2.29
N GLN A 58 13.19 1.04 3.45
CA GLN A 58 13.24 0.23 4.67
C GLN A 58 11.85 -0.34 4.98
N GLY A 59 10.83 0.50 4.86
CA GLY A 59 9.46 0.05 5.11
C GLY A 59 9.08 -1.06 4.13
N LEU A 60 9.44 -0.87 2.86
CA LEU A 60 9.13 -1.86 1.83
C LEU A 60 9.70 -3.22 2.20
N GLN A 61 10.96 -3.23 2.63
CA GLN A 61 11.62 -4.49 2.98
C GLN A 61 10.89 -5.17 4.13
N ASN A 62 10.51 -4.40 5.14
CA ASN A 62 9.78 -4.95 6.27
C ASN A 62 8.46 -5.58 5.81
N LEU A 63 7.80 -4.94 4.85
CA LEU A 63 6.55 -5.46 4.30
C LEU A 63 6.76 -6.87 3.77
N TYR A 64 7.85 -7.05 3.04
CA TYR A 64 8.15 -8.34 2.43
C TYR A 64 8.28 -9.41 3.52
N GLN A 65 9.05 -9.11 4.55
CA GLN A 65 9.30 -10.08 5.61
C GLN A 65 8.01 -10.47 6.31
N LEU A 66 7.16 -9.49 6.59
CA LEU A 66 5.89 -9.76 7.26
C LEU A 66 4.95 -10.57 6.36
N ALA A 67 5.00 -10.32 5.06
CA ALA A 67 4.18 -11.05 4.11
C ALA A 67 4.48 -12.55 4.17
N ALA A 68 5.77 -12.87 4.34
CA ALA A 68 6.15 -14.27 4.53
C ALA A 68 5.72 -15.10 3.31
N ALA A 69 5.29 -16.36 3.50
CA ALA A 69 4.98 -17.23 2.36
C ALA A 69 3.85 -16.65 1.48
N ASP A 70 3.07 -15.71 2.01
CA ASP A 70 1.91 -15.20 1.26
C ASP A 70 2.25 -13.97 0.41
N TRP A 71 3.53 -13.62 0.26
CA TRP A 71 3.91 -12.47 -0.56
C TRP A 71 3.23 -12.49 -1.94
N PRO A 72 3.20 -13.58 -2.66
CA PRO A 72 2.49 -13.63 -3.98
C PRO A 72 1.10 -12.98 -3.95
N GLU A 73 0.36 -13.19 -2.87
CA GLU A 73 -0.99 -12.63 -2.76
C GLU A 73 -0.94 -11.14 -2.45
N ILE A 74 -0.15 -10.78 -1.44
CA ILE A 74 -0.06 -9.40 -1.00
C ILE A 74 0.40 -8.48 -2.13
N GLY A 75 1.36 -8.97 -2.91
CA GLY A 75 1.96 -8.18 -4.00
C GLY A 75 0.94 -7.76 -5.05
N ARG A 76 -0.24 -8.35 -5.06
CA ARG A 76 -1.28 -8.03 -6.02
C ARG A 76 -1.82 -6.61 -5.84
N LEU A 77 -1.79 -6.12 -4.60
CA LEU A 77 -2.39 -4.81 -4.31
C LEU A 77 -1.50 -3.68 -4.84
N PRO A 78 -2.07 -2.58 -5.31
CA PRO A 78 -1.24 -1.40 -5.72
C PRO A 78 -0.41 -0.84 -4.57
N LEU A 79 0.88 -0.65 -4.80
CA LEU A 79 1.75 -0.07 -3.79
C LEU A 79 2.12 1.37 -4.15
N PHE A 80 1.91 2.29 -3.22
CA PHE A 80 2.29 3.69 -3.42
C PHE A 80 3.71 3.90 -2.90
N VAL A 81 4.59 4.44 -3.74
CA VAL A 81 5.96 4.76 -3.32
C VAL A 81 6.22 6.27 -3.47
N PRO A 82 7.03 6.86 -2.62
CA PRO A 82 7.23 8.34 -2.64
C PRO A 82 8.19 8.81 -3.74
N SER A 83 9.06 7.92 -4.21
CA SER A 83 10.12 8.33 -5.13
C SER A 83 10.39 7.25 -6.18
N PRO A 84 11.02 7.60 -7.29
CA PRO A 84 11.39 6.58 -8.32
C PRO A 84 12.22 5.45 -7.72
N ARG A 85 13.20 5.80 -6.89
CA ARG A 85 14.08 4.79 -6.31
C ARG A 85 13.29 3.77 -5.50
N VAL A 86 12.38 4.24 -4.67
CA VAL A 86 11.54 3.33 -3.88
C VAL A 86 10.73 2.44 -4.81
N ALA A 87 10.22 3.01 -5.90
CA ALA A 87 9.43 2.25 -6.86
C ALA A 87 10.25 1.08 -7.40
N GLU A 88 11.51 1.33 -7.69
CA GLU A 88 12.39 0.28 -8.21
C GLU A 88 12.52 -0.86 -7.20
N MET A 89 12.62 -0.51 -5.92
CA MET A 89 12.74 -1.51 -4.87
C MET A 89 11.53 -2.44 -4.91
N ALA A 90 10.35 -1.85 -5.04
CA ALA A 90 9.11 -2.62 -5.06
C ALA A 90 9.10 -3.57 -6.25
N ARG A 91 9.58 -3.10 -7.40
CA ARG A 91 9.60 -3.91 -8.60
C ARG A 91 10.48 -5.14 -8.40
N GLU A 92 11.66 -4.95 -7.81
CA GLU A 92 12.59 -6.05 -7.61
C GLU A 92 11.98 -7.15 -6.76
N LEU A 93 11.18 -6.78 -5.77
CA LEU A 93 10.49 -7.76 -4.93
C LEU A 93 9.47 -8.58 -5.72
N GLY A 94 8.96 -8.04 -6.83
CA GLY A 94 7.91 -8.72 -7.59
C GLY A 94 6.55 -8.03 -7.50
N ALA A 95 6.49 -6.80 -6.99
CA ALA A 95 5.21 -6.11 -6.84
C ALA A 95 4.52 -6.01 -8.19
N GLN A 96 3.30 -6.56 -8.25
CA GLN A 96 2.60 -6.70 -9.52
C GLN A 96 2.21 -5.34 -10.09
N ARG A 97 1.84 -4.42 -9.21
CA ARG A 97 1.50 -3.06 -9.63
C ARG A 97 2.21 -2.03 -8.74
N VAL A 98 3.07 -1.23 -9.37
CA VAL A 98 3.81 -0.19 -8.63
C VAL A 98 3.37 1.19 -9.11
N ILE A 99 3.04 2.06 -8.17
CA ILE A 99 2.56 3.41 -8.48
C ILE A 99 3.51 4.45 -7.87
N ASP A 100 4.05 5.31 -8.72
CA ASP A 100 4.88 6.41 -8.25
C ASP A 100 4.04 7.65 -8.02
N CYS A 101 3.99 8.12 -6.77
CA CYS A 101 3.19 9.29 -6.44
C CYS A 101 3.98 10.60 -6.43
N ARG A 102 5.30 10.54 -6.66
CA ARG A 102 6.12 11.75 -6.66
C ARG A 102 5.58 12.77 -7.67
N GLY A 103 5.15 12.27 -8.82
CA GLY A 103 4.57 13.15 -9.85
C GLY A 103 3.05 13.18 -9.75
N ALA A 104 2.44 12.05 -9.40
CA ALA A 104 1.00 11.99 -9.27
C ALA A 104 0.54 12.71 -8.00
N SER A 105 -0.61 13.37 -8.08
CA SER A 105 -1.15 14.09 -6.93
C SER A 105 -2.04 13.18 -6.10
N ALA A 106 -2.27 13.57 -4.85
CA ALA A 106 -3.12 12.79 -3.95
C ALA A 106 -4.45 12.37 -4.61
N PRO A 107 -5.25 13.28 -5.14
CA PRO A 107 -6.54 12.89 -5.77
C PRO A 107 -6.33 11.87 -6.90
N ALA A 108 -5.22 12.00 -7.61
CA ALA A 108 -4.89 11.04 -8.66
C ALA A 108 -4.75 9.64 -8.06
N LEU A 109 -4.11 9.56 -6.91
CA LEU A 109 -3.94 8.27 -6.24
C LEU A 109 -5.30 7.67 -5.91
N LEU A 110 -6.25 8.50 -5.50
CA LEU A 110 -7.59 8.03 -5.19
C LEU A 110 -8.20 7.33 -6.41
N ALA A 111 -8.02 7.95 -7.57
CA ALA A 111 -8.52 7.38 -8.82
C ALA A 111 -7.89 6.02 -9.07
N ALA A 112 -6.59 5.91 -8.80
CA ALA A 112 -5.87 4.67 -9.03
C ALA A 112 -6.47 3.53 -8.21
N LEU A 113 -6.81 3.82 -6.95
CA LEU A 113 -7.39 2.80 -6.08
C LEU A 113 -8.67 2.24 -6.70
N THR A 114 -9.54 3.14 -7.12
CA THR A 114 -10.84 2.73 -7.64
C THR A 114 -10.69 1.87 -8.89
N SER A 115 -9.77 2.25 -9.77
CA SER A 115 -9.54 1.50 -10.99
C SER A 115 -9.00 0.10 -10.71
N ALA A 116 -8.10 0.01 -9.73
CA ALA A 116 -7.50 -1.28 -9.37
C ALA A 116 -8.55 -2.25 -8.86
N ALA A 117 -9.50 -1.73 -8.08
CA ALA A 117 -10.56 -2.57 -7.53
C ALA A 117 -11.37 -3.23 -8.66
N LEU A 118 -11.54 -2.52 -9.77
CA LEU A 118 -12.28 -3.06 -10.91
C LEU A 118 -11.66 -4.38 -11.36
N GLU A 119 -10.33 -4.45 -11.37
CA GLU A 119 -9.64 -5.67 -11.77
C GLU A 119 -9.95 -6.83 -10.82
N HIS A 120 -10.12 -6.52 -9.54
CA HIS A 120 -10.39 -7.55 -8.54
C HIS A 120 -11.63 -8.35 -8.92
N HIS A 121 -12.64 -7.67 -9.44
CA HIS A 121 -13.90 -8.33 -9.82
C HIS A 121 -14.06 -8.35 -11.33
N HIS A 122 -14.39 -9.52 -11.88
CA HIS A 122 -14.58 -9.68 -13.31
C HIS A 122 -16.02 -10.05 -13.62
N HIS A 123 -16.64 -9.33 -14.56
CA HIS A 123 -18.01 -9.61 -14.94
C HIS A 123 -18.15 -11.02 -15.49
N HIS A 124 -17.18 -11.42 -16.32
CA HIS A 124 -17.20 -12.75 -16.92
C HIS A 124 -17.28 -13.84 -15.85
N HIS A 125 -16.56 -13.63 -14.76
CA HIS A 125 -16.55 -14.60 -13.65
C HIS A 125 -17.33 -14.05 -12.46
N MET A 1 -16.77 2.35 -2.09
CA MET A 1 -17.38 3.47 -1.32
C MET A 1 -16.28 4.19 -0.54
N ASP A 2 -15.71 3.50 0.44
CA ASP A 2 -14.66 4.08 1.27
C ASP A 2 -13.43 3.15 1.29
N PRO A 3 -12.60 3.18 0.26
CA PRO A 3 -11.43 2.26 0.19
C PRO A 3 -10.58 2.33 1.46
N LYS A 4 -9.85 1.26 1.73
CA LYS A 4 -9.00 1.20 2.93
C LYS A 4 -7.52 1.12 2.55
N VAL A 5 -6.67 1.83 3.30
CA VAL A 5 -5.23 1.77 3.05
C VAL A 5 -4.45 1.65 4.36
N LEU A 6 -3.35 0.89 4.30
CA LEU A 6 -2.49 0.70 5.45
C LEU A 6 -1.20 1.51 5.32
N ILE A 7 -0.81 2.19 6.38
CA ILE A 7 0.39 3.02 6.36
C ILE A 7 1.54 2.29 7.04
N MET A 8 2.71 2.33 6.40
CA MET A 8 3.92 1.82 7.03
C MET A 8 4.76 2.98 7.56
N ARG A 9 5.23 2.86 8.80
CA ARG A 9 5.98 3.94 9.42
C ARG A 9 7.22 4.29 8.61
N GLY A 10 7.58 5.56 8.64
CA GLY A 10 8.73 6.06 7.89
C GLY A 10 9.15 7.44 8.40
N GLU A 11 10.24 7.96 7.85
CA GLU A 11 10.76 9.27 8.26
C GLU A 11 9.66 10.34 8.20
N GLY A 12 8.74 10.21 7.26
CA GLY A 12 7.66 11.19 7.13
C GLY A 12 6.77 11.18 8.37
N GLY A 13 5.87 12.16 8.46
CA GLY A 13 4.99 12.27 9.62
C GLY A 13 3.76 11.39 9.47
N ARG A 14 3.52 10.53 10.45
CA ARG A 14 2.38 9.62 10.41
C ARG A 14 1.08 10.40 10.28
N GLU A 15 0.95 11.46 11.08
CA GLU A 15 -0.28 12.22 11.11
C GLU A 15 -0.55 12.91 9.77
N PHE A 16 0.50 13.45 9.16
CA PHE A 16 0.34 14.19 7.92
C PHE A 16 -0.22 13.30 6.81
N LEU A 17 0.45 12.19 6.53
CA LEU A 17 0.04 11.33 5.42
C LEU A 17 -1.36 10.79 5.64
N ALA A 18 -1.64 10.32 6.86
CA ALA A 18 -2.94 9.73 7.15
C ALA A 18 -4.06 10.77 6.99
N GLU A 19 -3.78 11.99 7.43
CA GLU A 19 -4.79 13.05 7.34
C GLU A 19 -5.18 13.29 5.89
N ARG A 20 -4.19 13.30 5.00
CA ARG A 20 -4.46 13.56 3.59
C ARG A 20 -5.42 12.53 3.01
N LEU A 21 -5.12 11.25 3.20
CA LEU A 21 -5.97 10.21 2.64
C LEU A 21 -7.37 10.24 3.26
N ARG A 22 -7.44 10.54 4.56
CA ARG A 22 -8.72 10.63 5.24
C ARG A 22 -9.58 11.75 4.66
N GLY A 23 -8.98 12.90 4.40
CA GLY A 23 -9.70 14.04 3.85
C GLY A 23 -10.36 13.70 2.51
N GLN A 24 -9.74 12.80 1.74
CA GLN A 24 -10.31 12.41 0.45
C GLN A 24 -11.31 11.25 0.54
N GLY A 25 -11.71 10.86 1.75
CA GLY A 25 -12.75 9.85 1.92
C GLY A 25 -12.21 8.43 2.02
N VAL A 26 -10.91 8.26 2.25
CA VAL A 26 -10.33 6.94 2.42
C VAL A 26 -10.12 6.62 3.90
N GLN A 27 -10.49 5.42 4.31
CA GLN A 27 -10.28 5.00 5.68
C GLN A 27 -8.81 4.65 5.88
N VAL A 28 -8.20 5.20 6.92
CA VAL A 28 -6.74 5.06 7.09
C VAL A 28 -6.39 4.44 8.44
N ASP A 29 -5.49 3.47 8.41
CA ASP A 29 -4.94 2.89 9.63
C ASP A 29 -3.44 2.66 9.45
N TYR A 30 -2.65 2.93 10.49
CA TYR A 30 -1.19 2.76 10.40
C TYR A 30 -0.72 1.65 11.34
N LEU A 31 0.17 0.80 10.83
CA LEU A 31 0.65 -0.37 11.58
C LEU A 31 2.14 -0.22 11.92
N PRO A 32 2.54 -0.23 13.17
CA PRO A 32 4.00 -0.23 13.52
C PRO A 32 4.75 -1.41 12.89
N LEU A 33 5.91 -1.13 12.32
CA LEU A 33 6.69 -2.16 11.63
C LEU A 33 7.15 -3.29 12.59
N ASP A 34 7.10 -3.04 13.89
CA ASP A 34 7.60 -4.03 14.86
C ASP A 34 6.64 -5.20 15.08
N TYR A 35 5.45 -5.17 14.49
CA TYR A 35 4.47 -6.25 14.71
C TYR A 35 4.93 -7.55 14.04
N PRO A 36 4.60 -8.70 14.59
CA PRO A 36 5.14 -10.00 14.07
C PRO A 36 4.55 -10.43 12.73
N ALA A 37 5.36 -11.14 11.96
CA ALA A 37 4.94 -11.61 10.64
C ALA A 37 3.63 -12.38 10.72
N GLY A 38 2.88 -12.36 9.63
CA GLY A 38 1.58 -13.03 9.58
C GLY A 38 0.44 -12.04 9.82
N GLU A 39 0.64 -11.07 10.72
CA GLU A 39 -0.41 -10.11 11.03
C GLU A 39 -0.76 -9.26 9.82
N LEU A 40 0.25 -8.91 9.02
CA LEU A 40 0.02 -8.07 7.86
C LEU A 40 -0.99 -8.73 6.91
N LEU A 41 -0.78 -10.02 6.64
CA LEU A 41 -1.62 -10.72 5.69
C LEU A 41 -3.06 -10.78 6.20
N ALA A 42 -3.24 -11.13 7.47
CA ALA A 42 -4.57 -11.29 8.02
C ALA A 42 -5.36 -9.98 7.94
N ARG A 43 -4.70 -8.88 8.29
CA ARG A 43 -5.36 -7.58 8.28
C ARG A 43 -5.80 -7.21 6.87
N VAL A 44 -4.94 -7.48 5.88
CA VAL A 44 -5.26 -7.13 4.51
C VAL A 44 -6.52 -7.87 4.07
N ARG A 45 -6.60 -9.15 4.37
CA ARG A 45 -7.74 -9.97 3.95
C ARG A 45 -9.02 -9.55 4.65
N ALA A 46 -8.96 -9.39 5.98
CA ALA A 46 -10.16 -9.12 6.76
C ALA A 46 -10.77 -7.76 6.42
N GLU A 47 -9.92 -6.74 6.30
CA GLU A 47 -10.41 -5.42 5.91
C GLU A 47 -10.56 -5.25 4.39
N ARG A 48 -10.06 -6.20 3.61
CA ARG A 48 -10.13 -6.09 2.15
C ARG A 48 -9.49 -4.78 1.68
N LEU A 49 -8.23 -4.58 2.06
CA LEU A 49 -7.55 -3.33 1.79
C LEU A 49 -7.37 -3.11 0.29
N ASN A 50 -7.46 -1.85 -0.12
CA ASN A 50 -7.30 -1.48 -1.52
C ASN A 50 -5.86 -1.19 -1.84
N GLY A 51 -5.15 -0.52 -0.92
CA GLY A 51 -3.79 -0.08 -1.21
C GLY A 51 -2.89 -0.06 0.02
N LEU A 52 -1.58 -0.07 -0.25
CA LEU A 52 -0.56 0.02 0.81
C LEU A 52 0.38 1.17 0.50
N VAL A 53 0.80 1.90 1.54
CA VAL A 53 1.68 3.06 1.34
C VAL A 53 2.98 2.88 2.10
N VAL A 54 4.11 3.08 1.42
CA VAL A 54 5.43 3.08 2.08
C VAL A 54 6.14 4.39 1.81
N SER A 55 6.80 4.91 2.84
CA SER A 55 7.55 6.15 2.71
C SER A 55 9.00 5.92 2.31
N SER A 56 9.55 4.72 2.57
CA SER A 56 10.97 4.49 2.35
C SER A 56 11.27 3.01 2.10
N GLY A 57 12.46 2.75 1.59
CA GLY A 57 12.88 1.37 1.34
C GLY A 57 12.79 0.52 2.60
N GLN A 58 13.13 1.11 3.74
CA GLN A 58 13.11 0.37 4.99
C GLN A 58 11.71 -0.21 5.26
N GLY A 59 10.69 0.61 5.07
CA GLY A 59 9.31 0.15 5.26
C GLY A 59 9.00 -0.99 4.29
N LEU A 60 9.39 -0.82 3.03
CA LEU A 60 9.10 -1.81 2.02
C LEU A 60 9.66 -3.17 2.42
N GLN A 61 10.88 -3.18 2.95
CA GLN A 61 11.51 -4.43 3.37
C GLN A 61 10.70 -5.09 4.48
N ASN A 62 10.24 -4.28 5.44
CA ASN A 62 9.40 -4.81 6.51
C ASN A 62 8.15 -5.46 5.93
N LEU A 63 7.58 -4.85 4.91
CA LEU A 63 6.37 -5.38 4.29
C LEU A 63 6.61 -6.79 3.79
N TYR A 64 7.74 -6.99 3.14
CA TYR A 64 8.07 -8.29 2.56
C TYR A 64 8.17 -9.35 3.66
N GLN A 65 8.89 -9.02 4.73
CA GLN A 65 9.11 -9.97 5.81
C GLN A 65 7.79 -10.37 6.46
N LEU A 66 6.92 -9.40 6.70
CA LEU A 66 5.63 -9.68 7.32
C LEU A 66 4.74 -10.51 6.40
N ALA A 67 4.83 -10.28 5.10
CA ALA A 67 4.06 -11.05 4.13
C ALA A 67 4.40 -12.54 4.23
N ALA A 68 5.69 -12.83 4.45
CA ALA A 68 6.10 -14.21 4.69
C ALA A 68 5.74 -15.08 3.47
N ALA A 69 5.34 -16.34 3.66
CA ALA A 69 5.09 -17.23 2.53
C ALA A 69 4.00 -16.71 1.59
N ASP A 70 3.16 -15.78 2.06
CA ASP A 70 2.03 -15.31 1.26
C ASP A 70 2.35 -14.07 0.41
N TRP A 71 3.63 -13.71 0.30
CA TRP A 71 4.03 -12.56 -0.52
C TRP A 71 3.39 -12.60 -1.92
N PRO A 72 3.39 -13.71 -2.63
CA PRO A 72 2.73 -13.78 -3.97
C PRO A 72 1.34 -13.13 -3.99
N GLU A 73 0.55 -13.35 -2.93
CA GLU A 73 -0.81 -12.81 -2.89
C GLU A 73 -0.79 -11.32 -2.57
N ILE A 74 -0.04 -10.96 -1.53
CA ILE A 74 0.01 -9.58 -1.07
C ILE A 74 0.53 -8.65 -2.19
N GLY A 75 1.52 -9.12 -2.93
CA GLY A 75 2.14 -8.32 -3.98
C GLY A 75 1.16 -7.86 -5.05
N ARG A 76 -0.02 -8.48 -5.11
CA ARG A 76 -1.04 -8.12 -6.09
C ARG A 76 -1.58 -6.71 -5.87
N LEU A 77 -1.60 -6.26 -4.61
CA LEU A 77 -2.24 -4.99 -4.28
C LEU A 77 -1.38 -3.80 -4.75
N PRO A 78 -1.98 -2.67 -5.08
CA PRO A 78 -1.21 -1.46 -5.49
C PRO A 78 -0.31 -0.94 -4.36
N LEU A 79 0.97 -0.78 -4.66
CA LEU A 79 1.91 -0.18 -3.70
C LEU A 79 2.26 1.25 -4.11
N PHE A 80 2.05 2.19 -3.20
CA PHE A 80 2.40 3.58 -3.45
C PHE A 80 3.82 3.85 -2.96
N VAL A 81 4.67 4.40 -3.83
CA VAL A 81 6.02 4.79 -3.44
C VAL A 81 6.23 6.28 -3.67
N PRO A 82 7.00 6.97 -2.85
CA PRO A 82 7.17 8.45 -2.97
C PRO A 82 8.15 8.86 -4.07
N SER A 83 9.04 7.96 -4.45
CA SER A 83 10.15 8.34 -5.34
C SER A 83 10.44 7.24 -6.35
N PRO A 84 11.07 7.56 -7.47
CA PRO A 84 11.42 6.53 -8.49
C PRO A 84 12.26 5.39 -7.90
N ARG A 85 13.26 5.74 -7.10
CA ARG A 85 14.15 4.73 -6.54
C ARG A 85 13.38 3.74 -5.65
N VAL A 86 12.48 4.26 -4.83
CA VAL A 86 11.64 3.39 -4.00
C VAL A 86 10.82 2.46 -4.89
N ALA A 87 10.30 3.00 -5.99
CA ALA A 87 9.52 2.19 -6.93
C ALA A 87 10.34 1.02 -7.44
N GLU A 88 11.61 1.28 -7.74
CA GLU A 88 12.49 0.22 -8.22
C GLU A 88 12.62 -0.90 -7.19
N MET A 89 12.71 -0.52 -5.92
CA MET A 89 12.83 -1.51 -4.85
C MET A 89 11.63 -2.44 -4.87
N ALA A 90 10.44 -1.86 -5.02
CA ALA A 90 9.22 -2.64 -5.05
C ALA A 90 9.22 -3.62 -6.21
N ARG A 91 9.71 -3.16 -7.37
CA ARG A 91 9.75 -4.00 -8.55
C ARG A 91 10.64 -5.21 -8.32
N GLU A 92 11.80 -5.00 -7.72
CA GLU A 92 12.75 -6.09 -7.50
C GLU A 92 12.14 -7.19 -6.63
N LEU A 93 11.32 -6.81 -5.66
CA LEU A 93 10.64 -7.79 -4.83
C LEU A 93 9.63 -8.64 -5.61
N GLY A 94 9.14 -8.11 -6.73
CA GLY A 94 8.12 -8.82 -7.51
C GLY A 94 6.74 -8.14 -7.44
N ALA A 95 6.66 -6.91 -6.94
CA ALA A 95 5.37 -6.23 -6.81
C ALA A 95 4.68 -6.16 -8.17
N GLN A 96 3.47 -6.72 -8.23
CA GLN A 96 2.77 -6.86 -9.51
C GLN A 96 2.31 -5.51 -10.05
N ARG A 97 1.91 -4.62 -9.15
CA ARG A 97 1.47 -3.27 -9.53
C ARG A 97 2.17 -2.22 -8.69
N VAL A 98 3.05 -1.45 -9.32
CA VAL A 98 3.80 -0.40 -8.63
C VAL A 98 3.33 0.97 -9.11
N ILE A 99 3.04 1.85 -8.16
CA ILE A 99 2.50 3.17 -8.46
C ILE A 99 3.44 4.25 -7.93
N ASP A 100 3.91 5.11 -8.83
CA ASP A 100 4.77 6.22 -8.43
C ASP A 100 3.94 7.49 -8.24
N CYS A 101 3.90 7.99 -7.01
CA CYS A 101 3.11 9.19 -6.72
C CYS A 101 3.95 10.48 -6.72
N ARG A 102 5.24 10.39 -7.01
CA ARG A 102 6.10 11.57 -7.04
C ARG A 102 5.54 12.63 -7.99
N GLY A 103 5.03 12.18 -9.14
CA GLY A 103 4.44 13.09 -10.11
C GLY A 103 2.93 13.16 -9.97
N ALA A 104 2.30 12.04 -9.61
CA ALA A 104 0.85 12.00 -9.44
C ALA A 104 0.44 12.79 -8.19
N SER A 105 -0.69 13.46 -8.29
CA SER A 105 -1.20 14.24 -7.16
C SER A 105 -2.10 13.39 -6.27
N ALA A 106 -2.30 13.84 -5.04
CA ALA A 106 -3.15 13.11 -4.10
C ALA A 106 -4.50 12.68 -4.71
N PRO A 107 -5.29 13.57 -5.29
CA PRO A 107 -6.60 13.15 -5.87
C PRO A 107 -6.41 12.06 -6.93
N ALA A 108 -5.32 12.15 -7.69
CA ALA A 108 -5.02 11.14 -8.69
C ALA A 108 -4.88 9.77 -8.03
N LEU A 109 -4.19 9.73 -6.90
CA LEU A 109 -3.99 8.48 -6.17
C LEU A 109 -5.35 7.88 -5.79
N LEU A 110 -6.27 8.73 -5.35
CA LEU A 110 -7.60 8.26 -4.98
C LEU A 110 -8.25 7.55 -6.15
N ALA A 111 -8.13 8.14 -7.33
CA ALA A 111 -8.68 7.54 -8.53
C ALA A 111 -8.07 6.16 -8.79
N ALA A 112 -6.76 6.06 -8.57
CA ALA A 112 -6.07 4.80 -8.78
C ALA A 112 -6.64 3.70 -7.90
N LEU A 113 -6.95 4.04 -6.65
CA LEU A 113 -7.49 3.08 -5.71
C LEU A 113 -8.78 2.47 -6.26
N THR A 114 -9.70 3.34 -6.65
CA THR A 114 -11.02 2.89 -7.10
C THR A 114 -10.90 2.05 -8.38
N SER A 115 -10.03 2.46 -9.29
CA SER A 115 -9.86 1.74 -10.54
C SER A 115 -9.35 0.32 -10.30
N ALA A 116 -8.36 0.18 -9.43
CA ALA A 116 -7.78 -1.13 -9.14
C ALA A 116 -8.83 -2.08 -8.56
N ALA A 117 -9.69 -1.56 -7.70
CA ALA A 117 -10.76 -2.36 -7.10
C ALA A 117 -11.66 -2.95 -8.18
N LEU A 118 -11.91 -2.18 -9.24
CA LEU A 118 -12.78 -2.66 -10.32
C LEU A 118 -12.19 -3.90 -10.99
N GLU A 119 -10.87 -3.95 -11.12
CA GLU A 119 -10.22 -5.08 -11.76
C GLU A 119 -10.55 -6.38 -11.03
N HIS A 120 -10.59 -6.31 -9.70
CA HIS A 120 -10.91 -7.49 -8.90
C HIS A 120 -12.26 -8.08 -9.30
N HIS A 121 -13.21 -7.20 -9.63
CA HIS A 121 -14.55 -7.64 -9.99
C HIS A 121 -14.52 -8.65 -11.13
N HIS A 122 -13.64 -8.41 -12.11
CA HIS A 122 -13.52 -9.31 -13.25
C HIS A 122 -12.19 -10.06 -13.21
N HIS A 123 -12.27 -11.39 -13.31
CA HIS A 123 -11.07 -12.22 -13.29
C HIS A 123 -10.12 -11.81 -14.41
N HIS A 124 -10.68 -11.52 -15.59
CA HIS A 124 -9.88 -11.14 -16.75
C HIS A 124 -10.18 -9.70 -17.17
N HIS A 125 -9.14 -8.96 -17.53
CA HIS A 125 -9.30 -7.58 -17.95
C HIS A 125 -9.50 -7.50 -19.46
N MET A 1 -18.12 4.90 -1.97
CA MET A 1 -16.80 4.22 -2.17
C MET A 1 -15.76 4.85 -1.26
N ASP A 2 -15.37 4.10 -0.22
CA ASP A 2 -14.37 4.58 0.74
C ASP A 2 -13.22 3.58 0.85
N PRO A 3 -12.33 3.53 -0.10
CA PRO A 3 -11.22 2.51 -0.09
C PRO A 3 -10.42 2.55 1.21
N LYS A 4 -9.80 1.43 1.55
CA LYS A 4 -9.00 1.32 2.77
C LYS A 4 -7.53 1.13 2.45
N VAL A 5 -6.65 1.80 3.18
CA VAL A 5 -5.20 1.64 2.98
C VAL A 5 -4.46 1.49 4.30
N LEU A 6 -3.40 0.69 4.26
CA LEU A 6 -2.55 0.47 5.43
C LEU A 6 -1.23 1.23 5.27
N ILE A 7 -0.78 1.86 6.34
CA ILE A 7 0.45 2.66 6.29
C ILE A 7 1.62 1.91 6.92
N MET A 8 2.75 1.95 6.24
CA MET A 8 4.01 1.48 6.79
C MET A 8 4.77 2.68 7.38
N ARG A 9 5.17 2.59 8.65
CA ARG A 9 5.83 3.71 9.29
C ARG A 9 7.11 4.09 8.55
N GLY A 10 7.43 5.38 8.57
CA GLY A 10 8.61 5.88 7.87
C GLY A 10 9.07 7.20 8.48
N GLU A 11 10.20 7.71 7.98
CA GLU A 11 10.77 8.95 8.49
C GLU A 11 9.73 10.09 8.49
N GLY A 12 8.81 10.05 7.53
CA GLY A 12 7.77 11.08 7.44
C GLY A 12 6.85 11.03 8.67
N GLY A 13 5.96 12.00 8.77
CA GLY A 13 5.05 12.08 9.90
C GLY A 13 3.82 11.20 9.70
N ARG A 14 3.55 10.32 10.67
CA ARG A 14 2.41 9.43 10.58
C ARG A 14 1.12 10.24 10.42
N GLU A 15 0.98 11.26 11.26
CA GLU A 15 -0.24 12.06 11.26
C GLU A 15 -0.44 12.77 9.92
N PHE A 16 0.65 13.29 9.35
CA PHE A 16 0.54 14.07 8.12
C PHE A 16 -0.03 13.22 6.98
N LEU A 17 0.61 12.10 6.68
CA LEU A 17 0.20 11.28 5.55
C LEU A 17 -1.23 10.77 5.73
N ALA A 18 -1.54 10.28 6.93
CA ALA A 18 -2.86 9.71 7.18
C ALA A 18 -3.94 10.76 7.02
N GLU A 19 -3.68 11.96 7.53
CA GLU A 19 -4.66 13.04 7.45
C GLU A 19 -5.00 13.35 5.99
N ARG A 20 -3.99 13.35 5.14
CA ARG A 20 -4.20 13.68 3.73
C ARG A 20 -5.16 12.70 3.07
N LEU A 21 -4.90 11.40 3.21
CA LEU A 21 -5.77 10.40 2.61
C LEU A 21 -7.18 10.46 3.20
N ARG A 22 -7.28 10.75 4.49
CA ARG A 22 -8.59 10.90 5.13
C ARG A 22 -9.36 12.05 4.51
N GLY A 23 -8.68 13.14 4.23
CA GLY A 23 -9.33 14.31 3.63
C GLY A 23 -9.98 13.98 2.28
N GLN A 24 -9.40 13.02 1.56
CA GLN A 24 -9.98 12.60 0.27
C GLN A 24 -11.03 11.50 0.40
N GLY A 25 -11.46 11.19 1.62
CA GLY A 25 -12.53 10.20 1.83
C GLY A 25 -12.01 8.76 1.89
N VAL A 26 -10.72 8.58 2.14
CA VAL A 26 -10.15 7.24 2.26
C VAL A 26 -9.97 6.89 3.74
N GLN A 27 -10.29 5.65 4.09
CA GLN A 27 -10.13 5.18 5.46
C GLN A 27 -8.68 4.78 5.68
N VAL A 28 -8.07 5.29 6.76
CA VAL A 28 -6.63 5.08 6.96
C VAL A 28 -6.36 4.41 8.30
N ASP A 29 -5.48 3.41 8.26
CA ASP A 29 -4.97 2.78 9.47
C ASP A 29 -3.47 2.50 9.31
N TYR A 30 -2.70 2.74 10.37
CA TYR A 30 -1.25 2.53 10.30
C TYR A 30 -0.81 1.43 11.25
N LEU A 31 0.14 0.62 10.80
CA LEU A 31 0.60 -0.55 11.57
C LEU A 31 2.05 -0.32 12.03
N PRO A 32 2.38 -0.50 13.30
CA PRO A 32 3.81 -0.41 13.74
C PRO A 32 4.65 -1.53 13.13
N LEU A 33 5.83 -1.18 12.63
CA LEU A 33 6.68 -2.16 11.95
C LEU A 33 7.20 -3.26 12.87
N ASP A 34 7.00 -3.13 14.18
CA ASP A 34 7.48 -4.12 15.14
C ASP A 34 6.62 -5.39 15.18
N TYR A 35 5.43 -5.37 14.57
CA TYR A 35 4.53 -6.51 14.64
C TYR A 35 5.17 -7.74 13.97
N PRO A 36 4.88 -8.95 14.43
CA PRO A 36 5.53 -10.16 13.86
C PRO A 36 4.92 -10.60 12.53
N ALA A 37 5.70 -11.36 11.75
CA ALA A 37 5.25 -11.81 10.44
C ALA A 37 3.90 -12.53 10.54
N GLY A 38 3.13 -12.47 9.47
CA GLY A 38 1.80 -13.07 9.45
C GLY A 38 0.72 -12.02 9.72
N GLU A 39 1.02 -11.07 10.61
CA GLU A 39 0.03 -10.05 10.96
C GLU A 39 -0.40 -9.25 9.74
N LEU A 40 0.55 -8.97 8.86
CA LEU A 40 0.26 -8.16 7.67
C LEU A 40 -0.83 -8.83 6.84
N LEU A 41 -0.68 -10.12 6.61
CA LEU A 41 -1.62 -10.84 5.76
C LEU A 41 -3.02 -10.84 6.37
N ALA A 42 -3.10 -11.09 7.68
CA ALA A 42 -4.40 -11.18 8.34
C ALA A 42 -5.15 -9.86 8.24
N ARG A 43 -4.46 -8.77 8.48
CA ARG A 43 -5.09 -7.45 8.43
C ARG A 43 -5.63 -7.16 7.03
N VAL A 44 -4.86 -7.53 6.00
CA VAL A 44 -5.27 -7.25 4.64
C VAL A 44 -6.58 -7.97 4.31
N ARG A 45 -6.67 -9.25 4.69
CA ARG A 45 -7.84 -10.05 4.37
C ARG A 45 -9.09 -9.56 5.10
N ALA A 46 -8.98 -9.41 6.42
CA ALA A 46 -10.13 -9.05 7.23
C ALA A 46 -10.63 -7.64 6.93
N GLU A 47 -9.71 -6.69 6.81
CA GLU A 47 -10.07 -5.31 6.54
C GLU A 47 -10.43 -5.06 5.06
N ARG A 48 -10.17 -6.03 4.18
CA ARG A 48 -10.48 -5.86 2.77
C ARG A 48 -9.78 -4.62 2.22
N LEU A 49 -8.45 -4.57 2.38
CA LEU A 49 -7.68 -3.40 1.98
C LEU A 49 -7.63 -3.27 0.46
N ASN A 50 -7.65 -2.03 -0.01
CA ASN A 50 -7.52 -1.75 -1.43
C ASN A 50 -6.06 -1.55 -1.81
N GLY A 51 -5.31 -0.87 -0.95
CA GLY A 51 -3.93 -0.52 -1.29
C GLY A 51 -3.03 -0.36 -0.07
N LEU A 52 -1.73 -0.28 -0.34
CA LEU A 52 -0.73 -0.10 0.71
C LEU A 52 0.13 1.14 0.41
N VAL A 53 0.47 1.89 1.44
CA VAL A 53 1.28 3.10 1.28
C VAL A 53 2.58 2.98 2.07
N VAL A 54 3.70 3.27 1.43
CA VAL A 54 4.99 3.32 2.12
C VAL A 54 5.63 4.69 1.92
N SER A 55 6.04 5.30 3.03
CA SER A 55 6.72 6.59 2.97
C SER A 55 8.26 6.47 2.96
N SER A 56 8.79 5.25 3.09
CA SER A 56 10.24 5.08 3.13
C SER A 56 10.66 3.69 2.65
N GLY A 57 11.89 3.59 2.16
CA GLY A 57 12.41 2.32 1.70
C GLY A 57 12.36 1.27 2.82
N GLN A 58 12.67 1.70 4.04
CA GLN A 58 12.66 0.79 5.18
C GLN A 58 11.27 0.19 5.36
N GLY A 59 10.23 1.02 5.23
CA GLY A 59 8.86 0.53 5.38
C GLY A 59 8.56 -0.55 4.36
N LEU A 60 8.95 -0.31 3.11
CA LEU A 60 8.66 -1.26 2.04
C LEU A 60 9.25 -2.63 2.37
N GLN A 61 10.52 -2.64 2.78
CA GLN A 61 11.19 -3.90 3.08
C GLN A 61 10.49 -4.63 4.21
N ASN A 62 10.06 -3.88 5.23
CA ASN A 62 9.33 -4.48 6.34
C ASN A 62 8.06 -5.16 5.85
N LEU A 63 7.37 -4.53 4.91
CA LEU A 63 6.14 -5.08 4.37
C LEU A 63 6.41 -6.46 3.78
N TYR A 64 7.51 -6.58 3.04
CA TYR A 64 7.87 -7.83 2.40
C TYR A 64 8.08 -8.93 3.44
N GLN A 65 8.83 -8.61 4.48
CA GLN A 65 9.15 -9.59 5.50
C GLN A 65 7.89 -10.11 6.20
N LEU A 66 6.98 -9.20 6.51
CA LEU A 66 5.74 -9.58 7.18
C LEU A 66 4.86 -10.42 6.26
N ALA A 67 4.88 -10.13 4.97
CA ALA A 67 4.12 -10.91 3.99
C ALA A 67 4.54 -12.37 4.03
N ALA A 68 5.84 -12.60 4.19
CA ALA A 68 6.34 -13.96 4.36
C ALA A 68 5.96 -14.82 3.15
N ALA A 69 5.62 -16.10 3.33
CA ALA A 69 5.35 -16.99 2.20
C ALA A 69 4.20 -16.51 1.32
N ASP A 70 3.34 -15.63 1.84
CA ASP A 70 2.16 -15.20 1.10
C ASP A 70 2.40 -13.93 0.27
N TRP A 71 3.65 -13.48 0.14
CA TRP A 71 3.97 -12.32 -0.66
C TRP A 71 3.31 -12.36 -2.06
N PRO A 72 3.35 -13.46 -2.78
CA PRO A 72 2.66 -13.55 -4.10
C PRO A 72 1.25 -12.97 -4.09
N GLU A 73 0.49 -13.23 -3.03
CA GLU A 73 -0.89 -12.76 -2.94
C GLU A 73 -0.93 -11.27 -2.61
N ILE A 74 -0.17 -10.88 -1.58
CA ILE A 74 -0.16 -9.49 -1.13
C ILE A 74 0.28 -8.56 -2.25
N GLY A 75 1.27 -8.99 -3.03
CA GLY A 75 1.85 -8.16 -4.08
C GLY A 75 0.84 -7.76 -5.16
N ARG A 76 -0.32 -8.40 -5.18
CA ARG A 76 -1.36 -8.09 -6.16
C ARG A 76 -1.92 -6.68 -5.97
N LEU A 77 -1.92 -6.20 -4.74
CA LEU A 77 -2.54 -4.92 -4.43
C LEU A 77 -1.67 -3.75 -4.89
N PRO A 78 -2.24 -2.61 -5.25
CA PRO A 78 -1.44 -1.41 -5.65
C PRO A 78 -0.51 -0.94 -4.51
N LEU A 79 0.76 -0.76 -4.85
CA LEU A 79 1.72 -0.23 -3.89
C LEU A 79 2.08 1.21 -4.24
N PHE A 80 1.91 2.13 -3.29
CA PHE A 80 2.33 3.51 -3.47
C PHE A 80 3.74 3.68 -2.93
N VAL A 81 4.67 4.12 -3.78
CA VAL A 81 6.04 4.38 -3.33
C VAL A 81 6.30 5.89 -3.28
N PRO A 82 7.12 6.36 -2.37
CA PRO A 82 7.33 7.82 -2.19
C PRO A 82 8.29 8.43 -3.22
N SER A 83 9.18 7.61 -3.76
CA SER A 83 10.23 8.13 -4.63
C SER A 83 10.57 7.15 -5.75
N PRO A 84 11.25 7.59 -6.79
CA PRO A 84 11.67 6.66 -7.89
C PRO A 84 12.53 5.52 -7.36
N ARG A 85 13.48 5.83 -6.48
CA ARG A 85 14.38 4.81 -5.96
C ARG A 85 13.61 3.69 -5.27
N VAL A 86 12.65 4.06 -4.43
CA VAL A 86 11.83 3.07 -3.75
C VAL A 86 11.07 2.23 -4.78
N ALA A 87 10.57 2.89 -5.83
CA ALA A 87 9.85 2.17 -6.88
C ALA A 87 10.73 1.09 -7.51
N GLU A 88 12.01 1.41 -7.69
CA GLU A 88 12.94 0.46 -8.29
C GLU A 88 13.03 -0.81 -7.46
N MET A 89 13.09 -0.64 -6.14
CA MET A 89 13.12 -1.81 -5.26
C MET A 89 11.81 -2.58 -5.37
N ALA A 90 10.69 -1.86 -5.39
CA ALA A 90 9.38 -2.48 -5.31
C ALA A 90 9.15 -3.45 -6.46
N ARG A 91 9.52 -3.04 -7.67
CA ARG A 91 9.37 -3.92 -8.83
C ARG A 91 10.30 -5.13 -8.70
N GLU A 92 11.52 -4.92 -8.21
CA GLU A 92 12.43 -6.04 -7.98
C GLU A 92 11.83 -7.05 -7.00
N LEU A 93 11.09 -6.57 -6.01
CA LEU A 93 10.42 -7.47 -5.07
C LEU A 93 9.45 -8.40 -5.78
N GLY A 94 8.89 -7.96 -6.91
CA GLY A 94 7.83 -8.71 -7.59
C GLY A 94 6.46 -8.06 -7.45
N ALA A 95 6.39 -6.79 -7.01
CA ALA A 95 5.11 -6.11 -6.89
C ALA A 95 4.42 -6.07 -8.26
N GLN A 96 3.21 -6.59 -8.31
CA GLN A 96 2.52 -6.76 -9.59
C GLN A 96 2.09 -5.41 -10.17
N ARG A 97 1.72 -4.47 -9.30
CA ARG A 97 1.34 -3.14 -9.74
C ARG A 97 2.07 -2.09 -8.89
N VAL A 98 2.96 -1.33 -9.53
CA VAL A 98 3.73 -0.32 -8.81
C VAL A 98 3.27 1.08 -9.23
N ILE A 99 2.99 1.92 -8.23
CA ILE A 99 2.50 3.27 -8.48
C ILE A 99 3.46 4.29 -7.86
N ASP A 100 3.92 5.24 -8.67
CA ASP A 100 4.77 6.32 -8.17
C ASP A 100 3.93 7.53 -7.83
N CYS A 101 3.88 7.88 -6.55
CA CYS A 101 3.08 9.04 -6.12
C CYS A 101 3.80 10.36 -6.41
N ARG A 102 5.14 10.33 -6.48
CA ARG A 102 5.90 11.56 -6.72
C ARG A 102 5.44 12.24 -8.01
N GLY A 103 5.10 11.44 -9.02
CA GLY A 103 4.64 11.99 -10.29
C GLY A 103 3.13 12.15 -10.32
N ALA A 104 2.41 11.24 -9.67
CA ALA A 104 0.95 11.29 -9.66
C ALA A 104 0.44 12.08 -8.46
N SER A 105 -0.40 13.08 -8.73
CA SER A 105 -0.94 13.92 -7.67
C SER A 105 -1.84 13.10 -6.74
N ALA A 106 -1.99 13.59 -5.51
CA ALA A 106 -2.83 12.90 -4.52
C ALA A 106 -4.20 12.49 -5.08
N PRO A 107 -4.99 13.39 -5.66
CA PRO A 107 -6.33 13.00 -6.20
C PRO A 107 -6.18 11.87 -7.23
N ALA A 108 -5.11 11.90 -8.01
CA ALA A 108 -4.84 10.85 -8.97
C ALA A 108 -4.71 9.50 -8.26
N LEU A 109 -4.03 9.50 -7.12
CA LEU A 109 -3.86 8.27 -6.34
C LEU A 109 -5.22 7.70 -5.95
N LEU A 110 -6.14 8.58 -5.54
CA LEU A 110 -7.48 8.15 -5.17
C LEU A 110 -8.14 7.41 -6.34
N ALA A 111 -7.99 7.97 -7.53
CA ALA A 111 -8.55 7.34 -8.72
C ALA A 111 -7.94 5.96 -8.94
N ALA A 112 -6.65 5.84 -8.69
CA ALA A 112 -5.97 4.56 -8.86
C ALA A 112 -6.57 3.49 -7.96
N LEU A 113 -6.89 3.86 -6.73
CA LEU A 113 -7.48 2.92 -5.79
C LEU A 113 -8.77 2.33 -6.35
N THR A 114 -9.65 3.22 -6.79
CA THR A 114 -10.96 2.79 -7.26
C THR A 114 -10.84 1.89 -8.49
N SER A 115 -9.94 2.25 -9.40
CA SER A 115 -9.76 1.45 -10.62
C SER A 115 -9.24 0.06 -10.29
N ALA A 116 -8.29 -0.02 -9.37
CA ALA A 116 -7.70 -1.31 -9.01
C ALA A 116 -8.75 -2.24 -8.41
N ALA A 117 -9.65 -1.69 -7.59
CA ALA A 117 -10.71 -2.48 -6.99
C ALA A 117 -11.58 -3.14 -8.05
N LEU A 118 -11.84 -2.42 -9.14
CA LEU A 118 -12.65 -2.96 -10.23
C LEU A 118 -12.02 -4.22 -10.80
N GLU A 119 -10.70 -4.24 -10.91
CA GLU A 119 -9.99 -5.41 -11.43
C GLU A 119 -10.23 -6.61 -10.53
N HIS A 120 -10.46 -7.77 -11.15
CA HIS A 120 -10.67 -9.00 -10.40
C HIS A 120 -9.82 -10.14 -10.95
N HIS A 121 -9.13 -10.84 -10.06
CA HIS A 121 -8.33 -12.00 -10.48
C HIS A 121 -9.22 -13.07 -11.11
N HIS A 122 -10.40 -13.27 -10.53
CA HIS A 122 -11.34 -14.26 -11.05
C HIS A 122 -12.51 -13.58 -11.74
N HIS A 123 -12.80 -14.01 -12.96
CA HIS A 123 -13.91 -13.44 -13.72
C HIS A 123 -15.23 -13.64 -12.98
N HIS A 124 -15.40 -14.83 -12.39
CA HIS A 124 -16.61 -15.14 -11.65
C HIS A 124 -16.35 -15.15 -10.15
N HIS A 125 -17.26 -14.55 -9.39
CA HIS A 125 -17.11 -14.48 -7.94
C HIS A 125 -18.44 -14.72 -7.25
N MET A 1 -17.90 5.37 -2.21
CA MET A 1 -16.67 4.55 -2.39
C MET A 1 -15.54 5.12 -1.55
N ASP A 2 -15.21 4.42 -0.47
CA ASP A 2 -14.15 4.85 0.44
C ASP A 2 -13.11 3.74 0.62
N PRO A 3 -12.15 3.63 -0.28
CA PRO A 3 -11.13 2.52 -0.20
C PRO A 3 -10.34 2.56 1.11
N LYS A 4 -9.82 1.41 1.52
CA LYS A 4 -9.04 1.32 2.75
C LYS A 4 -7.56 1.18 2.43
N VAL A 5 -6.71 1.92 3.15
CA VAL A 5 -5.26 1.81 2.96
C VAL A 5 -4.53 1.68 4.29
N LEU A 6 -3.46 0.88 4.26
CA LEU A 6 -2.63 0.67 5.44
C LEU A 6 -1.34 1.47 5.32
N ILE A 7 -0.96 2.13 6.41
CA ILE A 7 0.24 2.97 6.40
C ILE A 7 1.40 2.25 7.08
N MET A 8 2.57 2.31 6.43
CA MET A 8 3.80 1.80 7.02
C MET A 8 4.66 2.95 7.53
N ARG A 9 5.19 2.82 8.74
CA ARG A 9 5.94 3.91 9.35
C ARG A 9 7.12 4.31 8.46
N GLY A 10 7.41 5.61 8.46
CA GLY A 10 8.48 6.14 7.62
C GLY A 10 9.03 7.43 8.20
N GLU A 11 10.07 7.98 7.57
CA GLU A 11 10.70 9.20 8.04
C GLU A 11 9.67 10.32 8.28
N GLY A 12 8.61 10.33 7.48
CA GLY A 12 7.58 11.35 7.62
C GLY A 12 6.72 11.08 8.86
N GLY A 13 5.80 11.99 9.15
CA GLY A 13 4.95 11.85 10.33
C GLY A 13 3.68 11.06 10.02
N ARG A 14 3.39 10.09 10.88
CA ARG A 14 2.20 9.26 10.70
C ARG A 14 0.95 10.14 10.64
N GLU A 15 0.87 11.11 11.54
CA GLU A 15 -0.31 11.95 11.64
C GLU A 15 -0.54 12.73 10.35
N PHE A 16 0.53 13.28 9.79
CA PHE A 16 0.41 14.13 8.60
C PHE A 16 -0.15 13.36 7.42
N LEU A 17 0.51 12.26 7.07
CA LEU A 17 0.11 11.50 5.89
C LEU A 17 -1.31 10.96 6.03
N ALA A 18 -1.61 10.42 7.22
CA ALA A 18 -2.92 9.83 7.45
C ALA A 18 -4.02 10.87 7.32
N GLU A 19 -3.79 12.07 7.85
CA GLU A 19 -4.79 13.12 7.79
C GLU A 19 -5.13 13.46 6.34
N ARG A 20 -4.10 13.52 5.50
CA ARG A 20 -4.31 13.86 4.10
C ARG A 20 -5.26 12.87 3.42
N LEU A 21 -4.96 11.57 3.53
CA LEU A 21 -5.79 10.56 2.88
C LEU A 21 -7.22 10.59 3.43
N ARG A 22 -7.36 10.82 4.73
CA ARG A 22 -8.68 10.87 5.35
C ARG A 22 -9.51 12.01 4.77
N GLY A 23 -8.89 13.18 4.63
CA GLY A 23 -9.61 14.35 4.11
C GLY A 23 -10.15 14.10 2.70
N GLN A 24 -9.46 13.26 1.93
CA GLN A 24 -9.90 12.96 0.56
C GLN A 24 -10.88 11.79 0.49
N GLY A 25 -11.37 11.29 1.62
CA GLY A 25 -12.42 10.27 1.62
C GLY A 25 -11.89 8.85 1.69
N VAL A 26 -10.61 8.67 2.03
CA VAL A 26 -10.05 7.33 2.17
C VAL A 26 -9.96 6.95 3.65
N GLN A 27 -10.30 5.71 3.96
CA GLN A 27 -10.22 5.22 5.33
C GLN A 27 -8.78 4.88 5.67
N VAL A 28 -8.29 5.37 6.81
CA VAL A 28 -6.88 5.26 7.15
C VAL A 28 -6.66 4.41 8.41
N ASP A 29 -5.74 3.46 8.30
CA ASP A 29 -5.28 2.72 9.46
C ASP A 29 -3.76 2.52 9.37
N TYR A 30 -3.03 2.79 10.45
CA TYR A 30 -1.57 2.65 10.42
C TYR A 30 -1.11 1.50 11.32
N LEU A 31 -0.15 0.73 10.82
CA LEU A 31 0.34 -0.46 11.52
C LEU A 31 1.84 -0.30 11.83
N PRO A 32 2.26 -0.19 13.08
CA PRO A 32 3.71 -0.11 13.41
C PRO A 32 4.50 -1.29 12.85
N LEU A 33 5.65 -0.99 12.26
CA LEU A 33 6.49 -2.03 11.64
C LEU A 33 6.96 -3.09 12.64
N ASP A 34 6.75 -2.87 13.94
CA ASP A 34 7.22 -3.82 14.95
C ASP A 34 6.34 -5.07 15.06
N TYR A 35 5.18 -5.09 14.41
CA TYR A 35 4.28 -6.23 14.50
C TYR A 35 4.96 -7.49 13.93
N PRO A 36 4.68 -8.67 14.46
CA PRO A 36 5.34 -9.92 13.96
C PRO A 36 4.76 -10.43 12.65
N ALA A 37 5.55 -11.24 11.94
CA ALA A 37 5.14 -11.78 10.65
C ALA A 37 3.78 -12.46 10.73
N GLY A 38 3.06 -12.47 9.62
CA GLY A 38 1.72 -13.05 9.59
C GLY A 38 0.65 -11.98 9.79
N GLU A 39 0.93 -10.98 10.63
CA GLU A 39 -0.05 -9.94 10.92
C GLU A 39 -0.46 -9.20 9.65
N LEU A 40 0.51 -8.97 8.75
CA LEU A 40 0.23 -8.24 7.53
C LEU A 40 -0.87 -8.94 6.73
N LEU A 41 -0.73 -10.26 6.59
CA LEU A 41 -1.69 -11.03 5.79
C LEU A 41 -3.09 -10.92 6.39
N ALA A 42 -3.19 -11.05 7.72
CA ALA A 42 -4.49 -11.05 8.37
C ALA A 42 -5.20 -9.72 8.18
N ARG A 43 -4.47 -8.62 8.32
CA ARG A 43 -5.06 -7.30 8.14
C ARG A 43 -5.60 -7.13 6.72
N VAL A 44 -4.83 -7.61 5.74
CA VAL A 44 -5.20 -7.42 4.35
C VAL A 44 -6.55 -8.11 4.06
N ARG A 45 -6.68 -9.35 4.50
CA ARG A 45 -7.88 -10.13 4.17
C ARG A 45 -9.10 -9.69 4.97
N ALA A 46 -8.93 -9.46 6.26
CA ALA A 46 -10.05 -9.12 7.13
C ALA A 46 -10.63 -7.75 6.82
N GLU A 47 -9.76 -6.77 6.62
CA GLU A 47 -10.20 -5.41 6.33
C GLU A 47 -10.55 -5.18 4.86
N ARG A 48 -10.21 -6.13 3.98
CA ARG A 48 -10.48 -5.96 2.55
C ARG A 48 -9.76 -4.70 2.05
N LEU A 49 -8.45 -4.66 2.27
CA LEU A 49 -7.67 -3.47 1.94
C LEU A 49 -7.52 -3.30 0.43
N ASN A 50 -7.50 -2.05 0.00
CA ASN A 50 -7.37 -1.72 -1.41
C ASN A 50 -5.91 -1.44 -1.76
N GLY A 51 -5.21 -0.74 -0.88
CA GLY A 51 -3.84 -0.31 -1.19
C GLY A 51 -2.95 -0.17 0.04
N LEU A 52 -1.65 -0.06 -0.23
CA LEU A 52 -0.66 0.11 0.82
C LEU A 52 0.22 1.34 0.53
N VAL A 53 0.61 2.05 1.58
CA VAL A 53 1.44 3.25 1.41
C VAL A 53 2.75 3.11 2.18
N VAL A 54 3.87 3.36 1.50
CA VAL A 54 5.17 3.41 2.18
C VAL A 54 5.89 4.71 1.85
N SER A 55 6.74 5.16 2.77
CA SER A 55 7.53 6.37 2.56
C SER A 55 9.04 6.13 2.69
N SER A 56 9.47 4.87 2.82
CA SER A 56 10.90 4.59 2.97
C SER A 56 11.26 3.18 2.51
N GLY A 57 12.49 3.02 2.05
CA GLY A 57 12.97 1.70 1.65
C GLY A 57 12.86 0.70 2.80
N GLN A 58 13.16 1.16 4.00
CA GLN A 58 13.09 0.30 5.17
C GLN A 58 11.68 -0.27 5.34
N GLY A 59 10.67 0.59 5.12
CA GLY A 59 9.29 0.16 5.25
C GLY A 59 8.97 -0.96 4.27
N LEU A 60 9.37 -0.76 3.02
CA LEU A 60 9.06 -1.74 1.98
C LEU A 60 9.63 -3.11 2.35
N GLN A 61 10.87 -3.11 2.83
CA GLN A 61 11.52 -4.37 3.21
C GLN A 61 10.76 -5.05 4.33
N ASN A 62 10.31 -4.28 5.31
CA ASN A 62 9.55 -4.83 6.42
C ASN A 62 8.28 -5.50 5.92
N LEU A 63 7.63 -4.88 4.93
CA LEU A 63 6.41 -5.44 4.36
C LEU A 63 6.67 -6.84 3.82
N TYR A 64 7.78 -6.99 3.12
CA TYR A 64 8.13 -8.27 2.51
C TYR A 64 8.28 -9.34 3.58
N GLN A 65 9.02 -9.02 4.63
CA GLN A 65 9.29 -9.98 5.70
C GLN A 65 8.00 -10.42 6.37
N LEU A 66 7.12 -9.47 6.66
CA LEU A 66 5.85 -9.78 7.30
C LEU A 66 4.95 -10.61 6.38
N ALA A 67 5.02 -10.35 5.08
CA ALA A 67 4.23 -11.11 4.11
C ALA A 67 4.58 -12.60 4.18
N ALA A 68 5.87 -12.89 4.38
CA ALA A 68 6.30 -14.27 4.58
C ALA A 68 5.90 -15.11 3.35
N ALA A 69 5.49 -16.38 3.53
CA ALA A 69 5.20 -17.25 2.39
C ALA A 69 4.10 -16.70 1.49
N ASP A 70 3.28 -15.78 1.99
CA ASP A 70 2.14 -15.28 1.23
C ASP A 70 2.45 -14.04 0.39
N TRP A 71 3.73 -13.67 0.26
CA TRP A 71 4.12 -12.52 -0.56
C TRP A 71 3.44 -12.54 -1.95
N PRO A 72 3.44 -13.64 -2.67
CA PRO A 72 2.75 -13.71 -3.99
C PRO A 72 1.36 -13.07 -3.99
N GLU A 73 0.59 -13.31 -2.93
CA GLU A 73 -0.77 -12.78 -2.86
C GLU A 73 -0.76 -11.29 -2.50
N ILE A 74 -0.01 -10.95 -1.47
CA ILE A 74 0.04 -9.56 -0.99
C ILE A 74 0.52 -8.62 -2.10
N GLY A 75 1.51 -9.06 -2.86
CA GLY A 75 2.11 -8.23 -3.91
C GLY A 75 1.10 -7.80 -4.97
N ARG A 76 -0.06 -8.46 -5.02
CA ARG A 76 -1.10 -8.12 -5.99
C ARG A 76 -1.64 -6.71 -5.78
N LEU A 77 -1.64 -6.23 -4.54
CA LEU A 77 -2.27 -4.96 -4.22
C LEU A 77 -1.41 -3.78 -4.70
N PRO A 78 -2.01 -2.66 -5.07
CA PRO A 78 -1.22 -1.45 -5.47
C PRO A 78 -0.36 -0.91 -4.32
N LEU A 79 0.93 -0.70 -4.60
CA LEU A 79 1.81 -0.07 -3.62
C LEU A 79 2.16 1.35 -4.04
N PHE A 80 1.94 2.31 -3.15
CA PHE A 80 2.33 3.69 -3.40
C PHE A 80 3.75 3.92 -2.91
N VAL A 81 4.63 4.40 -3.79
CA VAL A 81 6.01 4.71 -3.42
C VAL A 81 6.26 6.22 -3.51
N PRO A 82 7.11 6.78 -2.67
CA PRO A 82 7.32 8.26 -2.65
C PRO A 82 8.25 8.76 -3.76
N SER A 83 9.11 7.87 -4.28
CA SER A 83 10.14 8.30 -5.21
C SER A 83 10.39 7.23 -6.28
N PRO A 84 10.95 7.59 -7.42
CA PRO A 84 11.30 6.58 -8.47
C PRO A 84 12.17 5.46 -7.89
N ARG A 85 13.17 5.83 -7.08
CA ARG A 85 14.07 4.83 -6.51
C ARG A 85 13.31 3.77 -5.73
N VAL A 86 12.41 4.22 -4.86
CA VAL A 86 11.60 3.28 -4.08
C VAL A 86 10.78 2.39 -5.02
N ALA A 87 10.24 2.98 -6.08
CA ALA A 87 9.43 2.23 -7.03
C ALA A 87 10.24 1.06 -7.61
N GLU A 88 11.50 1.33 -7.94
CA GLU A 88 12.36 0.31 -8.51
C GLU A 88 12.53 -0.85 -7.54
N MET A 89 12.71 -0.53 -6.27
CA MET A 89 12.89 -1.57 -5.25
C MET A 89 11.66 -2.48 -5.20
N ALA A 90 10.48 -1.87 -5.24
CA ALA A 90 9.24 -2.63 -5.18
C ALA A 90 9.13 -3.58 -6.37
N ARG A 91 9.52 -3.10 -7.55
CA ARG A 91 9.47 -3.91 -8.75
C ARG A 91 10.37 -5.14 -8.60
N GLU A 92 11.58 -4.93 -8.08
CA GLU A 92 12.53 -6.02 -7.94
C GLU A 92 11.99 -7.13 -7.05
N LEU A 93 11.24 -6.76 -6.02
CA LEU A 93 10.62 -7.74 -5.13
C LEU A 93 9.56 -8.59 -5.85
N GLY A 94 8.99 -8.06 -6.93
CA GLY A 94 7.92 -8.78 -7.63
C GLY A 94 6.55 -8.09 -7.49
N ALA A 95 6.51 -6.84 -7.01
CA ALA A 95 5.23 -6.14 -6.85
C ALA A 95 4.51 -6.07 -8.18
N GLN A 96 3.30 -6.62 -8.21
CA GLN A 96 2.57 -6.76 -9.46
C GLN A 96 2.10 -5.41 -10.00
N ARG A 97 1.73 -4.50 -9.09
CA ARG A 97 1.31 -3.16 -9.49
C ARG A 97 2.05 -2.11 -8.66
N VAL A 98 2.91 -1.35 -9.31
CA VAL A 98 3.68 -0.31 -8.63
C VAL A 98 3.21 1.07 -9.08
N ILE A 99 2.92 1.93 -8.12
CA ILE A 99 2.38 3.26 -8.41
C ILE A 99 3.33 4.33 -7.87
N ASP A 100 3.75 5.25 -8.74
CA ASP A 100 4.59 6.37 -8.32
C ASP A 100 3.74 7.58 -8.02
N CYS A 101 3.77 8.05 -6.77
CA CYS A 101 2.99 9.22 -6.38
C CYS A 101 3.75 10.53 -6.59
N ARG A 102 5.07 10.47 -6.71
CA ARG A 102 5.87 11.67 -6.90
C ARG A 102 5.38 12.45 -8.13
N GLY A 103 5.01 11.73 -9.18
CA GLY A 103 4.52 12.37 -10.40
C GLY A 103 2.99 12.49 -10.39
N ALA A 104 2.32 11.50 -9.81
CA ALA A 104 0.86 11.51 -9.76
C ALA A 104 0.37 12.22 -8.50
N SER A 105 -0.48 13.22 -8.68
CA SER A 105 -1.00 13.99 -7.55
C SER A 105 -1.86 13.11 -6.64
N ALA A 106 -2.02 13.53 -5.40
CA ALA A 106 -2.84 12.80 -4.43
C ALA A 106 -4.20 12.38 -5.00
N PRO A 107 -5.01 13.30 -5.53
CA PRO A 107 -6.35 12.90 -6.08
C PRO A 107 -6.21 11.83 -7.16
N ALA A 108 -5.14 11.90 -7.94
CA ALA A 108 -4.87 10.89 -8.95
C ALA A 108 -4.72 9.52 -8.29
N LEU A 109 -4.02 9.49 -7.16
CA LEU A 109 -3.83 8.24 -6.42
C LEU A 109 -5.19 7.66 -6.02
N LEU A 110 -6.11 8.52 -5.59
CA LEU A 110 -7.44 8.08 -5.21
C LEU A 110 -8.10 7.35 -6.38
N ALA A 111 -7.97 7.92 -7.56
CA ALA A 111 -8.53 7.32 -8.77
C ALA A 111 -7.92 5.94 -9.00
N ALA A 112 -6.61 5.83 -8.77
CA ALA A 112 -5.92 4.56 -8.97
C ALA A 112 -6.51 3.47 -8.08
N LEU A 113 -6.83 3.82 -6.84
CA LEU A 113 -7.41 2.85 -5.92
C LEU A 113 -8.70 2.27 -6.48
N THR A 114 -9.60 3.16 -6.89
CA THR A 114 -10.91 2.72 -7.36
C THR A 114 -10.79 1.87 -8.62
N SER A 115 -9.90 2.26 -9.53
CA SER A 115 -9.72 1.52 -10.77
C SER A 115 -9.23 0.10 -10.51
N ALA A 116 -8.27 -0.04 -9.61
CA ALA A 116 -7.69 -1.34 -9.30
C ALA A 116 -8.76 -2.29 -8.73
N ALA A 117 -9.64 -1.75 -7.88
CA ALA A 117 -10.68 -2.56 -7.28
C ALA A 117 -11.61 -3.15 -8.35
N LEU A 118 -11.86 -2.39 -9.40
CA LEU A 118 -12.75 -2.85 -10.47
C LEU A 118 -12.19 -4.12 -11.12
N GLU A 119 -10.88 -4.18 -11.29
CA GLU A 119 -10.25 -5.33 -11.92
C GLU A 119 -10.46 -6.59 -11.10
N HIS A 120 -10.41 -6.46 -9.78
CA HIS A 120 -10.58 -7.62 -8.90
C HIS A 120 -11.94 -8.27 -9.09
N HIS A 121 -12.97 -7.43 -9.20
CA HIS A 121 -14.34 -7.93 -9.34
C HIS A 121 -14.46 -8.89 -10.53
N HIS A 122 -13.73 -8.62 -11.60
CA HIS A 122 -13.78 -9.46 -12.79
C HIS A 122 -12.58 -10.38 -12.86
N HIS A 123 -12.84 -11.68 -13.00
CA HIS A 123 -11.78 -12.67 -13.10
C HIS A 123 -10.87 -12.37 -14.30
N HIS A 124 -11.48 -11.94 -15.40
CA HIS A 124 -10.72 -11.66 -16.62
C HIS A 124 -10.63 -10.15 -16.84
N HIS A 125 -9.46 -9.70 -17.27
CA HIS A 125 -9.26 -8.28 -17.52
C HIS A 125 -9.94 -7.85 -18.81
N MET A 1 -18.02 5.08 -1.70
CA MET A 1 -16.99 4.04 -1.40
C MET A 1 -15.84 4.68 -0.63
N ASP A 2 -15.34 3.95 0.37
CA ASP A 2 -14.24 4.44 1.20
C ASP A 2 -13.10 3.41 1.23
N PRO A 3 -12.24 3.39 0.23
CA PRO A 3 -11.15 2.36 0.17
C PRO A 3 -10.26 2.39 1.42
N LYS A 4 -9.63 1.26 1.73
CA LYS A 4 -8.78 1.16 2.91
C LYS A 4 -7.31 1.01 2.50
N VAL A 5 -6.42 1.71 3.21
CA VAL A 5 -4.98 1.57 2.98
C VAL A 5 -4.21 1.44 4.28
N LEU A 6 -3.16 0.62 4.24
CA LEU A 6 -2.31 0.40 5.39
C LEU A 6 -0.98 1.15 5.22
N ILE A 7 -0.53 1.82 6.29
CA ILE A 7 0.68 2.63 6.22
C ILE A 7 1.86 1.92 6.88
N MET A 8 3.00 1.95 6.20
CA MET A 8 4.25 1.48 6.76
C MET A 8 5.01 2.67 7.33
N ARG A 9 5.54 2.53 8.55
CA ARG A 9 6.24 3.63 9.21
C ARG A 9 7.49 4.01 8.42
N GLY A 10 7.79 5.30 8.39
CA GLY A 10 8.94 5.79 7.64
C GLY A 10 9.43 7.13 8.19
N GLU A 11 10.53 7.61 7.65
CA GLU A 11 11.10 8.90 8.09
C GLU A 11 10.05 10.01 8.06
N GLY A 12 9.12 9.94 7.12
CA GLY A 12 8.08 10.95 7.00
C GLY A 12 7.11 10.86 8.17
N GLY A 13 6.16 11.78 8.22
CA GLY A 13 5.19 11.81 9.31
C GLY A 13 3.96 10.98 9.01
N ARG A 14 3.70 9.97 9.84
CA ARG A 14 2.53 9.13 9.68
C ARG A 14 1.25 9.97 9.68
N GLU A 15 1.20 10.94 10.58
CA GLU A 15 0.01 11.78 10.71
C GLU A 15 -0.25 12.57 9.44
N PHE A 16 0.81 13.09 8.82
CA PHE A 16 0.65 13.93 7.63
C PHE A 16 0.02 13.14 6.49
N LEU A 17 0.65 12.03 6.12
CA LEU A 17 0.17 11.24 4.99
C LEU A 17 -1.26 10.76 5.23
N ALA A 18 -1.53 10.27 6.43
CA ALA A 18 -2.85 9.76 6.75
C ALA A 18 -3.89 10.86 6.66
N GLU A 19 -3.53 12.07 7.08
CA GLU A 19 -4.48 13.18 7.07
C GLU A 19 -4.95 13.46 5.65
N ARG A 20 -4.03 13.44 4.68
CA ARG A 20 -4.40 13.73 3.30
C ARG A 20 -5.41 12.70 2.79
N LEU A 21 -5.08 11.42 2.94
CA LEU A 21 -5.98 10.37 2.45
C LEU A 21 -7.33 10.43 3.14
N ARG A 22 -7.34 10.75 4.43
CA ARG A 22 -8.58 10.82 5.19
C ARG A 22 -9.48 11.93 4.64
N GLY A 23 -8.90 13.09 4.36
CA GLY A 23 -9.67 14.22 3.86
C GLY A 23 -10.39 13.88 2.55
N GLN A 24 -9.80 12.99 1.75
CA GLN A 24 -10.41 12.60 0.49
C GLN A 24 -11.38 11.41 0.62
N GLY A 25 -11.73 11.02 1.85
CA GLY A 25 -12.73 9.97 2.06
C GLY A 25 -12.13 8.56 2.11
N VAL A 26 -10.83 8.45 2.34
CA VAL A 26 -10.19 7.15 2.45
C VAL A 26 -9.95 6.80 3.91
N GLN A 27 -10.17 5.53 4.27
CA GLN A 27 -9.95 5.08 5.63
C GLN A 27 -8.48 4.72 5.81
N VAL A 28 -7.87 5.24 6.87
CA VAL A 28 -6.44 5.08 7.07
C VAL A 28 -6.12 4.34 8.37
N ASP A 29 -5.23 3.37 8.28
CA ASP A 29 -4.70 2.70 9.47
C ASP A 29 -3.20 2.48 9.30
N TYR A 30 -2.41 2.81 10.31
CA TYR A 30 -0.96 2.63 10.25
C TYR A 30 -0.50 1.56 11.24
N LEU A 31 0.41 0.69 10.79
CA LEU A 31 0.82 -0.47 11.58
C LEU A 31 2.30 -0.35 11.99
N PRO A 32 2.64 -0.20 13.26
CA PRO A 32 4.07 -0.20 13.68
C PRO A 32 4.84 -1.39 13.09
N LEU A 33 6.03 -1.12 12.59
CA LEU A 33 6.80 -2.16 11.88
C LEU A 33 7.21 -3.31 12.79
N ASP A 34 7.10 -3.16 14.11
CA ASP A 34 7.51 -4.20 15.04
C ASP A 34 6.51 -5.36 15.14
N TYR A 35 5.35 -5.26 14.50
CA TYR A 35 4.33 -6.31 14.59
C TYR A 35 4.91 -7.64 14.05
N PRO A 36 4.44 -8.77 14.55
CA PRO A 36 4.98 -10.09 14.10
C PRO A 36 4.43 -10.54 12.75
N ALA A 37 5.21 -11.32 12.03
CA ALA A 37 4.81 -11.81 10.71
C ALA A 37 3.45 -12.49 10.77
N GLY A 38 2.74 -12.46 9.65
CA GLY A 38 1.39 -13.03 9.60
C GLY A 38 0.32 -11.96 9.80
N GLU A 39 0.60 -10.98 10.66
CA GLU A 39 -0.39 -9.95 10.96
C GLU A 39 -0.75 -9.18 9.70
N LEU A 40 0.24 -8.93 8.83
CA LEU A 40 -0.02 -8.18 7.61
C LEU A 40 -1.07 -8.88 6.76
N LEU A 41 -0.91 -10.19 6.60
CA LEU A 41 -1.83 -10.96 5.75
C LEU A 41 -3.24 -10.89 6.29
N ALA A 42 -3.39 -11.06 7.60
CA ALA A 42 -4.71 -11.09 8.20
C ALA A 42 -5.45 -9.77 7.98
N ARG A 43 -4.74 -8.66 8.18
CA ARG A 43 -5.35 -7.35 8.01
C ARG A 43 -5.82 -7.16 6.57
N VAL A 44 -5.01 -7.59 5.61
CA VAL A 44 -5.34 -7.40 4.20
C VAL A 44 -6.67 -8.09 3.89
N ARG A 45 -6.83 -9.33 4.36
CA ARG A 45 -8.02 -10.11 4.05
C ARG A 45 -9.25 -9.59 4.77
N ALA A 46 -9.14 -9.40 6.09
CA ALA A 46 -10.30 -9.07 6.92
C ALA A 46 -10.91 -7.73 6.53
N GLU A 47 -10.07 -6.72 6.33
CA GLU A 47 -10.56 -5.39 5.95
C GLU A 47 -10.67 -5.21 4.42
N ARG A 48 -10.20 -6.18 3.64
CA ARG A 48 -10.26 -6.06 2.18
C ARG A 48 -9.55 -4.78 1.72
N LEU A 49 -8.28 -4.67 2.10
CA LEU A 49 -7.52 -3.46 1.82
C LEU A 49 -7.33 -3.28 0.31
N ASN A 50 -7.44 -2.03 -0.13
CA ASN A 50 -7.27 -1.70 -1.53
C ASN A 50 -5.80 -1.53 -1.88
N GLY A 51 -5.05 -0.88 -0.97
CA GLY A 51 -3.66 -0.56 -1.29
C GLY A 51 -2.76 -0.42 -0.06
N LEU A 52 -1.46 -0.38 -0.32
CA LEU A 52 -0.46 -0.20 0.72
C LEU A 52 0.40 1.02 0.41
N VAL A 53 0.80 1.77 1.43
CA VAL A 53 1.62 2.96 1.24
C VAL A 53 2.92 2.85 2.03
N VAL A 54 4.04 3.16 1.38
CA VAL A 54 5.33 3.20 2.07
C VAL A 54 6.01 4.54 1.84
N SER A 55 6.67 5.04 2.87
CA SER A 55 7.41 6.30 2.76
C SER A 55 8.91 6.08 2.51
N SER A 56 9.42 4.89 2.80
CA SER A 56 10.86 4.65 2.69
C SER A 56 11.16 3.18 2.38
N GLY A 57 12.38 2.94 1.88
CA GLY A 57 12.79 1.58 1.57
C GLY A 57 12.67 0.67 2.79
N GLN A 58 13.02 1.20 3.96
CA GLN A 58 12.97 0.40 5.19
C GLN A 58 11.57 -0.12 5.43
N GLY A 59 10.57 0.74 5.27
CA GLY A 59 9.18 0.33 5.45
C GLY A 59 8.83 -0.79 4.48
N LEU A 60 9.23 -0.63 3.22
CA LEU A 60 8.93 -1.64 2.21
C LEU A 60 9.46 -3.00 2.62
N GLN A 61 10.67 -3.02 3.14
CA GLN A 61 11.29 -4.28 3.56
C GLN A 61 10.47 -4.95 4.65
N ASN A 62 10.00 -4.15 5.61
CA ASN A 62 9.18 -4.69 6.70
C ASN A 62 7.93 -5.36 6.14
N LEU A 63 7.32 -4.71 5.14
CA LEU A 63 6.10 -5.26 4.54
C LEU A 63 6.37 -6.65 3.98
N TYR A 64 7.49 -6.80 3.30
CA TYR A 64 7.84 -8.08 2.69
C TYR A 64 7.96 -9.16 3.75
N GLN A 65 8.69 -8.86 4.83
CA GLN A 65 8.93 -9.84 5.87
C GLN A 65 7.63 -10.29 6.51
N LEU A 66 6.74 -9.35 6.76
CA LEU A 66 5.44 -9.68 7.37
C LEU A 66 4.59 -10.53 6.44
N ALA A 67 4.67 -10.27 5.14
CA ALA A 67 3.93 -11.05 4.16
C ALA A 67 4.32 -12.52 4.23
N ALA A 68 5.60 -12.77 4.45
CA ALA A 68 6.07 -14.15 4.65
C ALA A 68 5.71 -15.00 3.42
N ALA A 69 5.34 -16.27 3.60
CA ALA A 69 5.11 -17.17 2.46
C ALA A 69 4.02 -16.65 1.51
N ASP A 70 3.16 -15.76 1.99
CA ASP A 70 2.02 -15.30 1.18
C ASP A 70 2.33 -14.04 0.37
N TRP A 71 3.59 -13.64 0.29
CA TRP A 71 3.97 -12.48 -0.52
C TRP A 71 3.36 -12.50 -1.92
N PRO A 72 3.39 -13.60 -2.65
CA PRO A 72 2.75 -13.67 -4.00
C PRO A 72 1.34 -13.06 -4.03
N GLU A 73 0.55 -13.32 -2.99
CA GLU A 73 -0.82 -12.81 -2.95
C GLU A 73 -0.84 -11.32 -2.60
N ILE A 74 -0.11 -10.96 -1.55
CA ILE A 74 -0.10 -9.58 -1.06
C ILE A 74 0.41 -8.63 -2.14
N GLY A 75 1.44 -9.05 -2.86
CA GLY A 75 2.04 -8.21 -3.89
C GLY A 75 1.07 -7.80 -5.00
N ARG A 76 -0.10 -8.45 -5.06
CA ARG A 76 -1.12 -8.11 -6.04
C ARG A 76 -1.67 -6.71 -5.83
N LEU A 77 -1.71 -6.25 -4.58
CA LEU A 77 -2.30 -4.95 -4.27
C LEU A 77 -1.38 -3.82 -4.75
N PRO A 78 -1.90 -2.72 -5.27
CA PRO A 78 -1.05 -1.57 -5.69
C PRO A 78 -0.23 -1.00 -4.53
N LEU A 79 1.04 -0.73 -4.79
CA LEU A 79 1.91 -0.12 -3.79
C LEU A 79 2.25 1.33 -4.18
N PHE A 80 2.01 2.26 -3.26
CA PHE A 80 2.36 3.66 -3.49
C PHE A 80 3.77 3.93 -2.98
N VAL A 81 4.63 4.50 -3.83
CA VAL A 81 5.98 4.87 -3.42
C VAL A 81 6.19 6.38 -3.58
N PRO A 82 6.98 7.02 -2.75
CA PRO A 82 7.14 8.50 -2.80
C PRO A 82 8.10 8.97 -3.90
N SER A 83 9.01 8.10 -4.31
CA SER A 83 10.08 8.50 -5.21
C SER A 83 10.39 7.40 -6.23
N PRO A 84 11.00 7.73 -7.35
CA PRO A 84 11.41 6.70 -8.35
C PRO A 84 12.26 5.60 -7.72
N ARG A 85 13.22 6.00 -6.88
CA ARG A 85 14.12 5.03 -6.26
C ARG A 85 13.34 4.00 -5.45
N VAL A 86 12.40 4.47 -4.63
CA VAL A 86 11.57 3.56 -3.84
C VAL A 86 10.78 2.64 -4.77
N ALA A 87 10.29 3.19 -5.88
CA ALA A 87 9.53 2.39 -6.83
C ALA A 87 10.37 1.22 -7.33
N GLU A 88 11.64 1.47 -7.59
CA GLU A 88 12.55 0.41 -8.05
C GLU A 88 12.65 -0.70 -7.01
N MET A 89 12.71 -0.31 -5.74
CA MET A 89 12.79 -1.30 -4.67
C MET A 89 11.59 -2.23 -4.71
N ALA A 90 10.42 -1.65 -4.88
CA ALA A 90 9.18 -2.43 -4.93
C ALA A 90 9.20 -3.41 -6.10
N ARG A 91 9.70 -2.96 -7.23
CA ARG A 91 9.77 -3.81 -8.41
C ARG A 91 10.65 -5.02 -8.16
N GLU A 92 11.81 -4.80 -7.55
CA GLU A 92 12.75 -5.90 -7.31
C GLU A 92 12.12 -6.99 -6.45
N LEU A 93 11.29 -6.59 -5.49
CA LEU A 93 10.58 -7.57 -4.65
C LEU A 93 9.60 -8.41 -5.47
N GLY A 94 9.10 -7.88 -6.59
CA GLY A 94 8.09 -8.60 -7.38
C GLY A 94 6.71 -7.94 -7.33
N ALA A 95 6.60 -6.70 -6.83
CA ALA A 95 5.30 -6.05 -6.72
C ALA A 95 4.63 -5.99 -8.09
N GLN A 96 3.43 -6.57 -8.17
CA GLN A 96 2.76 -6.74 -9.45
C GLN A 96 2.34 -5.40 -10.04
N ARG A 97 1.95 -4.46 -9.18
CA ARG A 97 1.57 -3.13 -9.64
C ARG A 97 2.25 -2.07 -8.79
N VAL A 98 3.09 -1.25 -9.42
CA VAL A 98 3.82 -0.21 -8.71
C VAL A 98 3.36 1.17 -9.18
N ILE A 99 3.04 2.04 -8.23
CA ILE A 99 2.53 3.37 -8.51
C ILE A 99 3.47 4.43 -7.95
N ASP A 100 3.95 5.33 -8.82
CA ASP A 100 4.78 6.43 -8.37
C ASP A 100 3.92 7.67 -8.15
N CYS A 101 3.87 8.15 -6.90
CA CYS A 101 3.05 9.32 -6.57
C CYS A 101 3.82 10.63 -6.60
N ARG A 102 5.13 10.59 -6.88
CA ARG A 102 5.94 11.81 -6.91
C ARG A 102 5.35 12.81 -7.91
N GLY A 103 4.88 12.31 -9.04
CA GLY A 103 4.26 13.17 -10.05
C GLY A 103 2.75 13.19 -9.92
N ALA A 104 2.16 12.06 -9.55
CA ALA A 104 0.71 11.98 -9.38
C ALA A 104 0.26 12.78 -8.17
N SER A 105 -0.90 13.42 -8.30
CA SER A 105 -1.45 14.22 -7.21
C SER A 105 -2.33 13.36 -6.30
N ALA A 106 -2.55 13.83 -5.08
CA ALA A 106 -3.37 13.09 -4.12
C ALA A 106 -4.71 12.60 -4.72
N PRO A 107 -5.52 13.47 -5.30
CA PRO A 107 -6.82 13.01 -5.89
C PRO A 107 -6.61 11.94 -6.96
N ALA A 108 -5.51 12.06 -7.71
CA ALA A 108 -5.19 11.06 -8.73
C ALA A 108 -5.03 9.69 -8.08
N LEU A 109 -4.34 9.66 -6.95
CA LEU A 109 -4.12 8.40 -6.23
C LEU A 109 -5.46 7.78 -5.84
N LEU A 110 -6.40 8.63 -5.40
CA LEU A 110 -7.72 8.14 -5.02
C LEU A 110 -8.37 7.40 -6.19
N ALA A 111 -8.25 7.99 -7.38
CA ALA A 111 -8.81 7.36 -8.58
C ALA A 111 -8.16 6.01 -8.82
N ALA A 112 -6.85 5.92 -8.59
CA ALA A 112 -6.13 4.67 -8.77
C ALA A 112 -6.69 3.59 -7.87
N LEU A 113 -7.02 3.95 -6.63
CA LEU A 113 -7.55 2.99 -5.67
C LEU A 113 -8.81 2.33 -6.22
N THR A 114 -9.75 3.15 -6.66
CA THR A 114 -11.03 2.65 -7.12
C THR A 114 -10.88 1.79 -8.36
N SER A 115 -10.03 2.22 -9.29
CA SER A 115 -9.82 1.47 -10.53
C SER A 115 -9.27 0.08 -10.24
N ALA A 116 -8.30 0.00 -9.34
CA ALA A 116 -7.67 -1.28 -9.02
C ALA A 116 -8.67 -2.25 -8.41
N ALA A 117 -9.50 -1.76 -7.51
CA ALA A 117 -10.51 -2.60 -6.87
C ALA A 117 -11.50 -3.16 -7.89
N LEU A 118 -11.88 -2.33 -8.85
CA LEU A 118 -12.89 -2.74 -9.85
C LEU A 118 -12.37 -3.87 -10.72
N GLU A 119 -11.10 -3.83 -11.10
CA GLU A 119 -10.52 -4.85 -11.97
C GLU A 119 -9.43 -5.62 -11.25
N HIS A 120 -9.51 -6.95 -11.30
CA HIS A 120 -8.55 -7.81 -10.62
C HIS A 120 -7.14 -7.59 -11.16
N HIS A 121 -7.02 -7.46 -12.48
CA HIS A 121 -5.71 -7.33 -13.12
C HIS A 121 -5.56 -5.99 -13.81
N HIS A 122 -4.37 -5.40 -13.69
CA HIS A 122 -4.07 -4.12 -14.34
C HIS A 122 -3.50 -4.31 -15.76
N HIS A 123 -3.01 -5.50 -16.08
CA HIS A 123 -2.41 -5.74 -17.39
C HIS A 123 -3.37 -5.36 -18.52
N HIS A 124 -4.65 -5.66 -18.33
CA HIS A 124 -5.65 -5.36 -19.34
C HIS A 124 -6.53 -4.19 -18.90
N HIS A 125 -6.78 -3.26 -19.82
CA HIS A 125 -7.59 -2.10 -19.50
C HIS A 125 -9.03 -2.51 -19.22
N MET A 1 -16.59 1.63 -2.10
CA MET A 1 -17.24 2.93 -1.74
C MET A 1 -16.26 3.78 -0.94
N ASP A 2 -15.68 3.19 0.09
CA ASP A 2 -14.72 3.89 0.94
C ASP A 2 -13.42 3.09 1.03
N PRO A 3 -12.56 3.14 0.04
CA PRO A 3 -11.32 2.29 0.02
C PRO A 3 -10.53 2.40 1.32
N LYS A 4 -9.79 1.34 1.64
CA LYS A 4 -8.97 1.31 2.85
C LYS A 4 -7.48 1.24 2.50
N VAL A 5 -6.65 1.95 3.25
CA VAL A 5 -5.20 1.89 3.04
C VAL A 5 -4.45 1.74 4.36
N LEU A 6 -3.36 0.97 4.30
CA LEU A 6 -2.53 0.75 5.47
C LEU A 6 -1.23 1.54 5.36
N ILE A 7 -0.83 2.20 6.43
CA ILE A 7 0.37 3.03 6.42
C ILE A 7 1.54 2.27 7.05
N MET A 8 2.68 2.32 6.38
CA MET A 8 3.93 1.83 6.93
C MET A 8 4.75 3.01 7.43
N ARG A 9 5.32 2.88 8.64
CA ARG A 9 5.95 4.03 9.28
C ARG A 9 7.06 4.61 8.40
N GLY A 10 7.20 5.93 8.47
CA GLY A 10 8.20 6.63 7.67
C GLY A 10 8.74 7.85 8.40
N GLU A 11 9.73 8.51 7.80
CA GLU A 11 10.34 9.68 8.42
C GLU A 11 9.33 10.80 8.65
N GLY A 12 8.33 10.91 7.77
CA GLY A 12 7.34 11.98 7.89
C GLY A 12 6.44 11.77 9.09
N GLY A 13 5.47 12.67 9.25
CA GLY A 13 4.56 12.59 10.39
C GLY A 13 3.39 11.65 10.08
N ARG A 14 3.16 10.69 10.98
CA ARG A 14 2.13 9.70 10.75
C ARG A 14 0.77 10.37 10.59
N GLU A 15 0.49 11.30 11.51
CA GLU A 15 -0.79 11.98 11.52
C GLU A 15 -1.00 12.80 10.25
N PHE A 16 0.06 13.46 9.78
CA PHE A 16 -0.07 14.33 8.62
C PHE A 16 -0.53 13.56 7.38
N LEU A 17 0.21 12.51 7.03
CA LEU A 17 -0.10 11.76 5.81
C LEU A 17 -1.50 11.12 5.90
N ALA A 18 -1.79 10.52 7.05
CA ALA A 18 -3.07 9.85 7.22
C ALA A 18 -4.23 10.84 7.11
N GLU A 19 -4.06 12.02 7.68
CA GLU A 19 -5.10 13.03 7.66
C GLU A 19 -5.45 13.40 6.23
N ARG A 20 -4.43 13.53 5.37
CA ARG A 20 -4.67 13.91 3.98
C ARG A 20 -5.57 12.88 3.28
N LEU A 21 -5.20 11.61 3.36
CA LEU A 21 -6.00 10.56 2.72
C LEU A 21 -7.41 10.53 3.29
N ARG A 22 -7.54 10.78 4.59
CA ARG A 22 -8.86 10.80 5.22
C ARG A 22 -9.72 11.90 4.62
N GLY A 23 -9.13 13.08 4.41
CA GLY A 23 -9.86 14.20 3.84
C GLY A 23 -10.44 13.87 2.47
N GLN A 24 -9.75 13.01 1.72
CA GLN A 24 -10.22 12.61 0.39
C GLN A 24 -11.19 11.42 0.41
N GLY A 25 -11.65 11.00 1.59
CA GLY A 25 -12.68 9.97 1.68
C GLY A 25 -12.11 8.55 1.81
N VAL A 26 -10.82 8.41 2.09
CA VAL A 26 -10.22 7.08 2.27
C VAL A 26 -10.05 6.78 3.76
N GLN A 27 -10.41 5.56 4.15
CA GLN A 27 -10.24 5.15 5.54
C GLN A 27 -8.77 4.81 5.79
N VAL A 28 -8.21 5.34 6.88
CA VAL A 28 -6.78 5.20 7.12
C VAL A 28 -6.50 4.49 8.44
N ASP A 29 -5.58 3.53 8.39
CA ASP A 29 -5.05 2.91 9.60
C ASP A 29 -3.56 2.67 9.45
N TYR A 30 -2.79 2.86 10.53
CA TYR A 30 -1.35 2.68 10.47
C TYR A 30 -0.90 1.52 11.36
N LEU A 31 0.04 0.73 10.84
CA LEU A 31 0.53 -0.46 11.55
C LEU A 31 2.03 -0.33 11.83
N PRO A 32 2.47 -0.22 13.07
CA PRO A 32 3.94 -0.16 13.37
C PRO A 32 4.69 -1.35 12.76
N LEU A 33 5.83 -1.04 12.15
CA LEU A 33 6.64 -2.07 11.49
C LEU A 33 7.12 -3.16 12.46
N ASP A 34 6.99 -2.95 13.77
CA ASP A 34 7.47 -3.91 14.76
C ASP A 34 6.55 -5.13 14.91
N TYR A 35 5.37 -5.12 14.28
CA TYR A 35 4.44 -6.24 14.43
C TYR A 35 5.05 -7.53 13.87
N PRO A 36 4.70 -8.68 14.40
CA PRO A 36 5.30 -9.97 13.94
C PRO A 36 4.71 -10.48 12.62
N ALA A 37 5.50 -11.25 11.89
CA ALA A 37 5.08 -11.78 10.60
C ALA A 37 3.74 -12.50 10.71
N GLY A 38 2.98 -12.50 9.60
CA GLY A 38 1.66 -13.10 9.60
C GLY A 38 0.57 -12.06 9.83
N GLU A 39 0.84 -11.09 10.71
CA GLU A 39 -0.16 -10.08 11.03
C GLU A 39 -0.53 -9.26 9.80
N LEU A 40 0.45 -8.97 8.95
CA LEU A 40 0.22 -8.16 7.77
C LEU A 40 -0.84 -8.82 6.88
N LEU A 41 -0.65 -10.11 6.61
CA LEU A 41 -1.54 -10.81 5.69
C LEU A 41 -2.96 -10.87 6.24
N ALA A 42 -3.10 -11.19 7.51
CA ALA A 42 -4.44 -11.36 8.10
C ALA A 42 -5.22 -10.06 8.02
N ARG A 43 -4.58 -8.95 8.39
CA ARG A 43 -5.25 -7.66 8.37
C ARG A 43 -5.70 -7.29 6.95
N VAL A 44 -4.84 -7.55 5.97
CA VAL A 44 -5.15 -7.19 4.59
C VAL A 44 -6.41 -7.93 4.13
N ARG A 45 -6.49 -9.23 4.46
CA ARG A 45 -7.62 -10.05 4.02
C ARG A 45 -8.93 -9.64 4.70
N ALA A 46 -8.90 -9.50 6.02
CA ALA A 46 -10.11 -9.22 6.77
C ALA A 46 -10.66 -7.82 6.45
N GLU A 47 -9.78 -6.83 6.41
CA GLU A 47 -10.19 -5.47 6.09
C GLU A 47 -10.39 -5.24 4.59
N ARG A 48 -9.99 -6.19 3.74
CA ARG A 48 -10.15 -6.03 2.30
C ARG A 48 -9.50 -4.74 1.82
N LEU A 49 -8.21 -4.58 2.12
CA LEU A 49 -7.51 -3.34 1.82
C LEU A 49 -7.36 -3.13 0.32
N ASN A 50 -7.37 -1.87 -0.08
CA ASN A 50 -7.23 -1.49 -1.49
C ASN A 50 -5.78 -1.17 -1.81
N GLY A 51 -5.10 -0.48 -0.90
CA GLY A 51 -3.74 -0.02 -1.20
C GLY A 51 -2.84 0.04 0.04
N LEU A 52 -1.54 0.04 -0.23
CA LEU A 52 -0.52 0.14 0.81
C LEU A 52 0.43 1.29 0.51
N VAL A 53 0.86 2.02 1.54
CA VAL A 53 1.75 3.17 1.35
C VAL A 53 3.06 2.96 2.10
N VAL A 54 4.19 3.18 1.43
CA VAL A 54 5.50 3.16 2.08
C VAL A 54 6.22 4.48 1.85
N SER A 55 6.99 4.89 2.86
CA SER A 55 7.76 6.13 2.78
C SER A 55 9.22 5.88 2.39
N SER A 56 9.73 4.66 2.59
CA SER A 56 11.15 4.40 2.35
C SER A 56 11.41 2.94 2.05
N GLY A 57 12.60 2.66 1.52
CA GLY A 57 13.00 1.29 1.22
C GLY A 57 12.90 0.40 2.46
N GLN A 58 13.25 0.96 3.61
CA GLN A 58 13.22 0.18 4.85
C GLN A 58 11.83 -0.37 5.11
N GLY A 59 10.81 0.49 4.95
CA GLY A 59 9.44 0.06 5.14
C GLY A 59 9.09 -1.06 4.18
N LEU A 60 9.45 -0.89 2.91
CA LEU A 60 9.12 -1.88 1.89
C LEU A 60 9.66 -3.25 2.26
N GLN A 61 10.90 -3.28 2.74
CA GLN A 61 11.52 -4.55 3.13
C GLN A 61 10.74 -5.21 4.26
N ASN A 62 10.33 -4.41 5.23
CA ASN A 62 9.55 -4.94 6.35
C ASN A 62 8.25 -5.57 5.84
N LEU A 63 7.63 -4.94 4.86
CA LEU A 63 6.39 -5.46 4.29
C LEU A 63 6.60 -6.86 3.76
N TYR A 64 7.71 -7.05 3.05
CA TYR A 64 8.01 -8.34 2.44
C TYR A 64 8.14 -9.42 3.51
N GLN A 65 8.89 -9.11 4.56
CA GLN A 65 9.14 -10.09 5.62
C GLN A 65 7.85 -10.50 6.30
N LEU A 66 6.98 -9.52 6.58
CA LEU A 66 5.70 -9.80 7.22
C LEU A 66 4.79 -10.63 6.31
N ALA A 67 4.85 -10.38 5.01
CA ALA A 67 4.06 -11.15 4.05
C ALA A 67 4.39 -12.63 4.14
N ALA A 68 5.68 -12.94 4.32
CA ALA A 68 6.10 -14.32 4.52
C ALA A 68 5.67 -15.17 3.31
N ALA A 69 5.25 -16.42 3.51
CA ALA A 69 4.94 -17.31 2.39
C ALA A 69 3.84 -16.76 1.47
N ASP A 70 3.04 -15.81 1.97
CA ASP A 70 1.91 -15.30 1.20
C ASP A 70 2.23 -14.07 0.35
N TRP A 71 3.53 -13.73 0.22
CA TRP A 71 3.92 -12.60 -0.61
C TRP A 71 3.27 -12.62 -2.00
N PRO A 72 3.24 -13.73 -2.71
CA PRO A 72 2.55 -13.79 -4.04
C PRO A 72 1.18 -13.13 -4.04
N GLU A 73 0.39 -13.32 -2.98
CA GLU A 73 -0.95 -12.75 -2.93
C GLU A 73 -0.89 -11.26 -2.59
N ILE A 74 -0.12 -10.92 -1.56
CA ILE A 74 -0.03 -9.54 -1.10
C ILE A 74 0.48 -8.62 -2.21
N GLY A 75 1.46 -9.11 -2.97
CA GLY A 75 2.10 -8.30 -4.01
C GLY A 75 1.12 -7.83 -5.08
N ARG A 76 -0.06 -8.44 -5.15
CA ARG A 76 -1.07 -8.07 -6.14
C ARG A 76 -1.59 -6.65 -5.90
N LEU A 77 -1.61 -6.20 -4.65
CA LEU A 77 -2.23 -4.93 -4.31
C LEU A 77 -1.38 -3.74 -4.79
N PRO A 78 -1.97 -2.61 -5.10
CA PRO A 78 -1.20 -1.39 -5.50
C PRO A 78 -0.30 -0.88 -4.38
N LEU A 79 0.98 -0.72 -4.68
CA LEU A 79 1.90 -0.12 -3.71
C LEU A 79 2.26 1.31 -4.12
N PHE A 80 2.06 2.25 -3.20
CA PHE A 80 2.44 3.64 -3.45
C PHE A 80 3.88 3.87 -2.99
N VAL A 81 4.73 4.38 -3.87
CA VAL A 81 6.11 4.69 -3.50
C VAL A 81 6.37 6.21 -3.64
N PRO A 82 7.18 6.80 -2.79
CA PRO A 82 7.40 8.27 -2.83
C PRO A 82 8.36 8.72 -3.94
N SER A 83 9.22 7.83 -4.40
CA SER A 83 10.27 8.21 -5.33
C SER A 83 10.54 7.10 -6.36
N PRO A 84 11.18 7.42 -7.47
CA PRO A 84 11.55 6.38 -8.47
C PRO A 84 12.38 5.26 -7.86
N ARG A 85 13.36 5.63 -7.04
CA ARG A 85 14.23 4.63 -6.42
C ARG A 85 13.42 3.61 -5.62
N VAL A 86 12.51 4.11 -4.79
CA VAL A 86 11.67 3.23 -3.99
C VAL A 86 10.84 2.31 -4.91
N ALA A 87 10.34 2.87 -6.02
CA ALA A 87 9.57 2.10 -6.97
C ALA A 87 10.39 0.92 -7.49
N GLU A 88 11.66 1.16 -7.76
CA GLU A 88 12.54 0.11 -8.25
C GLU A 88 12.64 -1.03 -7.23
N MET A 89 12.73 -0.67 -5.95
CA MET A 89 12.81 -1.67 -4.90
C MET A 89 11.58 -2.58 -4.95
N ALA A 90 10.41 -1.97 -5.11
CA ALA A 90 9.17 -2.73 -5.16
C ALA A 90 9.16 -3.69 -6.34
N ARG A 91 9.65 -3.23 -7.48
CA ARG A 91 9.68 -4.06 -8.68
C ARG A 91 10.55 -5.28 -8.46
N GLU A 92 11.72 -5.07 -7.86
CA GLU A 92 12.66 -6.17 -7.66
C GLU A 92 12.05 -7.28 -6.81
N LEU A 93 11.22 -6.90 -5.83
CA LEU A 93 10.55 -7.89 -4.99
C LEU A 93 9.52 -8.70 -5.77
N GLY A 94 9.01 -8.18 -6.88
CA GLY A 94 7.97 -8.85 -7.65
C GLY A 94 6.60 -8.16 -7.55
N ALA A 95 6.56 -6.91 -7.05
CA ALA A 95 5.28 -6.22 -6.90
C ALA A 95 4.57 -6.13 -8.25
N GLN A 96 3.36 -6.67 -8.31
CA GLN A 96 2.65 -6.81 -9.57
C GLN A 96 2.20 -5.45 -10.09
N ARG A 97 1.82 -4.55 -9.18
CA ARG A 97 1.41 -3.20 -9.58
C ARG A 97 2.14 -2.16 -8.73
N VAL A 98 3.01 -1.39 -9.36
CA VAL A 98 3.76 -0.36 -8.66
C VAL A 98 3.31 1.02 -9.13
N ILE A 99 3.01 1.90 -8.17
CA ILE A 99 2.49 3.23 -8.47
C ILE A 99 3.44 4.30 -7.94
N ASP A 100 3.90 5.17 -8.83
CA ASP A 100 4.76 6.27 -8.42
C ASP A 100 3.94 7.53 -8.18
N CYS A 101 3.97 8.03 -6.95
CA CYS A 101 3.20 9.22 -6.59
C CYS A 101 4.01 10.53 -6.70
N ARG A 102 5.32 10.43 -6.89
CA ARG A 102 6.16 11.62 -6.99
C ARG A 102 5.65 12.55 -8.09
N GLY A 103 5.23 11.97 -9.20
CA GLY A 103 4.69 12.76 -10.30
C GLY A 103 3.17 12.86 -10.23
N ALA A 104 2.52 11.79 -9.78
CA ALA A 104 1.06 11.78 -9.65
C ALA A 104 0.63 12.62 -8.46
N SER A 105 -0.52 13.27 -8.58
CA SER A 105 -1.04 14.10 -7.50
C SER A 105 -1.93 13.26 -6.58
N ALA A 106 -2.12 13.74 -5.35
CA ALA A 106 -2.94 13.05 -4.38
C ALA A 106 -4.30 12.60 -4.94
N PRO A 107 -5.10 13.47 -5.53
CA PRO A 107 -6.42 13.05 -6.08
C PRO A 107 -6.26 11.95 -7.13
N ALA A 108 -5.17 12.02 -7.90
CA ALA A 108 -4.90 10.99 -8.89
C ALA A 108 -4.74 9.64 -8.22
N LEU A 109 -4.03 9.62 -7.09
CA LEU A 109 -3.84 8.39 -6.34
C LEU A 109 -5.19 7.81 -5.91
N LEU A 110 -6.11 8.68 -5.50
CA LEU A 110 -7.44 8.24 -5.11
C LEU A 110 -8.11 7.48 -6.26
N ALA A 111 -7.98 8.03 -7.46
CA ALA A 111 -8.53 7.39 -8.65
C ALA A 111 -7.92 6.01 -8.85
N ALA A 112 -6.62 5.89 -8.61
CA ALA A 112 -5.94 4.61 -8.77
C ALA A 112 -6.54 3.56 -7.85
N LEU A 113 -6.83 3.95 -6.61
CA LEU A 113 -7.41 3.02 -5.64
C LEU A 113 -8.71 2.45 -6.17
N THR A 114 -9.59 3.32 -6.61
CA THR A 114 -10.92 2.89 -7.05
C THR A 114 -10.82 1.98 -8.27
N SER A 115 -9.94 2.30 -9.21
CA SER A 115 -9.78 1.49 -10.41
C SER A 115 -9.29 0.09 -10.08
N ALA A 116 -8.32 0.00 -9.17
CA ALA A 116 -7.75 -1.29 -8.79
C ALA A 116 -8.81 -2.19 -8.17
N ALA A 117 -9.70 -1.60 -7.37
CA ALA A 117 -10.78 -2.37 -6.74
C ALA A 117 -11.68 -3.03 -7.77
N LEU A 118 -11.85 -2.39 -8.93
CA LEU A 118 -12.72 -2.91 -9.97
C LEU A 118 -12.32 -4.34 -10.36
N GLU A 119 -11.02 -4.61 -10.37
CA GLU A 119 -10.53 -5.93 -10.76
C GLU A 119 -11.16 -7.02 -9.89
N HIS A 120 -11.52 -8.12 -10.53
CA HIS A 120 -12.13 -9.25 -9.82
C HIS A 120 -11.52 -10.56 -10.29
N HIS A 121 -11.04 -11.37 -9.35
CA HIS A 121 -10.41 -12.65 -9.70
C HIS A 121 -10.86 -13.75 -8.73
N HIS A 122 -11.95 -14.43 -9.07
CA HIS A 122 -12.42 -15.53 -8.26
C HIS A 122 -12.91 -16.68 -9.15
N HIS A 123 -12.68 -17.91 -8.71
CA HIS A 123 -13.08 -19.08 -9.47
C HIS A 123 -13.84 -20.07 -8.59
N HIS A 124 -14.94 -20.60 -9.12
CA HIS A 124 -15.76 -21.56 -8.38
C HIS A 124 -15.87 -22.87 -9.16
N HIS A 125 -15.84 -23.98 -8.43
CA HIS A 125 -15.93 -25.29 -9.06
C HIS A 125 -17.40 -25.71 -9.22
N MET A 1 -16.48 1.73 -2.04
CA MET A 1 -17.20 2.85 -1.38
C MET A 1 -16.20 3.70 -0.60
N ASP A 2 -15.59 3.08 0.40
CA ASP A 2 -14.60 3.77 1.23
C ASP A 2 -13.29 2.98 1.27
N PRO A 3 -12.48 3.05 0.22
CA PRO A 3 -11.24 2.21 0.13
C PRO A 3 -10.39 2.31 1.40
N LYS A 4 -9.65 1.24 1.69
CA LYS A 4 -8.80 1.20 2.89
C LYS A 4 -7.33 1.05 2.50
N VAL A 5 -6.45 1.75 3.21
CA VAL A 5 -5.01 1.63 2.97
C VAL A 5 -4.23 1.48 4.28
N LEU A 6 -3.17 0.66 4.22
CA LEU A 6 -2.31 0.44 5.37
C LEU A 6 -1.00 1.22 5.19
N ILE A 7 -0.53 1.86 6.26
CA ILE A 7 0.67 2.68 6.19
C ILE A 7 1.85 1.98 6.87
N MET A 8 2.99 2.02 6.18
CA MET A 8 4.25 1.57 6.75
C MET A 8 5.00 2.76 7.35
N ARG A 9 5.52 2.59 8.56
CA ARG A 9 6.20 3.70 9.24
C ARG A 9 7.34 4.24 8.39
N GLY A 10 7.54 5.55 8.44
CA GLY A 10 8.60 6.19 7.67
C GLY A 10 9.13 7.42 8.38
N GLU A 11 10.17 8.03 7.81
CA GLU A 11 10.77 9.22 8.41
C GLU A 11 9.76 10.36 8.55
N GLY A 12 8.81 10.43 7.61
CA GLY A 12 7.81 11.50 7.64
C GLY A 12 6.84 11.30 8.79
N GLY A 13 5.86 12.20 8.88
CA GLY A 13 4.88 12.13 9.96
C GLY A 13 3.75 11.17 9.64
N ARG A 14 3.59 10.13 10.45
CA ARG A 14 2.55 9.13 10.23
C ARG A 14 1.18 9.81 10.22
N GLU A 15 0.97 10.70 11.18
CA GLU A 15 -0.31 11.39 11.28
C GLU A 15 -0.57 12.25 10.06
N PHE A 16 0.45 12.96 9.59
CA PHE A 16 0.28 13.87 8.47
C PHE A 16 -0.28 13.15 7.25
N LEU A 17 0.39 12.07 6.83
CA LEU A 17 -0.05 11.34 5.66
C LEU A 17 -1.47 10.82 5.83
N ALA A 18 -1.78 10.34 7.03
CA ALA A 18 -3.10 9.79 7.30
C ALA A 18 -4.20 10.85 7.10
N GLU A 19 -3.95 12.06 7.58
CA GLU A 19 -4.94 13.13 7.46
C GLU A 19 -5.26 13.40 5.99
N ARG A 20 -4.24 13.41 5.15
CA ARG A 20 -4.45 13.68 3.73
C ARG A 20 -5.40 12.65 3.12
N LEU A 21 -5.10 11.37 3.32
CA LEU A 21 -5.94 10.31 2.74
C LEU A 21 -7.35 10.36 3.31
N ARG A 22 -7.48 10.68 4.59
CA ARG A 22 -8.79 10.77 5.22
C ARG A 22 -9.63 11.85 4.56
N GLY A 23 -9.02 13.00 4.29
CA GLY A 23 -9.74 14.10 3.66
C GLY A 23 -10.33 13.70 2.30
N GLN A 24 -9.65 12.78 1.60
CA GLN A 24 -10.14 12.33 0.29
C GLN A 24 -11.12 11.14 0.39
N GLY A 25 -11.56 10.79 1.60
CA GLY A 25 -12.57 9.75 1.76
C GLY A 25 -11.98 8.35 1.92
N VAL A 26 -10.68 8.24 2.20
CA VAL A 26 -10.04 6.94 2.39
C VAL A 26 -9.85 6.68 3.89
N GLN A 27 -10.11 5.44 4.30
CA GLN A 27 -9.91 5.06 5.69
C GLN A 27 -8.45 4.70 5.91
N VAL A 28 -7.88 5.15 7.02
CA VAL A 28 -6.45 4.98 7.26
C VAL A 28 -6.19 4.11 8.49
N ASP A 29 -5.27 3.15 8.32
CA ASP A 29 -4.74 2.40 9.45
C ASP A 29 -3.22 2.30 9.33
N TYR A 30 -2.50 2.70 10.36
CA TYR A 30 -1.03 2.67 10.32
C TYR A 30 -0.50 1.63 11.31
N LEU A 31 0.44 0.81 10.83
CA LEU A 31 0.91 -0.34 11.61
C LEU A 31 2.39 -0.19 11.97
N PRO A 32 2.76 -0.03 13.23
CA PRO A 32 4.20 -0.02 13.63
C PRO A 32 4.95 -1.23 13.06
N LEU A 33 6.13 -0.99 12.52
CA LEU A 33 6.89 -2.06 11.86
C LEU A 33 7.30 -3.18 12.81
N ASP A 34 7.11 -3.00 14.12
CA ASP A 34 7.52 -4.01 15.10
C ASP A 34 6.55 -5.21 15.17
N TYR A 35 5.40 -5.12 14.51
CA TYR A 35 4.42 -6.20 14.58
C TYR A 35 5.02 -7.52 14.05
N PRO A 36 4.60 -8.66 14.54
CA PRO A 36 5.18 -9.97 14.10
C PRO A 36 4.59 -10.46 12.77
N ALA A 37 5.39 -11.25 12.05
CA ALA A 37 4.96 -11.76 10.74
C ALA A 37 3.62 -12.46 10.85
N GLY A 38 2.87 -12.45 9.75
CA GLY A 38 1.54 -13.04 9.73
C GLY A 38 0.45 -12.00 9.95
N GLU A 39 0.72 -11.03 10.82
CA GLU A 39 -0.28 -10.01 11.14
C GLU A 39 -0.66 -9.21 9.89
N LEU A 40 0.32 -8.94 9.04
CA LEU A 40 0.07 -8.15 7.84
C LEU A 40 -0.97 -8.83 6.96
N LEU A 41 -0.78 -10.13 6.73
CA LEU A 41 -1.66 -10.87 5.84
C LEU A 41 -3.10 -10.88 6.37
N ALA A 42 -3.24 -11.13 7.68
CA ALA A 42 -4.57 -11.21 8.28
C ALA A 42 -5.31 -9.89 8.14
N ARG A 43 -4.61 -8.78 8.40
CA ARG A 43 -5.23 -7.47 8.31
C ARG A 43 -5.75 -7.22 6.89
N VAL A 44 -4.94 -7.57 5.90
CA VAL A 44 -5.30 -7.31 4.52
C VAL A 44 -6.59 -8.05 4.16
N ARG A 45 -6.66 -9.32 4.53
CA ARG A 45 -7.81 -10.15 4.15
C ARG A 45 -9.09 -9.70 4.86
N ALA A 46 -9.02 -9.53 6.18
CA ALA A 46 -10.21 -9.24 6.98
C ALA A 46 -10.76 -7.85 6.66
N GLU A 47 -9.87 -6.86 6.58
CA GLU A 47 -10.31 -5.49 6.28
C GLU A 47 -10.60 -5.26 4.80
N ARG A 48 -10.24 -6.21 3.93
CA ARG A 48 -10.46 -6.03 2.50
C ARG A 48 -9.75 -4.76 2.01
N LEU A 49 -8.45 -4.69 2.28
CA LEU A 49 -7.68 -3.50 1.93
C LEU A 49 -7.49 -3.38 0.43
N ASN A 50 -7.44 -2.14 -0.04
CA ASN A 50 -7.26 -1.88 -1.47
C ASN A 50 -5.80 -1.64 -1.79
N GLY A 51 -5.09 -0.92 -0.93
CA GLY A 51 -3.74 -0.49 -1.27
C GLY A 51 -2.82 -0.35 -0.07
N LEU A 52 -1.52 -0.23 -0.37
CA LEU A 52 -0.49 -0.07 0.67
C LEU A 52 0.36 1.15 0.37
N VAL A 53 0.79 1.87 1.40
CA VAL A 53 1.62 3.06 1.24
C VAL A 53 2.94 2.90 1.99
N VAL A 54 4.05 3.21 1.34
CA VAL A 54 5.35 3.23 2.00
C VAL A 54 6.08 4.53 1.73
N SER A 55 6.75 5.05 2.75
CA SER A 55 7.51 6.29 2.62
C SER A 55 9.01 6.05 2.41
N SER A 56 9.50 4.84 2.70
CA SER A 56 10.93 4.58 2.60
C SER A 56 11.22 3.12 2.27
N GLY A 57 12.43 2.87 1.75
CA GLY A 57 12.84 1.51 1.42
C GLY A 57 12.72 0.60 2.63
N GLN A 58 13.09 1.11 3.81
CA GLN A 58 13.04 0.31 5.03
C GLN A 58 11.62 -0.20 5.28
N GLY A 59 10.64 0.68 5.12
CA GLY A 59 9.25 0.30 5.33
C GLY A 59 8.85 -0.82 4.36
N LEU A 60 9.25 -0.67 3.10
CA LEU A 60 8.93 -1.67 2.09
C LEU A 60 9.45 -3.04 2.50
N GLN A 61 10.68 -3.08 3.00
CA GLN A 61 11.28 -4.34 3.42
C GLN A 61 10.46 -4.99 4.53
N ASN A 62 10.01 -4.18 5.49
CA ASN A 62 9.21 -4.70 6.58
C ASN A 62 7.93 -5.35 6.05
N LEU A 63 7.32 -4.72 5.06
CA LEU A 63 6.09 -5.23 4.48
C LEU A 63 6.32 -6.64 3.93
N TYR A 64 7.44 -6.80 3.24
CA TYR A 64 7.77 -8.09 2.62
C TYR A 64 7.91 -9.17 3.69
N GLN A 65 8.68 -8.87 4.73
CA GLN A 65 8.94 -9.85 5.78
C GLN A 65 7.65 -10.30 6.45
N LEU A 66 6.77 -9.34 6.73
CA LEU A 66 5.50 -9.66 7.38
C LEU A 66 4.61 -10.49 6.47
N ALA A 67 4.66 -10.23 5.17
CA ALA A 67 3.88 -10.99 4.20
C ALA A 67 4.24 -12.47 4.26
N ALA A 68 5.53 -12.74 4.43
CA ALA A 68 5.98 -14.12 4.62
C ALA A 68 5.57 -14.97 3.41
N ALA A 69 5.16 -16.23 3.59
CA ALA A 69 4.86 -17.12 2.46
C ALA A 69 3.74 -16.56 1.57
N ASP A 70 2.94 -15.62 2.06
CA ASP A 70 1.80 -15.13 1.30
C ASP A 70 2.12 -13.89 0.46
N TRP A 71 3.41 -13.52 0.35
CA TRP A 71 3.80 -12.38 -0.48
C TRP A 71 3.16 -12.40 -1.87
N PRO A 72 3.16 -13.51 -2.59
CA PRO A 72 2.49 -13.57 -3.92
C PRO A 72 1.11 -12.93 -3.94
N GLU A 73 0.31 -13.15 -2.89
CA GLU A 73 -1.03 -12.60 -2.84
C GLU A 73 -1.01 -11.11 -2.51
N ILE A 74 -0.26 -10.75 -1.47
CA ILE A 74 -0.20 -9.37 -1.01
C ILE A 74 0.31 -8.46 -2.12
N GLY A 75 1.32 -8.91 -2.86
CA GLY A 75 1.94 -8.11 -3.90
C GLY A 75 0.97 -7.70 -5.01
N ARG A 76 -0.20 -8.31 -5.07
CA ARG A 76 -1.21 -7.97 -6.06
C ARG A 76 -1.74 -6.54 -5.88
N LEU A 77 -1.75 -6.06 -4.65
CA LEU A 77 -2.33 -4.75 -4.36
C LEU A 77 -1.43 -3.63 -4.88
N PRO A 78 -1.98 -2.51 -5.34
CA PRO A 78 -1.14 -1.35 -5.76
C PRO A 78 -0.30 -0.79 -4.60
N LEU A 79 0.99 -0.60 -4.84
CA LEU A 79 1.86 0.01 -3.83
C LEU A 79 2.22 1.44 -4.21
N PHE A 80 1.99 2.37 -3.30
CA PHE A 80 2.36 3.77 -3.52
C PHE A 80 3.78 4.00 -3.01
N VAL A 81 4.65 4.56 -3.86
CA VAL A 81 6.01 4.89 -3.45
C VAL A 81 6.27 6.39 -3.61
N PRO A 82 7.14 6.97 -2.81
CA PRO A 82 7.38 8.44 -2.85
C PRO A 82 8.29 8.88 -4.01
N SER A 83 9.11 7.97 -4.51
CA SER A 83 10.14 8.36 -5.47
C SER A 83 10.42 7.24 -6.49
N PRO A 84 11.05 7.54 -7.60
CA PRO A 84 11.43 6.49 -8.59
C PRO A 84 12.29 5.40 -7.95
N ARG A 85 13.27 5.81 -7.15
CA ARG A 85 14.17 4.84 -6.52
C ARG A 85 13.39 3.82 -5.70
N VAL A 86 12.47 4.32 -4.87
CA VAL A 86 11.64 3.41 -4.07
C VAL A 86 10.83 2.49 -4.98
N ALA A 87 10.34 3.03 -6.10
CA ALA A 87 9.57 2.23 -7.05
C ALA A 87 10.40 1.04 -7.52
N GLU A 88 11.68 1.29 -7.78
CA GLU A 88 12.57 0.22 -8.24
C GLU A 88 12.67 -0.88 -7.18
N MET A 89 12.73 -0.49 -5.91
CA MET A 89 12.81 -1.46 -4.82
C MET A 89 11.60 -2.39 -4.87
N ALA A 90 10.42 -1.79 -5.04
CA ALA A 90 9.18 -2.56 -5.08
C ALA A 90 9.18 -3.55 -6.24
N ARG A 91 9.69 -3.11 -7.39
CA ARG A 91 9.73 -3.96 -8.56
C ARG A 91 10.59 -5.19 -8.32
N GLU A 92 11.75 -4.99 -7.71
CA GLU A 92 12.68 -6.10 -7.48
C GLU A 92 12.03 -7.17 -6.60
N LEU A 93 11.23 -6.74 -5.63
CA LEU A 93 10.51 -7.70 -4.78
C LEU A 93 9.49 -8.52 -5.56
N GLY A 94 9.00 -8.01 -6.69
CA GLY A 94 7.96 -8.70 -7.46
C GLY A 94 6.61 -8.01 -7.39
N ALA A 95 6.54 -6.76 -6.91
CA ALA A 95 5.26 -6.07 -6.78
C ALA A 95 4.58 -6.00 -8.14
N GLN A 96 3.37 -6.54 -8.21
CA GLN A 96 2.67 -6.69 -9.48
C GLN A 96 2.29 -5.34 -10.07
N ARG A 97 1.91 -4.40 -9.20
CA ARG A 97 1.56 -3.05 -9.64
C ARG A 97 2.27 -2.00 -8.78
N VAL A 98 3.13 -1.21 -9.40
CA VAL A 98 3.87 -0.17 -8.69
C VAL A 98 3.44 1.21 -9.19
N ILE A 99 3.11 2.09 -8.25
CA ILE A 99 2.62 3.43 -8.56
C ILE A 99 3.56 4.49 -7.98
N ASP A 100 4.07 5.37 -8.85
CA ASP A 100 4.87 6.49 -8.38
C ASP A 100 3.99 7.71 -8.16
N CYS A 101 3.88 8.15 -6.91
CA CYS A 101 3.02 9.29 -6.57
C CYS A 101 3.70 10.64 -6.86
N ARG A 102 5.02 10.65 -7.08
CA ARG A 102 5.74 11.89 -7.35
C ARG A 102 5.12 12.63 -8.53
N GLY A 103 4.69 11.89 -9.54
CA GLY A 103 4.07 12.49 -10.71
C GLY A 103 2.55 12.62 -10.55
N ALA A 104 1.95 11.65 -9.88
CA ALA A 104 0.50 11.67 -9.68
C ALA A 104 0.14 12.37 -8.37
N SER A 105 -0.68 13.42 -8.47
CA SER A 105 -1.10 14.15 -7.29
C SER A 105 -1.96 13.28 -6.39
N ALA A 106 -2.10 13.69 -5.13
CA ALA A 106 -2.91 12.93 -4.17
C ALA A 106 -4.28 12.54 -4.73
N PRO A 107 -5.10 13.45 -5.23
CA PRO A 107 -6.44 13.06 -5.77
C PRO A 107 -6.31 12.00 -6.86
N ALA A 108 -5.26 12.11 -7.67
CA ALA A 108 -5.01 11.13 -8.71
C ALA A 108 -4.84 9.74 -8.10
N LEU A 109 -4.11 9.67 -6.99
CA LEU A 109 -3.90 8.40 -6.31
C LEU A 109 -5.23 7.80 -5.88
N LEU A 110 -6.15 8.64 -5.41
CA LEU A 110 -7.48 8.17 -5.01
C LEU A 110 -8.16 7.47 -6.18
N ALA A 111 -8.06 8.09 -7.35
CA ALA A 111 -8.64 7.51 -8.56
C ALA A 111 -8.01 6.14 -8.85
N ALA A 112 -6.70 6.03 -8.63
CA ALA A 112 -6.00 4.79 -8.89
C ALA A 112 -6.56 3.65 -8.04
N LEU A 113 -6.85 3.95 -6.77
CA LEU A 113 -7.39 2.94 -5.87
C LEU A 113 -8.69 2.37 -6.43
N THR A 114 -9.60 3.26 -6.79
CA THR A 114 -10.92 2.83 -7.24
C THR A 114 -10.83 2.02 -8.53
N SER A 115 -9.96 2.44 -9.45
CA SER A 115 -9.79 1.72 -10.71
C SER A 115 -9.20 0.33 -10.49
N ALA A 116 -8.25 0.23 -9.55
CA ALA A 116 -7.60 -1.04 -9.27
C ALA A 116 -8.62 -2.07 -8.76
N ALA A 117 -9.54 -1.61 -7.91
CA ALA A 117 -10.58 -2.50 -7.40
C ALA A 117 -11.41 -3.06 -8.54
N LEU A 118 -11.71 -2.22 -9.54
CA LEU A 118 -12.46 -2.67 -10.70
C LEU A 118 -11.71 -3.76 -11.47
N GLU A 119 -10.39 -3.65 -11.52
CA GLU A 119 -9.58 -4.62 -12.24
C GLU A 119 -9.86 -6.04 -11.76
N HIS A 120 -10.11 -6.20 -10.47
CA HIS A 120 -10.40 -7.52 -9.90
C HIS A 120 -11.86 -7.60 -9.45
N HIS A 121 -12.50 -8.73 -9.73
CA HIS A 121 -13.90 -8.92 -9.36
C HIS A 121 -14.03 -10.09 -8.39
N HIS A 122 -14.80 -9.88 -7.32
CA HIS A 122 -15.00 -10.93 -6.31
C HIS A 122 -16.46 -11.37 -6.30
N HIS A 123 -16.67 -12.69 -6.35
CA HIS A 123 -18.01 -13.24 -6.32
C HIS A 123 -18.73 -12.85 -5.03
N HIS A 124 -17.99 -12.90 -3.92
CA HIS A 124 -18.56 -12.56 -2.62
C HIS A 124 -19.17 -11.16 -2.64
N HIS A 125 -18.49 -10.23 -3.32
CA HIS A 125 -18.97 -8.86 -3.41
C HIS A 125 -18.66 -8.27 -4.78
N MET A 1 -16.54 1.85 -2.14
CA MET A 1 -17.29 2.86 -1.34
C MET A 1 -16.31 3.72 -0.55
N ASP A 2 -15.65 3.11 0.42
CA ASP A 2 -14.67 3.82 1.25
C ASP A 2 -13.34 3.04 1.27
N PRO A 3 -12.54 3.13 0.23
CA PRO A 3 -11.29 2.32 0.14
C PRO A 3 -10.44 2.41 1.40
N LYS A 4 -9.71 1.34 1.71
CA LYS A 4 -8.85 1.30 2.89
C LYS A 4 -7.38 1.17 2.51
N VAL A 5 -6.50 1.88 3.23
CA VAL A 5 -5.06 1.75 3.00
C VAL A 5 -4.30 1.61 4.30
N LEU A 6 -3.23 0.80 4.25
CA LEU A 6 -2.38 0.58 5.41
C LEU A 6 -1.07 1.36 5.27
N ILE A 7 -0.62 1.98 6.35
CA ILE A 7 0.59 2.79 6.31
C ILE A 7 1.77 2.04 6.93
N MET A 8 2.90 2.09 6.24
CA MET A 8 4.16 1.59 6.77
C MET A 8 4.94 2.75 7.39
N ARG A 9 5.48 2.53 8.59
CA ARG A 9 6.18 3.59 9.31
C ARG A 9 7.33 4.13 8.46
N GLY A 10 7.56 5.44 8.58
CA GLY A 10 8.63 6.08 7.81
C GLY A 10 8.99 7.43 8.42
N GLU A 11 10.03 8.07 7.86
CA GLU A 11 10.46 9.36 8.36
C GLU A 11 9.32 10.37 8.41
N GLY A 12 8.40 10.28 7.46
CA GLY A 12 7.27 11.19 7.41
C GLY A 12 6.39 11.02 8.65
N GLY A 13 5.53 12.00 8.91
CA GLY A 13 4.67 11.95 10.08
C GLY A 13 3.40 11.16 9.79
N ARG A 14 3.08 10.23 10.69
CA ARG A 14 1.89 9.41 10.51
C ARG A 14 0.64 10.27 10.38
N GLU A 15 0.54 11.28 11.24
CA GLU A 15 -0.64 12.14 11.27
C GLU A 15 -0.83 12.86 9.95
N PHE A 16 0.26 13.39 9.38
CA PHE A 16 0.16 14.18 8.16
C PHE A 16 -0.40 13.35 7.01
N LEU A 17 0.25 12.22 6.70
CA LEU A 17 -0.17 11.41 5.57
C LEU A 17 -1.60 10.92 5.74
N ALA A 18 -1.94 10.47 6.95
CA ALA A 18 -3.27 9.94 7.21
C ALA A 18 -4.32 11.03 7.01
N GLU A 19 -4.02 12.25 7.43
CA GLU A 19 -4.98 13.33 7.32
C GLU A 19 -5.33 13.58 5.86
N ARG A 20 -4.32 13.57 4.99
CA ARG A 20 -4.57 13.82 3.57
C ARG A 20 -5.52 12.78 2.98
N LEU A 21 -5.20 11.50 3.19
CA LEU A 21 -6.04 10.44 2.63
C LEU A 21 -7.45 10.49 3.22
N ARG A 22 -7.55 10.82 4.51
CA ARG A 22 -8.85 10.90 5.17
C ARG A 22 -9.72 11.98 4.53
N GLY A 23 -9.13 13.13 4.25
CA GLY A 23 -9.87 14.23 3.64
C GLY A 23 -10.48 13.84 2.30
N GLN A 24 -9.82 12.93 1.59
CA GLN A 24 -10.33 12.48 0.29
C GLN A 24 -11.30 11.30 0.40
N GLY A 25 -11.72 10.93 1.61
CA GLY A 25 -12.73 9.89 1.78
C GLY A 25 -12.14 8.49 1.93
N VAL A 26 -10.84 8.39 2.19
CA VAL A 26 -10.20 7.09 2.38
C VAL A 26 -10.00 6.81 3.87
N GLN A 27 -10.25 5.57 4.27
CA GLN A 27 -10.03 5.18 5.67
C GLN A 27 -8.57 4.81 5.86
N VAL A 28 -7.96 5.30 6.94
CA VAL A 28 -6.51 5.13 7.13
C VAL A 28 -6.23 4.37 8.42
N ASP A 29 -5.34 3.38 8.31
CA ASP A 29 -4.83 2.68 9.48
C ASP A 29 -3.33 2.47 9.35
N TYR A 30 -2.58 2.71 10.43
CA TYR A 30 -1.12 2.56 10.38
C TYR A 30 -0.65 1.44 11.30
N LEU A 31 0.34 0.67 10.84
CA LEU A 31 0.82 -0.50 11.57
C LEU A 31 2.29 -0.35 11.96
N PRO A 32 2.64 -0.23 13.22
CA PRO A 32 4.09 -0.22 13.63
C PRO A 32 4.85 -1.42 13.09
N LEU A 33 6.04 -1.16 12.56
CA LEU A 33 6.82 -2.23 11.92
C LEU A 33 7.23 -3.35 12.89
N ASP A 34 7.00 -3.16 14.19
CA ASP A 34 7.40 -4.16 15.18
C ASP A 34 6.46 -5.37 15.24
N TYR A 35 5.30 -5.31 14.56
CA TYR A 35 4.34 -6.40 14.61
C TYR A 35 4.98 -7.69 14.05
N PRO A 36 4.58 -8.86 14.53
CA PRO A 36 5.19 -10.14 14.06
C PRO A 36 4.62 -10.59 12.71
N ALA A 37 5.42 -11.36 11.98
CA ALA A 37 5.01 -11.86 10.66
C ALA A 37 3.66 -12.56 10.72
N GLY A 38 2.93 -12.51 9.62
CA GLY A 38 1.59 -13.10 9.58
C GLY A 38 0.51 -12.04 9.79
N GLU A 39 0.78 -11.08 10.69
CA GLU A 39 -0.21 -10.06 11.00
C GLU A 39 -0.58 -9.25 9.75
N LEU A 40 0.41 -8.99 8.90
CA LEU A 40 0.16 -8.20 7.69
C LEU A 40 -0.90 -8.88 6.83
N LEU A 41 -0.76 -10.19 6.65
CA LEU A 41 -1.67 -10.93 5.79
C LEU A 41 -3.09 -10.86 6.34
N ALA A 42 -3.24 -11.08 7.64
CA ALA A 42 -4.56 -11.12 8.25
C ALA A 42 -5.26 -9.77 8.10
N ARG A 43 -4.54 -8.69 8.32
CA ARG A 43 -5.12 -7.36 8.20
C ARG A 43 -5.64 -7.13 6.79
N VAL A 44 -4.84 -7.52 5.79
CA VAL A 44 -5.21 -7.27 4.40
C VAL A 44 -6.53 -7.98 4.07
N ARG A 45 -6.63 -9.24 4.46
CA ARG A 45 -7.79 -10.05 4.13
C ARG A 45 -9.06 -9.57 4.85
N ALA A 46 -8.97 -9.41 6.17
CA ALA A 46 -10.14 -9.07 6.96
C ALA A 46 -10.68 -7.69 6.64
N GLU A 47 -9.79 -6.71 6.53
CA GLU A 47 -10.21 -5.35 6.21
C GLU A 47 -10.52 -5.14 4.72
N ARG A 48 -10.17 -6.10 3.87
CA ARG A 48 -10.37 -5.95 2.43
C ARG A 48 -9.67 -4.67 1.93
N LEU A 49 -8.38 -4.58 2.19
CA LEU A 49 -7.63 -3.38 1.87
C LEU A 49 -7.45 -3.22 0.37
N ASN A 50 -7.44 -1.96 -0.08
CA ASN A 50 -7.27 -1.66 -1.49
C ASN A 50 -5.81 -1.41 -1.83
N GLY A 51 -5.10 -0.70 -0.94
CA GLY A 51 -3.74 -0.30 -1.25
C GLY A 51 -2.83 -0.19 -0.02
N LEU A 52 -1.53 -0.14 -0.30
CA LEU A 52 -0.51 0.00 0.73
C LEU A 52 0.38 1.21 0.43
N VAL A 53 0.77 1.94 1.48
CA VAL A 53 1.61 3.13 1.29
C VAL A 53 2.93 2.98 2.04
N VAL A 54 4.04 3.21 1.36
CA VAL A 54 5.36 3.25 2.00
C VAL A 54 6.08 4.55 1.65
N SER A 55 6.64 5.20 2.67
CA SER A 55 7.40 6.42 2.44
C SER A 55 8.92 6.18 2.42
N SER A 56 9.38 4.95 2.68
CA SER A 56 10.81 4.69 2.74
C SER A 56 11.14 3.26 2.37
N GLY A 57 12.36 3.04 1.89
CA GLY A 57 12.81 1.69 1.55
C GLY A 57 12.70 0.76 2.75
N GLN A 58 13.02 1.28 3.93
CA GLN A 58 12.97 0.46 5.14
C GLN A 58 11.57 -0.11 5.35
N GLY A 59 10.56 0.74 5.19
CA GLY A 59 9.19 0.30 5.35
C GLY A 59 8.85 -0.82 4.36
N LEU A 60 9.28 -0.64 3.10
CA LEU A 60 8.99 -1.62 2.07
C LEU A 60 9.52 -3.00 2.47
N GLN A 61 10.75 -3.02 2.97
CA GLN A 61 11.38 -4.28 3.37
C GLN A 61 10.58 -4.95 4.48
N ASN A 62 10.13 -4.15 5.45
CA ASN A 62 9.34 -4.70 6.55
C ASN A 62 8.06 -5.35 6.03
N LEU A 63 7.43 -4.72 5.04
CA LEU A 63 6.21 -5.28 4.46
C LEU A 63 6.46 -6.67 3.91
N TYR A 64 7.57 -6.82 3.22
CA TYR A 64 7.92 -8.10 2.60
C TYR A 64 8.07 -9.18 3.67
N GLN A 65 8.81 -8.85 4.72
CA GLN A 65 9.09 -9.83 5.77
C GLN A 65 7.80 -10.30 6.44
N LEU A 66 6.91 -9.36 6.71
CA LEU A 66 5.63 -9.70 7.35
C LEU A 66 4.76 -10.55 6.42
N ALA A 67 4.83 -10.28 5.13
CA ALA A 67 4.07 -11.06 4.15
C ALA A 67 4.46 -12.53 4.22
N ALA A 68 5.75 -12.79 4.42
CA ALA A 68 6.21 -14.16 4.62
C ALA A 68 5.83 -15.02 3.40
N ALA A 69 5.46 -16.29 3.58
CA ALA A 69 5.20 -17.18 2.45
C ALA A 69 4.09 -16.67 1.53
N ASP A 70 3.25 -15.77 2.02
CA ASP A 70 2.10 -15.31 1.23
C ASP A 70 2.40 -14.05 0.41
N TRP A 71 3.67 -13.65 0.31
CA TRP A 71 4.04 -12.49 -0.52
C TRP A 71 3.40 -12.53 -1.92
N PRO A 72 3.44 -13.64 -2.63
CA PRO A 72 2.77 -13.72 -3.97
C PRO A 72 1.37 -13.10 -3.99
N GLU A 73 0.59 -13.34 -2.94
CA GLU A 73 -0.77 -12.82 -2.89
C GLU A 73 -0.78 -11.32 -2.56
N ILE A 74 -0.04 -10.96 -1.52
CA ILE A 74 -0.02 -9.58 -1.05
C ILE A 74 0.48 -8.64 -2.15
N GLY A 75 1.49 -9.08 -2.89
CA GLY A 75 2.10 -8.26 -3.93
C GLY A 75 1.12 -7.84 -5.03
N ARG A 76 -0.05 -8.48 -5.08
CA ARG A 76 -1.07 -8.15 -6.07
C ARG A 76 -1.61 -6.73 -5.89
N LEU A 77 -1.62 -6.24 -4.65
CA LEU A 77 -2.24 -4.96 -4.35
C LEU A 77 -1.38 -3.78 -4.82
N PRO A 78 -1.96 -2.67 -5.18
CA PRO A 78 -1.17 -1.45 -5.57
C PRO A 78 -0.28 -0.94 -4.43
N LEU A 79 0.99 -0.75 -4.72
CA LEU A 79 1.92 -0.15 -3.75
C LEU A 79 2.28 1.28 -4.17
N PHE A 80 2.08 2.23 -3.28
CA PHE A 80 2.47 3.62 -3.54
C PHE A 80 3.91 3.84 -3.05
N VAL A 81 4.78 4.33 -3.94
CA VAL A 81 6.15 4.66 -3.56
C VAL A 81 6.40 6.16 -3.74
N PRO A 82 7.23 6.77 -2.92
CA PRO A 82 7.43 8.25 -2.97
C PRO A 82 8.36 8.70 -4.10
N SER A 83 9.24 7.82 -4.56
CA SER A 83 10.27 8.22 -5.50
C SER A 83 10.54 7.13 -6.54
N PRO A 84 11.18 7.45 -7.65
CA PRO A 84 11.54 6.43 -8.67
C PRO A 84 12.39 5.31 -8.06
N ARG A 85 13.37 5.68 -7.24
CA ARG A 85 14.26 4.69 -6.65
C ARG A 85 13.48 3.66 -5.84
N VAL A 86 12.56 4.14 -5.00
CA VAL A 86 11.75 3.24 -4.21
C VAL A 86 10.93 2.32 -5.12
N ALA A 87 10.40 2.88 -6.19
CA ALA A 87 9.59 2.10 -7.13
C ALA A 87 10.40 0.92 -7.68
N GLU A 88 11.66 1.18 -8.00
CA GLU A 88 12.52 0.13 -8.54
C GLU A 88 12.68 -1.00 -7.54
N MET A 89 12.86 -0.64 -6.27
CA MET A 89 13.01 -1.65 -5.23
C MET A 89 11.78 -2.56 -5.18
N ALA A 90 10.61 -1.94 -5.25
CA ALA A 90 9.37 -2.70 -5.21
C ALA A 90 9.29 -3.68 -6.37
N ARG A 91 9.72 -3.24 -7.54
CA ARG A 91 9.70 -4.11 -8.73
C ARG A 91 10.58 -5.33 -8.51
N GLU A 92 11.77 -5.12 -7.96
CA GLU A 92 12.70 -6.23 -7.74
C GLU A 92 12.10 -7.29 -6.83
N LEU A 93 11.33 -6.85 -5.84
CA LEU A 93 10.65 -7.79 -4.94
C LEU A 93 9.62 -8.65 -5.69
N GLY A 94 9.08 -8.15 -6.80
CA GLY A 94 8.03 -8.86 -7.53
C GLY A 94 6.66 -8.18 -7.43
N ALA A 95 6.60 -6.93 -6.97
CA ALA A 95 5.32 -6.24 -6.83
C ALA A 95 4.62 -6.19 -8.19
N GLN A 96 3.41 -6.73 -8.23
CA GLN A 96 2.69 -6.89 -9.49
C GLN A 96 2.25 -5.55 -10.05
N ARG A 97 1.86 -4.63 -9.17
CA ARG A 97 1.45 -3.30 -9.58
C ARG A 97 2.17 -2.23 -8.76
N VAL A 98 3.04 -1.47 -9.41
CA VAL A 98 3.80 -0.42 -8.72
C VAL A 98 3.33 0.95 -9.20
N ILE A 99 3.04 1.83 -8.25
CA ILE A 99 2.52 3.16 -8.54
C ILE A 99 3.48 4.23 -8.02
N ASP A 100 3.92 5.13 -8.90
CA ASP A 100 4.77 6.22 -8.49
C ASP A 100 3.94 7.48 -8.22
N CYS A 101 3.98 7.95 -6.97
CA CYS A 101 3.20 9.14 -6.60
C CYS A 101 4.01 10.45 -6.66
N ARG A 102 5.31 10.36 -6.96
CA ARG A 102 6.15 11.55 -7.02
C ARG A 102 5.57 12.55 -8.02
N GLY A 103 5.05 12.06 -9.14
CA GLY A 103 4.46 12.93 -10.15
C GLY A 103 2.94 13.03 -9.98
N ALA A 104 2.31 11.93 -9.57
CA ALA A 104 0.86 11.92 -9.38
C ALA A 104 0.49 12.66 -8.11
N SER A 105 -0.56 13.46 -8.18
CA SER A 105 -1.03 14.21 -7.02
C SER A 105 -1.95 13.35 -6.15
N ALA A 106 -2.18 13.79 -4.93
CA ALA A 106 -3.06 13.06 -4.01
C ALA A 106 -4.39 12.66 -4.66
N PRO A 107 -5.16 13.56 -5.23
CA PRO A 107 -6.47 13.16 -5.86
C PRO A 107 -6.28 12.07 -6.91
N ALA A 108 -5.17 12.15 -7.64
CA ALA A 108 -4.87 11.14 -8.66
C ALA A 108 -4.75 9.77 -8.00
N LEU A 109 -4.07 9.71 -6.86
CA LEU A 109 -3.92 8.46 -6.14
C LEU A 109 -5.29 7.87 -5.78
N LEU A 110 -6.19 8.74 -5.35
CA LEU A 110 -7.55 8.30 -4.98
C LEU A 110 -8.20 7.58 -6.17
N ALA A 111 -8.06 8.17 -7.35
CA ALA A 111 -8.65 7.60 -8.55
C ALA A 111 -8.05 6.21 -8.81
N ALA A 112 -6.74 6.07 -8.60
CA ALA A 112 -6.07 4.81 -8.83
C ALA A 112 -6.65 3.71 -7.94
N LEU A 113 -6.92 4.06 -6.69
CA LEU A 113 -7.48 3.09 -5.74
C LEU A 113 -8.78 2.52 -6.27
N THR A 114 -9.69 3.42 -6.65
CA THR A 114 -11.01 2.99 -7.07
C THR A 114 -10.95 2.14 -8.35
N SER A 115 -10.10 2.53 -9.29
CA SER A 115 -9.95 1.79 -10.53
C SER A 115 -9.43 0.39 -10.28
N ALA A 116 -8.44 0.26 -9.41
CA ALA A 116 -7.84 -1.03 -9.12
C ALA A 116 -8.85 -2.00 -8.52
N ALA A 117 -9.72 -1.49 -7.65
CA ALA A 117 -10.74 -2.32 -7.02
C ALA A 117 -11.65 -2.94 -8.07
N LEU A 118 -11.96 -2.19 -9.14
CA LEU A 118 -12.85 -2.69 -10.19
C LEU A 118 -12.27 -3.93 -10.86
N GLU A 119 -10.95 -3.95 -11.03
CA GLU A 119 -10.30 -5.08 -11.70
C GLU A 119 -9.56 -5.95 -10.69
N HIS A 120 -9.84 -7.25 -10.73
CA HIS A 120 -9.18 -8.19 -9.83
C HIS A 120 -8.02 -8.92 -10.53
N HIS A 121 -8.18 -9.19 -11.83
CA HIS A 121 -7.15 -9.89 -12.60
C HIS A 121 -6.68 -9.02 -13.77
N HIS A 122 -5.37 -8.87 -13.88
CA HIS A 122 -4.78 -8.11 -14.98
C HIS A 122 -5.19 -8.71 -16.33
N HIS A 123 -5.23 -10.03 -16.40
CA HIS A 123 -5.56 -10.72 -17.65
C HIS A 123 -6.86 -10.21 -18.24
N HIS A 124 -7.84 -9.91 -17.38
CA HIS A 124 -9.14 -9.42 -17.83
C HIS A 124 -9.34 -7.97 -17.42
N HIS A 125 -9.88 -7.17 -18.33
CA HIS A 125 -10.12 -5.75 -18.06
C HIS A 125 -11.50 -5.56 -17.45
N MET A 1 -18.27 4.26 -1.92
CA MET A 1 -17.11 3.36 -1.71
C MET A 1 -16.06 4.07 -0.86
N ASP A 2 -15.55 3.36 0.15
CA ASP A 2 -14.55 3.93 1.04
C ASP A 2 -13.32 3.01 1.09
N PRO A 3 -12.42 3.09 0.13
CA PRO A 3 -11.26 2.15 0.07
C PRO A 3 -10.43 2.19 1.35
N LYS A 4 -9.75 1.07 1.65
CA LYS A 4 -8.92 0.98 2.84
C LYS A 4 -7.44 0.92 2.46
N VAL A 5 -6.59 1.63 3.21
CA VAL A 5 -5.15 1.57 2.96
C VAL A 5 -4.35 1.44 4.26
N LEU A 6 -3.29 0.66 4.20
CA LEU A 6 -2.41 0.45 5.34
C LEU A 6 -1.11 1.24 5.17
N ILE A 7 -0.68 1.91 6.22
CA ILE A 7 0.52 2.75 6.15
C ILE A 7 1.70 2.08 6.83
N MET A 8 2.84 2.11 6.15
CA MET A 8 4.10 1.64 6.71
C MET A 8 4.87 2.82 7.30
N ARG A 9 5.40 2.66 8.50
CA ARG A 9 6.12 3.74 9.17
C ARG A 9 7.35 4.14 8.36
N GLY A 10 7.65 5.44 8.35
CA GLY A 10 8.80 5.94 7.62
C GLY A 10 9.31 7.24 8.22
N GLU A 11 10.42 7.74 7.69
CA GLU A 11 11.01 8.98 8.19
C GLU A 11 10.02 10.14 8.14
N GLY A 12 9.14 10.13 7.14
CA GLY A 12 8.17 11.22 6.99
C GLY A 12 7.22 11.27 8.18
N GLY A 13 6.27 12.19 8.13
CA GLY A 13 5.31 12.36 9.23
C GLY A 13 4.13 11.39 9.07
N ARG A 14 4.06 10.43 9.99
CA ARG A 14 3.00 9.42 9.94
C ARG A 14 1.63 10.08 9.93
N GLU A 15 1.45 11.05 10.82
CA GLU A 15 0.17 11.73 10.96
C GLU A 15 -0.18 12.49 9.68
N PHE A 16 0.79 13.19 9.11
CA PHE A 16 0.51 14.03 7.94
C PHE A 16 -0.10 13.22 6.80
N LEU A 17 0.58 12.14 6.41
CA LEU A 17 0.11 11.33 5.30
C LEU A 17 -1.29 10.78 5.58
N ALA A 18 -1.50 10.29 6.80
CA ALA A 18 -2.79 9.70 7.15
C ALA A 18 -3.92 10.71 7.02
N GLU A 19 -3.69 11.94 7.46
CA GLU A 19 -4.73 12.97 7.41
C GLU A 19 -5.15 13.24 5.98
N ARG A 20 -4.19 13.25 5.05
CA ARG A 20 -4.51 13.50 3.65
C ARG A 20 -5.48 12.45 3.10
N LEU A 21 -5.14 11.17 3.29
CA LEU A 21 -5.98 10.10 2.76
C LEU A 21 -7.37 10.13 3.39
N ARG A 22 -7.43 10.41 4.69
CA ARG A 22 -8.71 10.46 5.38
C ARG A 22 -9.59 11.59 4.83
N GLY A 23 -9.00 12.75 4.61
CA GLY A 23 -9.75 13.90 4.12
C GLY A 23 -10.43 13.61 2.77
N GLN A 24 -9.81 12.75 1.96
CA GLN A 24 -10.39 12.40 0.67
C GLN A 24 -11.37 11.22 0.72
N GLY A 25 -11.74 10.77 1.93
CA GLY A 25 -12.77 9.74 2.07
C GLY A 25 -12.19 8.32 2.11
N VAL A 26 -10.89 8.17 2.35
CA VAL A 26 -10.29 6.86 2.45
C VAL A 26 -10.08 6.48 3.93
N GLN A 27 -10.36 5.23 4.26
CA GLN A 27 -10.15 4.75 5.61
C GLN A 27 -8.66 4.48 5.83
N VAL A 28 -8.09 5.08 6.85
CA VAL A 28 -6.63 5.01 7.04
C VAL A 28 -6.29 4.31 8.35
N ASP A 29 -5.36 3.36 8.27
CA ASP A 29 -4.80 2.74 9.47
C ASP A 29 -3.30 2.58 9.31
N TYR A 30 -2.53 2.99 10.31
CA TYR A 30 -1.07 2.89 10.26
C TYR A 30 -0.56 1.91 11.30
N LEU A 31 0.37 1.04 10.90
CA LEU A 31 0.85 -0.04 11.76
C LEU A 31 2.30 0.21 12.17
N PRO A 32 2.69 -0.05 13.40
CA PRO A 32 4.14 -0.03 13.78
C PRO A 32 4.87 -1.23 13.19
N LEU A 33 6.06 -0.99 12.63
CA LEU A 33 6.80 -2.05 11.96
C LEU A 33 7.23 -3.17 12.91
N ASP A 34 7.06 -2.99 14.22
CA ASP A 34 7.50 -3.98 15.20
C ASP A 34 6.55 -5.19 15.29
N TYR A 35 5.37 -5.12 14.67
CA TYR A 35 4.41 -6.22 14.77
C TYR A 35 4.99 -7.51 14.16
N PRO A 36 4.59 -8.67 14.63
CA PRO A 36 5.16 -9.96 14.12
C PRO A 36 4.55 -10.39 12.78
N ALA A 37 5.31 -11.18 12.04
CA ALA A 37 4.86 -11.65 10.73
C ALA A 37 3.50 -12.33 10.83
N GLY A 38 2.72 -12.26 9.74
CA GLY A 38 1.39 -12.82 9.75
C GLY A 38 0.33 -11.73 9.95
N GLU A 39 0.64 -10.74 10.78
CA GLU A 39 -0.34 -9.69 11.09
C GLU A 39 -0.74 -8.97 9.81
N LEU A 40 0.22 -8.71 8.93
CA LEU A 40 -0.05 -7.99 7.70
C LEU A 40 -1.06 -8.74 6.84
N LEU A 41 -0.83 -10.04 6.67
CA LEU A 41 -1.69 -10.84 5.80
C LEU A 41 -3.13 -10.84 6.31
N ALA A 42 -3.29 -11.00 7.62
CA ALA A 42 -4.62 -11.12 8.20
C ALA A 42 -5.43 -9.85 7.95
N ARG A 43 -4.81 -8.70 8.19
CA ARG A 43 -5.51 -7.43 7.99
C ARG A 43 -5.92 -7.28 6.53
N VAL A 44 -5.04 -7.65 5.61
CA VAL A 44 -5.33 -7.48 4.20
C VAL A 44 -6.59 -8.24 3.82
N ARG A 45 -6.70 -9.48 4.29
CA ARG A 45 -7.83 -10.34 3.93
C ARG A 45 -9.13 -9.87 4.58
N ALA A 46 -9.11 -9.66 5.89
CA ALA A 46 -10.34 -9.38 6.63
C ALA A 46 -10.97 -8.05 6.23
N GLU A 47 -10.14 -7.01 6.10
CA GLU A 47 -10.64 -5.70 5.70
C GLU A 47 -10.67 -5.50 4.18
N ARG A 48 -10.12 -6.43 3.40
CA ARG A 48 -10.13 -6.31 1.94
C ARG A 48 -9.44 -5.01 1.53
N LEU A 49 -8.19 -4.85 1.97
CA LEU A 49 -7.46 -3.61 1.72
C LEU A 49 -7.31 -3.37 0.22
N ASN A 50 -7.40 -2.11 -0.16
CA ASN A 50 -7.29 -1.72 -1.57
C ASN A 50 -5.84 -1.41 -1.92
N GLY A 51 -5.13 -0.74 -1.02
CA GLY A 51 -3.77 -0.30 -1.33
C GLY A 51 -2.85 -0.23 -0.13
N LEU A 52 -1.55 -0.17 -0.42
CA LEU A 52 -0.53 -0.05 0.62
C LEU A 52 0.37 1.15 0.32
N VAL A 53 0.77 1.88 1.36
CA VAL A 53 1.61 3.06 1.19
C VAL A 53 2.92 2.90 1.97
N VAL A 54 4.04 3.16 1.30
CA VAL A 54 5.34 3.19 1.99
C VAL A 54 6.03 4.52 1.78
N SER A 55 6.49 5.12 2.86
CA SER A 55 7.20 6.39 2.79
C SER A 55 8.71 6.21 2.55
N SER A 56 9.25 5.02 2.83
CA SER A 56 10.70 4.82 2.72
C SER A 56 11.03 3.37 2.40
N GLY A 57 12.24 3.15 1.89
CA GLY A 57 12.69 1.80 1.56
C GLY A 57 12.60 0.88 2.77
N GLN A 58 12.94 1.41 3.94
CA GLN A 58 12.89 0.61 5.17
C GLN A 58 11.49 0.05 5.39
N GLY A 59 10.49 0.91 5.24
CA GLY A 59 9.10 0.48 5.42
C GLY A 59 8.75 -0.64 4.45
N LEU A 60 9.16 -0.48 3.20
CA LEU A 60 8.86 -1.47 2.17
C LEU A 60 9.40 -2.84 2.57
N GLN A 61 10.63 -2.86 3.09
CA GLN A 61 11.24 -4.12 3.50
C GLN A 61 10.43 -4.78 4.61
N ASN A 62 9.97 -3.97 5.56
CA ASN A 62 9.15 -4.50 6.65
C ASN A 62 7.89 -5.15 6.11
N LEU A 63 7.28 -4.53 5.10
CA LEU A 63 6.06 -5.07 4.50
C LEU A 63 6.32 -6.47 3.97
N TYR A 64 7.43 -6.63 3.29
CA TYR A 64 7.78 -7.92 2.69
C TYR A 64 7.92 -8.99 3.77
N GLN A 65 8.64 -8.67 4.83
CA GLN A 65 8.90 -9.64 5.89
C GLN A 65 7.60 -10.09 6.55
N LEU A 66 6.71 -9.13 6.80
CA LEU A 66 5.43 -9.45 7.43
C LEU A 66 4.55 -10.30 6.51
N ALA A 67 4.63 -10.05 5.20
CA ALA A 67 3.88 -10.84 4.23
C ALA A 67 4.25 -12.31 4.32
N ALA A 68 5.55 -12.57 4.52
CA ALA A 68 6.00 -13.94 4.75
C ALA A 68 5.62 -14.82 3.55
N ALA A 69 5.24 -16.09 3.74
CA ALA A 69 4.98 -16.99 2.63
C ALA A 69 3.86 -16.48 1.70
N ASP A 70 3.04 -15.55 2.18
CA ASP A 70 1.89 -15.08 1.38
C ASP A 70 2.22 -13.86 0.53
N TRP A 71 3.49 -13.47 0.43
CA TRP A 71 3.88 -12.33 -0.41
C TRP A 71 3.27 -12.39 -1.82
N PRO A 72 3.29 -13.52 -2.51
CA PRO A 72 2.66 -13.62 -3.86
C PRO A 72 1.26 -13.00 -3.91
N GLU A 73 0.46 -13.21 -2.87
CA GLU A 73 -0.91 -12.68 -2.85
C GLU A 73 -0.90 -11.19 -2.54
N ILE A 74 -0.17 -10.80 -1.50
CA ILE A 74 -0.15 -9.41 -1.06
C ILE A 74 0.37 -8.50 -2.18
N GLY A 75 1.39 -8.96 -2.89
CA GLY A 75 2.01 -8.16 -3.95
C GLY A 75 1.04 -7.76 -5.05
N ARG A 76 -0.12 -8.40 -5.12
CA ARG A 76 -1.13 -8.09 -6.12
C ARG A 76 -1.68 -6.68 -5.97
N LEU A 77 -1.71 -6.17 -4.74
CA LEU A 77 -2.34 -4.89 -4.46
C LEU A 77 -1.45 -3.72 -4.91
N PRO A 78 -2.02 -2.59 -5.29
CA PRO A 78 -1.21 -1.39 -5.69
C PRO A 78 -0.32 -0.90 -4.54
N LEU A 79 0.97 -0.73 -4.84
CA LEU A 79 1.90 -0.17 -3.87
C LEU A 79 2.28 1.26 -4.26
N PHE A 80 2.08 2.20 -3.34
CA PHE A 80 2.47 3.59 -3.58
C PHE A 80 3.89 3.81 -3.08
N VAL A 81 4.77 4.32 -3.96
CA VAL A 81 6.13 4.64 -3.56
C VAL A 81 6.38 6.15 -3.70
N PRO A 82 7.21 6.75 -2.88
CA PRO A 82 7.41 8.23 -2.91
C PRO A 82 8.34 8.70 -4.03
N SER A 83 9.22 7.82 -4.50
CA SER A 83 10.25 8.23 -5.46
C SER A 83 10.52 7.14 -6.49
N PRO A 84 11.14 7.47 -7.61
CA PRO A 84 11.50 6.44 -8.63
C PRO A 84 12.36 5.33 -8.03
N ARG A 85 13.34 5.71 -7.22
CA ARG A 85 14.25 4.73 -6.63
C ARG A 85 13.47 3.70 -5.81
N VAL A 86 12.56 4.17 -4.96
CA VAL A 86 11.75 3.27 -4.16
C VAL A 86 10.94 2.35 -5.07
N ALA A 87 10.40 2.91 -6.15
CA ALA A 87 9.60 2.12 -7.08
C ALA A 87 10.42 0.94 -7.62
N GLU A 88 11.68 1.20 -7.94
CA GLU A 88 12.55 0.14 -8.47
C GLU A 88 12.69 -0.98 -7.45
N MET A 89 12.86 -0.61 -6.18
CA MET A 89 13.00 -1.61 -5.13
C MET A 89 11.78 -2.52 -5.08
N ALA A 90 10.60 -1.90 -5.18
CA ALA A 90 9.35 -2.66 -5.13
C ALA A 90 9.28 -3.65 -6.29
N ARG A 91 9.73 -3.22 -7.47
CA ARG A 91 9.72 -4.09 -8.63
C ARG A 91 10.59 -5.31 -8.40
N GLU A 92 11.78 -5.11 -7.83
CA GLU A 92 12.69 -6.21 -7.58
C GLU A 92 12.08 -7.26 -6.66
N LEU A 93 11.28 -6.80 -5.69
CA LEU A 93 10.59 -7.73 -4.81
C LEU A 93 9.56 -8.59 -5.56
N GLY A 94 9.06 -8.10 -6.68
CA GLY A 94 8.03 -8.82 -7.42
C GLY A 94 6.65 -8.14 -7.35
N ALA A 95 6.58 -6.88 -6.90
CA ALA A 95 5.29 -6.20 -6.78
C ALA A 95 4.61 -6.15 -8.15
N GLN A 96 3.40 -6.70 -8.21
CA GLN A 96 2.71 -6.86 -9.49
C GLN A 96 2.28 -5.52 -10.07
N ARG A 97 1.90 -4.59 -9.20
CA ARG A 97 1.50 -3.25 -9.64
C ARG A 97 2.21 -2.19 -8.82
N VAL A 98 3.10 -1.44 -9.48
CA VAL A 98 3.86 -0.39 -8.79
C VAL A 98 3.41 0.98 -9.26
N ILE A 99 3.11 1.86 -8.32
CA ILE A 99 2.60 3.19 -8.61
C ILE A 99 3.54 4.26 -8.06
N ASP A 100 3.98 5.17 -8.92
CA ASP A 100 4.81 6.28 -8.47
C ASP A 100 3.95 7.51 -8.17
N CYS A 101 3.96 7.95 -6.93
CA CYS A 101 3.14 9.10 -6.53
C CYS A 101 3.92 10.42 -6.51
N ARG A 102 5.22 10.39 -6.81
CA ARG A 102 6.04 11.61 -6.80
C ARG A 102 5.44 12.66 -7.71
N GLY A 103 4.92 12.23 -8.86
CA GLY A 103 4.31 13.17 -9.81
C GLY A 103 2.79 13.23 -9.63
N ALA A 104 2.18 12.10 -9.28
CA ALA A 104 0.74 12.06 -9.08
C ALA A 104 0.35 12.76 -7.78
N SER A 105 -0.74 13.53 -7.84
CA SER A 105 -1.22 14.24 -6.66
C SER A 105 -2.11 13.33 -5.82
N ALA A 106 -2.38 13.75 -4.57
CA ALA A 106 -3.23 12.97 -3.68
C ALA A 106 -4.54 12.53 -4.34
N PRO A 107 -5.33 13.43 -4.90
CA PRO A 107 -6.62 13.01 -5.53
C PRO A 107 -6.40 12.00 -6.66
N ALA A 108 -5.30 12.13 -7.38
CA ALA A 108 -4.96 11.18 -8.43
C ALA A 108 -4.83 9.79 -7.86
N LEU A 109 -4.15 9.69 -6.72
CA LEU A 109 -3.97 8.40 -6.05
C LEU A 109 -5.33 7.78 -5.71
N LEU A 110 -6.26 8.62 -5.25
CA LEU A 110 -7.60 8.15 -4.90
C LEU A 110 -8.25 7.47 -6.12
N ALA A 111 -8.10 8.10 -7.28
CA ALA A 111 -8.67 7.55 -8.50
C ALA A 111 -8.06 6.18 -8.79
N ALA A 112 -6.75 6.07 -8.60
CA ALA A 112 -6.06 4.80 -8.85
C ALA A 112 -6.63 3.69 -7.99
N LEU A 113 -6.94 4.01 -6.74
CA LEU A 113 -7.49 3.01 -5.81
C LEU A 113 -8.77 2.42 -6.37
N THR A 114 -9.69 3.30 -6.75
CA THR A 114 -11.00 2.86 -7.19
C THR A 114 -10.90 2.04 -8.48
N SER A 115 -10.02 2.45 -9.40
CA SER A 115 -9.85 1.73 -10.65
C SER A 115 -9.31 0.33 -10.42
N ALA A 116 -8.34 0.20 -9.52
CA ALA A 116 -7.72 -1.10 -9.24
C ALA A 116 -8.75 -2.07 -8.67
N ALA A 117 -9.63 -1.58 -7.81
CA ALA A 117 -10.66 -2.43 -7.22
C ALA A 117 -11.54 -3.05 -8.30
N LEU A 118 -11.83 -2.27 -9.35
CA LEU A 118 -12.65 -2.78 -10.45
C LEU A 118 -11.99 -3.97 -11.14
N GLU A 119 -10.67 -3.93 -11.25
CA GLU A 119 -9.94 -4.99 -11.93
C GLU A 119 -10.18 -6.35 -11.27
N HIS A 120 -10.25 -6.35 -9.94
CA HIS A 120 -10.44 -7.59 -9.19
C HIS A 120 -11.72 -8.30 -9.62
N HIS A 121 -12.80 -7.54 -9.78
CA HIS A 121 -14.08 -8.11 -10.15
C HIS A 121 -13.98 -8.91 -11.45
N HIS A 122 -13.24 -8.37 -12.41
CA HIS A 122 -13.09 -9.05 -13.71
C HIS A 122 -12.53 -10.46 -13.52
N HIS A 123 -11.54 -10.59 -12.64
CA HIS A 123 -10.93 -11.90 -12.40
C HIS A 123 -11.99 -12.92 -11.97
N HIS A 124 -12.86 -12.52 -11.06
CA HIS A 124 -13.91 -13.41 -10.58
C HIS A 124 -14.77 -13.91 -11.73
N HIS A 125 -15.06 -13.02 -12.68
CA HIS A 125 -15.88 -13.38 -13.83
C HIS A 125 -15.00 -13.64 -15.05
N MET A 1 -16.55 2.53 -2.58
CA MET A 1 -17.20 3.64 -1.80
C MET A 1 -16.15 4.34 -0.96
N ASP A 2 -15.64 3.63 0.05
CA ASP A 2 -14.62 4.18 0.94
C ASP A 2 -13.42 3.23 1.03
N PRO A 3 -12.52 3.25 0.08
CA PRO A 3 -11.38 2.29 0.05
C PRO A 3 -10.56 2.35 1.34
N LYS A 4 -9.88 1.25 1.66
CA LYS A 4 -9.06 1.18 2.87
C LYS A 4 -7.57 1.10 2.51
N VAL A 5 -6.73 1.84 3.24
CA VAL A 5 -5.29 1.78 3.03
C VAL A 5 -4.53 1.67 4.34
N LEU A 6 -3.43 0.92 4.32
CA LEU A 6 -2.60 0.73 5.50
C LEU A 6 -1.30 1.54 5.37
N ILE A 7 -0.91 2.19 6.46
CA ILE A 7 0.28 3.03 6.45
C ILE A 7 1.45 2.33 7.12
N MET A 8 2.60 2.38 6.46
CA MET A 8 3.84 1.86 7.01
C MET A 8 4.75 3.01 7.45
N ARG A 9 5.34 2.90 8.65
CA ARG A 9 6.17 3.97 9.17
C ARG A 9 7.32 4.27 8.21
N GLY A 10 7.69 5.54 8.13
CA GLY A 10 8.76 5.97 7.22
C GLY A 10 9.33 7.31 7.67
N GLU A 11 10.37 7.77 6.97
CA GLU A 11 11.02 9.03 7.31
C GLU A 11 10.02 10.18 7.38
N GLY A 12 8.97 10.12 6.55
CA GLY A 12 7.98 11.18 6.53
C GLY A 12 7.08 11.12 7.76
N GLY A 13 6.12 12.04 7.84
CA GLY A 13 5.22 12.09 8.99
C GLY A 13 4.05 11.13 8.82
N ARG A 14 3.99 10.11 9.66
CA ARG A 14 2.92 9.12 9.60
C ARG A 14 1.56 9.80 9.71
N GLU A 15 1.42 10.69 10.69
CA GLU A 15 0.16 11.37 10.92
C GLU A 15 -0.20 12.25 9.72
N PHE A 16 0.78 12.92 9.15
CA PHE A 16 0.54 13.85 8.06
C PHE A 16 -0.15 13.14 6.89
N LEU A 17 0.46 12.06 6.42
CA LEU A 17 -0.09 11.31 5.30
C LEU A 17 -1.51 10.84 5.62
N ALA A 18 -1.71 10.34 6.83
CA ALA A 18 -3.01 9.82 7.21
C ALA A 18 -4.09 10.88 7.07
N GLU A 19 -3.82 12.10 7.53
CA GLU A 19 -4.82 13.16 7.49
C GLU A 19 -5.26 13.43 6.05
N ARG A 20 -4.29 13.43 5.13
CA ARG A 20 -4.62 13.67 3.72
C ARG A 20 -5.61 12.63 3.20
N LEU A 21 -5.30 11.36 3.39
CA LEU A 21 -6.15 10.30 2.84
C LEU A 21 -7.55 10.34 3.45
N ARG A 22 -7.64 10.70 4.73
CA ARG A 22 -8.94 10.83 5.38
C ARG A 22 -9.76 11.95 4.75
N GLY A 23 -9.11 13.09 4.49
CA GLY A 23 -9.81 14.24 3.92
C GLY A 23 -10.47 13.90 2.58
N GLN A 24 -9.87 12.98 1.83
CA GLN A 24 -10.42 12.59 0.53
C GLN A 24 -11.45 11.45 0.61
N GLY A 25 -11.86 11.08 1.82
CA GLY A 25 -12.91 10.07 1.98
C GLY A 25 -12.37 8.63 2.03
N VAL A 26 -11.08 8.46 2.28
CA VAL A 26 -10.49 7.13 2.39
C VAL A 26 -10.30 6.77 3.86
N GLN A 27 -10.58 5.51 4.20
CA GLN A 27 -10.40 5.05 5.57
C GLN A 27 -8.94 4.73 5.81
N VAL A 28 -8.36 5.30 6.86
CA VAL A 28 -6.93 5.19 7.09
C VAL A 28 -6.63 4.44 8.38
N ASP A 29 -5.74 3.46 8.29
CA ASP A 29 -5.24 2.75 9.47
C ASP A 29 -3.72 2.62 9.37
N TYR A 30 -3.03 2.88 10.47
CA TYR A 30 -1.56 2.86 10.46
C TYR A 30 -1.03 1.83 11.47
N LEU A 31 -0.07 1.03 11.03
CA LEU A 31 0.45 -0.08 11.84
C LEU A 31 1.93 0.14 12.16
N PRO A 32 2.41 -0.18 13.34
CA PRO A 32 3.88 -0.19 13.62
C PRO A 32 4.57 -1.36 12.94
N LEU A 33 5.71 -1.09 12.31
CA LEU A 33 6.47 -2.14 11.64
C LEU A 33 6.96 -3.24 12.59
N ASP A 34 6.83 -3.03 13.91
CA ASP A 34 7.32 -4.00 14.88
C ASP A 34 6.39 -5.22 15.04
N TYR A 35 5.19 -5.18 14.47
CA TYR A 35 4.26 -6.30 14.63
C TYR A 35 4.84 -7.58 14.00
N PRO A 36 4.52 -8.74 14.53
CA PRO A 36 5.14 -10.02 14.04
C PRO A 36 4.57 -10.50 12.71
N ALA A 37 5.32 -11.33 12.01
CA ALA A 37 4.90 -11.85 10.71
C ALA A 37 3.53 -12.49 10.80
N GLY A 38 2.81 -12.48 9.67
CA GLY A 38 1.45 -13.01 9.65
C GLY A 38 0.41 -11.89 9.83
N GLU A 39 0.73 -10.89 10.64
CA GLU A 39 -0.22 -9.82 10.91
C GLU A 39 -0.60 -9.10 9.62
N LEU A 40 0.37 -8.90 8.74
CA LEU A 40 0.12 -8.18 7.49
C LEU A 40 -0.97 -8.89 6.68
N LEU A 41 -0.80 -10.20 6.52
CA LEU A 41 -1.73 -10.97 5.70
C LEU A 41 -3.15 -10.91 6.26
N ALA A 42 -3.27 -11.06 7.58
CA ALA A 42 -4.59 -11.11 8.20
C ALA A 42 -5.35 -9.80 7.98
N ARG A 43 -4.67 -8.68 8.19
CA ARG A 43 -5.32 -7.38 8.02
C ARG A 43 -5.78 -7.20 6.58
N VAL A 44 -4.96 -7.64 5.63
CA VAL A 44 -5.29 -7.47 4.21
C VAL A 44 -6.61 -8.19 3.90
N ARG A 45 -6.72 -9.43 4.34
CA ARG A 45 -7.87 -10.26 4.01
C ARG A 45 -9.15 -9.75 4.69
N ALA A 46 -9.08 -9.54 6.00
CA ALA A 46 -10.28 -9.19 6.76
C ALA A 46 -10.83 -7.83 6.37
N GLU A 47 -9.94 -6.84 6.23
CA GLU A 47 -10.37 -5.50 5.89
C GLU A 47 -10.60 -5.29 4.38
N ARG A 48 -10.19 -6.25 3.56
CA ARG A 48 -10.31 -6.10 2.10
C ARG A 48 -9.60 -4.82 1.65
N LEU A 49 -8.32 -4.72 1.99
CA LEU A 49 -7.57 -3.50 1.74
C LEU A 49 -7.40 -3.24 0.25
N ASN A 50 -7.43 -1.96 -0.11
CA ASN A 50 -7.30 -1.54 -1.50
C ASN A 50 -5.84 -1.22 -1.84
N GLY A 51 -5.13 -0.58 -0.91
CA GLY A 51 -3.77 -0.16 -1.19
C GLY A 51 -2.89 -0.04 0.06
N LEU A 52 -1.59 0.04 -0.18
CA LEU A 52 -0.59 0.19 0.87
C LEU A 52 0.33 1.37 0.57
N VAL A 53 0.73 2.13 1.59
CA VAL A 53 1.59 3.28 1.38
C VAL A 53 2.90 3.12 2.16
N VAL A 54 4.03 3.34 1.48
CA VAL A 54 5.33 3.38 2.14
C VAL A 54 6.09 4.63 1.70
N SER A 55 7.02 5.07 2.55
CA SER A 55 7.85 6.23 2.25
C SER A 55 9.35 5.96 2.49
N SER A 56 9.74 4.70 2.69
CA SER A 56 11.15 4.40 2.92
C SER A 56 11.49 2.97 2.52
N GLY A 57 12.73 2.75 2.12
CA GLY A 57 13.20 1.41 1.78
C GLY A 57 12.99 0.45 2.95
N GLN A 58 13.27 0.94 4.16
CA GLN A 58 13.11 0.11 5.35
C GLN A 58 11.68 -0.38 5.48
N GLY A 59 10.72 0.49 5.22
CA GLY A 59 9.31 0.13 5.31
C GLY A 59 8.98 -1.01 4.34
N LEU A 60 9.45 -0.87 3.11
CA LEU A 60 9.19 -1.89 2.10
C LEU A 60 9.71 -3.25 2.56
N GLN A 61 10.91 -3.26 3.13
CA GLN A 61 11.50 -4.51 3.60
C GLN A 61 10.63 -5.15 4.68
N ASN A 62 10.12 -4.33 5.59
CA ASN A 62 9.26 -4.83 6.66
C ASN A 62 8.03 -5.52 6.07
N LEU A 63 7.45 -4.91 5.04
CA LEU A 63 6.26 -5.45 4.42
C LEU A 63 6.55 -6.86 3.89
N TYR A 64 7.69 -7.02 3.24
CA TYR A 64 8.05 -8.30 2.66
C TYR A 64 8.15 -9.38 3.74
N GLN A 65 8.87 -9.07 4.81
CA GLN A 65 9.10 -10.04 5.87
C GLN A 65 7.79 -10.49 6.51
N LEU A 66 6.90 -9.53 6.74
CA LEU A 66 5.61 -9.84 7.35
C LEU A 66 4.73 -10.67 6.41
N ALA A 67 4.83 -10.41 5.11
CA ALA A 67 4.07 -11.19 4.13
C ALA A 67 4.45 -12.67 4.22
N ALA A 68 5.73 -12.94 4.46
CA ALA A 68 6.17 -14.32 4.70
C ALA A 68 5.82 -15.19 3.48
N ALA A 69 5.43 -16.44 3.66
CA ALA A 69 5.20 -17.35 2.53
C ALA A 69 4.13 -16.83 1.57
N ASP A 70 3.27 -15.91 2.03
CA ASP A 70 2.15 -15.44 1.21
C ASP A 70 2.50 -14.21 0.36
N TRP A 71 3.77 -13.83 0.29
CA TRP A 71 4.17 -12.68 -0.54
C TRP A 71 3.57 -12.72 -1.95
N PRO A 72 3.59 -13.84 -2.65
CA PRO A 72 2.96 -13.93 -4.00
C PRO A 72 1.56 -13.28 -4.05
N GLU A 73 0.74 -13.52 -3.04
CA GLU A 73 -0.62 -12.99 -3.03
C GLU A 73 -0.61 -11.50 -2.69
N ILE A 74 0.09 -11.16 -1.62
CA ILE A 74 0.14 -9.77 -1.14
C ILE A 74 0.69 -8.84 -2.21
N GLY A 75 1.66 -9.32 -2.99
CA GLY A 75 2.32 -8.50 -4.00
C GLY A 75 1.35 -7.90 -5.02
N ARG A 76 0.15 -8.49 -5.14
CA ARG A 76 -0.85 -7.99 -6.07
C ARG A 76 -1.34 -6.60 -5.71
N LEU A 77 -1.33 -6.26 -4.42
CA LEU A 77 -1.88 -4.99 -3.97
C LEU A 77 -1.12 -3.81 -4.58
N PRO A 78 -1.75 -2.68 -4.78
CA PRO A 78 -1.03 -1.46 -5.28
C PRO A 78 -0.16 -0.84 -4.20
N LEU A 79 1.13 -0.70 -4.49
CA LEU A 79 2.04 -0.05 -3.54
C LEU A 79 2.35 1.37 -3.99
N PHE A 80 2.08 2.33 -3.12
CA PHE A 80 2.43 3.73 -3.40
C PHE A 80 3.86 4.00 -2.94
N VAL A 81 4.70 4.49 -3.84
CA VAL A 81 6.07 4.87 -3.48
C VAL A 81 6.27 6.37 -3.72
N PRO A 82 7.11 7.04 -2.94
CA PRO A 82 7.27 8.51 -3.04
C PRO A 82 8.17 8.94 -4.19
N SER A 83 9.06 8.06 -4.62
CA SER A 83 10.08 8.44 -5.61
C SER A 83 10.35 7.29 -6.59
N PRO A 84 10.94 7.58 -7.74
CA PRO A 84 11.32 6.49 -8.70
C PRO A 84 12.20 5.43 -8.04
N ARG A 85 13.18 5.88 -7.27
CA ARG A 85 14.12 4.94 -6.63
C ARG A 85 13.37 3.94 -5.77
N VAL A 86 12.47 4.43 -4.92
CA VAL A 86 11.67 3.55 -4.08
C VAL A 86 10.85 2.59 -4.94
N ALA A 87 10.32 3.09 -6.04
CA ALA A 87 9.53 2.25 -6.95
C ALA A 87 10.37 1.08 -7.43
N GLU A 88 11.63 1.34 -7.75
CA GLU A 88 12.52 0.28 -8.22
C GLU A 88 12.66 -0.80 -7.16
N MET A 89 12.76 -0.40 -5.89
CA MET A 89 12.89 -1.37 -4.80
C MET A 89 11.70 -2.31 -4.80
N ALA A 90 10.50 -1.75 -4.98
CA ALA A 90 9.29 -2.54 -4.99
C ALA A 90 9.30 -3.54 -6.14
N ARG A 91 9.79 -3.11 -7.29
CA ARG A 91 9.86 -3.99 -8.46
C ARG A 91 10.76 -5.18 -8.19
N GLU A 92 11.92 -4.93 -7.58
CA GLU A 92 12.89 -6.00 -7.35
C GLU A 92 12.31 -7.11 -6.48
N LEU A 93 11.48 -6.74 -5.51
CA LEU A 93 10.82 -7.74 -4.67
C LEU A 93 9.82 -8.59 -5.47
N GLY A 94 9.34 -8.09 -6.60
CA GLY A 94 8.32 -8.80 -7.37
C GLY A 94 6.93 -8.16 -7.28
N ALA A 95 6.84 -6.92 -6.78
CA ALA A 95 5.53 -6.27 -6.64
C ALA A 95 4.84 -6.19 -7.99
N GLN A 96 3.65 -6.78 -8.05
CA GLN A 96 2.95 -6.94 -9.33
C GLN A 96 2.36 -5.62 -9.81
N ARG A 97 1.96 -4.75 -8.88
CA ARG A 97 1.47 -3.42 -9.25
C ARG A 97 2.19 -2.34 -8.44
N VAL A 98 3.02 -1.55 -9.12
CA VAL A 98 3.76 -0.48 -8.46
C VAL A 98 3.30 0.88 -8.98
N ILE A 99 3.01 1.79 -8.05
CA ILE A 99 2.47 3.09 -8.40
C ILE A 99 3.40 4.21 -7.91
N ASP A 100 3.82 5.08 -8.82
CA ASP A 100 4.65 6.22 -8.46
C ASP A 100 3.78 7.45 -8.23
N CYS A 101 3.81 7.98 -7.00
CA CYS A 101 3.00 9.14 -6.67
C CYS A 101 3.76 10.48 -6.78
N ARG A 102 5.06 10.43 -7.08
CA ARG A 102 5.86 11.65 -7.20
C ARG A 102 5.23 12.60 -8.22
N GLY A 103 4.73 12.04 -9.32
CA GLY A 103 4.10 12.86 -10.35
C GLY A 103 2.59 12.99 -10.12
N ALA A 104 1.97 11.93 -9.60
CA ALA A 104 0.54 11.95 -9.36
C ALA A 104 0.22 12.65 -8.04
N SER A 105 -0.75 13.56 -8.07
CA SER A 105 -1.16 14.26 -6.87
C SER A 105 -2.05 13.38 -6.00
N ALA A 106 -2.27 13.81 -4.76
CA ALA A 106 -3.13 13.06 -3.83
C ALA A 106 -4.46 12.64 -4.47
N PRO A 107 -5.25 13.54 -5.03
CA PRO A 107 -6.55 13.15 -5.64
C PRO A 107 -6.37 12.11 -6.75
N ALA A 108 -5.26 12.22 -7.48
CA ALA A 108 -4.96 11.24 -8.53
C ALA A 108 -4.83 9.84 -7.92
N LEU A 109 -4.16 9.76 -6.77
CA LEU A 109 -4.00 8.49 -6.08
C LEU A 109 -5.36 7.90 -5.73
N LEU A 110 -6.28 8.76 -5.28
CA LEU A 110 -7.63 8.31 -4.95
C LEU A 110 -8.28 7.61 -6.14
N ALA A 111 -8.11 8.21 -7.32
CA ALA A 111 -8.67 7.63 -8.53
C ALA A 111 -8.06 6.26 -8.79
N ALA A 112 -6.76 6.13 -8.57
CA ALA A 112 -6.08 4.87 -8.79
C ALA A 112 -6.66 3.77 -7.91
N LEU A 113 -6.96 4.11 -6.66
CA LEU A 113 -7.51 3.13 -5.72
C LEU A 113 -8.80 2.55 -6.27
N THR A 114 -9.71 3.43 -6.67
CA THR A 114 -11.02 2.99 -7.13
C THR A 114 -10.93 2.15 -8.40
N SER A 115 -10.05 2.56 -9.33
CA SER A 115 -9.89 1.83 -10.57
C SER A 115 -9.39 0.41 -10.33
N ALA A 116 -8.43 0.27 -9.40
CA ALA A 116 -7.86 -1.04 -9.11
C ALA A 116 -8.91 -1.98 -8.55
N ALA A 117 -9.73 -1.48 -7.64
CA ALA A 117 -10.78 -2.31 -7.04
C ALA A 117 -11.77 -2.78 -8.11
N LEU A 118 -12.10 -1.90 -9.04
CA LEU A 118 -13.04 -2.25 -10.11
C LEU A 118 -12.46 -3.34 -11.02
N GLU A 119 -11.15 -3.29 -11.25
CA GLU A 119 -10.51 -4.26 -12.12
C GLU A 119 -9.93 -5.42 -11.31
N HIS A 120 -10.27 -6.65 -11.71
CA HIS A 120 -9.78 -7.82 -11.00
C HIS A 120 -8.55 -8.44 -11.68
N HIS A 121 -8.43 -8.27 -13.00
CA HIS A 121 -7.31 -8.85 -13.74
C HIS A 121 -6.53 -7.76 -14.47
N HIS A 122 -5.29 -7.55 -14.07
CA HIS A 122 -4.43 -6.56 -14.71
C HIS A 122 -2.99 -7.06 -14.79
N HIS A 123 -2.53 -7.37 -16.00
CA HIS A 123 -1.17 -7.85 -16.19
C HIS A 123 -0.46 -7.05 -17.28
N HIS A 124 0.73 -6.57 -16.97
CA HIS A 124 1.53 -5.82 -17.94
C HIS A 124 1.81 -6.67 -19.17
N HIS A 125 2.11 -7.95 -18.95
CA HIS A 125 2.41 -8.86 -20.04
C HIS A 125 1.66 -10.18 -19.87
#